data_8IHS
#
_entry.id   8IHS
#
_cell.length_a   1.00
_cell.length_b   1.00
_cell.length_c   1.00
_cell.angle_alpha   90.00
_cell.angle_beta   90.00
_cell.angle_gamma   90.00
#
_symmetry.space_group_name_H-M   'P 1'
#
loop_
_entity.id
_entity.type
_entity.pdbx_description
1 polymer 'Amidohydrolase family protein'
2 non-polymer 'ZINC ION'
3 non-polymer '(2~{S})-2-[[(3~{R})-5-chloranyl-3-methyl-8-oxidanyl-1-oxidanylidene-3,4-dihydroisochromen-7-yl]carbonylamino]-3-phenyl-propanoic acid'
#
_entity_poly.entity_id   1
_entity_poly.type   'polypeptide(L)'
_entity_poly.pdbx_seq_one_letter_code
;MPIRRRFASLLLLACAPAWAEPVAVQCGRLFDARSGQLKGPHTLLVADGRIRQVLPGTGADAAGARVVDLGDKVCLPGWT
DLHVHLGSQSSPQSYSEDFRLDPVDHAFRAVGYAEKTLMAGFTSVRDLGGEVSPHLRDAINQGLVRGPRIFAAGKSIATT
GGHADPTNGWNERLAHLVGAPGPAEGVVNSVDEARQAVRQRYKEGSDLI(KCX)ITATGGVLSYARSGDAPQFTVDEIKA
VVDTARDYGFRVAAHAHGTEGMKRAVQAGVTSIEHGTYMDDEVMRLMKQHGTWYVPTFYAGRFVTEKAAIDGYFPEVVRP
KAARIGALISQTAAKAYRNGVRIAFGTNQGVGPHGDNAREFVYMVEAGIPAAYALQAATVHAAQVLGVDDQGVLEPGKRA
DVIALAGNPLEDINAVLDVRFVMKDGVIYKQ
;
_entity_poly.pdbx_strand_id   A,B,C,D,E,F,G,H
#
loop_
_chem_comp.id
_chem_comp.type
_chem_comp.name
_chem_comp.formula
97U non-polymer '(2~{S})-2-[[(3~{R})-5-chloranyl-3-methyl-8-oxidanyl-1-oxidanylidene-3,4-dihydroisochromen-7-yl]carbonylamino]-3-phenyl-propanoic acid' 'C20 H18 Cl N O6'
ZN non-polymer 'ZINC ION' 'Zn 2'
#
# COMPACT_ATOMS: atom_id res chain seq x y z
N PRO A 22 12.76 -53.35 -24.46
CA PRO A 22 13.95 -53.88 -23.79
C PRO A 22 15.22 -53.68 -24.61
N VAL A 23 16.37 -53.88 -23.99
CA VAL A 23 17.67 -53.68 -24.64
C VAL A 23 18.72 -54.40 -23.82
N ALA A 24 19.71 -54.97 -24.50
CA ALA A 24 20.83 -55.66 -23.86
C ALA A 24 22.09 -54.86 -24.11
N VAL A 25 22.67 -54.31 -23.04
CA VAL A 25 23.88 -53.50 -23.10
C VAL A 25 25.08 -54.38 -22.77
N GLN A 26 26.09 -54.35 -23.63
CA GLN A 26 27.27 -55.20 -23.49
C GLN A 26 28.45 -54.33 -23.10
N CYS A 27 28.72 -54.24 -21.79
CA CYS A 27 29.91 -53.56 -21.31
C CYS A 27 31.15 -54.44 -21.45
N GLY A 28 32.25 -53.83 -21.86
CA GLY A 28 33.52 -54.53 -21.91
C GLY A 28 34.14 -54.72 -20.53
N ARG A 29 34.11 -53.66 -19.73
CA ARG A 29 34.53 -53.72 -18.33
C ARG A 29 33.48 -53.03 -17.48
N LEU A 30 33.21 -53.60 -16.30
CA LEU A 30 32.14 -53.12 -15.43
C LEU A 30 32.74 -52.71 -14.09
N PHE A 31 32.43 -51.49 -13.65
CA PHE A 31 32.93 -50.96 -12.40
C PHE A 31 31.90 -51.20 -11.30
N ASP A 32 32.31 -51.93 -10.26
CA ASP A 32 31.42 -52.26 -9.14
C ASP A 32 31.54 -51.14 -8.10
N ALA A 33 30.52 -50.28 -8.03
CA ALA A 33 30.56 -49.17 -7.09
C ALA A 33 30.47 -49.63 -5.64
N ARG A 34 29.72 -50.70 -5.38
CA ARG A 34 29.55 -51.18 -4.01
C ARG A 34 30.87 -51.62 -3.40
N SER A 35 31.76 -52.19 -4.19
CA SER A 35 33.08 -52.64 -3.72
C SER A 35 34.21 -51.70 -4.13
N GLY A 36 34.21 -51.24 -5.37
CA GLY A 36 35.25 -50.33 -5.84
C GLY A 36 36.28 -51.00 -6.72
N GLN A 37 35.88 -52.07 -7.40
CA GLN A 37 36.78 -52.84 -8.24
C GLN A 37 36.25 -52.91 -9.67
N LEU A 38 37.17 -53.07 -10.61
CA LEU A 38 36.84 -53.22 -12.02
C LEU A 38 36.71 -54.71 -12.35
N LYS A 39 35.52 -55.13 -12.71
CA LYS A 39 35.26 -56.53 -13.03
C LYS A 39 35.51 -56.78 -14.52
N GLY A 40 35.11 -57.95 -15.01
CA GLY A 40 35.29 -58.31 -16.39
C GLY A 40 34.08 -58.00 -17.24
N PRO A 41 33.99 -58.62 -18.41
CA PRO A 41 32.86 -58.37 -19.31
C PRO A 41 31.53 -58.75 -18.67
N HIS A 42 30.49 -57.99 -19.01
CA HIS A 42 29.16 -58.20 -18.46
C HIS A 42 28.13 -57.76 -19.48
N THR A 43 26.89 -58.22 -19.28
CA THR A 43 25.78 -57.86 -20.15
C THR A 43 24.63 -57.36 -19.29
N LEU A 44 24.18 -56.13 -19.55
CA LEU A 44 23.10 -55.52 -18.79
C LEU A 44 21.78 -55.71 -19.52
N LEU A 45 20.74 -56.07 -18.76
CA LEU A 45 19.40 -56.26 -19.30
C LEU A 45 18.49 -55.15 -18.74
N VAL A 46 18.00 -54.30 -19.63
CA VAL A 46 17.24 -53.11 -19.25
C VAL A 46 15.82 -53.24 -19.80
N ALA A 47 14.84 -53.03 -18.94
CA ALA A 47 13.45 -53.06 -19.34
C ALA A 47 12.63 -52.21 -18.37
N ASP A 48 11.71 -51.42 -18.92
CA ASP A 48 10.83 -50.54 -18.15
C ASP A 48 11.63 -49.54 -17.32
N GLY A 49 12.81 -49.16 -17.81
CA GLY A 49 13.63 -48.16 -17.14
C GLY A 49 14.44 -48.65 -15.98
N ARG A 50 14.46 -49.95 -15.72
CA ARG A 50 15.17 -50.52 -14.58
C ARG A 50 16.09 -51.63 -15.05
N ILE A 51 17.15 -51.89 -14.27
CA ILE A 51 18.10 -53.01 -14.59
C ILE A 51 17.48 -54.30 -14.04
N ARG A 52 17.43 -55.36 -14.86
CA ARG A 52 16.74 -56.60 -14.43
C ARG A 52 17.75 -57.74 -14.22
N GLN A 53 18.88 -57.70 -14.92
CA GLN A 53 19.83 -58.84 -14.82
C GLN A 53 21.26 -58.37 -15.10
N VAL A 54 22.23 -58.95 -14.40
CA VAL A 54 23.67 -58.65 -14.67
C VAL A 54 24.37 -60.00 -14.84
N LEU A 55 24.55 -60.46 -16.08
CA LEU A 55 25.11 -61.77 -16.37
C LEU A 55 26.55 -61.62 -16.82
N PRO A 56 27.51 -62.26 -16.15
CA PRO A 56 28.91 -62.16 -16.59
C PRO A 56 29.11 -62.84 -17.93
N GLY A 57 29.92 -62.22 -18.77
CA GLY A 57 30.19 -62.74 -20.09
C GLY A 57 29.09 -62.46 -21.10
N ALA A 65 15.12 -58.26 -28.28
CA ALA A 65 16.19 -57.71 -27.46
C ALA A 65 17.29 -57.12 -28.34
N ARG A 66 17.31 -55.80 -28.44
CA ARG A 66 18.35 -55.13 -29.20
C ARG A 66 19.69 -55.21 -28.45
N VAL A 67 20.77 -55.02 -29.20
CA VAL A 67 22.12 -55.14 -28.67
C VAL A 67 22.85 -53.81 -28.85
N VAL A 68 23.40 -53.28 -27.75
CA VAL A 68 24.26 -52.11 -27.78
C VAL A 68 25.68 -52.58 -27.48
N ASP A 69 26.57 -52.41 -28.45
CA ASP A 69 27.92 -52.94 -28.35
C ASP A 69 28.85 -51.90 -27.76
N LEU A 70 29.29 -52.12 -26.52
CA LEU A 70 30.25 -51.26 -25.84
C LEU A 70 31.41 -52.09 -25.30
N GLY A 71 31.88 -53.06 -26.08
CA GLY A 71 32.96 -53.91 -25.65
C GLY A 71 34.31 -53.22 -25.57
N ASP A 72 34.45 -52.04 -26.16
CA ASP A 72 35.68 -51.27 -26.12
C ASP A 72 35.70 -50.25 -25.00
N LYS A 73 34.61 -50.08 -24.27
CA LYS A 73 34.45 -49.02 -23.29
C LYS A 73 34.29 -49.58 -21.89
N VAL A 74 34.72 -48.79 -20.90
CA VAL A 74 34.49 -49.10 -19.49
C VAL A 74 33.09 -48.60 -19.13
N CYS A 75 32.29 -49.48 -18.54
CA CYS A 75 30.86 -49.26 -18.38
C CYS A 75 30.58 -48.98 -16.91
N LEU A 76 30.07 -47.77 -16.63
CA LEU A 76 29.97 -47.19 -15.30
C LEU A 76 28.53 -46.75 -15.01
N PRO A 77 28.16 -46.63 -13.74
CA PRO A 77 26.88 -46.00 -13.41
C PRO A 77 26.94 -44.48 -13.59
N GLY A 78 25.76 -43.89 -13.75
CA GLY A 78 25.69 -42.46 -13.96
C GLY A 78 26.10 -41.68 -12.71
N TRP A 79 26.75 -40.55 -12.93
CA TRP A 79 27.29 -39.74 -11.86
C TRP A 79 26.24 -38.80 -11.28
N THR A 80 26.48 -38.38 -10.04
CA THR A 80 25.64 -37.43 -9.34
C THR A 80 26.50 -36.28 -8.82
N ASP A 81 26.10 -35.06 -9.15
CA ASP A 81 26.76 -33.86 -8.65
C ASP A 81 25.89 -33.25 -7.56
N LEU A 82 26.42 -33.20 -6.34
CA LEU A 82 25.64 -32.81 -5.18
C LEU A 82 25.60 -31.32 -4.92
N HIS A 83 26.26 -30.51 -5.75
CA HIS A 83 26.26 -29.06 -5.54
C HIS A 83 26.35 -28.37 -6.90
N VAL A 84 25.19 -27.98 -7.45
CA VAL A 84 25.12 -27.25 -8.70
C VAL A 84 24.14 -26.10 -8.55
N HIS A 85 24.26 -25.12 -9.45
CA HIS A 85 23.31 -24.00 -9.56
C HIS A 85 22.99 -23.86 -11.05
N LEU A 86 21.96 -24.58 -11.49
CA LEU A 86 21.65 -24.63 -12.92
C LEU A 86 21.01 -23.35 -13.44
N GLY A 87 20.55 -22.47 -12.57
CA GLY A 87 19.91 -21.24 -12.97
C GLY A 87 20.83 -20.05 -13.15
N SER A 88 22.14 -20.24 -13.09
CA SER A 88 23.08 -19.14 -13.24
C SER A 88 24.44 -19.68 -13.66
N GLN A 89 25.27 -18.76 -14.17
CA GLN A 89 26.66 -19.07 -14.50
C GLN A 89 27.45 -17.79 -14.34
N SER A 90 28.51 -17.83 -13.53
CA SER A 90 29.27 -16.64 -13.20
C SER A 90 29.96 -16.06 -14.44
N SER A 91 30.06 -14.74 -14.46
CA SER A 91 30.61 -14.02 -15.60
C SER A 91 31.05 -12.64 -15.12
N PRO A 92 31.76 -11.88 -15.94
CA PRO A 92 32.11 -10.51 -15.55
C PRO A 92 30.92 -9.61 -15.30
N GLN A 93 29.74 -9.93 -15.85
CA GLN A 93 28.55 -9.10 -15.69
C GLN A 93 27.55 -9.70 -14.72
N SER A 94 27.97 -10.67 -13.89
CA SER A 94 27.02 -11.40 -13.06
C SER A 94 26.29 -10.50 -12.09
N TYR A 95 27.02 -9.58 -11.44
CA TYR A 95 26.39 -8.76 -10.40
C TYR A 95 25.45 -7.72 -10.99
N SER A 96 25.70 -7.26 -12.22
CA SER A 96 24.80 -6.28 -12.83
C SER A 96 23.51 -6.92 -13.30
N GLU A 97 23.58 -8.15 -13.81
CA GLU A 97 22.40 -8.82 -14.35
C GLU A 97 21.54 -9.44 -13.26
N ASP A 98 21.23 -8.66 -12.22
CA ASP A 98 20.24 -9.01 -11.22
C ASP A 98 19.13 -7.99 -11.14
N PHE A 99 19.29 -6.83 -11.81
CA PHE A 99 18.26 -5.81 -11.89
C PHE A 99 17.75 -5.61 -13.31
N ARG A 100 18.35 -6.27 -14.30
CA ARG A 100 17.93 -6.15 -15.69
C ARG A 100 17.28 -7.41 -16.25
N LEU A 101 17.73 -8.60 -15.85
CA LEU A 101 17.23 -9.84 -16.40
C LEU A 101 16.04 -10.37 -15.62
N ASP A 102 15.11 -10.99 -16.34
CA ASP A 102 13.94 -11.63 -15.78
C ASP A 102 14.15 -13.13 -15.68
N PRO A 103 13.34 -13.83 -14.88
CA PRO A 103 13.51 -15.28 -14.74
C PRO A 103 13.33 -16.06 -16.04
N VAL A 104 12.63 -15.50 -17.04
CA VAL A 104 12.44 -16.22 -18.30
C VAL A 104 13.75 -16.35 -19.06
N ASP A 105 14.60 -15.32 -19.02
CA ASP A 105 15.91 -15.40 -19.65
C ASP A 105 16.79 -16.45 -18.97
N HIS A 106 16.74 -16.51 -17.64
CA HIS A 106 17.46 -17.55 -16.91
C HIS A 106 16.94 -18.93 -17.27
N ALA A 107 15.63 -19.06 -17.45
CA ALA A 107 15.05 -20.32 -17.87
C ALA A 107 15.54 -20.73 -19.25
N PHE A 108 15.66 -19.75 -20.16
CA PHE A 108 16.13 -20.06 -21.51
C PHE A 108 17.60 -20.47 -21.51
N ARG A 109 18.40 -19.92 -20.59
CA ARG A 109 19.80 -20.35 -20.48
C ARG A 109 19.93 -21.72 -19.82
N ALA A 110 19.06 -22.01 -18.86
CA ALA A 110 19.12 -23.28 -18.13
C ALA A 110 18.91 -24.48 -19.03
N VAL A 111 18.23 -24.31 -20.16
CA VAL A 111 18.04 -25.43 -21.08
C VAL A 111 19.37 -25.94 -21.60
N GLY A 112 20.19 -25.02 -22.11
CA GLY A 112 21.52 -25.40 -22.57
C GLY A 112 22.42 -25.86 -21.44
N TYR A 113 22.32 -25.20 -20.28
CA TYR A 113 23.11 -25.65 -19.13
C TYR A 113 22.79 -27.10 -18.77
N ALA A 114 21.50 -27.46 -18.73
CA ALA A 114 21.10 -28.81 -18.34
C ALA A 114 21.49 -29.82 -19.39
N GLU A 115 21.36 -29.48 -20.68
CA GLU A 115 21.79 -30.41 -21.72
C GLU A 115 23.30 -30.67 -21.63
N LYS A 116 24.09 -29.62 -21.40
CA LYS A 116 25.53 -29.80 -21.26
C LYS A 116 25.86 -30.67 -20.05
N THR A 117 25.17 -30.45 -18.92
CA THR A 117 25.41 -31.26 -17.73
C THR A 117 25.10 -32.73 -17.98
N LEU A 118 23.96 -33.01 -18.63
CA LEU A 118 23.61 -34.41 -18.91
C LEU A 118 24.59 -35.05 -19.88
N MET A 119 25.03 -34.30 -20.90
CA MET A 119 25.99 -34.86 -21.85
C MET A 119 27.37 -35.06 -21.25
N ALA A 120 27.71 -34.33 -20.19
CA ALA A 120 28.99 -34.54 -19.53
C ALA A 120 29.07 -35.86 -18.76
N GLY A 121 27.94 -36.53 -18.55
CA GLY A 121 27.91 -37.81 -17.88
C GLY A 121 27.18 -37.82 -16.56
N PHE A 122 26.58 -36.71 -16.15
CA PHE A 122 25.91 -36.60 -14.85
C PHE A 122 24.41 -36.74 -15.06
N THR A 123 23.86 -37.87 -14.62
CA THR A 123 22.44 -38.16 -14.78
C THR A 123 21.59 -37.70 -13.60
N SER A 124 22.22 -37.15 -12.56
CA SER A 124 21.49 -36.67 -11.38
C SER A 124 22.28 -35.54 -10.75
N VAL A 125 21.56 -34.54 -10.24
CA VAL A 125 22.19 -33.38 -9.59
C VAL A 125 21.32 -32.95 -8.41
N ARG A 126 21.97 -32.26 -7.46
CA ARG A 126 21.30 -31.64 -6.33
C ARG A 126 21.47 -30.13 -6.46
N ASP A 127 20.39 -29.43 -6.78
CA ASP A 127 20.43 -27.97 -6.92
C ASP A 127 20.26 -27.32 -5.55
N LEU A 128 21.20 -26.46 -5.19
CA LEU A 128 21.29 -25.90 -3.84
C LEU A 128 20.99 -24.41 -3.80
N GLY A 129 20.02 -23.95 -4.59
CA GLY A 129 19.61 -22.56 -4.55
C GLY A 129 19.17 -22.01 -5.89
N GLY A 130 18.03 -21.31 -5.90
CA GLY A 130 17.47 -20.75 -7.12
C GLY A 130 16.01 -21.07 -7.30
N GLU A 131 15.23 -20.13 -7.86
CA GLU A 131 13.81 -20.31 -8.04
C GLU A 131 13.42 -20.90 -9.38
N VAL A 132 14.35 -20.95 -10.34
CA VAL A 132 14.01 -21.50 -11.65
C VAL A 132 14.14 -23.03 -11.64
N SER A 133 14.97 -23.56 -10.76
CA SER A 133 15.27 -24.99 -10.80
C SER A 133 14.08 -25.92 -10.57
N PRO A 134 13.16 -25.67 -9.63
CA PRO A 134 11.99 -26.55 -9.55
C PRO A 134 11.17 -26.60 -10.82
N HIS A 135 11.02 -25.46 -11.51
CA HIS A 135 10.30 -25.46 -12.78
C HIS A 135 11.06 -26.24 -13.85
N LEU A 136 12.39 -26.12 -13.86
CA LEU A 136 13.20 -26.90 -14.79
C LEU A 136 13.07 -28.40 -14.50
N ARG A 137 13.04 -28.78 -13.23
CA ARG A 137 12.84 -30.18 -12.86
C ARG A 137 11.49 -30.69 -13.34
N ASP A 138 10.43 -29.90 -13.14
CA ASP A 138 9.12 -30.30 -13.62
C ASP A 138 9.09 -30.43 -15.14
N ALA A 139 9.73 -29.50 -15.85
CA ALA A 139 9.77 -29.57 -17.31
C ALA A 139 10.54 -30.79 -17.79
N ILE A 140 11.67 -31.11 -17.15
CA ILE A 140 12.45 -32.27 -17.56
C ILE A 140 11.67 -33.55 -17.29
N ASN A 141 11.00 -33.63 -16.15
CA ASN A 141 10.24 -34.84 -15.82
C ASN A 141 9.09 -35.07 -16.80
N GLN A 142 8.54 -34.01 -17.37
CA GLN A 142 7.45 -34.13 -18.33
C GLN A 142 7.93 -34.41 -19.75
N GLY A 143 9.23 -34.41 -19.99
CA GLY A 143 9.76 -34.64 -21.32
C GLY A 143 9.83 -33.42 -22.21
N LEU A 144 9.62 -32.22 -21.66
CA LEU A 144 9.66 -31.02 -22.49
C LEU A 144 11.08 -30.68 -22.90
N VAL A 145 12.04 -30.79 -21.98
CA VAL A 145 13.44 -30.51 -22.25
C VAL A 145 14.26 -31.67 -21.70
N ARG A 146 15.50 -31.75 -22.18
CA ARG A 146 16.42 -32.80 -21.79
C ARG A 146 17.35 -32.32 -20.68
N GLY A 147 17.64 -33.20 -19.74
CA GLY A 147 18.51 -32.88 -18.63
C GLY A 147 18.59 -34.02 -17.63
N PRO A 148 19.34 -33.82 -16.56
CA PRO A 148 19.47 -34.84 -15.51
C PRO A 148 18.28 -34.83 -14.57
N ARG A 149 18.29 -35.77 -13.63
CA ARG A 149 17.31 -35.82 -12.57
C ARG A 149 17.70 -34.83 -11.47
N ILE A 150 16.82 -33.88 -11.17
CA ILE A 150 17.14 -32.75 -10.31
C ILE A 150 16.46 -32.92 -8.97
N PHE A 151 17.22 -32.75 -7.89
CA PHE A 151 16.70 -32.61 -6.54
C PHE A 151 16.94 -31.17 -6.12
N ALA A 152 15.87 -30.40 -5.96
CA ALA A 152 15.96 -28.95 -5.83
C ALA A 152 15.64 -28.50 -4.41
N ALA A 153 16.42 -27.55 -3.92
CA ALA A 153 16.20 -26.97 -2.60
C ALA A 153 15.35 -25.70 -2.65
N GLY A 154 15.34 -24.99 -3.78
CA GLY A 154 14.53 -23.79 -3.89
C GLY A 154 15.25 -22.60 -3.31
N LYS A 155 14.54 -21.82 -2.50
CA LYS A 155 15.10 -20.65 -1.86
C LYS A 155 15.95 -21.05 -0.66
N SER A 156 17.13 -20.44 -0.55
CA SER A 156 17.96 -20.65 0.63
C SER A 156 17.36 -19.90 1.83
N ILE A 157 17.67 -20.40 3.02
CA ILE A 157 17.20 -19.82 4.27
C ILE A 157 18.37 -19.15 4.96
N ALA A 158 18.22 -17.88 5.31
CA ALA A 158 19.28 -17.10 5.92
C ALA A 158 18.68 -16.21 7.01
N THR A 159 19.54 -15.41 7.63
CA THR A 159 19.16 -14.40 8.60
C THR A 159 19.30 -13.01 7.97
N THR A 160 19.00 -11.98 8.75
CA THR A 160 19.14 -10.62 8.25
C THR A 160 20.61 -10.29 8.01
N GLY A 161 20.93 -9.87 6.79
CA GLY A 161 22.30 -9.64 6.41
C GLY A 161 23.11 -10.88 6.12
N GLY A 162 22.47 -12.04 6.02
CA GLY A 162 23.16 -13.29 5.79
C GLY A 162 23.64 -13.44 4.37
N HIS A 163 24.36 -14.54 4.13
CA HIS A 163 24.95 -14.79 2.83
C HIS A 163 23.90 -14.94 1.73
N ALA A 164 22.71 -15.44 2.07
CA ALA A 164 21.65 -15.65 1.11
C ALA A 164 20.56 -14.59 1.17
N ASP A 165 20.80 -13.49 1.87
CA ASP A 165 19.82 -12.41 1.96
C ASP A 165 19.59 -11.81 0.58
N PRO A 166 18.36 -11.82 0.05
CA PRO A 166 18.15 -11.38 -1.32
C PRO A 166 18.36 -9.89 -1.56
N THR A 167 18.35 -9.06 -0.53
CA THR A 167 18.49 -7.62 -0.69
C THR A 167 19.80 -7.10 -0.08
N ASN A 168 20.85 -7.93 -0.09
CA ASN A 168 22.15 -7.49 0.38
C ASN A 168 22.78 -6.52 -0.62
N GLY A 169 23.17 -5.35 -0.13
CA GLY A 169 23.87 -4.38 -0.95
C GLY A 169 23.00 -3.37 -1.68
N TRP A 170 21.69 -3.50 -1.62
CA TRP A 170 20.81 -2.56 -2.31
C TRP A 170 20.84 -1.20 -1.62
N ASN A 171 20.67 -0.14 -2.42
CA ASN A 171 20.59 1.19 -1.83
C ASN A 171 19.28 1.36 -1.05
N GLU A 172 19.26 2.35 -0.16
CA GLU A 172 18.16 2.44 0.80
C GLU A 172 16.82 2.67 0.12
N ARG A 173 16.81 3.27 -1.08
CA ARG A 173 15.57 3.48 -1.80
C ARG A 173 14.94 2.15 -2.21
N LEU A 174 15.73 1.28 -2.84
CA LEU A 174 15.23 -0.03 -3.26
C LEU A 174 14.81 -0.86 -2.07
N ALA A 175 15.60 -0.84 -0.99
CA ALA A 175 15.26 -1.59 0.20
C ALA A 175 13.95 -1.08 0.81
N HIS A 176 13.75 0.24 0.80
CA HIS A 176 12.51 0.79 1.34
C HIS A 176 11.31 0.36 0.49
N LEU A 177 11.44 0.42 -0.84
CA LEU A 177 10.31 0.02 -1.68
C LEU A 177 10.00 -1.47 -1.52
N VAL A 178 11.03 -2.32 -1.54
CA VAL A 178 10.79 -3.76 -1.50
C VAL A 178 10.43 -4.26 -0.11
N GLY A 179 10.71 -3.49 0.93
CA GLY A 179 10.41 -3.91 2.28
C GLY A 179 11.45 -4.88 2.82
N ALA A 180 11.41 -5.07 4.14
CA ALA A 180 12.33 -6.01 4.77
C ALA A 180 11.87 -7.44 4.51
N PRO A 181 12.74 -8.31 4.00
CA PRO A 181 12.34 -9.68 3.73
C PRO A 181 12.01 -10.45 4.99
N GLY A 182 11.10 -11.42 4.85
CA GLY A 182 10.67 -12.23 5.97
C GLY A 182 10.76 -13.71 5.65
N PRO A 183 10.04 -14.53 6.42
CA PRO A 183 10.09 -15.98 6.21
C PRO A 183 9.65 -16.43 4.82
N ALA A 184 8.66 -15.75 4.22
CA ALA A 184 8.23 -16.11 2.88
C ALA A 184 9.33 -15.88 1.86
N GLU A 185 10.23 -14.94 2.13
CA GLU A 185 11.39 -14.69 1.28
C GLU A 185 12.61 -15.49 1.71
N GLY A 186 12.55 -16.18 2.84
CA GLY A 186 13.63 -17.01 3.31
C GLY A 186 14.51 -16.42 4.38
N VAL A 187 14.15 -15.28 4.96
CA VAL A 187 14.95 -14.60 5.97
C VAL A 187 14.27 -14.76 7.32
N VAL A 188 14.96 -15.43 8.25
CA VAL A 188 14.37 -15.77 9.54
C VAL A 188 15.27 -15.23 10.65
N ASN A 189 14.65 -14.95 11.81
CA ASN A 189 15.39 -14.45 12.96
C ASN A 189 14.90 -15.06 14.27
N SER A 190 14.11 -16.12 14.23
CA SER A 190 13.63 -16.77 15.44
C SER A 190 13.24 -18.21 15.11
N VAL A 191 12.79 -18.94 16.12
CA VAL A 191 12.42 -20.35 15.95
C VAL A 191 11.13 -20.48 15.13
N ASP A 192 10.13 -19.67 15.47
CA ASP A 192 8.86 -19.72 14.75
C ASP A 192 9.01 -19.30 13.30
N GLU A 193 9.84 -18.28 13.06
CA GLU A 193 10.09 -17.85 11.69
C GLU A 193 10.81 -18.95 10.89
N ALA A 194 11.72 -19.67 11.53
CA ALA A 194 12.39 -20.78 10.85
C ALA A 194 11.41 -21.90 10.50
N ARG A 195 10.50 -22.22 11.43
CA ARG A 195 9.46 -23.21 11.14
C ARG A 195 8.60 -22.77 9.96
N GLN A 196 8.19 -21.51 9.95
CA GLN A 196 7.38 -21.00 8.85
C GLN A 196 8.14 -21.02 7.53
N ALA A 197 9.45 -20.73 7.57
CA ALA A 197 10.25 -20.77 6.34
C ALA A 197 10.36 -22.18 5.78
N VAL A 198 10.57 -23.17 6.64
CA VAL A 198 10.62 -24.55 6.17
C VAL A 198 9.28 -24.95 5.56
N ARG A 199 8.18 -24.57 6.21
CA ARG A 199 6.87 -24.87 5.65
C ARG A 199 6.63 -24.15 4.32
N GLN A 200 7.15 -22.93 4.18
CA GLN A 200 7.01 -22.19 2.93
C GLN A 200 7.79 -22.86 1.80
N ARG A 201 8.99 -23.37 2.10
CA ARG A 201 9.74 -24.11 1.09
C ARG A 201 9.02 -25.39 0.70
N TYR A 202 8.42 -26.08 1.68
CA TYR A 202 7.62 -27.27 1.36
C TYR A 202 6.45 -26.90 0.46
N LYS A 203 5.79 -25.78 0.74
CA LYS A 203 4.65 -25.33 -0.05
C LYS A 203 5.04 -25.04 -1.49
N GLU A 204 6.24 -24.53 -1.72
CA GLU A 204 6.69 -24.15 -3.06
C GLU A 204 7.23 -25.32 -3.86
N GLY A 205 7.28 -26.52 -3.29
CA GLY A 205 7.68 -27.69 -4.04
C GLY A 205 9.16 -28.01 -3.98
N SER A 206 9.76 -27.91 -2.81
CA SER A 206 11.17 -28.21 -2.63
C SER A 206 11.37 -29.67 -2.24
N ASP A 207 12.57 -30.17 -2.52
CA ASP A 207 12.94 -31.53 -2.16
C ASP A 207 13.84 -31.61 -0.93
N LEU A 208 14.49 -30.52 -0.56
CA LEU A 208 15.34 -30.47 0.62
C LEU A 208 15.45 -29.02 1.06
N ILE A 209 16.25 -28.79 2.10
CA ILE A 209 16.43 -27.45 2.66
C ILE A 209 17.90 -27.06 2.63
N KCX A 210 18.17 -25.80 2.25
CA KCX A 210 19.53 -25.26 2.27
CB KCX A 210 20.00 -24.93 0.85
CG KCX A 210 21.36 -25.51 0.49
CD KCX A 210 22.51 -24.67 1.01
CE KCX A 210 23.03 -23.73 -0.07
NZ KCX A 210 24.46 -23.38 0.15
C KCX A 210 19.60 -24.00 3.14
O KCX A 210 18.81 -23.09 2.99
CX KCX A 210 25.26 -23.12 -0.88
OQ1 KCX A 210 24.83 -23.17 -2.04
OQ2 KCX A 210 26.45 -22.82 -0.69
N ILE A 211 20.56 -23.98 4.07
CA ILE A 211 20.79 -22.80 4.90
C ILE A 211 22.24 -22.33 4.74
N THR A 212 22.46 -21.05 5.01
CA THR A 212 23.80 -20.46 5.01
C THR A 212 24.18 -20.18 6.45
N ALA A 213 25.01 -21.06 7.03
CA ALA A 213 25.35 -20.96 8.44
C ALA A 213 26.34 -19.83 8.72
N THR A 214 27.22 -19.54 7.77
CA THR A 214 28.16 -18.43 7.94
C THR A 214 28.04 -17.48 6.76
N GLY A 215 28.92 -16.49 6.71
CA GLY A 215 28.99 -15.61 5.55
C GLY A 215 29.68 -16.29 4.38
N GLY A 216 29.65 -15.61 3.24
CA GLY A 216 30.22 -16.18 2.04
C GLY A 216 31.36 -15.38 1.46
N VAL A 217 31.77 -15.73 0.25
CA VAL A 217 32.84 -15.02 -0.44
C VAL A 217 32.37 -14.30 -1.69
N LEU A 218 31.22 -14.67 -2.25
CA LEU A 218 30.73 -14.07 -3.49
C LEU A 218 29.54 -13.14 -3.29
N SER A 219 29.04 -13.01 -2.06
CA SER A 219 27.93 -12.12 -1.79
C SER A 219 28.43 -10.70 -1.55
N TYR A 220 27.50 -9.75 -1.63
CA TYR A 220 27.81 -8.34 -1.40
C TYR A 220 27.64 -8.02 0.08
N ALA A 221 28.59 -8.52 0.87
CA ALA A 221 28.57 -8.33 2.32
C ALA A 221 30.00 -8.23 2.81
N ARG A 222 30.16 -8.00 4.11
CA ARG A 222 31.47 -7.78 4.71
C ARG A 222 32.09 -9.08 5.22
N SER A 223 31.41 -9.78 6.11
CA SER A 223 31.97 -10.97 6.74
C SER A 223 31.84 -12.18 5.83
N GLY A 224 32.75 -13.13 6.02
CA GLY A 224 32.75 -14.36 5.26
C GLY A 224 32.86 -15.61 6.12
N ASP A 225 33.20 -15.43 7.39
CA ASP A 225 33.31 -16.56 8.31
C ASP A 225 32.74 -16.21 9.68
N ALA A 226 31.61 -15.45 9.71
CA ALA A 226 31.07 -15.19 11.03
C ALA A 226 29.83 -16.02 11.29
N PRO A 227 29.57 -16.40 12.54
CA PRO A 227 28.37 -17.22 12.84
C PRO A 227 27.10 -16.40 12.64
N GLN A 228 26.23 -16.88 11.76
CA GLN A 228 25.03 -16.15 11.39
C GLN A 228 23.74 -16.82 11.84
N PHE A 229 23.82 -18.06 12.34
CA PHE A 229 22.69 -18.75 12.92
C PHE A 229 23.01 -19.09 14.37
N THR A 230 22.00 -19.04 15.22
CA THR A 230 22.14 -19.60 16.56
C THR A 230 21.79 -21.09 16.52
N VAL A 231 22.24 -21.82 17.54
CA VAL A 231 22.01 -23.25 17.57
C VAL A 231 20.52 -23.55 17.63
N ASP A 232 19.75 -22.73 18.34
CA ASP A 232 18.31 -22.95 18.45
C ASP A 232 17.63 -22.81 17.10
N GLU A 233 18.03 -21.82 16.30
CA GLU A 233 17.43 -21.63 14.98
C GLU A 233 17.72 -22.82 14.06
N ILE A 234 18.96 -23.30 14.06
CA ILE A 234 19.29 -24.45 13.22
C ILE A 234 18.56 -25.70 13.70
N LYS A 235 18.44 -25.87 15.02
CA LYS A 235 17.69 -27.01 15.55
C LYS A 235 16.23 -26.94 15.15
N ALA A 236 15.64 -25.75 15.18
CA ALA A 236 14.26 -25.58 14.73
C ALA A 236 14.12 -25.93 13.26
N VAL A 237 15.06 -25.48 12.43
CA VAL A 237 15.02 -25.80 11.00
C VAL A 237 15.10 -27.31 10.78
N VAL A 238 16.03 -27.97 11.47
CA VAL A 238 16.21 -29.41 11.30
C VAL A 238 14.97 -30.17 11.78
N ASP A 239 14.42 -29.77 12.92
CA ASP A 239 13.24 -30.44 13.47
C ASP A 239 12.03 -30.28 12.56
N THR A 240 11.82 -29.08 12.01
CA THR A 240 10.72 -28.89 11.08
C THR A 240 10.93 -29.68 9.79
N ALA A 241 12.17 -29.70 9.29
CA ALA A 241 12.46 -30.41 8.04
C ALA A 241 12.29 -31.93 8.20
N ARG A 242 12.57 -32.45 9.40
CA ARG A 242 12.41 -33.88 9.61
C ARG A 242 10.96 -34.32 9.50
N ASP A 243 10.01 -33.43 9.83
CA ASP A 243 8.60 -33.79 9.75
C ASP A 243 8.16 -34.01 8.31
N TYR A 244 8.69 -33.21 7.38
CA TYR A 244 8.31 -33.27 5.98
C TYR A 244 9.21 -34.19 5.16
N GLY A 245 10.12 -34.91 5.80
CA GLY A 245 11.01 -35.80 5.10
C GLY A 245 12.17 -35.16 4.40
N PHE A 246 12.55 -33.95 4.81
CA PHE A 246 13.62 -33.21 4.15
C PHE A 246 14.96 -33.43 4.85
N ARG A 247 16.03 -33.22 4.09
CA ARG A 247 17.38 -33.17 4.61
C ARG A 247 17.91 -31.75 4.48
N VAL A 248 18.86 -31.40 5.32
CA VAL A 248 19.37 -30.03 5.42
C VAL A 248 20.84 -30.02 5.01
N ALA A 249 21.19 -29.11 4.11
CA ALA A 249 22.57 -28.86 3.72
C ALA A 249 22.97 -27.47 4.18
N ALA A 250 24.15 -27.38 4.81
CA ALA A 250 24.59 -26.08 5.38
C ALA A 250 25.87 -25.57 4.73
N HIS A 251 25.84 -24.35 4.22
CA HIS A 251 27.05 -23.69 3.67
C HIS A 251 27.84 -23.12 4.85
N ALA A 252 29.14 -23.39 4.93
CA ALA A 252 29.90 -22.94 6.11
C ALA A 252 31.38 -22.77 5.79
N HIS A 253 31.92 -21.56 5.96
CA HIS A 253 33.38 -21.34 5.80
C HIS A 253 34.03 -21.27 7.18
N GLY A 254 33.43 -20.55 8.15
CA GLY A 254 34.07 -20.39 9.43
C GLY A 254 33.82 -21.57 10.37
N THR A 255 34.62 -21.62 11.43
CA THR A 255 34.63 -22.77 12.34
C THR A 255 33.42 -22.77 13.27
N GLU A 256 33.02 -21.62 13.79
CA GLU A 256 31.95 -21.60 14.78
C GLU A 256 30.59 -21.92 14.17
N GLY A 257 30.31 -21.35 12.99
CA GLY A 257 29.07 -21.69 12.31
C GLY A 257 29.03 -23.14 11.87
N MET A 258 30.17 -23.66 11.40
CA MET A 258 30.26 -25.07 11.05
C MET A 258 30.00 -25.96 12.26
N LYS A 259 30.56 -25.61 13.42
CA LYS A 259 30.33 -26.36 14.64
C LYS A 259 28.87 -26.33 15.04
N ARG A 260 28.24 -25.15 14.97
CA ARG A 260 26.83 -25.04 15.33
C ARG A 260 25.96 -25.88 14.42
N ALA A 261 26.21 -25.83 13.10
CA ALA A 261 25.44 -26.62 12.16
C ALA A 261 25.63 -28.11 12.37
N VAL A 262 26.87 -28.54 12.63
CA VAL A 262 27.12 -29.95 12.87
C VAL A 262 26.41 -30.43 14.13
N GLN A 263 26.48 -29.63 15.21
CA GLN A 263 25.84 -30.03 16.45
C GLN A 263 24.32 -30.03 16.36
N ALA A 264 23.75 -29.15 15.54
CA ALA A 264 22.30 -29.12 15.40
C ALA A 264 21.77 -30.31 14.61
N GLY A 265 22.60 -30.94 13.78
CA GLY A 265 22.20 -32.17 13.12
C GLY A 265 21.92 -32.07 11.63
N VAL A 266 22.68 -31.24 10.90
CA VAL A 266 22.51 -31.17 9.46
C VAL A 266 23.07 -32.42 8.81
N THR A 267 22.68 -32.64 7.56
CA THR A 267 23.07 -33.86 6.85
C THR A 267 24.44 -33.71 6.19
N SER A 268 24.73 -32.55 5.62
CA SER A 268 26.00 -32.33 4.93
C SER A 268 26.49 -30.91 5.18
N ILE A 269 27.80 -30.74 5.04
CA ILE A 269 28.47 -29.45 5.18
C ILE A 269 29.16 -29.14 3.86
N GLU A 270 28.92 -27.97 3.31
CA GLU A 270 29.51 -27.55 2.04
C GLU A 270 30.69 -26.62 2.30
N HIS A 271 31.73 -26.75 1.45
CA HIS A 271 32.96 -25.96 1.50
C HIS A 271 33.81 -26.31 2.72
N GLY A 272 33.42 -25.82 3.90
CA GLY A 272 34.12 -26.14 5.12
C GLY A 272 35.58 -25.72 5.13
N THR A 273 35.85 -24.48 4.73
CA THR A 273 37.23 -24.04 4.47
C THR A 273 38.08 -24.04 5.73
N TYR A 274 37.51 -23.64 6.87
CA TYR A 274 38.26 -23.48 8.11
C TYR A 274 37.95 -24.59 9.11
N MET A 275 37.82 -25.82 8.63
CA MET A 275 37.61 -26.96 9.51
C MET A 275 38.84 -27.20 10.38
N ASP A 276 38.61 -27.51 11.65
CA ASP A 276 39.68 -27.82 12.58
C ASP A 276 39.46 -29.22 13.16
N ASP A 277 40.29 -29.58 14.15
CA ASP A 277 40.25 -30.92 14.72
C ASP A 277 38.93 -31.20 15.43
N GLU A 278 38.43 -30.23 16.21
CA GLU A 278 37.19 -30.46 16.95
C GLU A 278 36.01 -30.65 16.02
N VAL A 279 35.91 -29.85 14.96
CA VAL A 279 34.83 -30.02 13.99
C VAL A 279 34.94 -31.38 13.31
N MET A 280 36.17 -31.81 13.01
CA MET A 280 36.36 -33.13 12.41
C MET A 280 35.89 -34.24 13.34
N ARG A 281 36.22 -34.14 14.63
CA ARG A 281 35.77 -35.14 15.59
C ARG A 281 34.25 -35.16 15.69
N LEU A 282 33.63 -33.98 15.74
CA LEU A 282 32.17 -33.92 15.82
C LEU A 282 31.52 -34.50 14.57
N MET A 283 32.08 -34.21 13.39
CA MET A 283 31.55 -34.76 12.15
C MET A 283 31.67 -36.27 12.11
N LYS A 284 32.81 -36.80 12.53
CA LYS A 284 32.99 -38.25 12.56
C LYS A 284 32.02 -38.90 13.54
N GLN A 285 31.79 -38.26 14.69
CA GLN A 285 30.85 -38.82 15.66
C GLN A 285 29.41 -38.74 15.19
N HIS A 286 29.04 -37.69 14.47
CA HIS A 286 27.67 -37.48 14.03
C HIS A 286 27.36 -38.09 12.67
N GLY A 287 28.36 -38.54 11.93
CA GLY A 287 28.12 -39.09 10.61
C GLY A 287 27.80 -38.06 9.55
N THR A 288 28.29 -36.83 9.70
CA THR A 288 28.03 -35.77 8.74
C THR A 288 28.85 -35.98 7.48
N TRP A 289 28.25 -35.68 6.34
CA TRP A 289 28.94 -35.74 5.04
C TRP A 289 29.59 -34.39 4.74
N TYR A 290 30.69 -34.45 4.00
CA TYR A 290 31.47 -33.27 3.67
C TYR A 290 31.61 -33.15 2.15
N VAL A 291 31.23 -32.01 1.61
CA VAL A 291 31.30 -31.73 0.18
C VAL A 291 32.24 -30.53 -0.02
N PRO A 292 33.47 -30.77 -0.49
CA PRO A 292 34.49 -29.70 -0.49
C PRO A 292 34.37 -28.67 -1.63
N THR A 293 33.96 -29.09 -2.82
CA THR A 293 33.86 -28.22 -4.01
C THR A 293 35.24 -27.63 -4.37
N PHE A 294 36.13 -28.52 -4.81
CA PHE A 294 37.45 -28.10 -5.29
C PHE A 294 37.34 -27.09 -6.43
N TYR A 295 36.42 -27.34 -7.36
CA TYR A 295 36.36 -26.57 -8.60
C TYR A 295 36.09 -25.10 -8.33
N ALA A 296 35.17 -24.79 -7.42
CA ALA A 296 34.84 -23.40 -7.15
C ALA A 296 36.05 -22.64 -6.61
N GLY A 297 36.79 -23.24 -5.68
CA GLY A 297 37.97 -22.59 -5.14
C GLY A 297 39.03 -22.37 -6.19
N ARG A 298 39.31 -23.41 -6.99
CA ARG A 298 40.32 -23.27 -8.05
C ARG A 298 39.91 -22.18 -9.04
N PHE A 299 38.65 -22.17 -9.47
CA PHE A 299 38.18 -21.20 -10.44
C PHE A 299 38.27 -19.78 -9.88
N VAL A 300 37.89 -19.58 -8.62
CA VAL A 300 37.88 -18.18 -8.07
C VAL A 300 39.32 -17.73 -7.83
N THR A 301 40.24 -18.63 -7.51
CA THR A 301 41.62 -18.17 -7.40
C THR A 301 42.24 -17.88 -8.75
N GLU A 302 41.92 -18.68 -9.78
CA GLU A 302 42.45 -18.41 -11.10
C GLU A 302 41.89 -17.10 -11.67
N LYS A 303 40.65 -16.77 -11.31
CA LYS A 303 40.08 -15.49 -11.70
C LYS A 303 40.48 -14.41 -10.69
N ALA A 304 41.77 -14.31 -10.39
CA ALA A 304 42.27 -13.26 -9.51
C ALA A 304 43.43 -12.55 -10.19
N ALA A 305 44.14 -13.27 -11.06
CA ALA A 305 45.17 -12.63 -11.88
C ALA A 305 44.55 -11.65 -12.87
N ILE A 306 43.31 -11.88 -13.29
CA ILE A 306 42.60 -10.93 -14.14
C ILE A 306 42.27 -9.70 -13.32
N ASP A 307 42.55 -8.52 -13.89
CA ASP A 307 42.49 -7.29 -13.10
C ASP A 307 41.05 -6.96 -12.68
N GLY A 308 40.18 -6.70 -13.64
CA GLY A 308 38.79 -6.41 -13.31
C GLY A 308 37.87 -7.58 -13.54
N TYR A 309 37.47 -8.27 -12.47
CA TYR A 309 36.51 -9.36 -12.58
C TYR A 309 35.50 -9.32 -11.43
N PHE A 310 35.91 -8.80 -10.28
CA PHE A 310 35.09 -8.86 -9.08
C PHE A 310 34.93 -7.48 -8.46
N PRO A 311 33.82 -7.25 -7.77
CA PRO A 311 33.66 -5.99 -7.05
C PRO A 311 34.65 -5.90 -5.90
N GLU A 312 34.95 -4.66 -5.51
CA GLU A 312 35.95 -4.42 -4.46
C GLU A 312 35.53 -4.96 -3.10
N VAL A 313 34.25 -5.25 -2.91
CA VAL A 313 33.79 -5.85 -1.66
C VAL A 313 34.00 -7.36 -1.64
N VAL A 314 34.07 -7.99 -2.82
CA VAL A 314 34.14 -9.44 -2.93
C VAL A 314 35.58 -9.93 -3.14
N ARG A 315 36.38 -9.15 -3.87
CA ARG A 315 37.71 -9.64 -4.29
C ARG A 315 38.62 -10.04 -3.13
N PRO A 316 38.74 -9.29 -2.02
CA PRO A 316 39.57 -9.80 -0.92
C PRO A 316 39.12 -11.14 -0.38
N LYS A 317 37.80 -11.35 -0.23
CA LYS A 317 37.30 -12.62 0.26
C LYS A 317 37.60 -13.75 -0.72
N ALA A 318 37.44 -13.49 -2.02
CA ALA A 318 37.72 -14.50 -3.02
C ALA A 318 39.21 -14.83 -3.08
N ALA A 319 40.07 -13.84 -2.84
CA ALA A 319 41.51 -14.12 -2.81
C ALA A 319 41.91 -14.86 -1.55
N ARG A 320 41.22 -14.63 -0.45
CA ARG A 320 41.62 -15.22 0.83
C ARG A 320 41.11 -16.64 0.99
N ILE A 321 39.81 -16.87 0.75
CA ILE A 321 39.22 -18.14 1.14
C ILE A 321 39.46 -19.23 0.09
N GLY A 322 39.67 -18.86 -1.17
CA GLY A 322 39.85 -19.86 -2.21
C GLY A 322 41.18 -20.58 -2.10
N ALA A 323 41.20 -21.80 -2.66
CA ALA A 323 42.39 -22.65 -2.77
C ALA A 323 42.95 -23.06 -1.42
N LEU A 324 42.30 -22.66 -0.32
CA LEU A 324 42.58 -23.26 0.98
C LEU A 324 41.74 -24.50 1.22
N ILE A 325 40.80 -24.80 0.31
CA ILE A 325 39.93 -25.96 0.44
C ILE A 325 40.68 -27.25 0.17
N SER A 326 41.66 -27.23 -0.73
CA SER A 326 42.36 -28.45 -1.11
C SER A 326 43.05 -29.11 0.08
N GLN A 327 43.80 -28.32 0.87
CA GLN A 327 44.47 -28.86 2.04
C GLN A 327 43.48 -29.31 3.09
N THR A 328 42.41 -28.55 3.29
CA THR A 328 41.38 -28.95 4.26
C THR A 328 40.73 -30.26 3.85
N ALA A 329 40.43 -30.42 2.57
CA ALA A 329 39.81 -31.66 2.11
C ALA A 329 40.78 -32.84 2.23
N ALA A 330 42.05 -32.63 1.92
CA ALA A 330 43.04 -33.70 2.08
C ALA A 330 43.18 -34.11 3.54
N LYS A 331 43.23 -33.12 4.44
CA LYS A 331 43.31 -33.42 5.86
C LYS A 331 42.07 -34.15 6.35
N ALA A 332 40.89 -33.74 5.88
CA ALA A 332 39.65 -34.40 6.27
C ALA A 332 39.63 -35.84 5.78
N TYR A 333 40.09 -36.10 4.56
CA TYR A 333 40.15 -37.47 4.06
C TYR A 333 41.12 -38.31 4.88
N ARG A 334 42.28 -37.73 5.23
CA ARG A 334 43.22 -38.46 6.06
C ARG A 334 42.67 -38.75 7.46
N ASN A 335 41.82 -37.85 7.97
CA ASN A 335 41.28 -37.99 9.32
C ASN A 335 40.06 -38.92 9.38
N GLY A 336 39.49 -39.30 8.25
CA GLY A 336 38.37 -40.22 8.25
C GLY A 336 36.99 -39.61 8.08
N VAL A 337 36.90 -38.36 7.64
CA VAL A 337 35.60 -37.73 7.41
C VAL A 337 35.04 -38.22 6.07
N ARG A 338 33.76 -38.59 6.07
CA ARG A 338 33.12 -39.07 4.85
C ARG A 338 32.96 -37.92 3.85
N ILE A 339 33.37 -38.17 2.62
CA ILE A 339 33.43 -37.15 1.57
C ILE A 339 32.58 -37.58 0.39
N ALA A 340 31.81 -36.63 -0.16
CA ALA A 340 30.96 -36.87 -1.32
C ALA A 340 31.28 -35.85 -2.40
N PHE A 341 30.78 -36.11 -3.61
CA PHE A 341 31.16 -35.36 -4.80
C PHE A 341 30.27 -34.13 -4.98
N GLY A 342 30.90 -32.97 -5.13
CA GLY A 342 30.19 -31.74 -5.44
C GLY A 342 31.14 -30.72 -6.01
N THR A 343 30.61 -29.85 -6.87
CA THR A 343 31.45 -28.94 -7.63
C THR A 343 31.13 -27.46 -7.43
N ASN A 344 29.92 -27.11 -7.00
CA ASN A 344 29.45 -25.73 -6.98
C ASN A 344 29.44 -25.13 -8.39
N GLN A 345 28.96 -25.91 -9.35
CA GLN A 345 28.86 -25.42 -10.72
C GLN A 345 27.78 -24.36 -10.82
N GLY A 346 28.00 -23.42 -11.75
CA GLY A 346 27.36 -22.12 -11.74
C GLY A 346 28.33 -21.02 -11.35
N VAL A 347 29.35 -21.36 -10.55
CA VAL A 347 30.55 -20.55 -10.50
C VAL A 347 31.46 -20.88 -11.68
N GLY A 348 31.76 -22.16 -11.86
CA GLY A 348 32.42 -22.63 -13.05
C GLY A 348 31.42 -22.91 -14.16
N PRO A 349 31.95 -23.16 -15.36
CA PRO A 349 31.08 -23.33 -16.54
C PRO A 349 30.45 -24.72 -16.57
N HIS A 350 29.13 -24.75 -16.76
CA HIS A 350 28.39 -26.01 -16.77
C HIS A 350 28.88 -26.92 -17.88
N GLY A 351 28.85 -28.23 -17.60
CA GLY A 351 29.38 -29.22 -18.51
C GLY A 351 30.84 -29.57 -18.30
N ASP A 352 31.53 -28.89 -17.37
CA ASP A 352 32.92 -29.16 -17.06
C ASP A 352 33.09 -29.75 -15.67
N ASN A 353 32.05 -30.45 -15.18
CA ASN A 353 32.03 -30.91 -13.80
C ASN A 353 33.06 -32.01 -13.52
N ALA A 354 33.50 -32.74 -14.54
CA ALA A 354 34.34 -33.91 -14.32
C ALA A 354 35.78 -33.57 -13.97
N ARG A 355 36.20 -32.31 -14.12
CA ARG A 355 37.55 -31.92 -13.70
C ARG A 355 37.71 -31.99 -12.18
N GLU A 356 36.60 -32.03 -11.45
CA GLU A 356 36.67 -32.22 -10.01
C GLU A 356 37.27 -33.57 -9.65
N PHE A 357 37.08 -34.58 -10.50
CA PHE A 357 37.75 -35.86 -10.28
C PHE A 357 39.26 -35.70 -10.31
N VAL A 358 39.78 -34.96 -11.31
CA VAL A 358 41.21 -34.73 -11.42
C VAL A 358 41.71 -33.91 -10.25
N TYR A 359 40.94 -32.92 -9.80
CA TYR A 359 41.33 -32.15 -8.62
C TYR A 359 41.36 -33.03 -7.37
N MET A 360 40.38 -33.93 -7.23
CA MET A 360 40.33 -34.82 -6.08
C MET A 360 41.53 -35.76 -6.05
N VAL A 361 41.88 -36.34 -7.20
CA VAL A 361 42.99 -37.28 -7.25
C VAL A 361 44.32 -36.54 -7.01
N GLU A 362 44.42 -35.30 -7.48
CA GLU A 362 45.64 -34.52 -7.29
C GLU A 362 45.91 -34.26 -5.81
N ALA A 363 44.87 -34.22 -4.99
CA ALA A 363 45.00 -33.91 -3.58
C ALA A 363 45.32 -35.12 -2.72
N GLY A 364 45.34 -36.32 -3.30
CA GLY A 364 45.70 -37.53 -2.58
C GLY A 364 44.57 -38.52 -2.41
N ILE A 365 43.35 -38.19 -2.81
CA ILE A 365 42.23 -39.13 -2.70
C ILE A 365 42.36 -40.17 -3.81
N PRO A 366 42.22 -41.46 -3.51
CA PRO A 366 42.35 -42.48 -4.56
C PRO A 366 41.26 -42.37 -5.61
N ALA A 367 41.57 -42.86 -6.81
CA ALA A 367 40.63 -42.77 -7.93
C ALA A 367 39.36 -43.56 -7.65
N ALA A 368 39.49 -44.75 -7.06
CA ALA A 368 38.31 -45.56 -6.78
C ALA A 368 37.39 -44.88 -5.78
N TYR A 369 37.96 -44.27 -4.74
CA TYR A 369 37.14 -43.54 -3.79
C TYR A 369 36.51 -42.31 -4.43
N ALA A 370 37.24 -41.64 -5.32
CA ALA A 370 36.68 -40.49 -6.02
C ALA A 370 35.49 -40.89 -6.88
N LEU A 371 35.57 -42.06 -7.53
CA LEU A 371 34.43 -42.55 -8.30
C LEU A 371 33.29 -43.02 -7.41
N GLN A 372 33.60 -43.59 -6.25
CA GLN A 372 32.55 -44.02 -5.33
C GLN A 372 31.83 -42.83 -4.69
N ALA A 373 32.52 -41.70 -4.53
CA ALA A 373 31.91 -40.52 -3.93
C ALA A 373 30.82 -39.92 -4.80
N ALA A 374 30.78 -40.29 -6.09
CA ALA A 374 29.78 -39.77 -7.01
C ALA A 374 28.66 -40.75 -7.31
N THR A 375 28.77 -42.00 -6.88
CA THR A 375 27.76 -43.01 -7.22
C THR A 375 27.00 -43.53 -6.00
N VAL A 376 27.76 -44.19 -5.08
CA VAL A 376 27.12 -44.86 -3.90
C VAL A 376 26.99 -43.91 -2.70
N HIS A 377 27.97 -43.07 -2.41
CA HIS A 377 27.92 -42.08 -1.35
C HIS A 377 26.97 -40.95 -1.70
N ALA A 378 26.88 -40.58 -2.98
CA ALA A 378 25.92 -39.56 -3.40
C ALA A 378 24.49 -40.03 -3.17
N ALA A 379 24.23 -41.31 -3.43
CA ALA A 379 22.90 -41.86 -3.16
C ALA A 379 22.60 -41.85 -1.66
N GLN A 380 23.60 -42.15 -0.84
CA GLN A 380 23.41 -42.08 0.61
C GLN A 380 23.12 -40.64 1.06
N VAL A 381 23.83 -39.67 0.48
CA VAL A 381 23.59 -38.27 0.82
C VAL A 381 22.19 -37.85 0.43
N LEU A 382 21.73 -38.26 -0.76
CA LEU A 382 20.40 -37.88 -1.22
C LEU A 382 19.31 -38.56 -0.41
N GLY A 383 19.59 -39.72 0.17
CA GLY A 383 18.58 -40.48 0.89
C GLY A 383 17.73 -41.36 0.03
N VAL A 384 18.23 -41.81 -1.12
CA VAL A 384 17.50 -42.68 -2.01
C VAL A 384 18.19 -44.06 -2.03
N ASP A 385 17.54 -45.01 -2.69
CA ASP A 385 18.07 -46.37 -2.75
C ASP A 385 17.99 -47.02 -4.12
N ASP A 386 17.40 -46.37 -5.13
CA ASP A 386 17.18 -46.97 -6.43
C ASP A 386 18.25 -46.60 -7.44
N GLN A 387 19.30 -45.89 -7.03
CA GLN A 387 20.33 -45.45 -7.96
C GLN A 387 21.69 -45.56 -7.29
N GLY A 388 22.74 -45.48 -8.11
CA GLY A 388 24.12 -45.49 -7.65
C GLY A 388 24.87 -46.77 -7.97
N VAL A 389 24.14 -47.87 -8.19
CA VAL A 389 24.76 -49.15 -8.50
C VAL A 389 24.03 -49.79 -9.68
N LEU A 390 24.72 -50.67 -10.37
CA LEU A 390 24.15 -51.43 -11.48
C LEU A 390 23.71 -52.80 -10.98
N GLU A 391 22.67 -52.78 -10.16
CA GLU A 391 22.09 -53.96 -9.55
C GLU A 391 20.65 -54.13 -10.02
N PRO A 392 20.12 -55.36 -9.97
CA PRO A 392 18.72 -55.56 -10.38
C PRO A 392 17.77 -54.72 -9.52
N GLY A 393 16.74 -54.19 -10.17
CA GLY A 393 15.77 -53.34 -9.51
C GLY A 393 16.15 -51.88 -9.42
N LYS A 394 17.35 -51.51 -9.84
CA LYS A 394 17.80 -50.13 -9.79
C LYS A 394 17.52 -49.44 -11.12
N ARG A 395 17.56 -48.10 -11.09
CA ARG A 395 17.39 -47.31 -12.31
C ARG A 395 18.53 -47.57 -13.28
N ALA A 396 18.21 -47.52 -14.58
CA ALA A 396 19.18 -47.81 -15.63
C ALA A 396 19.84 -46.49 -16.06
N ASP A 397 20.77 -46.03 -15.24
CA ASP A 397 21.60 -44.87 -15.54
C ASP A 397 23.02 -45.37 -15.77
N VAL A 398 23.38 -45.55 -17.03
CA VAL A 398 24.66 -46.14 -17.42
C VAL A 398 25.41 -45.16 -18.30
N ILE A 399 26.72 -45.05 -18.08
CA ILE A 399 27.61 -44.26 -18.92
C ILE A 399 28.82 -45.12 -19.26
N ALA A 400 29.59 -44.66 -20.25
CA ALA A 400 30.77 -45.37 -20.68
C ALA A 400 31.87 -44.38 -21.02
N LEU A 401 33.12 -44.82 -20.85
CA LEU A 401 34.29 -44.00 -21.12
C LEU A 401 35.22 -44.75 -22.08
N ALA A 402 35.98 -43.98 -22.86
CA ALA A 402 36.92 -44.58 -23.80
C ALA A 402 38.07 -45.24 -23.06
N GLY A 403 38.65 -44.56 -22.07
CA GLY A 403 39.79 -45.05 -21.34
C GLY A 403 39.42 -45.59 -19.97
N ASN A 404 40.47 -45.88 -19.19
CA ASN A 404 40.30 -46.40 -17.84
C ASN A 404 40.70 -45.34 -16.82
N PRO A 405 39.78 -44.87 -15.98
CA PRO A 405 40.13 -43.81 -15.02
C PRO A 405 40.96 -44.30 -13.86
N LEU A 406 40.99 -45.60 -13.58
CA LEU A 406 41.74 -46.10 -12.44
C LEU A 406 43.24 -45.92 -12.62
N GLU A 407 43.72 -45.87 -13.86
CA GLU A 407 45.12 -45.60 -14.14
C GLU A 407 45.38 -44.18 -14.60
N ASP A 408 44.49 -43.62 -15.42
CA ASP A 408 44.60 -42.23 -15.88
C ASP A 408 43.25 -41.56 -15.64
N ILE A 409 43.16 -40.75 -14.58
CA ILE A 409 41.92 -40.11 -14.20
C ILE A 409 41.43 -39.11 -15.26
N ASN A 410 42.27 -38.76 -16.23
CA ASN A 410 41.85 -37.87 -17.30
C ASN A 410 40.84 -38.51 -18.24
N ALA A 411 40.60 -39.82 -18.12
CA ALA A 411 39.63 -40.50 -18.96
C ALA A 411 38.19 -40.13 -18.62
N VAL A 412 37.96 -39.45 -17.50
CA VAL A 412 36.61 -39.00 -17.16
C VAL A 412 36.14 -37.85 -18.02
N LEU A 413 37.04 -37.22 -18.77
CA LEU A 413 36.71 -36.09 -19.61
C LEU A 413 36.23 -36.50 -21.00
N ASP A 414 36.14 -37.79 -21.29
CA ASP A 414 35.69 -38.29 -22.58
C ASP A 414 34.61 -39.35 -22.34
N VAL A 415 33.36 -38.91 -22.32
CA VAL A 415 32.22 -39.80 -22.14
C VAL A 415 31.63 -40.12 -23.51
N ARG A 416 31.49 -41.42 -23.79
CA ARG A 416 31.01 -41.87 -25.10
C ARG A 416 29.55 -42.30 -25.08
N PHE A 417 29.06 -42.84 -23.98
CA PHE A 417 27.72 -43.38 -23.88
C PHE A 417 27.01 -42.74 -22.70
N VAL A 418 25.75 -42.37 -22.89
CA VAL A 418 24.93 -41.80 -21.82
C VAL A 418 23.54 -42.42 -21.92
N MET A 419 23.10 -43.07 -20.84
CA MET A 419 21.75 -43.59 -20.74
C MET A 419 21.14 -43.10 -19.43
N LYS A 420 19.83 -42.85 -19.45
CA LYS A 420 19.13 -42.36 -18.27
C LYS A 420 17.72 -42.93 -18.27
N ASP A 421 17.41 -43.74 -17.25
CA ASP A 421 16.10 -44.38 -17.10
C ASP A 421 15.76 -45.23 -18.32
N GLY A 422 16.77 -45.88 -18.89
CA GLY A 422 16.58 -46.75 -20.04
C GLY A 422 16.53 -46.05 -21.38
N VAL A 423 16.70 -44.74 -21.42
CA VAL A 423 16.67 -43.96 -22.66
C VAL A 423 18.09 -43.52 -22.97
N ILE A 424 18.52 -43.78 -24.20
CA ILE A 424 19.88 -43.43 -24.63
C ILE A 424 19.88 -42.01 -25.16
N TYR A 425 20.73 -41.16 -24.57
CA TYR A 425 20.85 -39.78 -25.00
C TYR A 425 22.14 -39.49 -25.75
N LYS A 426 23.14 -40.36 -25.65
CA LYS A 426 24.41 -40.16 -26.34
C LYS A 426 24.99 -41.53 -26.66
N GLN A 427 25.25 -41.77 -27.94
CA GLN A 427 25.74 -43.07 -28.37
C GLN A 427 26.86 -42.95 -29.38
N PRO B 22 -50.46 -25.72 20.03
CA PRO B 22 -50.16 -27.10 20.40
C PRO B 22 -50.57 -28.10 19.32
N VAL B 23 -50.10 -29.34 19.44
CA VAL B 23 -50.39 -30.38 18.46
C VAL B 23 -50.08 -31.73 19.10
N ALA B 24 -50.87 -32.73 18.76
CA ALA B 24 -50.70 -34.09 19.26
C ALA B 24 -50.29 -34.97 18.08
N VAL B 25 -49.07 -35.50 18.13
CA VAL B 25 -48.53 -36.35 17.07
C VAL B 25 -48.70 -37.79 17.49
N GLN B 26 -49.28 -38.61 16.61
CA GLN B 26 -49.58 -40.01 16.89
C GLN B 26 -48.64 -40.90 16.08
N CYS B 27 -47.53 -41.31 16.70
CA CYS B 27 -46.63 -42.27 16.06
C CYS B 27 -47.17 -43.68 16.20
N GLY B 28 -47.04 -44.46 15.13
CA GLY B 28 -47.39 -45.86 15.16
C GLY B 28 -46.36 -46.70 15.89
N ARG B 29 -45.08 -46.46 15.61
CA ARG B 29 -43.98 -47.07 16.34
C ARG B 29 -42.96 -45.99 16.69
N LEU B 30 -42.41 -46.09 17.90
CA LEU B 30 -41.51 -45.08 18.44
C LEU B 30 -40.15 -45.70 18.72
N PHE B 31 -39.10 -45.07 18.20
CA PHE B 31 -37.73 -45.55 18.38
C PHE B 31 -37.10 -44.84 19.56
N ASP B 32 -36.68 -45.60 20.56
CA ASP B 32 -36.05 -45.05 21.75
C ASP B 32 -34.55 -44.96 21.53
N ALA B 33 -34.06 -43.73 21.30
CA ALA B 33 -32.65 -43.55 21.02
C ALA B 33 -31.78 -43.83 22.24
N ARG B 34 -32.28 -43.51 23.43
CA ARG B 34 -31.49 -43.72 24.65
C ARG B 34 -31.16 -45.18 24.88
N SER B 35 -32.06 -46.09 24.51
CA SER B 35 -31.84 -47.52 24.65
C SER B 35 -31.51 -48.21 23.35
N GLY B 36 -32.21 -47.88 22.27
CA GLY B 36 -31.95 -48.49 20.98
C GLY B 36 -32.97 -49.54 20.58
N GLN B 37 -34.19 -49.41 21.10
CA GLN B 37 -35.25 -50.38 20.86
C GLN B 37 -36.46 -49.70 20.25
N LEU B 38 -37.23 -50.47 19.49
CA LEU B 38 -38.47 -49.99 18.88
C LEU B 38 -39.64 -50.32 19.81
N LYS B 39 -40.28 -49.28 20.32
CA LYS B 39 -41.40 -49.44 21.25
C LYS B 39 -42.71 -49.56 20.46
N GLY B 40 -43.83 -49.48 21.17
CA GLY B 40 -45.13 -49.57 20.56
C GLY B 40 -45.72 -48.20 20.25
N PRO B 41 -47.03 -48.15 20.04
CA PRO B 41 -47.69 -46.87 19.73
C PRO B 41 -47.52 -45.87 20.85
N HIS B 42 -47.43 -44.59 20.46
CA HIS B 42 -47.23 -43.50 21.40
C HIS B 42 -47.86 -42.24 20.83
N THR B 43 -48.09 -41.27 21.71
CA THR B 43 -48.66 -39.98 21.32
C THR B 43 -47.76 -38.88 21.87
N LEU B 44 -47.27 -38.02 20.98
CA LEU B 44 -46.39 -36.92 21.35
C LEU B 44 -47.20 -35.63 21.53
N LEU B 45 -46.90 -34.90 22.59
CA LEU B 45 -47.55 -33.63 22.88
C LEU B 45 -46.53 -32.51 22.72
N VAL B 46 -46.75 -31.63 21.75
CA VAL B 46 -45.81 -30.59 21.37
C VAL B 46 -46.43 -29.23 21.63
N ALA B 47 -45.70 -28.38 22.34
CA ALA B 47 -46.17 -27.02 22.60
C ALA B 47 -44.95 -26.13 22.84
N ASP B 48 -44.99 -24.92 22.25
CA ASP B 48 -43.92 -23.94 22.38
C ASP B 48 -42.58 -24.48 21.86
N GLY B 49 -42.65 -25.38 20.88
CA GLY B 49 -41.46 -25.91 20.26
C GLY B 49 -40.76 -27.01 21.03
N ARG B 50 -41.33 -27.49 22.13
CA ARG B 50 -40.70 -28.51 22.95
C ARG B 50 -41.67 -29.66 23.17
N ILE B 51 -41.10 -30.83 23.45
CA ILE B 51 -41.89 -32.01 23.80
C ILE B 51 -42.27 -31.91 25.27
N ARG B 52 -43.56 -32.05 25.57
CA ARG B 52 -44.05 -31.92 26.93
C ARG B 52 -44.51 -33.23 27.55
N GLN B 53 -45.02 -34.13 26.72
CA GLN B 53 -45.59 -35.37 27.29
C GLN B 53 -45.52 -36.52 26.30
N VAL B 54 -45.08 -37.69 26.77
CA VAL B 54 -45.08 -38.91 25.97
C VAL B 54 -45.98 -39.91 26.69
N LEU B 55 -47.09 -40.28 26.05
CA LEU B 55 -48.06 -41.19 26.64
C LEU B 55 -48.20 -42.43 25.76
N PRO B 56 -47.97 -43.62 26.28
CA PRO B 56 -48.14 -44.83 25.47
C PRO B 56 -49.60 -45.05 25.11
N GLY B 57 -49.83 -45.48 23.87
CA GLY B 57 -51.17 -45.71 23.38
C GLY B 57 -51.89 -44.44 22.97
N ALA B 65 -56.25 -28.96 20.54
CA ALA B 65 -55.17 -29.90 20.24
C ALA B 65 -55.42 -30.61 18.92
N ARG B 66 -54.71 -30.18 17.88
CA ARG B 66 -54.82 -30.82 16.58
C ARG B 66 -54.17 -32.20 16.62
N VAL B 67 -54.55 -33.04 15.66
CA VAL B 67 -54.09 -34.42 15.59
C VAL B 67 -53.37 -34.63 14.26
N VAL B 68 -52.14 -35.14 14.34
CA VAL B 68 -51.38 -35.56 13.17
C VAL B 68 -51.31 -37.07 13.19
N ASP B 69 -51.89 -37.72 12.19
CA ASP B 69 -52.03 -39.17 12.16
C ASP B 69 -50.85 -39.78 11.42
N LEU B 70 -49.96 -40.45 12.16
CA LEU B 70 -48.83 -41.16 11.61
C LEU B 70 -48.80 -42.59 12.12
N GLY B 71 -49.97 -43.22 12.21
CA GLY B 71 -50.04 -44.59 12.71
C GLY B 71 -49.44 -45.63 11.78
N ASP B 72 -49.20 -45.28 10.53
CA ASP B 72 -48.59 -46.19 9.56
C ASP B 72 -47.09 -46.04 9.45
N LYS B 73 -46.50 -45.07 10.16
CA LYS B 73 -45.10 -44.73 10.00
C LYS B 73 -44.32 -44.96 11.31
N VAL B 74 -43.04 -45.26 11.16
CA VAL B 74 -42.12 -45.35 12.28
C VAL B 74 -41.65 -43.94 12.63
N CYS B 75 -41.78 -43.57 13.90
CA CYS B 75 -41.64 -42.19 14.34
C CYS B 75 -40.32 -42.03 15.10
N LEU B 76 -39.42 -41.23 14.55
CA LEU B 76 -38.03 -41.12 14.95
C LEU B 76 -37.66 -39.68 15.31
N PRO B 77 -36.60 -39.49 16.08
CA PRO B 77 -36.05 -38.14 16.27
C PRO B 77 -35.30 -37.67 15.04
N GLY B 78 -35.17 -36.35 14.93
CA GLY B 78 -34.48 -35.78 13.78
C GLY B 78 -32.98 -36.10 13.80
N TRP B 79 -32.42 -36.30 12.61
CA TRP B 79 -31.04 -36.71 12.47
C TRP B 79 -30.09 -35.50 12.49
N THR B 80 -28.84 -35.78 12.85
CA THR B 80 -27.79 -34.78 12.85
C THR B 80 -26.61 -35.28 12.03
N ASP B 81 -26.17 -34.47 11.08
CA ASP B 81 -25.00 -34.76 10.26
C ASP B 81 -23.83 -33.92 10.77
N LEU B 82 -22.79 -34.57 11.26
CA LEU B 82 -21.71 -33.89 11.94
C LEU B 82 -20.59 -33.41 11.02
N HIS B 83 -20.72 -33.62 9.71
CA HIS B 83 -19.68 -33.19 8.78
C HIS B 83 -20.34 -32.85 7.45
N VAL B 84 -20.63 -31.56 7.23
CA VAL B 84 -21.19 -31.08 5.99
C VAL B 84 -20.47 -29.80 5.58
N HIS B 85 -20.58 -29.46 4.30
CA HIS B 85 -20.08 -28.20 3.74
C HIS B 85 -21.20 -27.63 2.88
N LEU B 86 -22.07 -26.83 3.49
CA LEU B 86 -23.27 -26.35 2.80
C LEU B 86 -22.97 -25.26 1.79
N GLY B 87 -21.78 -24.68 1.81
CA GLY B 87 -21.41 -23.62 0.91
C GLY B 87 -20.75 -24.05 -0.38
N SER B 88 -20.72 -25.35 -0.67
CA SER B 88 -20.09 -25.85 -1.89
C SER B 88 -20.62 -27.23 -2.22
N GLN B 89 -20.42 -27.63 -3.46
CA GLN B 89 -20.75 -28.97 -3.92
C GLN B 89 -19.77 -29.32 -5.05
N SER B 90 -19.08 -30.45 -4.90
CA SER B 90 -18.03 -30.81 -5.84
C SER B 90 -18.61 -31.08 -7.23
N SER B 91 -17.82 -30.75 -8.24
CA SER B 91 -18.25 -30.85 -9.63
C SER B 91 -17.00 -30.88 -10.50
N PRO B 92 -17.14 -31.18 -11.79
CA PRO B 92 -15.97 -31.12 -12.69
C PRO B 92 -15.32 -29.75 -12.78
N GLN B 93 -16.05 -28.67 -12.46
CA GLN B 93 -15.54 -27.32 -12.56
C GLN B 93 -15.21 -26.71 -11.19
N SER B 94 -15.09 -27.55 -10.15
CA SER B 94 -14.97 -27.03 -8.79
C SER B 94 -13.70 -26.19 -8.63
N TYR B 95 -12.58 -26.65 -9.17
CA TYR B 95 -11.31 -25.98 -8.94
C TYR B 95 -11.23 -24.66 -9.71
N SER B 96 -11.90 -24.56 -10.85
CA SER B 96 -11.88 -23.32 -11.61
C SER B 96 -12.76 -22.25 -10.97
N GLU B 97 -13.90 -22.64 -10.40
CA GLU B 97 -14.82 -21.67 -9.82
C GLU B 97 -14.39 -21.24 -8.43
N ASP B 98 -13.13 -20.86 -8.28
CA ASP B 98 -12.64 -20.19 -7.09
C ASP B 98 -12.05 -18.82 -7.40
N PHE B 99 -11.87 -18.51 -8.69
CA PHE B 99 -11.41 -17.20 -9.13
C PHE B 99 -12.45 -16.45 -9.94
N ARG B 100 -13.60 -17.07 -10.24
CA ARG B 100 -14.66 -16.44 -11.01
C ARG B 100 -15.91 -16.15 -10.19
N LEU B 101 -16.27 -17.01 -9.24
CA LEU B 101 -17.51 -16.88 -8.49
C LEU B 101 -17.30 -16.06 -7.23
N ASP B 102 -18.32 -15.29 -6.88
CA ASP B 102 -18.37 -14.48 -5.67
C ASP B 102 -19.16 -15.19 -4.59
N PRO B 103 -19.01 -14.78 -3.33
CA PRO B 103 -19.77 -15.43 -2.25
C PRO B 103 -21.29 -15.32 -2.39
N VAL B 104 -21.80 -14.35 -3.14
CA VAL B 104 -23.25 -14.21 -3.28
C VAL B 104 -23.82 -15.37 -4.10
N ASP B 105 -23.09 -15.83 -5.12
CA ASP B 105 -23.54 -16.98 -5.89
C ASP B 105 -23.55 -18.25 -5.03
N HIS B 106 -22.53 -18.42 -4.19
CA HIS B 106 -22.52 -19.54 -3.25
C HIS B 106 -23.68 -19.46 -2.28
N ALA B 107 -24.00 -18.24 -1.83
CA ALA B 107 -25.16 -18.05 -0.95
C ALA B 107 -26.45 -18.43 -1.64
N PHE B 108 -26.59 -18.09 -2.93
CA PHE B 108 -27.80 -18.43 -3.66
C PHE B 108 -27.92 -19.95 -3.88
N ARG B 109 -26.80 -20.65 -4.02
CA ARG B 109 -26.86 -22.10 -4.13
C ARG B 109 -27.13 -22.78 -2.79
N ALA B 110 -26.62 -22.19 -1.70
CA ALA B 110 -26.79 -22.78 -0.38
C ALA B 110 -28.25 -22.83 0.06
N VAL B 111 -29.11 -21.98 -0.50
CA VAL B 111 -30.54 -22.03 -0.16
C VAL B 111 -31.14 -23.37 -0.57
N GLY B 112 -30.92 -23.76 -1.83
CA GLY B 112 -31.40 -25.05 -2.28
C GLY B 112 -30.70 -26.21 -1.59
N TYR B 113 -29.40 -26.07 -1.34
CA TYR B 113 -28.69 -27.13 -0.61
C TYR B 113 -29.31 -27.36 0.77
N ALA B 114 -29.59 -26.28 1.49
CA ALA B 114 -30.13 -26.39 2.84
C ALA B 114 -31.55 -26.94 2.84
N GLU B 115 -32.37 -26.52 1.87
CA GLU B 115 -33.71 -27.07 1.79
C GLU B 115 -33.68 -28.57 1.50
N LYS B 116 -32.79 -29.00 0.60
CA LYS B 116 -32.66 -30.43 0.31
C LYS B 116 -32.20 -31.20 1.54
N THR B 117 -31.24 -30.64 2.28
CA THR B 117 -30.75 -31.31 3.49
C THR B 117 -31.87 -31.46 4.52
N LEU B 118 -32.65 -30.40 4.74
CA LEU B 118 -33.73 -30.48 5.71
C LEU B 118 -34.81 -31.47 5.27
N MET B 119 -35.14 -31.48 3.98
CA MET B 119 -36.15 -32.42 3.49
C MET B 119 -35.67 -33.87 3.51
N ALA B 120 -34.35 -34.10 3.48
CA ALA B 120 -33.85 -35.47 3.57
C ALA B 120 -34.03 -36.08 4.96
N GLY B 121 -34.37 -35.27 5.96
CA GLY B 121 -34.60 -35.76 7.31
C GLY B 121 -33.62 -35.28 8.35
N PHE B 122 -32.68 -34.42 7.99
CA PHE B 122 -31.64 -33.95 8.90
C PHE B 122 -32.02 -32.56 9.41
N THR B 123 -32.39 -32.47 10.68
CA THR B 123 -32.81 -31.23 11.30
C THR B 123 -31.67 -30.47 11.95
N SER B 124 -30.46 -31.01 11.94
CA SER B 124 -29.30 -30.36 12.55
C SER B 124 -28.05 -30.82 11.82
N VAL B 125 -27.10 -29.90 11.62
CA VAL B 125 -25.84 -30.20 10.96
C VAL B 125 -24.71 -29.44 11.64
N ARG B 126 -23.49 -29.95 11.47
CA ARG B 126 -22.28 -29.28 11.92
C ARG B 126 -21.45 -28.94 10.69
N ASP B 127 -21.38 -27.65 10.37
CA ASP B 127 -20.61 -27.19 9.20
C ASP B 127 -19.15 -27.02 9.60
N LEU B 128 -18.26 -27.68 8.84
CA LEU B 128 -16.85 -27.78 9.21
C LEU B 128 -15.94 -27.02 8.23
N GLY B 129 -16.38 -25.84 7.79
CA GLY B 129 -15.55 -25.01 6.94
C GLY B 129 -16.32 -24.21 5.90
N GLY B 130 -16.00 -22.92 5.79
CA GLY B 130 -16.66 -22.04 4.85
C GLY B 130 -17.13 -20.75 5.49
N GLU B 131 -17.08 -19.65 4.74
CA GLU B 131 -17.44 -18.33 5.27
C GLU B 131 -18.90 -17.97 5.03
N VAL B 132 -19.62 -18.72 4.19
CA VAL B 132 -21.02 -18.39 3.94
C VAL B 132 -21.92 -19.00 5.00
N SER B 133 -21.47 -20.09 5.63
CA SER B 133 -22.33 -20.83 6.54
C SER B 133 -22.81 -20.06 7.76
N PRO B 134 -21.99 -19.26 8.45
CA PRO B 134 -22.55 -18.45 9.56
C PRO B 134 -23.67 -17.51 9.13
N HIS B 135 -23.54 -16.91 7.95
CA HIS B 135 -24.60 -16.05 7.44
C HIS B 135 -25.86 -16.86 7.12
N LEU B 136 -25.68 -18.06 6.56
CA LEU B 136 -26.83 -18.93 6.31
C LEU B 136 -27.51 -19.34 7.60
N ARG B 137 -26.73 -19.62 8.65
CA ARG B 137 -27.30 -19.95 9.95
C ARG B 137 -28.10 -18.79 10.52
N ASP B 138 -27.56 -17.57 10.41
CA ASP B 138 -28.30 -16.40 10.90
C ASP B 138 -29.58 -16.19 10.10
N ALA B 139 -29.53 -16.39 8.78
CA ALA B 139 -30.72 -16.23 7.95
C ALA B 139 -31.77 -17.28 8.29
N ILE B 140 -31.36 -18.53 8.51
CA ILE B 140 -32.32 -19.57 8.84
C ILE B 140 -32.94 -19.31 10.20
N ASN B 141 -32.14 -18.87 11.17
CA ASN B 141 -32.67 -18.61 12.51
C ASN B 141 -33.68 -17.46 12.51
N GLN B 142 -33.55 -16.52 11.58
CA GLN B 142 -34.47 -15.39 11.48
C GLN B 142 -35.73 -15.72 10.69
N GLY B 143 -35.81 -16.91 10.09
CA GLY B 143 -36.96 -17.27 9.29
C GLY B 143 -36.93 -16.81 7.85
N LEU B 144 -35.79 -16.30 7.37
CA LEU B 144 -35.72 -15.83 6.00
C LEU B 144 -35.72 -16.99 5.01
N VAL B 145 -34.97 -18.04 5.31
CA VAL B 145 -34.91 -19.21 4.45
C VAL B 145 -35.10 -20.45 5.32
N ARG B 146 -35.42 -21.57 4.68
CA ARG B 146 -35.66 -22.83 5.35
C ARG B 146 -34.41 -23.70 5.33
N GLY B 147 -34.17 -24.41 6.43
CA GLY B 147 -33.03 -25.27 6.55
C GLY B 147 -32.91 -25.87 7.94
N PRO B 148 -31.88 -26.66 8.16
CA PRO B 148 -31.66 -27.26 9.48
C PRO B 148 -30.99 -26.28 10.44
N ARG B 149 -30.81 -26.75 11.67
CA ARG B 149 -30.07 -26.00 12.68
C ARG B 149 -28.57 -26.21 12.47
N ILE B 150 -27.84 -25.12 12.25
CA ILE B 150 -26.45 -25.17 11.82
C ILE B 150 -25.55 -24.80 12.99
N PHE B 151 -24.53 -25.62 13.23
CA PHE B 151 -23.42 -25.28 14.11
C PHE B 151 -22.18 -25.10 13.22
N ALA B 152 -21.69 -23.88 13.12
CA ALA B 152 -20.71 -23.49 12.11
C ALA B 152 -19.34 -23.26 12.73
N ALA B 153 -18.30 -23.76 12.06
CA ALA B 153 -16.93 -23.56 12.49
C ALA B 153 -16.28 -22.34 11.83
N GLY B 154 -16.75 -21.93 10.66
CA GLY B 154 -16.18 -20.77 9.99
C GLY B 154 -14.95 -21.14 9.22
N LYS B 155 -13.90 -20.34 9.38
CA LYS B 155 -12.63 -20.58 8.70
C LYS B 155 -11.84 -21.68 9.40
N SER B 156 -11.30 -22.60 8.62
CA SER B 156 -10.42 -23.61 9.17
C SER B 156 -9.07 -22.99 9.54
N ILE B 157 -8.40 -23.62 10.50
CA ILE B 157 -7.09 -23.17 10.98
C ILE B 157 -6.04 -24.16 10.48
N ALA B 158 -5.01 -23.64 9.83
CA ALA B 158 -3.97 -24.47 9.25
C ALA B 158 -2.62 -23.78 9.45
N THR B 159 -1.57 -24.42 8.93
CA THR B 159 -0.22 -23.86 8.89
C THR B 159 0.12 -23.46 7.46
N THR B 160 1.33 -22.96 7.27
CA THR B 160 1.78 -22.56 5.94
C THR B 160 1.90 -23.80 5.05
N GLY B 161 1.21 -23.78 3.91
CA GLY B 161 1.17 -24.93 3.04
C GLY B 161 0.26 -26.04 3.49
N GLY B 162 -0.57 -25.80 4.51
CA GLY B 162 -1.45 -26.83 5.04
C GLY B 162 -2.63 -27.11 4.14
N HIS B 163 -3.42 -28.11 4.56
CA HIS B 163 -4.56 -28.55 3.76
C HIS B 163 -5.60 -27.45 3.59
N ALA B 164 -5.73 -26.56 4.57
CA ALA B 164 -6.72 -25.49 4.52
C ALA B 164 -6.12 -24.14 4.17
N ASP B 165 -4.87 -24.11 3.69
CA ASP B 165 -4.25 -22.86 3.31
C ASP B 165 -5.01 -22.25 2.14
N PRO B 166 -5.53 -21.02 2.25
CA PRO B 166 -6.38 -20.47 1.20
C PRO B 166 -5.65 -20.16 -0.10
N THR B 167 -4.33 -20.01 -0.09
CA THR B 167 -3.57 -19.67 -1.29
C THR B 167 -2.68 -20.81 -1.77
N ASN B 168 -3.09 -22.05 -1.53
CA ASN B 168 -2.33 -23.19 -2.03
C ASN B 168 -2.50 -23.31 -3.54
N GLY B 169 -1.37 -23.37 -4.25
CA GLY B 169 -1.37 -23.58 -5.68
C GLY B 169 -1.42 -22.34 -6.55
N TRP B 170 -1.56 -21.15 -5.95
CA TRP B 170 -1.62 -19.93 -6.74
C TRP B 170 -0.25 -19.62 -7.34
N ASN B 171 -0.26 -18.99 -8.52
CA ASN B 171 1.00 -18.58 -9.12
C ASN B 171 1.60 -17.41 -8.32
N GLU B 172 2.90 -17.20 -8.50
CA GLU B 172 3.63 -16.29 -7.63
C GLU B 172 3.12 -14.86 -7.74
N ARG B 173 2.52 -14.49 -8.87
CA ARG B 173 1.98 -13.14 -9.01
C ARG B 173 0.79 -12.94 -8.06
N LEU B 174 -0.17 -13.86 -8.09
CA LEU B 174 -1.33 -13.76 -7.20
C LEU B 174 -0.92 -13.82 -5.73
N ALA B 175 0.01 -14.70 -5.40
CA ALA B 175 0.49 -14.80 -4.03
C ALA B 175 1.17 -13.52 -3.59
N HIS B 176 1.93 -12.89 -4.48
CA HIS B 176 2.58 -11.63 -4.14
C HIS B 176 1.55 -10.53 -3.91
N LEU B 177 0.54 -10.43 -4.78
CA LEU B 177 -0.46 -9.39 -4.59
C LEU B 177 -1.26 -9.61 -3.30
N VAL B 178 -1.70 -10.84 -3.05
CA VAL B 178 -2.55 -11.09 -1.90
C VAL B 178 -1.78 -11.12 -0.58
N GLY B 179 -0.47 -11.28 -0.63
CA GLY B 179 0.33 -11.35 0.56
C GLY B 179 0.26 -12.72 1.23
N ALA B 180 1.18 -12.93 2.17
CA ALA B 180 1.20 -14.19 2.90
C ALA B 180 0.10 -14.20 3.95
N PRO B 181 -0.74 -15.21 3.97
CA PRO B 181 -1.84 -15.24 4.97
C PRO B 181 -1.32 -15.37 6.38
N GLY B 182 -2.08 -14.82 7.31
CA GLY B 182 -1.73 -14.85 8.71
C GLY B 182 -2.87 -15.37 9.58
N PRO B 183 -2.81 -15.08 10.88
CA PRO B 183 -3.84 -15.57 11.80
C PRO B 183 -5.25 -15.10 11.45
N ALA B 184 -5.40 -13.87 10.96
CA ALA B 184 -6.72 -13.38 10.58
C ALA B 184 -7.30 -14.18 9.42
N GLU B 185 -6.44 -14.75 8.57
CA GLU B 185 -6.87 -15.63 7.51
C GLU B 185 -6.90 -17.09 7.91
N GLY B 186 -6.42 -17.42 9.10
CA GLY B 186 -6.47 -18.79 9.60
C GLY B 186 -5.18 -19.57 9.49
N VAL B 187 -4.07 -18.94 9.14
CA VAL B 187 -2.79 -19.62 8.96
C VAL B 187 -1.87 -19.24 10.10
N VAL B 188 -1.47 -20.23 10.91
CA VAL B 188 -0.70 -20.00 12.12
C VAL B 188 0.57 -20.81 12.07
N ASN B 189 1.61 -20.31 12.76
CA ASN B 189 2.89 -21.01 12.82
C ASN B 189 3.52 -20.96 14.21
N SER B 190 2.78 -20.55 15.23
CA SER B 190 3.31 -20.50 16.59
C SER B 190 2.15 -20.55 17.56
N VAL B 191 2.48 -20.53 18.86
CA VAL B 191 1.46 -20.61 19.91
C VAL B 191 0.63 -19.33 19.97
N ASP B 192 1.30 -18.18 19.93
CA ASP B 192 0.59 -16.90 19.99
C ASP B 192 -0.30 -16.70 18.78
N GLU B 193 0.19 -17.10 17.60
CA GLU B 193 -0.61 -17.00 16.39
C GLU B 193 -1.84 -17.90 16.46
N ALA B 194 -1.70 -19.09 17.06
CA ALA B 194 -2.85 -19.97 17.24
C ALA B 194 -3.88 -19.36 18.18
N ARG B 195 -3.41 -18.76 19.28
CA ARG B 195 -4.33 -18.08 20.19
C ARG B 195 -5.07 -16.95 19.48
N GLN B 196 -4.35 -16.16 18.69
CA GLN B 196 -4.99 -15.07 17.96
C GLN B 196 -5.99 -15.60 16.93
N ALA B 197 -5.68 -16.72 16.28
CA ALA B 197 -6.60 -17.30 15.31
C ALA B 197 -7.88 -17.78 15.97
N VAL B 198 -7.78 -18.43 17.12
CA VAL B 198 -8.98 -18.86 17.83
C VAL B 198 -9.83 -17.64 18.24
N ARG B 199 -9.17 -16.59 18.72
CA ARG B 199 -9.91 -15.37 19.07
C ARG B 199 -10.55 -14.72 17.85
N GLN B 200 -9.88 -14.78 16.69
CA GLN B 200 -10.45 -14.23 15.46
C GLN B 200 -11.68 -15.01 15.02
N ARG B 201 -11.64 -16.34 15.15
CA ARG B 201 -12.83 -17.13 14.83
C ARG B 201 -13.97 -16.83 15.79
N TYR B 202 -13.66 -16.64 17.08
CA TYR B 202 -14.69 -16.23 18.03
C TYR B 202 -15.29 -14.88 17.64
N LYS B 203 -14.44 -13.94 17.22
CA LYS B 203 -14.90 -12.61 16.83
C LYS B 203 -15.83 -12.68 15.62
N GLU B 204 -15.61 -13.59 14.70
CA GLU B 204 -16.40 -13.69 13.48
C GLU B 204 -17.70 -14.47 13.67
N GLY B 205 -17.96 -14.98 14.87
CA GLY B 205 -19.23 -15.63 15.14
C GLY B 205 -19.25 -17.12 14.88
N SER B 206 -18.20 -17.81 15.30
CA SER B 206 -18.12 -19.26 15.13
C SER B 206 -18.68 -19.98 16.34
N ASP B 207 -19.09 -21.22 16.13
CA ASP B 207 -19.60 -22.06 17.21
C ASP B 207 -18.61 -23.11 17.68
N LEU B 208 -17.59 -23.41 16.87
CA LEU B 208 -16.56 -24.37 17.23
C LEU B 208 -15.32 -24.06 16.40
N ILE B 209 -14.29 -24.89 16.56
CA ILE B 209 -13.03 -24.70 15.86
C ILE B 209 -12.69 -25.95 15.04
N KCX B 210 -12.22 -25.73 13.81
CA KCX B 210 -11.76 -26.82 12.96
CB KCX B 210 -12.65 -26.94 11.72
CG KCX B 210 -13.16 -28.35 11.45
CD KCX B 210 -12.15 -29.23 10.74
CE KCX B 210 -12.40 -29.25 9.24
NZ KCX B 210 -11.89 -30.50 8.61
C KCX B 210 -10.31 -26.61 12.52
O KCX B 210 -9.94 -25.55 12.03
CX KCX B 210 -12.49 -31.01 7.53
OQ1 KCX B 210 -13.48 -30.45 7.04
OQ2 KCX B 210 -12.06 -32.05 7.03
N ILE B 211 -9.47 -27.63 12.73
CA ILE B 211 -8.09 -27.59 12.27
C ILE B 211 -7.80 -28.76 11.33
N THR B 212 -6.80 -28.60 10.47
CA THR B 212 -6.34 -29.65 9.58
C THR B 212 -4.99 -30.13 10.09
N ALA B 213 -4.99 -31.27 10.79
CA ALA B 213 -3.78 -31.77 11.43
C ALA B 213 -2.79 -32.36 10.43
N THR B 214 -3.28 -32.95 9.35
CA THR B 214 -2.42 -33.50 8.31
C THR B 214 -2.79 -32.90 6.95
N GLY B 215 -2.16 -33.39 5.89
CA GLY B 215 -2.55 -32.99 4.55
C GLY B 215 -3.82 -33.69 4.11
N GLY B 216 -4.32 -33.27 2.96
CA GLY B 216 -5.58 -33.81 2.47
C GLY B 216 -5.45 -34.53 1.16
N VAL B 217 -6.60 -34.85 0.55
CA VAL B 217 -6.62 -35.51 -0.75
C VAL B 217 -7.22 -34.65 -1.84
N LEU B 218 -7.98 -33.60 -1.51
CA LEU B 218 -8.66 -32.78 -2.50
C LEU B 218 -8.03 -31.40 -2.65
N SER B 219 -7.03 -31.07 -1.83
CA SER B 219 -6.37 -29.78 -1.94
C SER B 219 -5.27 -29.82 -3.01
N TYR B 220 -4.85 -28.63 -3.43
CA TYR B 220 -3.79 -28.49 -4.43
C TYR B 220 -2.43 -28.44 -3.74
N ALA B 221 -2.03 -29.61 -3.23
CA ALA B 221 -0.77 -29.74 -2.51
C ALA B 221 -0.20 -31.13 -2.79
N ARG B 222 0.99 -31.39 -2.25
CA ARG B 222 1.72 -32.62 -2.51
C ARG B 222 1.38 -33.72 -1.48
N SER B 223 1.61 -33.42 -0.21
CA SER B 223 1.45 -34.43 0.84
C SER B 223 -0.02 -34.58 1.23
N GLY B 224 -0.37 -35.76 1.72
CA GLY B 224 -1.71 -36.06 2.16
C GLY B 224 -1.77 -36.69 3.54
N ASP B 225 -0.62 -37.14 4.04
CA ASP B 225 -0.56 -37.75 5.36
C ASP B 225 0.69 -37.30 6.12
N ALA B 226 1.07 -36.00 5.97
CA ALA B 226 2.25 -35.61 6.75
C ALA B 226 1.83 -34.76 7.95
N PRO B 227 2.57 -34.83 9.05
CA PRO B 227 2.23 -34.02 10.24
C PRO B 227 2.45 -32.54 9.97
N GLN B 228 1.39 -31.75 10.10
CA GLN B 228 1.44 -30.33 9.78
C GLN B 228 1.27 -29.42 10.98
N PHE B 229 0.93 -29.97 12.14
CA PHE B 229 0.88 -29.23 13.38
C PHE B 229 1.86 -29.85 14.37
N THR B 230 2.48 -29.02 15.20
CA THR B 230 3.21 -29.53 16.34
C THR B 230 2.26 -29.69 17.52
N VAL B 231 2.67 -30.49 18.50
CA VAL B 231 1.82 -30.76 19.64
C VAL B 231 1.55 -29.47 20.41
N ASP B 232 2.56 -28.58 20.51
CA ASP B 232 2.38 -27.34 21.23
C ASP B 232 1.34 -26.44 20.57
N GLU B 233 1.33 -26.38 19.24
CA GLU B 233 0.35 -25.56 18.52
C GLU B 233 -1.07 -26.08 18.74
N ILE B 234 -1.26 -27.40 18.68
CA ILE B 234 -2.60 -27.96 18.90
C ILE B 234 -3.02 -27.75 20.35
N LYS B 235 -2.09 -27.90 21.29
CA LYS B 235 -2.42 -27.65 22.70
C LYS B 235 -2.82 -26.20 22.92
N ALA B 236 -2.12 -25.27 22.27
CA ALA B 236 -2.49 -23.86 22.37
C ALA B 236 -3.89 -23.62 21.80
N VAL B 237 -4.20 -24.23 20.66
CA VAL B 237 -5.53 -24.09 20.06
C VAL B 237 -6.60 -24.62 21.01
N VAL B 238 -6.37 -25.81 21.57
CA VAL B 238 -7.36 -26.42 22.46
C VAL B 238 -7.54 -25.58 23.72
N ASP B 239 -6.43 -25.10 24.30
CA ASP B 239 -6.51 -24.31 25.52
C ASP B 239 -7.24 -22.99 25.29
N THR B 240 -6.97 -22.32 24.17
CA THR B 240 -7.69 -21.09 23.87
C THR B 240 -9.16 -21.36 23.60
N ALA B 241 -9.47 -22.45 22.89
CA ALA B 241 -10.87 -22.76 22.58
C ALA B 241 -11.66 -23.12 23.82
N ARG B 242 -11.01 -23.73 24.81
CA ARG B 242 -11.71 -24.09 26.05
C ARG B 242 -12.19 -22.85 26.81
N ASP B 243 -11.47 -21.73 26.69
CA ASP B 243 -11.87 -20.51 27.39
C ASP B 243 -13.18 -19.96 26.85
N TYR B 244 -13.40 -20.06 25.54
CA TYR B 244 -14.58 -19.52 24.89
C TYR B 244 -15.70 -20.53 24.76
N GLY B 245 -15.55 -21.71 25.35
CA GLY B 245 -16.57 -22.73 25.28
C GLY B 245 -16.64 -23.51 23.98
N PHE B 246 -15.55 -23.52 23.21
CA PHE B 246 -15.54 -24.19 21.91
C PHE B 246 -15.01 -25.61 22.02
N ARG B 247 -15.40 -26.42 21.05
CA ARG B 247 -14.84 -27.75 20.85
C ARG B 247 -14.05 -27.75 19.54
N VAL B 248 -13.08 -28.67 19.46
CA VAL B 248 -12.14 -28.71 18.34
C VAL B 248 -12.32 -30.01 17.59
N ALA B 249 -12.51 -29.89 16.27
CA ALA B 249 -12.60 -31.08 15.39
C ALA B 249 -11.32 -31.10 14.54
N ALA B 250 -10.69 -32.27 14.40
CA ALA B 250 -9.40 -32.33 13.66
C ALA B 250 -9.47 -33.24 12.45
N HIS B 251 -9.14 -32.72 11.26
CA HIS B 251 -9.06 -33.53 10.03
C HIS B 251 -7.71 -34.25 10.03
N ALA B 252 -7.70 -35.58 9.82
CA ALA B 252 -6.42 -36.31 9.90
C ALA B 252 -6.46 -37.59 9.07
N HIS B 253 -5.54 -37.73 8.12
CA HIS B 253 -5.42 -38.99 7.34
C HIS B 253 -4.24 -39.79 7.89
N GLY B 254 -3.08 -39.14 8.14
CA GLY B 254 -1.91 -39.87 8.57
C GLY B 254 -1.90 -40.16 10.06
N THR B 255 -1.01 -41.09 10.44
CA THR B 255 -0.99 -41.60 11.81
C THR B 255 -0.35 -40.62 12.78
N GLU B 256 0.73 -39.93 12.39
CA GLU B 256 1.45 -39.08 13.32
C GLU B 256 0.64 -37.83 13.67
N GLY B 257 0.03 -37.20 12.67
CA GLY B 257 -0.83 -36.05 12.95
C GLY B 257 -2.05 -36.43 13.76
N MET B 258 -2.64 -37.59 13.46
CA MET B 258 -3.76 -38.08 14.25
C MET B 258 -3.36 -38.30 15.71
N LYS B 259 -2.18 -38.89 15.93
CA LYS B 259 -1.69 -39.10 17.28
C LYS B 259 -1.47 -37.79 18.00
N ARG B 260 -0.86 -36.81 17.32
CA ARG B 260 -0.64 -35.50 17.95
C ARG B 260 -1.94 -34.84 18.33
N ALA B 261 -2.93 -34.86 17.42
CA ALA B 261 -4.22 -34.25 17.71
C ALA B 261 -4.94 -34.95 18.85
N VAL B 262 -4.88 -36.28 18.89
CA VAL B 262 -5.53 -37.01 19.98
C VAL B 262 -4.86 -36.70 21.31
N GLN B 263 -3.53 -36.66 21.35
CA GLN B 263 -2.83 -36.39 22.60
C GLN B 263 -3.03 -34.95 23.06
N ALA B 264 -3.20 -34.00 22.13
CA ALA B 264 -3.42 -32.61 22.53
C ALA B 264 -4.81 -32.40 23.13
N GLY B 265 -5.78 -33.25 22.81
CA GLY B 265 -7.07 -33.18 23.45
C GLY B 265 -8.22 -32.67 22.60
N VAL B 266 -8.22 -33.00 21.30
CA VAL B 266 -9.35 -32.60 20.46
C VAL B 266 -10.58 -33.44 20.79
N THR B 267 -11.73 -32.96 20.35
CA THR B 267 -12.99 -33.62 20.69
C THR B 267 -13.31 -34.76 19.72
N SER B 268 -13.04 -34.56 18.43
CA SER B 268 -13.35 -35.56 17.42
C SER B 268 -12.26 -35.60 16.37
N ILE B 269 -12.15 -36.74 15.70
CA ILE B 269 -11.22 -36.96 14.60
C ILE B 269 -12.01 -37.33 13.36
N GLU B 270 -11.77 -36.63 12.27
CA GLU B 270 -12.47 -36.86 11.01
C GLU B 270 -11.61 -37.70 10.07
N HIS B 271 -12.28 -38.58 9.31
CA HIS B 271 -11.66 -39.47 8.33
C HIS B 271 -10.83 -40.56 9.01
N GLY B 272 -9.63 -40.22 9.47
CA GLY B 272 -8.78 -41.16 10.18
C GLY B 272 -8.40 -42.38 9.38
N THR B 273 -7.95 -42.17 8.14
CA THR B 273 -7.78 -43.27 7.19
C THR B 273 -6.71 -44.26 7.64
N TYR B 274 -5.61 -43.77 8.22
CA TYR B 274 -4.47 -44.60 8.57
C TYR B 274 -4.36 -44.82 10.07
N MET B 275 -5.50 -45.04 10.73
CA MET B 275 -5.51 -45.33 12.16
C MET B 275 -4.86 -46.68 12.42
N ASP B 276 -4.04 -46.76 13.48
CA ASP B 276 -3.41 -48.01 13.88
C ASP B 276 -3.81 -48.34 15.32
N ASP B 277 -3.17 -49.38 15.87
CA ASP B 277 -3.52 -49.86 17.19
C ASP B 277 -3.24 -48.83 18.28
N GLU B 278 -2.09 -48.16 18.21
CA GLU B 278 -1.73 -47.19 19.24
C GLU B 278 -2.68 -46.00 19.24
N VAL B 279 -3.06 -45.50 18.07
CA VAL B 279 -4.02 -44.40 18.00
C VAL B 279 -5.37 -44.85 18.55
N MET B 280 -5.77 -46.09 18.26
CA MET B 280 -7.02 -46.61 18.80
C MET B 280 -6.99 -46.67 20.33
N ARG B 281 -5.87 -47.14 20.90
CA ARG B 281 -5.75 -47.19 22.35
C ARG B 281 -5.81 -45.79 22.96
N LEU B 282 -5.11 -44.83 22.34
CA LEU B 282 -5.14 -43.46 22.84
C LEU B 282 -6.54 -42.86 22.77
N MET B 283 -7.25 -43.12 21.66
CA MET B 283 -8.60 -42.60 21.51
C MET B 283 -9.54 -43.22 22.55
N LYS B 284 -9.43 -44.51 22.79
CA LYS B 284 -10.26 -45.16 23.80
C LYS B 284 -9.96 -44.61 25.19
N GLN B 285 -8.68 -44.35 25.48
CA GLN B 285 -8.32 -43.82 26.78
C GLN B 285 -8.78 -42.36 26.95
N HIS B 286 -8.74 -41.57 25.89
CA HIS B 286 -9.08 -40.16 25.96
C HIS B 286 -10.55 -39.86 25.71
N GLY B 287 -11.33 -40.84 25.25
CA GLY B 287 -12.73 -40.59 24.96
C GLY B 287 -12.98 -39.80 23.69
N THR B 288 -12.08 -39.88 22.72
CA THR B 288 -12.22 -39.15 21.46
C THR B 288 -13.28 -39.81 20.58
N TRP B 289 -14.07 -38.97 19.91
CA TRP B 289 -15.06 -39.44 18.95
C TRP B 289 -14.44 -39.56 17.57
N TYR B 290 -14.97 -40.50 16.78
CA TYR B 290 -14.45 -40.80 15.44
C TYR B 290 -15.58 -40.66 14.43
N VAL B 291 -15.35 -39.86 13.40
CA VAL B 291 -16.30 -39.62 12.33
C VAL B 291 -15.67 -40.07 11.02
N PRO B 292 -16.08 -41.24 10.48
CA PRO B 292 -15.36 -41.83 9.34
C PRO B 292 -15.65 -41.22 7.97
N THR B 293 -16.89 -40.79 7.72
CA THR B 293 -17.31 -40.25 6.42
C THR B 293 -17.12 -41.27 5.30
N PHE B 294 -17.93 -42.34 5.37
CA PHE B 294 -17.95 -43.37 4.33
C PHE B 294 -18.26 -42.76 2.95
N TYR B 295 -19.23 -41.84 2.91
CA TYR B 295 -19.76 -41.36 1.65
C TYR B 295 -18.68 -40.67 0.82
N ALA B 296 -17.85 -39.84 1.45
CA ALA B 296 -16.82 -39.12 0.70
C ALA B 296 -15.83 -40.07 0.05
N GLY B 297 -15.39 -41.10 0.79
CA GLY B 297 -14.48 -42.07 0.21
C GLY B 297 -15.09 -42.84 -0.94
N ARG B 298 -16.33 -43.32 -0.74
CA ARG B 298 -16.99 -44.05 -1.82
C ARG B 298 -17.17 -43.18 -3.06
N PHE B 299 -17.61 -41.93 -2.88
CA PHE B 299 -17.83 -41.02 -3.99
C PHE B 299 -16.53 -40.74 -4.73
N VAL B 300 -15.44 -40.51 -4.01
CA VAL B 300 -14.17 -40.11 -4.69
C VAL B 300 -13.57 -41.34 -5.38
N THR B 301 -13.79 -42.55 -4.85
CA THR B 301 -13.30 -43.71 -5.60
C THR B 301 -14.15 -43.99 -6.84
N GLU B 302 -15.47 -43.80 -6.73
CA GLU B 302 -16.32 -44.01 -7.91
C GLU B 302 -16.02 -42.98 -8.98
N LYS B 303 -15.65 -41.76 -8.60
CA LYS B 303 -15.24 -40.76 -9.57
C LYS B 303 -13.75 -40.91 -9.89
N ALA B 304 -13.34 -42.13 -10.24
CA ALA B 304 -11.97 -42.40 -10.66
C ALA B 304 -11.99 -43.15 -11.98
N ALA B 305 -13.05 -43.92 -12.23
CA ALA B 305 -13.24 -44.54 -13.52
C ALA B 305 -13.48 -43.50 -14.61
N ILE B 306 -14.07 -42.36 -14.25
CA ILE B 306 -14.22 -41.25 -15.19
C ILE B 306 -12.85 -40.66 -15.49
N ASP B 307 -12.56 -40.46 -16.79
CA ASP B 307 -11.21 -40.12 -17.20
C ASP B 307 -10.80 -38.74 -16.69
N GLY B 308 -11.48 -37.69 -17.15
CA GLY B 308 -11.16 -36.36 -16.68
C GLY B 308 -12.14 -35.83 -15.64
N TYR B 309 -11.72 -35.85 -14.37
CA TYR B 309 -12.54 -35.29 -13.29
C TYR B 309 -11.70 -34.51 -12.30
N PHE B 310 -10.43 -34.89 -12.15
CA PHE B 310 -9.58 -34.33 -11.11
C PHE B 310 -8.28 -33.82 -11.70
N PRO B 311 -7.69 -32.79 -11.07
CA PRO B 311 -6.36 -32.34 -11.50
C PRO B 311 -5.31 -33.41 -11.24
N GLU B 312 -4.22 -33.35 -12.02
CA GLU B 312 -3.18 -34.36 -11.94
C GLU B 312 -2.46 -34.34 -10.58
N VAL B 313 -2.59 -33.27 -9.81
CA VAL B 313 -2.00 -33.22 -8.48
C VAL B 313 -2.87 -33.91 -7.45
N VAL B 314 -4.17 -34.02 -7.70
CA VAL B 314 -5.14 -34.53 -6.74
C VAL B 314 -5.46 -36.00 -7.01
N ARG B 315 -5.52 -36.39 -8.28
CA ARG B 315 -6.02 -37.72 -8.63
C ARG B 315 -5.28 -38.88 -7.98
N PRO B 316 -3.94 -38.91 -7.91
CA PRO B 316 -3.29 -40.02 -7.18
C PRO B 316 -3.71 -40.11 -5.72
N LYS B 317 -3.83 -38.97 -5.03
CA LYS B 317 -4.24 -38.99 -3.63
C LYS B 317 -5.68 -39.50 -3.50
N ALA B 318 -6.56 -39.07 -4.40
CA ALA B 318 -7.95 -39.52 -4.35
C ALA B 318 -8.06 -41.00 -4.66
N ALA B 319 -7.21 -41.53 -5.54
CA ALA B 319 -7.23 -42.96 -5.82
C ALA B 319 -6.64 -43.76 -4.68
N ARG B 320 -5.67 -43.21 -3.95
CA ARG B 320 -4.99 -43.96 -2.91
C ARG B 320 -5.77 -43.97 -1.60
N ILE B 321 -6.20 -42.80 -1.13
CA ILE B 321 -6.71 -42.71 0.24
C ILE B 321 -8.18 -43.14 0.33
N GLY B 322 -8.94 -43.03 -0.76
CA GLY B 322 -10.34 -43.37 -0.70
C GLY B 322 -10.58 -44.86 -0.57
N ALA B 323 -11.75 -45.19 -0.03
CA ALA B 323 -12.26 -46.56 0.12
C ALA B 323 -11.39 -47.43 1.03
N LEU B 324 -10.32 -46.86 1.60
CA LEU B 324 -9.63 -47.50 2.70
C LEU B 324 -10.27 -47.16 4.04
N ILE B 325 -11.24 -46.25 4.05
CA ILE B 325 -11.90 -45.82 5.28
C ILE B 325 -12.84 -46.91 5.80
N SER B 326 -13.46 -47.68 4.91
CA SER B 326 -14.44 -48.68 5.33
C SER B 326 -13.82 -49.72 6.27
N GLN B 327 -12.67 -50.27 5.89
CA GLN B 327 -12.00 -51.26 6.74
C GLN B 327 -11.52 -50.62 8.05
N THR B 328 -10.99 -49.41 7.98
CA THR B 328 -10.55 -48.73 9.20
C THR B 328 -11.71 -48.49 10.14
N ALA B 329 -12.86 -48.06 9.61
CA ALA B 329 -14.03 -47.83 10.46
C ALA B 329 -14.55 -49.13 11.05
N ALA B 330 -14.57 -50.21 10.27
CA ALA B 330 -15.00 -51.50 10.80
C ALA B 330 -14.07 -51.97 11.92
N LYS B 331 -12.76 -51.84 11.71
CA LYS B 331 -11.81 -52.23 12.74
C LYS B 331 -11.96 -51.37 13.99
N ALA B 332 -12.19 -50.07 13.82
CA ALA B 332 -12.38 -49.19 14.96
C ALA B 332 -13.64 -49.56 15.74
N TYR B 333 -14.73 -49.90 15.04
CA TYR B 333 -15.94 -50.33 15.72
C TYR B 333 -15.71 -51.63 16.48
N ARG B 334 -14.99 -52.57 15.87
CA ARG B 334 -14.69 -53.82 16.56
C ARG B 334 -13.79 -53.59 17.77
N ASN B 335 -12.93 -52.59 17.73
CA ASN B 335 -11.99 -52.33 18.81
C ASN B 335 -12.59 -51.51 19.95
N GLY B 336 -13.77 -50.92 19.76
CA GLY B 336 -14.42 -50.19 20.82
C GLY B 336 -14.31 -48.67 20.76
N VAL B 337 -13.91 -48.11 19.62
CA VAL B 337 -13.83 -46.66 19.48
C VAL B 337 -15.22 -46.10 19.24
N ARG B 338 -15.56 -45.03 19.96
CA ARG B 338 -16.86 -44.41 19.80
C ARG B 338 -16.99 -43.73 18.44
N ILE B 339 -18.08 -44.01 17.75
CA ILE B 339 -18.28 -43.58 16.37
C ILE B 339 -19.56 -42.75 16.29
N ALA B 340 -19.50 -41.64 15.54
CA ALA B 340 -20.63 -40.76 15.31
C ALA B 340 -20.84 -40.56 13.82
N PHE B 341 -22.00 -40.01 13.48
CA PHE B 341 -22.46 -39.93 12.09
C PHE B 341 -21.95 -38.68 11.40
N GLY B 342 -21.32 -38.86 10.25
CA GLY B 342 -20.88 -37.74 9.43
C GLY B 342 -20.64 -38.22 8.02
N THR B 343 -20.84 -37.32 7.06
CA THR B 343 -20.83 -37.69 5.64
C THR B 343 -19.81 -36.94 4.79
N ASN B 344 -19.36 -35.76 5.22
CA ASN B 344 -18.55 -34.87 4.39
C ASN B 344 -19.31 -34.45 3.12
N GLN B 345 -20.59 -34.12 3.29
CA GLN B 345 -21.39 -33.66 2.17
C GLN B 345 -20.91 -32.30 1.70
N GLY B 346 -21.06 -32.05 0.40
CA GLY B 346 -20.33 -31.04 -0.32
C GLY B 346 -19.27 -31.64 -1.23
N VAL B 347 -18.77 -32.83 -0.87
CA VAL B 347 -18.13 -33.69 -1.85
C VAL B 347 -19.18 -34.47 -2.61
N GLY B 348 -20.08 -35.15 -1.90
CA GLY B 348 -21.25 -35.74 -2.49
C GLY B 348 -22.39 -34.73 -2.59
N PRO B 349 -23.45 -35.13 -3.29
CA PRO B 349 -24.56 -34.20 -3.56
C PRO B 349 -25.47 -34.05 -2.35
N HIS B 350 -25.76 -32.81 -1.98
CA HIS B 350 -26.57 -32.52 -0.80
C HIS B 350 -27.97 -33.11 -0.96
N GLY B 351 -28.53 -33.56 0.16
CA GLY B 351 -29.80 -34.24 0.16
C GLY B 351 -29.72 -35.74 0.03
N ASP B 352 -28.53 -36.30 -0.15
CA ASP B 352 -28.31 -37.74 -0.26
C ASP B 352 -27.56 -38.29 0.94
N ASN B 353 -27.67 -37.63 2.09
CA ASN B 353 -26.86 -37.96 3.25
C ASN B 353 -27.22 -39.33 3.86
N ALA B 354 -28.43 -39.82 3.63
CA ALA B 354 -28.89 -41.02 4.31
C ALA B 354 -28.28 -42.31 3.77
N ARG B 355 -27.61 -42.27 2.62
CA ARG B 355 -26.93 -43.46 2.12
C ARG B 355 -25.75 -43.85 3.01
N GLU B 356 -25.28 -42.93 3.86
CA GLU B 356 -24.25 -43.28 4.82
C GLU B 356 -24.73 -44.34 5.80
N PHE B 357 -26.03 -44.36 6.11
CA PHE B 357 -26.57 -45.44 6.93
C PHE B 357 -26.37 -46.80 6.27
N VAL B 358 -26.67 -46.88 4.97
CA VAL B 358 -26.49 -48.12 4.24
C VAL B 358 -25.02 -48.51 4.15
N TYR B 359 -24.15 -47.52 3.97
CA TYR B 359 -22.71 -47.81 3.97
C TYR B 359 -22.24 -48.31 5.33
N MET B 360 -22.75 -47.72 6.41
CA MET B 360 -22.38 -48.14 7.75
C MET B 360 -22.82 -49.56 8.03
N VAL B 361 -24.06 -49.90 7.66
CA VAL B 361 -24.57 -51.25 7.92
C VAL B 361 -23.83 -52.27 7.07
N GLU B 362 -23.45 -51.90 5.85
CA GLU B 362 -22.72 -52.81 4.98
C GLU B 362 -21.36 -53.20 5.56
N ALA B 363 -20.77 -52.33 6.39
CA ALA B 363 -19.45 -52.56 6.94
C ALA B 363 -19.47 -53.38 8.22
N GLY B 364 -20.65 -53.72 8.74
CA GLY B 364 -20.77 -54.54 9.92
C GLY B 364 -21.33 -53.84 11.14
N ILE B 365 -21.56 -52.54 11.08
CA ILE B 365 -22.13 -51.82 12.22
C ILE B 365 -23.63 -52.11 12.28
N PRO B 366 -24.18 -52.44 13.44
CA PRO B 366 -25.61 -52.75 13.53
C PRO B 366 -26.47 -51.53 13.21
N ALA B 367 -27.70 -51.81 12.75
CA ALA B 367 -28.60 -50.74 12.35
C ALA B 367 -28.97 -49.85 13.54
N ALA B 368 -29.21 -50.43 14.70
CA ALA B 368 -29.58 -49.65 15.87
C ALA B 368 -28.45 -48.72 16.29
N TYR B 369 -27.21 -49.20 16.26
CA TYR B 369 -26.08 -48.34 16.58
C TYR B 369 -25.91 -47.25 15.52
N ALA B 370 -26.15 -47.59 14.25
CA ALA B 370 -26.06 -46.58 13.20
C ALA B 370 -27.08 -45.48 13.40
N LEU B 371 -28.28 -45.83 13.83
CA LEU B 371 -29.29 -44.81 14.12
C LEU B 371 -28.97 -44.03 15.40
N GLN B 372 -28.35 -44.68 16.39
CA GLN B 372 -27.97 -43.98 17.61
C GLN B 372 -26.82 -43.02 17.37
N ALA B 373 -25.95 -43.32 16.41
CA ALA B 373 -24.82 -42.45 16.12
C ALA B 373 -25.25 -41.11 15.54
N ALA B 374 -26.49 -41.00 15.07
CA ALA B 374 -26.99 -39.76 14.48
C ALA B 374 -27.91 -38.99 15.42
N THR B 375 -28.32 -39.56 16.55
CA THR B 375 -29.27 -38.90 17.42
C THR B 375 -28.69 -38.55 18.79
N VAL B 376 -28.27 -39.55 19.57
CA VAL B 376 -27.80 -39.33 20.98
C VAL B 376 -26.28 -39.10 21.02
N HIS B 377 -25.48 -39.83 20.25
CA HIS B 377 -24.04 -39.62 20.15
C HIS B 377 -23.72 -38.31 19.46
N ALA B 378 -24.52 -37.92 18.46
CA ALA B 378 -24.32 -36.63 17.81
C ALA B 378 -24.54 -35.48 18.78
N ALA B 379 -25.55 -35.60 19.65
CA ALA B 379 -25.77 -34.59 20.67
C ALA B 379 -24.60 -34.53 21.66
N GLN B 380 -24.04 -35.68 22.02
CA GLN B 380 -22.87 -35.69 22.88
C GLN B 380 -21.67 -35.02 22.20
N VAL B 381 -21.49 -35.28 20.91
CA VAL B 381 -20.39 -34.65 20.17
C VAL B 381 -20.57 -33.14 20.12
N LEU B 382 -21.80 -32.68 19.87
CA LEU B 382 -22.04 -31.25 19.80
C LEU B 382 -21.90 -30.57 21.15
N GLY B 383 -22.12 -31.30 22.24
CA GLY B 383 -22.09 -30.71 23.56
C GLY B 383 -23.38 -30.07 24.00
N VAL B 384 -24.51 -30.52 23.47
CA VAL B 384 -25.82 -29.99 23.84
C VAL B 384 -26.60 -31.07 24.58
N ASP B 385 -27.75 -30.68 25.13
CA ASP B 385 -28.57 -31.62 25.88
C ASP B 385 -30.06 -31.54 25.58
N ASP B 386 -30.51 -30.63 24.73
CA ASP B 386 -31.93 -30.43 24.47
C ASP B 386 -32.42 -31.16 23.22
N GLN B 387 -31.58 -31.97 22.59
CA GLN B 387 -31.96 -32.66 21.36
C GLN B 387 -31.37 -34.06 21.36
N GLY B 388 -31.89 -34.89 20.46
CA GLY B 388 -31.42 -36.25 20.25
C GLY B 388 -32.38 -37.31 20.73
N VAL B 389 -33.28 -36.97 21.66
CA VAL B 389 -34.25 -37.91 22.20
C VAL B 389 -35.62 -37.26 22.23
N LEU B 390 -36.65 -38.10 22.21
CA LEU B 390 -38.03 -37.64 22.32
C LEU B 390 -38.50 -37.76 23.77
N GLU B 391 -37.93 -36.90 24.60
CA GLU B 391 -38.19 -36.83 26.02
C GLU B 391 -38.80 -35.48 26.36
N PRO B 392 -39.54 -35.38 27.47
CA PRO B 392 -40.10 -34.09 27.87
C PRO B 392 -39.00 -33.05 28.10
N GLY B 393 -39.28 -31.82 27.67
CA GLY B 393 -38.32 -30.74 27.79
C GLY B 393 -37.34 -30.64 26.65
N LYS B 394 -37.35 -31.57 25.70
CA LYS B 394 -36.45 -31.54 24.57
C LYS B 394 -37.11 -30.86 23.38
N ARG B 395 -36.27 -30.47 22.41
CA ARG B 395 -36.78 -29.87 21.19
C ARG B 395 -37.62 -30.88 20.40
N ALA B 396 -38.64 -30.36 19.72
CA ALA B 396 -39.57 -31.21 18.95
C ALA B 396 -39.06 -31.33 17.52
N ASP B 397 -38.06 -32.18 17.35
CA ASP B 397 -37.52 -32.53 16.03
C ASP B 397 -37.89 -33.98 15.77
N VAL B 398 -38.97 -34.19 15.02
CA VAL B 398 -39.52 -35.52 14.79
C VAL B 398 -39.57 -35.77 13.29
N ILE B 399 -39.21 -36.99 12.89
CA ILE B 399 -39.34 -37.43 11.51
C ILE B 399 -40.03 -38.79 11.50
N ALA B 400 -40.46 -39.22 10.32
CA ALA B 400 -41.13 -40.49 10.17
C ALA B 400 -40.72 -41.14 8.85
N LEU B 401 -40.74 -42.48 8.85
CA LEU B 401 -40.37 -43.26 7.69
C LEU B 401 -41.50 -44.22 7.34
N ALA B 402 -41.59 -44.57 6.06
CA ALA B 402 -42.61 -45.51 5.61
C ALA B 402 -42.33 -46.92 6.13
N GLY B 403 -41.09 -47.36 6.02
CA GLY B 403 -40.70 -48.71 6.41
C GLY B 403 -39.97 -48.74 7.73
N ASN B 404 -39.44 -49.93 8.05
CA ASN B 404 -38.70 -50.15 9.28
C ASN B 404 -37.22 -50.32 8.96
N PRO B 405 -36.34 -49.43 9.44
CA PRO B 405 -34.92 -49.55 9.10
C PRO B 405 -34.21 -50.67 9.85
N LEU B 406 -34.78 -51.16 10.96
CA LEU B 406 -34.10 -52.18 11.74
C LEU B 406 -34.01 -53.50 10.98
N GLU B 407 -34.93 -53.75 10.05
CA GLU B 407 -34.88 -54.93 9.20
C GLU B 407 -34.36 -54.64 7.80
N ASP B 408 -34.75 -53.50 7.22
CA ASP B 408 -34.27 -53.08 5.90
C ASP B 408 -33.78 -51.63 6.03
N ILE B 409 -32.46 -51.46 6.08
CA ILE B 409 -31.87 -50.13 6.26
C ILE B 409 -32.17 -49.20 5.09
N ASN B 410 -32.65 -49.73 3.97
CA ASN B 410 -33.00 -48.88 2.84
C ASN B 410 -34.22 -48.01 3.11
N ALA B 411 -34.94 -48.24 4.21
CA ALA B 411 -36.09 -47.42 4.54
C ALA B 411 -35.72 -46.01 4.97
N VAL B 412 -34.44 -45.73 5.23
CA VAL B 412 -34.01 -44.38 5.57
C VAL B 412 -34.04 -43.44 4.38
N LEU B 413 -34.18 -43.97 3.17
CA LEU B 413 -34.20 -43.16 1.96
C LEU B 413 -35.58 -42.63 1.61
N ASP B 414 -36.60 -42.93 2.42
CA ASP B 414 -37.97 -42.50 2.18
C ASP B 414 -38.51 -41.86 3.46
N VAL B 415 -38.34 -40.55 3.60
CA VAL B 415 -38.82 -39.80 4.74
C VAL B 415 -40.15 -39.16 4.38
N ARG B 416 -41.17 -39.41 5.19
CA ARG B 416 -42.52 -38.92 4.93
C ARG B 416 -42.89 -37.69 5.75
N PHE B 417 -42.37 -37.58 6.98
CA PHE B 417 -42.74 -36.52 7.89
C PHE B 417 -41.47 -35.83 8.38
N VAL B 418 -41.51 -34.50 8.43
CA VAL B 418 -40.39 -33.70 8.94
C VAL B 418 -40.94 -32.59 9.81
N MET B 419 -40.53 -32.54 11.06
CA MET B 419 -40.87 -31.48 11.98
C MET B 419 -39.59 -30.94 12.61
N LYS B 420 -39.56 -29.64 12.86
CA LYS B 420 -38.39 -29.00 13.46
C LYS B 420 -38.85 -27.86 14.36
N ASP B 421 -38.56 -27.98 15.65
CA ASP B 421 -38.94 -27.00 16.66
C ASP B 421 -40.45 -26.77 16.69
N GLY B 422 -41.20 -27.85 16.48
CA GLY B 422 -42.65 -27.79 16.50
C GLY B 422 -43.30 -27.31 15.22
N VAL B 423 -42.53 -27.04 14.17
CA VAL B 423 -43.05 -26.57 12.89
C VAL B 423 -42.91 -27.69 11.89
N ILE B 424 -44.01 -28.01 11.19
CA ILE B 424 -44.03 -29.10 10.23
C ILE B 424 -43.59 -28.56 8.87
N TYR B 425 -42.55 -29.16 8.30
CA TYR B 425 -42.04 -28.76 7.00
C TYR B 425 -42.35 -29.76 5.90
N LYS B 426 -42.72 -30.98 6.24
CA LYS B 426 -43.04 -32.00 5.25
C LYS B 426 -44.06 -32.95 5.86
N GLN B 427 -45.20 -33.08 5.20
CA GLN B 427 -46.29 -33.89 5.72
C GLN B 427 -46.92 -34.76 4.63
N PRO C 22 -3.81 35.74 48.13
CA PRO C 22 -4.32 34.95 49.26
C PRO C 22 -5.82 35.17 49.50
N VAL C 23 -6.43 34.31 50.30
CA VAL C 23 -7.86 34.38 50.58
C VAL C 23 -8.13 33.56 51.83
N ALA C 24 -9.07 34.03 52.65
CA ALA C 24 -9.49 33.34 53.86
C ALA C 24 -10.91 32.85 53.67
N VAL C 25 -11.09 31.53 53.65
CA VAL C 25 -12.39 30.91 53.46
C VAL C 25 -12.95 30.53 54.83
N GLN C 26 -14.19 30.94 55.10
CA GLN C 26 -14.83 30.72 56.39
C GLN C 26 -15.93 29.68 56.24
N CYS C 27 -15.59 28.41 56.51
CA CYS C 27 -16.59 27.36 56.54
C CYS C 27 -17.39 27.38 57.83
N GLY C 28 -18.70 27.15 57.71
CA GLY C 28 -19.54 27.02 58.88
C GLY C 28 -19.37 25.68 59.57
N ARG C 29 -19.35 24.61 58.78
CA ARG C 29 -19.05 23.27 59.27
C ARG C 29 -18.03 22.62 58.34
N LEU C 30 -17.09 21.90 58.92
CA LEU C 30 -15.97 21.31 58.19
C LEU C 30 -16.01 19.79 58.33
N PHE C 31 -15.95 19.09 57.20
CA PHE C 31 -15.99 17.63 57.18
C PHE C 31 -14.56 17.10 57.13
N ASP C 32 -14.19 16.31 58.14
CA ASP C 32 -12.86 15.72 58.23
C ASP C 32 -12.85 14.40 57.50
N ALA C 33 -12.26 14.37 56.30
CA ALA C 33 -12.25 13.14 55.50
C ALA C 33 -11.38 12.07 56.13
N ARG C 34 -10.28 12.45 56.79
CA ARG C 34 -9.37 11.47 57.37
C ARG C 34 -10.04 10.65 58.45
N SER C 35 -10.96 11.26 59.21
CA SER C 35 -11.69 10.55 60.26
C SER C 35 -13.12 10.22 59.88
N GLY C 36 -13.84 11.15 59.25
CA GLY C 36 -15.20 10.89 58.84
C GLY C 36 -16.23 11.56 59.73
N GLN C 37 -15.84 12.67 60.37
CA GLN C 37 -16.71 13.37 61.30
C GLN C 37 -16.89 14.81 60.86
N LEU C 38 -18.02 15.40 61.25
CA LEU C 38 -18.32 16.79 60.98
C LEU C 38 -17.87 17.64 62.17
N LYS C 39 -16.89 18.51 61.94
CA LYS C 39 -16.36 19.36 63.00
C LYS C 39 -17.15 20.66 63.07
N GLY C 40 -16.65 21.63 63.82
CA GLY C 40 -17.30 22.91 63.98
C GLY C 40 -16.77 23.94 63.01
N PRO C 41 -17.01 25.22 63.31
CA PRO C 41 -16.55 26.29 62.42
C PRO C 41 -15.03 26.30 62.27
N HIS C 42 -14.58 26.69 61.09
CA HIS C 42 -13.15 26.72 60.78
C HIS C 42 -12.89 27.80 59.74
N THR C 43 -11.64 28.20 59.63
CA THR C 43 -11.21 29.20 58.66
C THR C 43 -10.03 28.66 57.86
N LEU C 44 -10.20 28.61 56.55
CA LEU C 44 -9.16 28.10 55.66
C LEU C 44 -8.31 29.24 55.12
N LEU C 45 -7.00 29.04 55.10
CA LEU C 45 -6.06 30.02 54.56
C LEU C 45 -5.43 29.45 53.30
N VAL C 46 -5.70 30.10 52.16
CA VAL C 46 -5.29 29.61 50.85
C VAL C 46 -4.32 30.60 50.23
N ALA C 47 -3.18 30.10 49.77
CA ALA C 47 -2.20 30.92 49.09
C ALA C 47 -1.37 30.05 48.17
N ASP C 48 -1.11 30.57 46.96
CA ASP C 48 -0.32 29.86 45.94
C ASP C 48 -0.95 28.53 45.56
N GLY C 49 -2.28 28.44 45.67
CA GLY C 49 -3.00 27.24 45.27
C GLY C 49 -2.99 26.11 46.28
N ARG C 50 -2.44 26.34 47.48
CA ARG C 50 -2.34 25.29 48.48
C ARG C 50 -2.95 25.79 49.79
N ILE C 51 -3.39 24.84 50.61
CA ILE C 51 -3.89 25.14 51.95
C ILE C 51 -2.69 25.29 52.88
N ARG C 52 -2.64 26.41 53.60
CA ARG C 52 -1.52 26.71 54.48
C ARG C 52 -1.85 26.62 55.96
N GLN C 53 -3.10 26.93 56.31
CA GLN C 53 -3.44 26.97 57.74
C GLN C 53 -4.92 26.67 57.98
N VAL C 54 -5.21 25.81 58.95
CA VAL C 54 -6.58 25.54 59.38
C VAL C 54 -6.69 25.94 60.84
N LEU C 55 -7.51 26.95 61.12
CA LEU C 55 -7.67 27.47 62.47
C LEU C 55 -9.12 27.34 62.90
N PRO C 56 -9.40 26.64 64.00
CA PRO C 56 -10.79 26.53 64.46
C PRO C 56 -11.33 27.88 64.91
N GLY C 57 -12.60 28.14 64.58
CA GLY C 57 -13.24 29.38 64.93
C GLY C 57 -12.85 30.54 64.02
N ALA C 65 -5.84 40.01 52.81
CA ALA C 65 -6.55 38.74 52.94
C ALA C 65 -8.05 38.94 52.77
N ARG C 66 -8.56 38.57 51.59
CA ARG C 66 -9.98 38.66 51.35
C ARG C 66 -10.74 37.59 52.15
N VAL C 67 -12.03 37.81 52.33
CA VAL C 67 -12.88 36.94 53.13
C VAL C 67 -14.00 36.40 52.25
N VAL C 68 -14.14 35.08 52.24
CA VAL C 68 -15.27 34.40 51.59
C VAL C 68 -16.14 33.83 52.68
N ASP C 69 -17.39 34.32 52.76
CA ASP C 69 -18.29 33.98 53.85
C ASP C 69 -19.15 32.79 53.45
N LEU C 70 -18.87 31.64 54.06
CA LEU C 70 -19.66 30.43 53.86
C LEU C 70 -20.11 29.85 55.20
N GLY C 71 -20.51 30.72 56.12
CA GLY C 71 -20.95 30.28 57.43
C GLY C 71 -22.26 29.52 57.43
N ASP C 72 -23.03 29.59 56.36
CA ASP C 72 -24.29 28.88 56.24
C ASP C 72 -24.15 27.53 55.55
N LYS C 73 -22.96 27.19 55.04
CA LYS C 73 -22.76 26.01 54.22
C LYS C 73 -21.81 25.03 54.89
N VAL C 74 -21.99 23.75 54.57
CA VAL C 74 -21.07 22.70 54.98
C VAL C 74 -19.92 22.67 53.99
N CYS C 75 -18.69 22.72 54.51
CA CYS C 75 -17.50 22.98 53.71
C CYS C 75 -16.69 21.68 53.59
N LEU C 76 -16.56 21.19 52.37
CA LEU C 76 -16.07 19.87 52.04
C LEU C 76 -14.89 19.94 51.07
N PRO C 77 -14.06 18.90 51.03
CA PRO C 77 -13.06 18.80 49.95
C PRO C 77 -13.70 18.43 48.62
N GLY C 78 -12.98 18.74 47.54
CA GLY C 78 -13.49 18.45 46.21
C GLY C 78 -13.54 16.96 45.95
N TRP C 79 -14.55 16.55 45.19
CA TRP C 79 -14.80 15.14 44.93
C TRP C 79 -13.97 14.65 43.74
N THR C 80 -13.76 13.34 43.70
CA THR C 80 -13.06 12.68 42.62
C THR C 80 -13.91 11.54 42.08
N ASP C 81 -14.15 11.54 40.77
CA ASP C 81 -14.88 10.47 40.10
C ASP C 81 -13.86 9.58 39.38
N LEU C 82 -13.78 8.32 39.78
CA LEU C 82 -12.74 7.43 39.31
C LEU C 82 -13.09 6.69 38.03
N HIS C 83 -14.27 6.92 37.46
CA HIS C 83 -14.66 6.24 36.23
C HIS C 83 -15.57 7.16 35.42
N VAL C 84 -14.98 7.89 34.46
CA VAL C 84 -15.74 8.75 33.57
C VAL C 84 -15.22 8.55 32.14
N HIS C 85 -16.05 8.96 31.18
CA HIS C 85 -15.69 8.98 29.76
C HIS C 85 -16.12 10.35 29.22
N LEU C 86 -15.23 11.33 29.31
CA LEU C 86 -15.59 12.70 28.97
C LEU C 86 -15.72 12.93 27.47
N GLY C 87 -15.25 12.01 26.65
CA GLY C 87 -15.30 12.14 25.21
C GLY C 87 -16.53 11.58 24.55
N SER C 88 -17.54 11.16 25.31
CA SER C 88 -18.74 10.60 24.73
C SER C 88 -19.88 10.70 25.74
N GLN C 89 -21.10 10.56 25.22
CA GLN C 89 -22.30 10.49 26.04
C GLN C 89 -23.33 9.64 25.30
N SER C 90 -23.83 8.60 25.97
CA SER C 90 -24.70 7.64 25.31
C SER C 90 -26.01 8.30 24.89
N SER C 91 -26.56 7.82 23.77
CA SER C 91 -27.76 8.39 23.18
C SER C 91 -28.36 7.35 22.25
N PRO C 92 -29.58 7.57 21.76
CA PRO C 92 -30.15 6.63 20.78
C PRO C 92 -29.34 6.49 19.50
N GLN C 93 -28.51 7.47 19.16
CA GLN C 93 -27.72 7.46 17.94
C GLN C 93 -26.25 7.14 18.19
N SER C 94 -25.91 6.61 19.37
CA SER C 94 -24.51 6.45 19.74
C SER C 94 -23.77 5.52 18.79
N TYR C 95 -24.39 4.40 18.42
CA TYR C 95 -23.69 3.40 17.61
C TYR C 95 -23.50 3.88 16.17
N SER C 96 -24.41 4.71 15.67
CA SER C 96 -24.26 5.20 14.30
C SER C 96 -23.18 6.28 14.21
N GLU C 97 -23.06 7.12 15.22
CA GLU C 97 -22.10 8.22 15.18
C GLU C 97 -20.70 7.76 15.54
N ASP C 98 -20.24 6.68 14.90
CA ASP C 98 -18.85 6.25 14.95
C ASP C 98 -18.24 6.20 13.57
N PHE C 99 -19.04 6.33 12.51
CA PHE C 99 -18.57 6.39 11.14
C PHE C 99 -18.84 7.72 10.48
N ARG C 100 -19.55 8.64 11.15
CA ARG C 100 -19.87 9.95 10.61
C ARG C 100 -19.16 11.10 11.32
N LEU C 101 -18.96 11.00 12.63
CA LEU C 101 -18.38 12.09 13.41
C LEU C 101 -16.87 11.98 13.48
N ASP C 102 -16.21 13.13 13.48
CA ASP C 102 -14.77 13.26 13.62
C ASP C 102 -14.41 13.61 15.04
N PRO C 103 -13.15 13.42 15.44
CA PRO C 103 -12.74 13.76 16.81
C PRO C 103 -12.92 15.22 17.18
N VAL C 104 -12.97 16.13 16.21
CA VAL C 104 -13.13 17.56 16.53
C VAL C 104 -14.52 17.83 17.09
N ASP C 105 -15.54 17.15 16.57
CA ASP C 105 -16.89 17.30 17.11
C ASP C 105 -16.96 16.78 18.55
N HIS C 106 -16.32 15.64 18.81
CA HIS C 106 -16.25 15.13 20.18
C HIS C 106 -15.51 16.10 21.09
N ALA C 107 -14.46 16.73 20.59
CA ALA C 107 -13.74 17.73 21.36
C ALA C 107 -14.64 18.93 21.69
N PHE C 108 -15.45 19.35 20.73
CA PHE C 108 -16.35 20.48 20.97
C PHE C 108 -17.44 20.13 21.98
N ARG C 109 -17.88 18.87 22.02
CA ARG C 109 -18.85 18.47 23.04
C ARG C 109 -18.21 18.31 24.42
N ALA C 110 -16.95 17.86 24.46
CA ALA C 110 -16.27 17.63 25.72
C ALA C 110 -16.08 18.91 26.52
N VAL C 111 -16.08 20.08 25.87
CA VAL C 111 -15.96 21.34 26.61
C VAL C 111 -17.15 21.53 27.55
N GLY C 112 -18.36 21.38 27.02
CA GLY C 112 -19.54 21.47 27.86
C GLY C 112 -19.62 20.35 28.87
N TYR C 113 -19.23 19.13 28.46
CA TYR C 113 -19.23 18.02 29.41
C TYR C 113 -18.33 18.31 30.60
N ALA C 114 -17.12 18.83 30.35
CA ALA C 114 -16.16 19.08 31.41
C ALA C 114 -16.62 20.23 32.30
N GLU C 115 -17.19 21.28 31.71
CA GLU C 115 -17.72 22.37 32.53
C GLU C 115 -18.84 21.89 33.45
N LYS C 116 -19.75 21.05 32.92
CA LYS C 116 -20.81 20.52 33.75
C LYS C 116 -20.26 19.65 34.87
N THR C 117 -19.26 18.82 34.57
CA THR C 117 -18.66 17.97 35.60
C THR C 117 -18.03 18.81 36.70
N LEU C 118 -17.27 19.85 36.33
CA LEU C 118 -16.64 20.69 37.34
C LEU C 118 -17.68 21.45 38.18
N MET C 119 -18.75 21.94 37.54
CA MET C 119 -19.79 22.65 38.29
C MET C 119 -20.60 21.73 39.19
N ALA C 120 -20.65 20.43 38.89
CA ALA C 120 -21.35 19.50 39.76
C ALA C 120 -20.63 19.26 41.08
N GLY C 121 -19.38 19.69 41.21
CA GLY C 121 -18.63 19.54 42.44
C GLY C 121 -17.43 18.63 42.36
N PHE C 122 -17.12 18.09 41.19
CA PHE C 122 -16.02 17.14 41.03
C PHE C 122 -14.81 17.86 40.44
N THR C 123 -13.79 18.05 41.25
CA THR C 123 -12.58 18.77 40.86
C THR C 123 -11.51 17.85 40.29
N SER C 124 -11.74 16.53 40.26
CA SER C 124 -10.78 15.58 39.73
C SER C 124 -11.52 14.38 39.21
N VAL C 125 -11.04 13.81 38.10
CA VAL C 125 -11.65 12.64 37.48
C VAL C 125 -10.55 11.74 36.93
N ARG C 126 -10.89 10.46 36.78
CA ARG C 126 -10.03 9.47 36.13
C ARG C 126 -10.74 9.00 34.87
N ASP C 127 -10.21 9.39 33.71
CA ASP C 127 -10.79 9.00 32.43
C ASP C 127 -10.26 7.63 32.03
N LEU C 128 -11.17 6.70 31.75
CA LEU C 128 -10.83 5.30 31.54
C LEU C 128 -11.06 4.84 30.10
N GLY C 129 -10.75 5.70 29.14
CA GLY C 129 -10.85 5.32 27.74
C GLY C 129 -11.26 6.45 26.82
N GLY C 130 -10.55 6.59 25.70
CA GLY C 130 -10.82 7.64 24.73
C GLY C 130 -9.57 8.40 24.33
N GLU C 131 -9.50 8.82 23.07
CA GLU C 131 -8.32 9.52 22.56
C GLU C 131 -8.42 11.03 22.65
N VAL C 132 -9.59 11.58 22.95
CA VAL C 132 -9.71 13.03 23.05
C VAL C 132 -9.32 13.52 24.44
N SER C 133 -9.43 12.65 25.44
CA SER C 133 -9.23 13.08 26.82
C SER C 133 -7.82 13.60 27.15
N PRO C 134 -6.73 12.99 26.68
CA PRO C 134 -5.41 13.61 26.94
C PRO C 134 -5.29 15.03 26.39
N HIS C 135 -5.84 15.28 25.21
CA HIS C 135 -5.83 16.63 24.66
C HIS C 135 -6.67 17.58 25.49
N LEU C 136 -7.82 17.11 25.98
CA LEU C 136 -8.64 17.93 26.87
C LEU C 136 -7.91 18.25 28.17
N ARG C 137 -7.19 17.26 28.71
CA ARG C 137 -6.40 17.49 29.91
C ARG C 137 -5.32 18.54 29.68
N ASP C 138 -4.63 18.45 28.54
CA ASP C 138 -3.60 19.44 28.23
C ASP C 138 -4.21 20.83 28.06
N ALA C 139 -5.37 20.92 27.41
CA ALA C 139 -6.04 22.20 27.22
C ALA C 139 -6.49 22.79 28.55
N ILE C 140 -7.03 21.97 29.45
CA ILE C 140 -7.47 22.47 30.74
C ILE C 140 -6.29 22.94 31.57
N ASN C 141 -5.19 22.19 31.54
CA ASN C 141 -4.02 22.57 32.32
C ASN C 141 -3.41 23.89 31.84
N GLN C 142 -3.56 24.21 30.55
CA GLN C 142 -3.04 25.46 30.00
C GLN C 142 -3.99 26.64 30.20
N GLY C 143 -5.18 26.41 30.75
CA GLY C 143 -6.14 27.49 30.95
C GLY C 143 -6.99 27.82 29.74
N LEU C 144 -6.97 27.00 28.70
CA LEU C 144 -7.76 27.29 27.52
C LEU C 144 -9.25 27.06 27.78
N VAL C 145 -9.59 25.97 28.46
CA VAL C 145 -10.97 25.65 28.79
C VAL C 145 -11.04 25.30 30.27
N ARG C 146 -12.25 25.33 30.82
CA ARG C 146 -12.49 25.05 32.22
C ARG C 146 -12.93 23.60 32.41
N GLY C 147 -12.45 22.99 33.49
CA GLY C 147 -12.78 21.61 33.79
C GLY C 147 -12.04 21.10 35.00
N PRO C 148 -12.25 19.85 35.35
CA PRO C 148 -11.55 19.25 36.49
C PRO C 148 -10.14 18.81 36.11
N ARG C 149 -9.42 18.30 37.11
CA ARG C 149 -8.11 17.71 36.90
C ARG C 149 -8.27 16.28 36.41
N ILE C 150 -7.73 15.98 35.23
CA ILE C 150 -7.99 14.72 34.53
C ILE C 150 -6.76 13.84 34.63
N PHE C 151 -6.97 12.58 35.01
CA PHE C 151 -5.98 11.51 34.90
C PHE C 151 -6.48 10.55 33.82
N ALA C 152 -5.77 10.51 32.70
CA ALA C 152 -6.26 9.87 31.48
C ALA C 152 -5.52 8.58 31.20
N ALA C 153 -6.26 7.55 30.80
CA ALA C 153 -5.67 6.26 30.42
C ALA C 153 -5.43 6.15 28.92
N GLY C 154 -6.14 6.90 28.11
CA GLY C 154 -5.93 6.85 26.67
C GLY C 154 -6.66 5.68 26.05
N LYS C 155 -5.96 4.95 25.19
CA LYS C 155 -6.55 3.78 24.53
C LYS C 155 -6.58 2.58 25.47
N SER C 156 -7.70 1.89 25.49
CA SER C 156 -7.80 0.66 26.25
C SER C 156 -7.02 -0.46 25.54
N ILE C 157 -6.58 -1.43 26.33
CA ILE C 157 -5.82 -2.56 25.83
C ILE C 157 -6.72 -3.80 25.89
N ALA C 158 -6.85 -4.50 24.77
CA ALA C 158 -7.72 -5.66 24.67
C ALA C 158 -7.04 -6.72 23.80
N THR C 159 -7.74 -7.83 23.61
CA THR C 159 -7.32 -8.90 22.71
C THR C 159 -8.18 -8.88 21.46
N THR C 160 -7.94 -9.82 20.56
CA THR C 160 -8.72 -9.90 19.34
C THR C 160 -10.15 -10.29 19.67
N GLY C 161 -11.10 -9.47 19.21
CA GLY C 161 -12.50 -9.68 19.55
C GLY C 161 -12.88 -9.26 20.95
N GLY C 162 -12.00 -8.56 21.66
CA GLY C 162 -12.27 -8.15 23.03
C GLY C 162 -13.25 -7.01 23.12
N HIS C 163 -13.58 -6.66 24.37
CA HIS C 163 -14.58 -5.62 24.62
C HIS C 163 -14.14 -4.27 24.08
N ALA C 164 -12.84 -4.00 24.05
CA ALA C 164 -12.32 -2.72 23.59
C ALA C 164 -11.74 -2.79 22.19
N ASP C 165 -11.99 -3.87 21.45
CA ASP C 165 -11.49 -3.98 20.09
C ASP C 165 -12.12 -2.90 19.21
N PRO C 166 -11.33 -2.04 18.58
CA PRO C 166 -11.91 -0.90 17.85
C PRO C 166 -12.69 -1.29 16.60
N THR C 167 -12.49 -2.48 16.05
CA THR C 167 -13.17 -2.89 14.82
C THR C 167 -14.15 -4.04 15.06
N ASN C 168 -14.75 -4.08 16.25
CA ASN C 168 -15.77 -5.09 16.53
C ASN C 168 -17.05 -4.75 15.78
N GLY C 169 -17.55 -5.72 15.02
CA GLY C 169 -18.82 -5.57 14.33
C GLY C 169 -18.77 -4.99 12.93
N TRP C 170 -17.60 -4.57 12.47
CA TRP C 170 -17.50 -4.00 11.13
C TRP C 170 -17.66 -5.08 10.07
N ASN C 171 -18.23 -4.69 8.92
CA ASN C 171 -18.34 -5.65 7.83
C ASN C 171 -16.96 -5.94 7.24
N GLU C 172 -16.88 -7.06 6.52
CA GLU C 172 -15.56 -7.58 6.12
C GLU C 172 -14.83 -6.61 5.19
N ARG C 173 -15.56 -5.77 4.45
CA ARG C 173 -14.90 -4.79 3.59
C ARG C 173 -14.13 -3.77 4.40
N LEU C 174 -14.79 -3.17 5.41
CA LEU C 174 -14.11 -2.18 6.24
C LEU C 174 -12.96 -2.80 7.01
N ALA C 175 -13.15 -4.02 7.53
CA ALA C 175 -12.08 -4.69 8.25
C ALA C 175 -10.89 -4.97 7.34
N HIS C 176 -11.17 -5.35 6.08
CA HIS C 176 -10.08 -5.60 5.14
C HIS C 176 -9.32 -4.31 4.83
N LEU C 177 -10.04 -3.21 4.60
CA LEU C 177 -9.34 -1.96 4.30
C LEU C 177 -8.53 -1.47 5.49
N VAL C 178 -9.09 -1.50 6.69
CA VAL C 178 -8.41 -0.95 7.85
C VAL C 178 -7.32 -1.88 8.39
N GLY C 179 -7.34 -3.16 8.02
CA GLY C 179 -6.36 -4.10 8.49
C GLY C 179 -6.66 -4.58 9.90
N ALA C 180 -5.97 -5.65 10.28
CA ALA C 180 -6.14 -6.19 11.64
C ALA C 180 -5.40 -5.31 12.64
N PRO C 181 -6.07 -4.85 13.70
CA PRO C 181 -5.40 -4.00 14.67
C PRO C 181 -4.30 -4.73 15.43
N GLY C 182 -3.29 -3.97 15.84
CA GLY C 182 -2.16 -4.52 16.56
C GLY C 182 -1.88 -3.76 17.84
N PRO C 183 -0.67 -3.92 18.38
CA PRO C 183 -0.33 -3.24 19.64
C PRO C 183 -0.44 -1.72 19.58
N ALA C 184 -0.10 -1.10 18.44
CA ALA C 184 -0.22 0.33 18.33
C ALA C 184 -1.67 0.79 18.44
N GLU C 185 -2.61 -0.07 18.05
CA GLU C 185 -4.03 0.21 18.20
C GLU C 185 -4.59 -0.30 19.53
N GLY C 186 -3.80 -1.04 20.30
CA GLY C 186 -4.23 -1.52 21.61
C GLY C 186 -4.68 -2.96 21.67
N VAL C 187 -4.49 -3.74 20.61
CA VAL C 187 -4.94 -5.13 20.56
C VAL C 187 -3.72 -6.03 20.64
N VAL C 188 -3.64 -6.85 21.68
CA VAL C 188 -2.48 -7.67 21.96
C VAL C 188 -2.90 -9.13 22.09
N ASN C 189 -1.96 -10.03 21.76
CA ASN C 189 -2.22 -11.46 21.87
C ASN C 189 -1.04 -12.24 22.42
N SER C 190 -0.04 -11.57 22.99
CA SER C 190 1.12 -12.24 23.56
C SER C 190 1.76 -11.32 24.58
N VAL C 191 2.83 -11.80 25.21
CA VAL C 191 3.53 -11.04 26.24
C VAL C 191 4.27 -9.86 25.64
N ASP C 192 5.00 -10.10 24.53
CA ASP C 192 5.76 -9.03 23.90
C ASP C 192 4.83 -7.96 23.33
N GLU C 193 3.70 -8.37 22.77
CA GLU C 193 2.73 -7.40 22.26
C GLU C 193 2.15 -6.56 23.39
N ALA C 194 1.92 -7.17 24.56
CA ALA C 194 1.43 -6.41 25.70
C ALA C 194 2.46 -5.39 26.18
N ARG C 195 3.73 -5.79 26.22
CA ARG C 195 4.79 -4.85 26.58
C ARG C 195 4.84 -3.69 25.60
N GLN C 196 4.75 -3.97 24.30
CA GLN C 196 4.77 -2.92 23.30
C GLN C 196 3.55 -2.01 23.43
N ALA C 197 2.39 -2.57 23.76
CA ALA C 197 1.19 -1.76 23.93
C ALA C 197 1.31 -0.81 25.12
N VAL C 198 1.85 -1.29 26.24
CA VAL C 198 2.06 -0.41 27.39
C VAL C 198 3.03 0.70 27.03
N ARG C 199 4.11 0.37 26.32
CA ARG C 199 5.06 1.40 25.89
C ARG C 199 4.43 2.39 24.92
N GLN C 200 3.53 1.93 24.05
CA GLN C 200 2.84 2.81 23.12
C GLN C 200 1.91 3.77 23.86
N ARG C 201 1.21 3.29 24.90
CA ARG C 201 0.39 4.18 25.69
C ARG C 201 1.23 5.21 26.44
N TYR C 202 2.40 4.79 26.95
CA TYR C 202 3.31 5.75 27.57
C TYR C 202 3.77 6.80 26.57
N LYS C 203 4.06 6.38 25.34
CA LYS C 203 4.52 7.30 24.30
C LYS C 203 3.44 8.33 23.96
N GLU C 204 2.18 7.95 24.01
CA GLU C 204 1.08 8.84 23.63
C GLU C 204 0.65 9.77 24.76
N GLY C 205 1.27 9.68 25.93
CA GLY C 205 1.00 10.61 27.01
C GLY C 205 -0.10 10.18 27.96
N SER C 206 -0.10 8.90 28.34
CA SER C 206 -1.11 8.39 29.26
C SER C 206 -0.62 8.49 30.70
N ASP C 207 -1.57 8.50 31.63
CA ASP C 207 -1.26 8.55 33.06
C ASP C 207 -1.43 7.20 33.74
N LEU C 208 -2.17 6.28 33.14
CA LEU C 208 -2.37 4.95 33.69
C LEU C 208 -2.74 4.02 32.54
N ILE C 209 -3.02 2.77 32.89
CA ILE C 209 -3.36 1.75 31.89
C ILE C 209 -4.74 1.15 32.19
N KCX C 210 -5.55 0.96 31.15
CA KCX C 210 -6.84 0.29 31.28
CB KCX C 210 -7.97 1.27 30.95
CG KCX C 210 -9.07 1.34 32.00
CD KCX C 210 -10.08 0.21 31.87
CE KCX C 210 -11.31 0.66 31.09
NZ KCX C 210 -12.52 -0.13 31.46
C KCX C 210 -6.94 -0.92 30.37
O KCX C 210 -6.65 -0.84 29.18
CX KCX C 210 -13.73 0.42 31.40
OQ1 KCX C 210 -13.87 1.60 31.04
OQ2 KCX C 210 -14.72 -0.25 31.71
N ILE C 211 -7.32 -2.06 30.95
CA ILE C 211 -7.54 -3.28 30.16
C ILE C 211 -8.97 -3.78 30.36
N THR C 212 -9.47 -4.54 29.39
CA THR C 212 -10.77 -5.19 29.47
C THR C 212 -10.54 -6.67 29.65
N ALA C 213 -10.67 -7.15 30.90
CA ALA C 213 -10.36 -8.54 31.21
C ALA C 213 -11.43 -9.50 30.71
N THR C 214 -12.69 -9.07 30.68
CA THR C 214 -13.76 -9.91 30.16
C THR C 214 -14.51 -9.17 29.05
N GLY C 215 -15.60 -9.76 28.57
CA GLY C 215 -16.45 -9.06 27.63
C GLY C 215 -17.33 -8.04 28.32
N GLY C 216 -18.04 -7.27 27.51
CA GLY C 216 -18.85 -6.20 28.05
C GLY C 216 -20.32 -6.35 27.76
N VAL C 217 -21.08 -5.30 28.03
CA VAL C 217 -22.52 -5.30 27.76
C VAL C 217 -22.92 -4.30 26.69
N LEU C 218 -22.09 -3.29 26.40
CA LEU C 218 -22.44 -2.25 25.44
C LEU C 218 -21.68 -2.36 24.13
N SER C 219 -20.75 -3.31 24.02
CA SER C 219 -20.00 -3.49 22.78
C SER C 219 -20.78 -4.36 21.81
N TYR C 220 -20.37 -4.31 20.54
CA TYR C 220 -20.99 -5.10 19.48
C TYR C 220 -20.30 -6.46 19.39
N ALA C 221 -20.56 -7.30 20.39
CA ALA C 221 -19.96 -8.62 20.47
C ALA C 221 -20.97 -9.57 21.12
N ARG C 222 -20.59 -10.84 21.21
CA ARG C 222 -21.48 -11.88 21.72
C ARG C 222 -21.35 -12.08 23.22
N SER C 223 -20.15 -12.38 23.69
CA SER C 223 -19.93 -12.71 25.10
C SER C 223 -19.83 -11.45 25.94
N GLY C 224 -20.20 -11.59 27.21
CA GLY C 224 -20.13 -10.49 28.16
C GLY C 224 -19.41 -10.85 29.45
N ASP C 225 -19.19 -12.15 29.68
CA ASP C 225 -18.50 -12.60 30.88
C ASP C 225 -17.53 -13.73 30.56
N ALA C 226 -16.83 -13.64 29.39
CA ALA C 226 -15.88 -14.72 29.16
C ALA C 226 -14.45 -14.24 29.39
N PRO C 227 -13.55 -15.11 29.83
CA PRO C 227 -12.15 -14.70 30.07
C PRO C 227 -11.46 -14.39 28.74
N GLN C 228 -10.97 -13.16 28.61
CA GLN C 228 -10.38 -12.70 27.37
C GLN C 228 -8.89 -12.43 27.47
N PHE C 229 -8.32 -12.46 28.68
CA PHE C 229 -6.89 -12.35 28.88
C PHE C 229 -6.39 -13.61 29.58
N THR C 230 -5.19 -14.04 29.24
CA THR C 230 -4.52 -15.06 30.03
C THR C 230 -3.76 -14.40 31.17
N VAL C 231 -3.44 -15.20 32.19
CA VAL C 231 -2.76 -14.65 33.36
C VAL C 231 -1.39 -14.09 32.97
N ASP C 232 -0.71 -14.76 32.03
CA ASP C 232 0.61 -14.29 31.60
C ASP C 232 0.53 -12.92 30.92
N GLU C 233 -0.50 -12.71 30.09
CA GLU C 233 -0.64 -11.41 29.43
C GLU C 233 -0.89 -10.29 30.43
N ILE C 234 -1.76 -10.54 31.42
CA ILE C 234 -2.03 -9.51 32.42
C ILE C 234 -0.79 -9.26 33.27
N LYS C 235 -0.05 -10.31 33.60
CA LYS C 235 1.18 -10.12 34.37
C LYS C 235 2.20 -9.32 33.59
N ALA C 236 2.30 -9.56 32.28
CA ALA C 236 3.20 -8.78 31.44
C ALA C 236 2.77 -7.31 31.42
N VAL C 237 1.46 -7.06 31.30
CA VAL C 237 0.97 -5.68 31.31
C VAL C 237 1.32 -4.99 32.62
N VAL C 238 1.06 -5.67 33.74
CA VAL C 238 1.32 -5.08 35.06
C VAL C 238 2.81 -4.83 35.26
N ASP C 239 3.65 -5.79 34.86
CA ASP C 239 5.09 -5.64 35.03
C ASP C 239 5.64 -4.49 34.17
N THR C 240 5.18 -4.36 32.94
CA THR C 240 5.61 -3.24 32.11
C THR C 240 5.12 -1.91 32.67
N ALA C 241 3.88 -1.88 33.15
CA ALA C 241 3.32 -0.64 33.67
C ALA C 241 4.02 -0.19 34.95
N ARG C 242 4.50 -1.14 35.76
CA ARG C 242 5.20 -0.78 36.98
C ARG C 242 6.52 -0.06 36.70
N ASP C 243 7.15 -0.34 35.56
CA ASP C 243 8.41 0.33 35.22
C ASP C 243 8.20 1.82 34.96
N TYR C 244 7.09 2.17 34.34
CA TYR C 244 6.79 3.55 33.97
C TYR C 244 5.99 4.28 35.02
N GLY C 245 5.76 3.66 36.18
CA GLY C 245 5.00 4.31 37.24
C GLY C 245 3.51 4.31 37.05
N PHE C 246 2.97 3.41 36.24
CA PHE C 246 1.55 3.37 35.96
C PHE C 246 0.81 2.39 36.88
N ARG C 247 -0.48 2.63 37.03
CA ARG C 247 -1.40 1.71 37.69
C ARG C 247 -2.36 1.16 36.64
N VAL C 248 -2.90 -0.02 36.91
CA VAL C 248 -3.73 -0.75 35.97
C VAL C 248 -5.13 -0.90 36.53
N ALA C 249 -6.13 -0.53 35.74
CA ALA C 249 -7.53 -0.73 36.06
C ALA C 249 -8.12 -1.75 35.09
N ALA C 250 -8.87 -2.71 35.63
CA ALA C 250 -9.38 -3.83 34.85
C ALA C 250 -10.90 -3.83 34.81
N HIS C 251 -11.44 -3.80 33.59
CA HIS C 251 -12.85 -4.04 33.35
C HIS C 251 -13.13 -5.54 33.46
N ALA C 252 -14.11 -5.92 34.27
CA ALA C 252 -14.39 -7.34 34.49
C ALA C 252 -15.81 -7.52 34.97
N HIS C 253 -16.60 -8.31 34.24
CA HIS C 253 -17.92 -8.74 34.68
C HIS C 253 -17.93 -10.17 35.18
N GLY C 254 -17.34 -11.11 34.40
CA GLY C 254 -17.35 -12.50 34.79
C GLY C 254 -16.34 -12.82 35.87
N THR C 255 -16.51 -14.01 36.46
CA THR C 255 -15.74 -14.41 37.63
C THR C 255 -14.32 -14.83 37.26
N GLU C 256 -14.14 -15.55 36.16
CA GLU C 256 -12.81 -16.07 35.84
C GLU C 256 -11.85 -14.97 35.40
N GLY C 257 -12.32 -14.05 34.57
CA GLY C 257 -11.48 -12.91 34.20
C GLY C 257 -11.17 -12.01 35.38
N MET C 258 -12.15 -11.80 36.26
CA MET C 258 -11.91 -11.03 37.47
C MET C 258 -10.86 -11.70 38.35
N LYS C 259 -10.93 -13.02 38.50
CA LYS C 259 -9.95 -13.75 39.28
C LYS C 259 -8.56 -13.64 38.67
N ARG C 260 -8.46 -13.77 37.34
CA ARG C 260 -7.16 -13.66 36.68
C ARG C 260 -6.57 -12.27 36.87
N ALA C 261 -7.39 -11.23 36.70
CA ALA C 261 -6.90 -9.86 36.87
C ALA C 261 -6.47 -9.59 38.31
N VAL C 262 -7.23 -10.09 39.28
CA VAL C 262 -6.87 -9.89 40.68
C VAL C 262 -5.56 -10.60 41.01
N GLN C 263 -5.40 -11.83 40.52
CA GLN C 263 -4.19 -12.58 40.82
C GLN C 263 -2.97 -12.00 40.11
N ALA C 264 -3.15 -11.39 38.94
CA ALA C 264 -2.02 -10.79 38.24
C ALA C 264 -1.52 -9.51 38.92
N GLY C 265 -2.38 -8.84 39.69
CA GLY C 265 -1.93 -7.70 40.47
C GLY C 265 -2.40 -6.34 40.00
N VAL C 266 -3.63 -6.25 39.47
CA VAL C 266 -4.15 -4.95 39.07
C VAL C 266 -4.50 -4.12 40.32
N THR C 267 -4.65 -2.82 40.11
CA THR C 267 -4.89 -1.91 41.22
C THR C 267 -6.37 -1.83 41.59
N SER C 268 -7.26 -1.84 40.59
CA SER C 268 -8.69 -1.73 40.84
C SER C 268 -9.45 -2.60 39.87
N ILE C 269 -10.66 -2.98 40.27
CA ILE C 269 -11.59 -3.76 39.46
C ILE C 269 -12.86 -2.95 39.27
N GLU C 270 -13.29 -2.79 38.03
CA GLU C 270 -14.48 -2.02 37.70
C GLU C 270 -15.66 -2.96 37.46
N HIS C 271 -16.85 -2.52 37.89
CA HIS C 271 -18.12 -3.24 37.75
C HIS C 271 -18.17 -4.47 38.65
N GLY C 272 -17.48 -5.54 38.26
CA GLY C 272 -17.41 -6.74 39.07
C GLY C 272 -18.76 -7.38 39.35
N THR C 273 -19.57 -7.55 38.31
CA THR C 273 -20.98 -7.93 38.50
C THR C 273 -21.13 -9.32 39.12
N TYR C 274 -20.28 -10.27 38.71
CA TYR C 274 -20.40 -11.66 39.12
C TYR C 274 -19.33 -12.05 40.13
N MET C 275 -19.03 -11.16 41.07
CA MET C 275 -18.09 -11.46 42.13
C MET C 275 -18.64 -12.55 43.04
N ASP C 276 -17.78 -13.48 43.44
CA ASP C 276 -18.15 -14.55 44.37
C ASP C 276 -17.24 -14.50 45.60
N ASP C 277 -17.37 -15.52 46.45
CA ASP C 277 -16.64 -15.53 47.71
C ASP C 277 -15.13 -15.63 47.50
N GLU C 278 -14.69 -16.47 46.56
CA GLU C 278 -13.26 -16.64 46.34
C GLU C 278 -12.61 -15.36 45.81
N VAL C 279 -13.28 -14.67 44.88
CA VAL C 279 -12.76 -13.41 44.37
C VAL C 279 -12.71 -12.38 45.50
N MET C 280 -13.71 -12.37 46.37
CA MET C 280 -13.71 -11.45 47.50
C MET C 280 -12.53 -11.72 48.43
N ARG C 281 -12.26 -13.00 48.72
CA ARG C 281 -11.12 -13.35 49.57
C ARG C 281 -9.81 -12.92 48.93
N LEU C 282 -9.66 -13.17 47.63
CA LEU C 282 -8.44 -12.77 46.94
C LEU C 282 -8.26 -11.27 46.94
N MET C 283 -9.35 -10.52 46.72
CA MET C 283 -9.27 -9.07 46.73
C MET C 283 -8.89 -8.53 48.11
N LYS C 284 -9.48 -9.11 49.16
CA LYS C 284 -9.13 -8.68 50.52
C LYS C 284 -7.67 -8.99 50.83
N GLN C 285 -7.17 -10.15 50.37
CA GLN C 285 -5.79 -10.50 50.62
C GLN C 285 -4.82 -9.63 49.82
N HIS C 286 -5.19 -9.25 48.61
CA HIS C 286 -4.30 -8.48 47.73
C HIS C 286 -4.46 -6.97 47.89
N GLY C 287 -5.47 -6.50 48.59
CA GLY C 287 -5.68 -5.06 48.73
C GLY C 287 -6.21 -4.39 47.49
N THR C 288 -6.98 -5.11 46.67
CA THR C 288 -7.54 -4.55 45.45
C THR C 288 -8.72 -3.64 45.78
N TRP C 289 -8.82 -2.54 45.04
CA TRP C 289 -9.94 -1.62 45.16
C TRP C 289 -11.07 -2.04 44.22
N TYR C 290 -12.31 -1.74 44.63
CA TYR C 290 -13.49 -2.12 43.88
C TYR C 290 -14.32 -0.87 43.58
N VAL C 291 -14.63 -0.67 42.30
CA VAL C 291 -15.42 0.47 41.84
C VAL C 291 -16.68 -0.08 41.17
N PRO C 292 -17.84 0.00 41.84
CA PRO C 292 -19.03 -0.70 41.36
C PRO C 292 -19.79 -0.03 40.20
N THR C 293 -19.84 1.30 40.17
CA THR C 293 -20.58 2.08 39.16
C THR C 293 -22.08 1.73 39.18
N PHE C 294 -22.72 2.13 40.29
CA PHE C 294 -24.17 1.97 40.42
C PHE C 294 -24.92 2.65 39.28
N TYR C 295 -24.49 3.86 38.92
CA TYR C 295 -25.24 4.70 38.01
C TYR C 295 -25.40 4.04 36.64
N ALA C 296 -24.33 3.44 36.12
CA ALA C 296 -24.39 2.83 34.80
C ALA C 296 -25.41 1.69 34.77
N GLY C 297 -25.41 0.84 35.80
CA GLY C 297 -26.36 -0.24 35.84
C GLY C 297 -27.79 0.24 35.94
N ARG C 298 -28.04 1.21 36.83
CA ARG C 298 -29.39 1.76 36.97
C ARG C 298 -29.86 2.39 35.66
N PHE C 299 -29.00 3.18 35.01
CA PHE C 299 -29.37 3.85 33.77
C PHE C 299 -29.66 2.83 32.67
N VAL C 300 -28.85 1.78 32.55
CA VAL C 300 -29.06 0.83 31.42
C VAL C 300 -30.30 -0.02 31.70
N THR C 301 -30.62 -0.31 32.97
CA THR C 301 -31.87 -1.02 33.21
C THR C 301 -33.08 -0.13 32.97
N GLU C 302 -33.01 1.14 33.36
CA GLU C 302 -34.14 2.04 33.11
C GLU C 302 -34.35 2.26 31.63
N LYS C 303 -33.27 2.25 30.84
CA LYS C 303 -33.41 2.33 29.39
C LYS C 303 -33.64 0.95 28.80
N ALA C 304 -34.61 0.22 29.33
CA ALA C 304 -34.99 -1.08 28.80
C ALA C 304 -36.50 -1.12 28.57
N ALA C 305 -37.23 -0.34 29.37
CA ALA C 305 -38.66 -0.17 29.12
C ALA C 305 -38.92 0.55 27.81
N ILE C 306 -38.00 1.41 27.38
CA ILE C 306 -38.09 2.06 26.09
C ILE C 306 -37.86 1.02 24.99
N ASP C 307 -38.75 1.01 23.99
CA ASP C 307 -38.75 -0.08 23.02
C ASP C 307 -37.48 -0.09 22.17
N GLY C 308 -37.27 0.96 21.37
CA GLY C 308 -36.07 1.03 20.57
C GLY C 308 -35.01 1.95 21.15
N TYR C 309 -33.98 1.38 21.76
CA TYR C 309 -32.86 2.16 22.27
C TYR C 309 -31.52 1.48 22.00
N PHE C 310 -31.53 0.15 21.92
CA PHE C 310 -30.29 -0.61 21.83
C PHE C 310 -30.34 -1.57 20.65
N PRO C 311 -29.18 -1.88 20.07
CA PRO C 311 -29.14 -2.91 19.03
C PRO C 311 -29.49 -4.28 19.59
N GLU C 312 -29.98 -5.16 18.70
CA GLU C 312 -30.42 -6.49 19.13
C GLU C 312 -29.28 -7.35 19.66
N VAL C 313 -28.03 -6.99 19.38
CA VAL C 313 -26.90 -7.72 19.93
C VAL C 313 -26.57 -7.28 21.34
N VAL C 314 -26.94 -6.07 21.72
CA VAL C 314 -26.56 -5.49 23.00
C VAL C 314 -27.69 -5.61 24.03
N ARG C 315 -28.94 -5.50 23.58
CA ARG C 315 -30.06 -5.41 24.52
C ARG C 315 -30.18 -6.58 25.49
N PRO C 316 -30.04 -7.85 25.08
CA PRO C 316 -30.06 -8.92 26.09
C PRO C 316 -28.99 -8.78 27.16
N LYS C 317 -27.77 -8.41 26.78
CA LYS C 317 -26.71 -8.22 27.77
C LYS C 317 -27.02 -7.08 28.72
N ALA C 318 -27.55 -5.97 28.19
CA ALA C 318 -27.91 -4.84 29.03
C ALA C 318 -29.06 -5.16 29.96
N ALA C 319 -29.99 -6.00 29.53
CA ALA C 319 -31.08 -6.40 30.41
C ALA C 319 -30.61 -7.39 31.47
N ARG C 320 -29.61 -8.21 31.15
CA ARG C 320 -29.18 -9.26 32.07
C ARG C 320 -28.22 -8.73 33.14
N ILE C 321 -27.18 -8.01 32.70
CA ILE C 321 -26.08 -7.71 33.63
C ILE C 321 -26.38 -6.50 34.49
N GLY C 322 -27.25 -5.59 34.04
CA GLY C 322 -27.53 -4.40 34.81
C GLY C 322 -28.35 -4.67 36.06
N ALA C 323 -28.21 -3.77 37.03
CA ALA C 323 -28.96 -3.78 38.29
C ALA C 323 -28.69 -5.00 39.16
N LEU C 324 -27.80 -5.89 38.71
CA LEU C 324 -27.25 -6.91 39.58
C LEU C 324 -26.03 -6.41 40.34
N ILE C 325 -25.55 -5.20 40.01
CA ILE C 325 -24.39 -4.62 40.67
C ILE C 325 -24.70 -4.19 42.10
N SER C 326 -25.93 -3.74 42.35
CA SER C 326 -26.26 -3.21 43.67
C SER C 326 -26.10 -4.25 44.76
N GLN C 327 -26.63 -5.47 44.54
CA GLN C 327 -26.49 -6.53 45.53
C GLN C 327 -25.04 -6.97 45.67
N THR C 328 -24.32 -7.05 44.55
CA THR C 328 -22.90 -7.42 44.62
C THR C 328 -22.10 -6.39 45.42
N ALA C 329 -22.36 -5.10 45.19
CA ALA C 329 -21.65 -4.07 45.92
C ALA C 329 -22.01 -4.08 47.40
N ALA C 330 -23.28 -4.31 47.73
CA ALA C 330 -23.67 -4.40 49.13
C ALA C 330 -23.00 -5.59 49.82
N LYS C 331 -22.96 -6.74 49.14
CA LYS C 331 -22.29 -7.91 49.70
C LYS C 331 -20.81 -7.67 49.86
N ALA C 332 -20.17 -7.01 48.89
CA ALA C 332 -18.75 -6.72 49.00
C ALA C 332 -18.46 -5.77 50.16
N TYR C 333 -19.32 -4.77 50.37
CA TYR C 333 -19.13 -3.88 51.51
C TYR C 333 -19.30 -4.63 52.82
N ARG C 334 -20.29 -5.52 52.90
CA ARG C 334 -20.46 -6.31 54.11
C ARG C 334 -19.28 -7.25 54.35
N ASN C 335 -18.65 -7.73 53.29
CA ASN C 335 -17.55 -8.68 53.41
C ASN C 335 -16.21 -8.02 53.69
N GLY C 336 -16.10 -6.70 53.57
CA GLY C 336 -14.87 -6.00 53.88
C GLY C 336 -14.01 -5.61 52.70
N VAL C 337 -14.53 -5.62 51.48
CA VAL C 337 -13.77 -5.21 50.31
C VAL C 337 -13.74 -3.69 50.25
N ARG C 338 -12.56 -3.13 50.00
CA ARG C 338 -12.40 -1.69 49.91
C ARG C 338 -13.10 -1.15 48.66
N ILE C 339 -13.90 -0.11 48.84
CA ILE C 339 -14.76 0.41 47.79
C ILE C 339 -14.44 1.89 47.58
N ALA C 340 -14.36 2.30 46.31
CA ALA C 340 -14.10 3.68 45.93
C ALA C 340 -15.18 4.17 44.98
N PHE C 341 -15.21 5.49 44.78
CA PHE C 341 -16.31 6.15 44.07
C PHE C 341 -16.06 6.18 42.56
N GLY C 342 -17.04 5.69 41.80
CA GLY C 342 -16.99 5.77 40.36
C GLY C 342 -18.37 5.60 39.78
N THR C 343 -18.61 6.23 38.63
CA THR C 343 -19.95 6.31 38.06
C THR C 343 -20.09 5.72 36.66
N ASN C 344 -19.00 5.63 35.89
CA ASN C 344 -19.06 5.28 34.47
C ASN C 344 -19.88 6.32 33.69
N GLN C 345 -19.65 7.59 33.99
CA GLN C 345 -20.34 8.66 33.27
C GLN C 345 -19.85 8.73 31.84
N GLY C 346 -20.75 9.15 30.95
CA GLY C 346 -20.65 8.89 29.52
C GLY C 346 -21.64 7.85 29.06
N VAL C 347 -22.02 6.94 29.96
CA VAL C 347 -23.27 6.20 29.79
C VAL C 347 -24.43 7.04 30.29
N GLY C 348 -24.34 7.55 31.50
CA GLY C 348 -25.26 8.55 31.99
C GLY C 348 -24.85 9.94 31.60
N PRO C 349 -25.73 10.91 31.84
CA PRO C 349 -25.47 12.29 31.40
C PRO C 349 -24.51 13.01 32.32
N HIS C 350 -23.48 13.63 31.73
CA HIS C 350 -22.45 14.31 32.50
C HIS C 350 -23.05 15.45 33.32
N GLY C 351 -22.47 15.66 34.50
CA GLY C 351 -23.00 16.63 35.44
C GLY C 351 -23.98 16.08 36.44
N ASP C 352 -24.37 14.80 36.31
CA ASP C 352 -25.30 14.16 37.23
C ASP C 352 -24.62 13.09 38.08
N ASN C 353 -23.32 13.25 38.31
CA ASN C 353 -22.53 12.20 38.95
C ASN C 353 -22.89 12.00 40.43
N ALA C 354 -23.47 13.01 41.08
CA ALA C 354 -23.68 12.94 42.52
C ALA C 354 -24.84 12.04 42.92
N ARG C 355 -25.67 11.59 41.98
CA ARG C 355 -26.73 10.64 42.32
C ARG C 355 -26.17 9.28 42.71
N GLU C 356 -24.91 9.02 42.38
CA GLU C 356 -24.26 7.80 42.84
C GLU C 356 -24.15 7.75 44.36
N PHE C 357 -24.03 8.91 45.01
CA PHE C 357 -24.07 8.94 46.47
C PHE C 357 -25.40 8.41 47.00
N VAL C 358 -26.50 8.86 46.40
CA VAL C 358 -27.83 8.40 46.82
C VAL C 358 -28.00 6.92 46.53
N TYR C 359 -27.48 6.44 45.40
CA TYR C 359 -27.53 5.01 45.11
C TYR C 359 -26.72 4.21 46.12
N MET C 360 -25.53 4.72 46.49
CA MET C 360 -24.69 4.04 47.46
C MET C 360 -25.36 3.94 48.82
N VAL C 361 -25.96 5.04 49.28
CA VAL C 361 -26.61 5.04 50.59
C VAL C 361 -27.84 4.13 50.58
N GLU C 362 -28.56 4.08 49.45
CA GLU C 362 -29.73 3.23 49.36
C GLU C 362 -29.39 1.75 49.50
N ALA C 363 -28.17 1.37 49.15
CA ALA C 363 -27.76 -0.02 49.18
C ALA C 363 -27.23 -0.46 50.55
N GLY C 364 -27.11 0.45 51.51
CA GLY C 364 -26.68 0.12 52.84
C GLY C 364 -25.34 0.68 53.25
N ILE C 365 -24.62 1.33 52.35
CA ILE C 365 -23.33 1.93 52.69
C ILE C 365 -23.58 3.24 53.46
N PRO C 366 -22.91 3.46 54.58
CA PRO C 366 -23.15 4.69 55.35
C PRO C 366 -22.75 5.93 54.58
N ALA C 367 -23.38 7.06 54.93
CA ALA C 367 -23.12 8.31 54.23
C ALA C 367 -21.68 8.77 54.41
N ALA C 368 -21.13 8.63 55.62
CA ALA C 368 -19.76 9.05 55.86
C ALA C 368 -18.77 8.24 55.03
N TYR C 369 -18.98 6.93 54.93
CA TYR C 369 -18.11 6.11 54.09
C TYR C 369 -18.29 6.46 52.62
N ALA C 370 -19.52 6.77 52.20
CA ALA C 370 -19.75 7.17 50.82
C ALA C 370 -19.01 8.45 50.49
N LEU C 371 -18.96 9.39 51.42
CA LEU C 371 -18.21 10.62 51.20
C LEU C 371 -16.71 10.39 51.27
N GLN C 372 -16.25 9.45 52.11
CA GLN C 372 -14.83 9.14 52.18
C GLN C 372 -14.34 8.42 50.94
N ALA C 373 -15.21 7.66 50.29
CA ALA C 373 -14.84 6.92 49.09
C ALA C 373 -14.52 7.84 47.92
N ALA C 374 -14.94 9.11 48.00
CA ALA C 374 -14.69 10.07 46.92
C ALA C 374 -13.56 11.05 47.23
N THR C 375 -13.04 11.07 48.46
CA THR C 375 -12.02 12.05 48.83
C THR C 375 -10.68 11.42 49.17
N VAL C 376 -10.66 10.58 50.23
CA VAL C 376 -9.37 10.01 50.74
C VAL C 376 -9.05 8.66 50.07
N HIS C 377 -10.03 7.78 49.84
CA HIS C 377 -9.85 6.52 49.13
C HIS C 377 -9.59 6.75 47.65
N ALA C 378 -10.21 7.78 47.07
CA ALA C 378 -9.94 8.11 45.67
C ALA C 378 -8.50 8.55 45.48
N ALA C 379 -7.96 9.32 46.43
CA ALA C 379 -6.56 9.70 46.38
C ALA C 379 -5.65 8.49 46.50
N GLN C 380 -6.00 7.54 47.36
CA GLN C 380 -5.22 6.30 47.46
C GLN C 380 -5.26 5.51 46.16
N VAL C 381 -6.44 5.44 45.53
CA VAL C 381 -6.55 4.74 44.25
C VAL C 381 -5.69 5.41 43.19
N LEU C 382 -5.72 6.74 43.13
CA LEU C 382 -4.93 7.45 42.12
C LEU C 382 -3.44 7.34 42.38
N GLY C 383 -3.04 7.14 43.62
CA GLY C 383 -1.62 7.10 43.96
C GLY C 383 -1.00 8.46 44.21
N VAL C 384 -1.78 9.44 44.62
CA VAL C 384 -1.28 10.78 44.90
C VAL C 384 -1.41 11.04 46.39
N ASP C 385 -0.85 12.17 46.84
CA ASP C 385 -0.87 12.51 48.25
C ASP C 385 -1.19 13.98 48.54
N ASP C 386 -1.36 14.82 47.52
CA ASP C 386 -1.57 16.25 47.73
C ASP C 386 -3.03 16.65 47.70
N GLN C 387 -3.95 15.70 47.62
CA GLN C 387 -5.37 16.01 47.53
C GLN C 387 -6.17 15.00 48.34
N GLY C 388 -7.43 15.35 48.60
CA GLY C 388 -8.36 14.49 49.31
C GLY C 388 -8.71 14.98 50.70
N VAL C 389 -7.84 15.79 51.31
CA VAL C 389 -8.07 16.31 52.65
C VAL C 389 -7.76 17.80 52.67
N LEU C 390 -8.36 18.48 53.64
CA LEU C 390 -8.13 19.90 53.84
C LEU C 390 -7.08 20.10 54.94
N GLU C 391 -5.85 19.71 54.60
CA GLU C 391 -4.71 19.78 55.49
C GLU C 391 -3.67 20.73 54.92
N PRO C 392 -2.80 21.30 55.76
CA PRO C 392 -1.75 22.17 55.24
C PRO C 392 -0.85 21.46 54.24
N GLY C 393 -0.47 22.18 53.19
CA GLY C 393 0.35 21.63 52.14
C GLY C 393 -0.41 20.90 51.04
N LYS C 394 -1.72 20.76 51.18
CA LYS C 394 -2.54 20.09 50.17
C LYS C 394 -3.12 21.10 49.19
N ARG C 395 -3.59 20.60 48.06
CA ARG C 395 -4.25 21.45 47.08
C ARG C 395 -5.54 22.02 47.64
N ALA C 396 -5.87 23.24 47.21
CA ALA C 396 -7.05 23.94 47.70
C ALA C 396 -8.23 23.65 46.78
N ASP C 397 -8.79 22.46 46.94
CA ASP C 397 -9.99 22.03 46.23
C ASP C 397 -11.11 21.94 47.27
N VAL C 398 -11.92 23.00 47.35
CA VAL C 398 -12.96 23.11 48.38
C VAL C 398 -14.30 23.30 47.70
N ILE C 399 -15.32 22.62 48.22
CA ILE C 399 -16.70 22.79 47.77
C ILE C 399 -17.58 23.00 49.01
N ALA C 400 -18.81 23.44 48.77
CA ALA C 400 -19.75 23.68 49.85
C ALA C 400 -21.15 23.27 49.41
N LEU C 401 -21.96 22.85 50.38
CA LEU C 401 -23.32 22.43 50.14
C LEU C 401 -24.27 23.21 51.03
N ALA C 402 -25.51 23.38 50.55
CA ALA C 402 -26.51 24.10 51.33
C ALA C 402 -26.92 23.30 52.56
N GLY C 403 -27.17 22.00 52.40
CA GLY C 403 -27.64 21.15 53.47
C GLY C 403 -26.55 20.25 54.03
N ASN C 404 -26.97 19.33 54.88
CA ASN C 404 -26.06 18.38 55.51
C ASN C 404 -26.29 16.99 54.94
N PRO C 405 -25.30 16.39 54.26
CA PRO C 405 -25.52 15.07 53.66
C PRO C 405 -25.54 13.94 54.66
N LEU C 406 -25.00 14.14 55.87
CA LEU C 406 -24.94 13.06 56.86
C LEU C 406 -26.33 12.65 57.33
N GLU C 407 -27.29 13.57 57.28
CA GLU C 407 -28.68 13.27 57.62
C GLU C 407 -29.57 13.09 56.40
N ASP C 408 -29.38 13.91 55.37
CA ASP C 408 -30.13 13.79 54.11
C ASP C 408 -29.13 13.80 52.97
N ILE C 409 -28.87 12.61 52.40
CA ILE C 409 -27.87 12.47 51.35
C ILE C 409 -28.26 13.21 50.08
N ASN C 410 -29.52 13.66 49.97
CA ASN C 410 -29.94 14.43 48.81
C ASN C 410 -29.30 15.82 48.76
N ALA C 411 -28.62 16.25 49.82
CA ALA C 411 -27.95 17.54 49.83
C ALA C 411 -26.74 17.59 48.92
N VAL C 412 -26.26 16.45 48.43
CA VAL C 412 -25.15 16.44 47.49
C VAL C 412 -25.53 16.95 46.11
N LEU C 413 -26.82 17.09 45.83
CA LEU C 413 -27.29 17.55 44.54
C LEU C 413 -27.37 19.07 44.44
N ASP C 414 -26.99 19.80 45.48
CA ASP C 414 -27.04 21.25 45.50
C ASP C 414 -25.68 21.77 45.98
N VAL C 415 -24.77 22.02 45.04
CA VAL C 415 -23.45 22.54 45.35
C VAL C 415 -23.46 24.05 45.12
N ARG C 416 -23.05 24.80 46.14
CA ARG C 416 -23.08 26.26 46.10
C ARG C 416 -21.72 26.88 45.82
N PHE C 417 -20.64 26.26 46.28
CA PHE C 417 -19.30 26.81 46.17
C PHE C 417 -18.39 25.78 45.50
N VAL C 418 -17.56 26.24 44.58
CA VAL C 418 -16.59 25.38 43.91
C VAL C 418 -15.26 26.13 43.80
N MET C 419 -14.20 25.57 44.37
CA MET C 419 -12.86 26.11 44.25
C MET C 419 -11.94 24.99 43.78
N LYS C 420 -10.95 25.36 42.97
CA LYS C 420 -9.99 24.39 42.45
C LYS C 420 -8.64 25.04 42.30
N ASP C 421 -7.65 24.54 43.07
CA ASP C 421 -6.29 25.07 43.07
C ASP C 421 -6.27 26.55 43.44
N GLY C 422 -7.14 26.93 44.37
CA GLY C 422 -7.20 28.30 44.84
C GLY C 422 -8.00 29.25 43.97
N VAL C 423 -8.59 28.77 42.87
CA VAL C 423 -9.37 29.60 41.96
C VAL C 423 -10.84 29.25 42.16
N ILE C 424 -11.67 30.28 42.34
CA ILE C 424 -13.10 30.08 42.58
C ILE C 424 -13.81 30.06 41.24
N TYR C 425 -14.53 28.97 40.97
CA TYR C 425 -15.29 28.82 39.74
C TYR C 425 -16.79 28.96 39.92
N LYS C 426 -17.29 28.83 41.16
CA LYS C 426 -18.71 28.95 41.43
C LYS C 426 -18.88 29.51 42.83
N GLN C 427 -19.58 30.63 42.93
CA GLN C 427 -19.76 31.30 44.21
C GLN C 427 -21.19 31.77 44.42
N PRO D 22 59.40 8.10 3.63
CA PRO D 22 59.78 8.16 5.05
C PRO D 22 59.96 9.59 5.55
N VAL D 23 60.03 9.76 6.86
CA VAL D 23 60.19 11.07 7.47
C VAL D 23 60.66 10.88 8.91
N ALA D 24 61.51 11.79 9.37
CA ALA D 24 62.03 11.77 10.73
C ALA D 24 61.46 12.97 11.47
N VAL D 25 60.64 12.71 12.49
CA VAL D 25 60.00 13.75 13.28
C VAL D 25 60.82 13.94 14.56
N GLN D 26 61.17 15.19 14.85
CA GLN D 26 62.01 15.53 16.00
C GLN D 26 61.16 16.23 17.05
N CYS D 27 60.66 15.47 18.02
CA CYS D 27 59.94 16.06 19.14
C CYS D 27 60.92 16.61 20.17
N GLY D 28 60.59 17.78 20.72
CA GLY D 28 61.36 18.36 21.80
C GLY D 28 61.12 17.66 23.12
N ARG D 29 59.85 17.39 23.43
CA ARG D 29 59.46 16.61 24.59
C ARG D 29 58.41 15.59 24.16
N LEU D 30 58.52 14.38 24.71
CA LEU D 30 57.68 13.26 24.32
C LEU D 30 56.87 12.77 25.52
N PHE D 31 55.57 12.66 25.34
CA PHE D 31 54.67 12.22 26.40
C PHE D 31 54.43 10.72 26.27
N ASP D 32 54.78 9.97 27.31
CA ASP D 32 54.62 8.51 27.32
C ASP D 32 53.24 8.19 27.86
N ALA D 33 52.32 7.81 26.97
CA ALA D 33 50.95 7.52 27.39
C ALA D 33 50.87 6.26 28.24
N ARG D 34 51.72 5.26 27.96
CA ARG D 34 51.67 4.01 28.70
C ARG D 34 51.99 4.21 30.17
N SER D 35 52.87 5.14 30.50
CA SER D 35 53.22 5.43 31.88
C SER D 35 52.60 6.72 32.40
N GLY D 36 52.59 7.79 31.61
CA GLY D 36 52.00 9.04 32.02
C GLY D 36 53.02 10.09 32.42
N GLN D 37 54.22 10.00 31.85
CA GLN D 37 55.31 10.90 32.19
C GLN D 37 55.81 11.59 30.94
N LEU D 38 56.38 12.79 31.14
CA LEU D 38 56.99 13.56 30.07
C LEU D 38 58.47 13.24 30.00
N LYS D 39 58.90 12.65 28.89
CA LYS D 39 60.29 12.27 28.71
C LYS D 39 61.07 13.43 28.07
N GLY D 40 62.29 13.16 27.64
CA GLY D 40 63.13 14.16 27.02
C GLY D 40 63.03 14.15 25.50
N PRO D 41 64.01 14.75 24.84
CA PRO D 41 63.99 14.80 23.37
C PRO D 41 64.01 13.40 22.75
N HIS D 42 63.34 13.28 21.61
CA HIS D 42 63.23 12.01 20.91
C HIS D 42 63.08 12.27 19.42
N THR D 43 63.34 11.25 18.63
CA THR D 43 63.21 11.32 17.17
C THR D 43 62.34 10.16 16.70
N LEU D 44 61.25 10.49 16.01
CA LEU D 44 60.34 9.48 15.50
C LEU D 44 60.65 9.16 14.05
N LEU D 45 60.64 7.86 13.72
CA LEU D 45 60.88 7.38 12.37
C LEU D 45 59.58 6.80 11.82
N VAL D 46 59.04 7.42 10.77
CA VAL D 46 57.74 7.08 10.22
C VAL D 46 57.93 6.59 8.79
N ALA D 47 57.36 5.43 8.49
CA ALA D 47 57.40 4.88 7.14
C ALA D 47 56.21 3.96 6.95
N ASP D 48 55.59 4.05 5.77
CA ASP D 48 54.42 3.25 5.41
C ASP D 48 53.26 3.46 6.38
N GLY D 49 53.17 4.65 6.97
CA GLY D 49 52.08 4.98 7.86
C GLY D 49 52.20 4.46 9.27
N ARG D 50 53.33 3.85 9.63
CA ARG D 50 53.51 3.27 10.95
C ARG D 50 54.80 3.80 11.57
N ILE D 51 54.84 3.78 12.90
CA ILE D 51 56.05 4.14 13.63
C ILE D 51 56.98 2.94 13.65
N ARG D 52 58.24 3.15 13.24
CA ARG D 52 59.21 2.08 13.16
C ARG D 52 60.30 2.14 14.21
N GLN D 53 60.65 3.35 14.62
CA GLN D 53 61.79 3.47 15.56
C GLN D 53 61.68 4.72 16.42
N VAL D 54 61.90 4.57 17.73
CA VAL D 54 61.96 5.69 18.66
C VAL D 54 63.36 5.71 19.27
N LEU D 55 64.11 6.76 18.98
CA LEU D 55 65.49 6.89 19.45
C LEU D 55 65.63 8.13 20.31
N PRO D 56 66.07 8.01 21.56
CA PRO D 56 66.24 9.20 22.40
C PRO D 56 67.36 10.08 21.87
N GLY D 57 67.15 11.39 21.93
CA GLY D 57 68.12 12.35 21.44
C GLY D 57 68.12 12.49 19.93
N ALA D 65 65.52 10.70 3.97
CA ALA D 65 64.80 10.94 5.23
C ALA D 65 64.65 12.42 5.51
N ARG D 66 63.45 12.95 5.26
CA ARG D 66 63.18 14.35 5.54
C ARG D 66 63.11 14.57 7.05
N VAL D 67 63.28 15.84 7.45
CA VAL D 67 63.32 16.22 8.85
C VAL D 67 62.20 17.22 9.12
N VAL D 68 61.38 16.92 10.13
CA VAL D 68 60.37 17.84 10.63
C VAL D 68 60.82 18.32 12.00
N ASP D 69 61.07 19.63 12.12
CA ASP D 69 61.66 20.20 13.32
C ASP D 69 60.55 20.67 14.25
N LEU D 70 60.36 19.95 15.36
CA LEU D 70 59.41 20.31 16.40
C LEU D 70 60.09 20.35 17.76
N GLY D 71 61.31 20.88 17.81
CA GLY D 71 62.05 20.95 19.06
C GLY D 71 61.49 21.92 20.08
N ASP D 72 60.60 22.81 19.66
CA ASP D 72 59.98 23.78 20.55
C ASP D 72 58.63 23.31 21.07
N LYS D 73 58.13 22.17 20.61
CA LYS D 73 56.78 21.72 20.91
C LYS D 73 56.80 20.41 21.69
N VAL D 74 55.76 20.21 22.50
CA VAL D 74 55.53 18.94 23.19
C VAL D 74 54.83 18.01 22.22
N CYS D 75 55.38 16.80 22.06
CA CYS D 75 54.99 15.89 20.99
C CYS D 75 54.19 14.74 21.58
N LEU D 76 52.93 14.63 21.18
CA LEU D 76 51.91 13.79 21.78
C LEU D 76 51.30 12.85 20.75
N PRO D 77 50.69 11.74 21.19
CA PRO D 77 49.87 10.94 20.28
C PRO D 77 48.54 11.60 19.98
N GLY D 78 47.94 11.20 18.87
CA GLY D 78 46.66 11.77 18.47
C GLY D 78 45.54 11.37 19.42
N TRP D 79 44.62 12.30 19.64
CA TRP D 79 43.53 12.10 20.59
C TRP D 79 42.36 11.35 19.96
N THR D 80 41.56 10.73 20.82
CA THR D 80 40.36 10.02 20.41
C THR D 80 39.19 10.53 21.23
N ASP D 81 38.12 10.94 20.55
CA ASP D 81 36.88 11.37 21.18
C ASP D 81 35.87 10.24 21.05
N LEU D 82 35.43 9.69 22.18
CA LEU D 82 34.60 8.49 22.18
C LEU D 82 33.11 8.77 22.10
N HIS D 83 32.70 10.04 22.00
CA HIS D 83 31.27 10.36 21.91
C HIS D 83 31.13 11.62 21.08
N VAL D 84 30.85 11.46 19.78
CA VAL D 84 30.58 12.57 18.87
C VAL D 84 29.38 12.24 18.02
N HIS D 85 28.79 13.29 17.43
CA HIS D 85 27.71 13.17 16.46
C HIS D 85 28.06 14.10 15.30
N LEU D 86 28.80 13.58 14.32
CA LEU D 86 29.32 14.41 13.24
C LEU D 86 28.25 14.83 12.24
N GLY D 87 27.09 14.20 12.26
CA GLY D 87 26.03 14.50 11.34
C GLY D 87 25.06 15.57 11.78
N SER D 88 25.32 16.26 12.89
CA SER D 88 24.42 17.29 13.38
C SER D 88 25.19 18.24 14.30
N GLN D 89 24.58 19.41 14.52
CA GLN D 89 25.10 20.39 15.47
C GLN D 89 23.91 21.17 16.01
N SER D 90 23.78 21.20 17.33
CA SER D 90 22.60 21.80 17.95
C SER D 90 22.55 23.31 17.68
N SER D 91 21.33 23.83 17.57
CA SER D 91 21.10 25.22 17.22
C SER D 91 19.69 25.58 17.64
N PRO D 92 19.32 26.86 17.61
CA PRO D 92 17.93 27.24 17.93
C PRO D 92 16.90 26.62 16.99
N GLN D 93 17.30 26.21 15.78
CA GLN D 93 16.37 25.65 14.80
C GLN D 93 16.51 24.14 14.66
N SER D 94 17.15 23.48 15.63
CA SER D 94 17.48 22.06 15.47
C SER D 94 16.23 21.20 15.33
N TYR D 95 15.20 21.47 16.15
CA TYR D 95 14.03 20.61 16.15
C TYR D 95 13.18 20.80 14.89
N SER D 96 13.20 21.99 14.30
CA SER D 96 12.42 22.23 13.09
C SER D 96 13.08 21.58 11.88
N GLU D 97 14.41 21.60 11.81
CA GLU D 97 15.11 21.06 10.66
C GLU D 97 15.25 19.54 10.71
N ASP D 98 14.13 18.87 10.97
CA ASP D 98 14.03 17.42 10.82
C ASP D 98 12.94 17.03 9.83
N PHE D 99 12.12 17.99 9.40
CA PHE D 99 11.11 17.76 8.39
C PHE D 99 11.36 18.56 7.11
N ARG D 100 12.39 19.42 7.09
CA ARG D 100 12.72 20.22 5.94
C ARG D 100 14.03 19.83 5.26
N LEU D 101 15.03 19.41 6.03
CA LEU D 101 16.35 19.12 5.50
C LEU D 101 16.48 17.65 5.09
N ASP D 102 17.23 17.42 4.02
CA ASP D 102 17.53 16.10 3.51
C ASP D 102 18.91 15.66 3.96
N PRO D 103 19.21 14.36 3.90
CA PRO D 103 20.54 13.89 4.32
C PRO D 103 21.70 14.48 3.53
N VAL D 104 21.47 14.97 2.31
CA VAL D 104 22.56 15.53 1.52
C VAL D 104 23.06 16.83 2.13
N ASP D 105 22.15 17.65 2.68
CA ASP D 105 22.56 18.87 3.36
C ASP D 105 23.38 18.56 4.61
N HIS D 106 22.97 17.54 5.37
CA HIS D 106 23.74 17.11 6.52
C HIS D 106 25.11 16.61 6.10
N ALA D 107 25.18 15.90 4.97
CA ALA D 107 26.46 15.45 4.45
C ALA D 107 27.36 16.62 4.08
N PHE D 108 26.78 17.67 3.50
CA PHE D 108 27.58 18.84 3.13
C PHE D 108 28.08 19.60 4.35
N ARG D 109 27.31 19.60 5.45
CA ARG D 109 27.80 20.21 6.68
C ARG D 109 28.86 19.35 7.39
N ALA D 110 28.73 18.03 7.30
CA ALA D 110 29.65 17.12 7.97
C ALA D 110 31.08 17.26 7.44
N VAL D 111 31.26 17.73 6.21
CA VAL D 111 32.61 17.93 5.68
C VAL D 111 33.38 18.95 6.51
N GLY D 112 32.76 20.11 6.73
CA GLY D 112 33.39 21.11 7.57
C GLY D 112 33.50 20.69 9.01
N TYR D 113 32.47 19.99 9.53
CA TYR D 113 32.56 19.48 10.89
C TYR D 113 33.76 18.55 11.07
N ALA D 114 33.97 17.64 10.12
CA ALA D 114 35.06 16.67 10.23
C ALA D 114 36.41 17.34 10.07
N GLU D 115 36.52 18.31 9.16
CA GLU D 115 37.79 19.02 9.03
C GLU D 115 38.13 19.78 10.31
N LYS D 116 37.13 20.43 10.92
CA LYS D 116 37.38 21.13 12.19
C LYS D 116 37.80 20.16 13.29
N THR D 117 37.14 19.00 13.36
CA THR D 117 37.49 18.02 14.37
C THR D 117 38.93 17.53 14.20
N LEU D 118 39.32 17.23 12.95
CA LEU D 118 40.70 16.77 12.71
C LEU D 118 41.72 17.86 13.02
N MET D 119 41.42 19.11 12.66
CA MET D 119 42.35 20.19 12.94
C MET D 119 42.44 20.52 14.43
N ALA D 120 41.42 20.19 15.22
CA ALA D 120 41.50 20.42 16.65
C ALA D 120 42.46 19.47 17.36
N GLY D 121 42.92 18.42 16.68
CA GLY D 121 43.89 17.49 17.24
C GLY D 121 43.37 16.08 17.45
N PHE D 122 42.14 15.78 17.05
CA PHE D 122 41.53 14.48 17.26
C PHE D 122 41.60 13.67 15.97
N THR D 123 42.46 12.66 15.95
CA THR D 123 42.66 11.83 14.78
C THR D 123 41.75 10.61 14.74
N SER D 124 40.92 10.41 15.76
CA SER D 124 40.02 9.27 15.80
C SER D 124 38.80 9.65 16.63
N VAL D 125 37.62 9.17 16.22
CA VAL D 125 36.38 9.44 16.93
C VAL D 125 35.49 8.21 16.88
N ARG D 126 34.58 8.13 17.85
CA ARG D 126 33.54 7.11 17.88
C ARG D 126 32.19 7.79 17.73
N ASP D 127 31.55 7.61 16.57
CA ASP D 127 30.26 8.21 16.31
C ASP D 127 29.15 7.32 16.89
N LEU D 128 28.29 7.91 17.71
CA LEU D 128 27.32 7.17 18.50
C LEU D 128 25.89 7.45 18.06
N GLY D 129 25.65 7.57 16.76
CA GLY D 129 24.30 7.75 16.26
C GLY D 129 24.21 8.65 15.03
N GLY D 130 23.47 8.19 14.02
CA GLY D 130 23.32 8.93 12.77
C GLY D 130 23.56 8.07 11.55
N GLU D 131 22.82 8.32 10.47
CA GLU D 131 22.93 7.53 9.25
C GLU D 131 23.91 8.10 8.24
N VAL D 132 24.38 9.33 8.42
CA VAL D 132 25.31 9.90 7.47
C VAL D 132 26.74 9.49 7.79
N SER D 133 27.01 9.15 9.06
CA SER D 133 28.39 8.91 9.49
C SER D 133 29.07 7.72 8.82
N PRO D 134 28.42 6.56 8.60
CA PRO D 134 29.12 5.51 7.83
C PRO D 134 29.55 5.94 6.44
N HIS D 135 28.71 6.71 5.76
CA HIS D 135 29.08 7.21 4.43
C HIS D 135 30.25 8.19 4.53
N LEU D 136 30.25 9.04 5.57
CA LEU D 136 31.38 9.94 5.78
C LEU D 136 32.67 9.17 6.06
N ARG D 137 32.57 8.09 6.84
CA ARG D 137 33.73 7.26 7.11
C ARG D 137 34.26 6.63 5.83
N ASP D 138 33.37 6.11 4.98
CA ASP D 138 33.80 5.54 3.72
C ASP D 138 34.44 6.58 2.82
N ALA D 139 33.88 7.79 2.78
CA ALA D 139 34.45 8.85 1.96
C ALA D 139 35.83 9.27 2.46
N ILE D 140 36.00 9.38 3.79
CA ILE D 140 37.29 9.76 4.34
C ILE D 140 38.34 8.69 4.07
N ASN D 141 37.95 7.42 4.21
CA ASN D 141 38.90 6.33 3.98
C ASN D 141 39.35 6.28 2.53
N GLN D 142 38.51 6.70 1.59
CA GLN D 142 38.87 6.71 0.18
C GLN D 142 39.67 7.94 -0.23
N GLY D 143 39.86 8.90 0.66
CA GLY D 143 40.59 10.11 0.33
C GLY D 143 39.76 11.21 -0.31
N LEU D 144 38.44 11.07 -0.35
CA LEU D 144 37.61 12.09 -0.97
C LEU D 144 37.55 13.36 -0.14
N VAL D 145 37.41 13.23 1.18
CA VAL D 145 37.36 14.35 2.09
C VAL D 145 38.32 14.08 3.24
N ARG D 146 38.67 15.14 3.96
CA ARG D 146 39.59 15.06 5.08
C ARG D 146 38.84 14.97 6.40
N GLY D 147 39.36 14.17 7.32
CA GLY D 147 38.75 13.98 8.61
C GLY D 147 39.47 12.94 9.43
N PRO D 148 38.97 12.68 10.63
CA PRO D 148 39.57 11.66 11.50
C PRO D 148 39.12 10.26 11.10
N ARG D 149 39.68 9.27 11.80
CA ARG D 149 39.28 7.88 11.66
C ARG D 149 38.01 7.65 12.48
N ILE D 150 36.94 7.22 11.81
CA ILE D 150 35.61 7.15 12.40
C ILE D 150 35.25 5.69 12.68
N PHE D 151 34.77 5.43 13.90
CA PHE D 151 34.13 4.17 14.26
C PHE D 151 32.66 4.48 14.49
N ALA D 152 31.79 3.97 13.62
CA ALA D 152 30.40 4.41 13.54
C ALA D 152 29.46 3.32 14.05
N ALA D 153 28.47 3.75 14.84
CA ALA D 153 27.45 2.84 15.34
C ALA D 153 26.21 2.79 14.45
N GLY D 154 25.95 3.83 13.68
CA GLY D 154 24.80 3.82 12.79
C GLY D 154 23.54 4.21 13.53
N LYS D 155 22.47 3.44 13.32
CA LYS D 155 21.20 3.71 13.98
C LYS D 155 21.23 3.21 15.42
N SER D 156 20.72 4.04 16.33
CA SER D 156 20.57 3.61 17.71
C SER D 156 19.42 2.62 17.83
N ILE D 157 19.48 1.78 18.86
CA ILE D 157 18.47 0.77 19.13
C ILE D 157 17.70 1.18 20.38
N ALA D 158 16.38 1.25 20.27
CA ALA D 158 15.52 1.70 21.35
C ALA D 158 14.27 0.84 21.38
N THR D 159 13.38 1.16 22.32
CA THR D 159 12.07 0.55 22.43
C THR D 159 11.01 1.57 21.97
N THR D 160 9.75 1.15 22.05
CA THR D 160 8.65 2.04 21.65
C THR D 160 8.56 3.20 22.63
N GLY D 161 8.61 4.42 22.11
CA GLY D 161 8.64 5.60 22.94
C GLY D 161 9.97 5.89 23.59
N GLY D 162 11.04 5.20 23.19
CA GLY D 162 12.34 5.38 23.80
C GLY D 162 13.03 6.66 23.36
N HIS D 163 14.19 6.89 23.95
CA HIS D 163 14.93 8.13 23.69
C HIS D 163 15.35 8.24 22.23
N ALA D 164 15.61 7.12 21.57
CA ALA D 164 16.06 7.11 20.18
C ALA D 164 14.95 6.76 19.20
N ASP D 165 13.69 6.75 19.64
CA ASP D 165 12.57 6.45 18.76
C ASP D 165 12.48 7.51 17.67
N PRO D 166 12.56 7.14 16.39
CA PRO D 166 12.62 8.17 15.33
C PRO D 166 11.33 8.96 15.15
N THR D 167 10.19 8.47 15.63
CA THR D 167 8.91 9.14 15.44
C THR D 167 8.33 9.66 16.75
N ASN D 168 9.19 10.02 17.69
CA ASN D 168 8.73 10.61 18.94
C ASN D 168 8.23 12.03 18.72
N GLY D 169 6.99 12.29 19.13
CA GLY D 169 6.43 13.62 19.07
C GLY D 169 5.68 13.96 17.80
N TRP D 170 5.65 13.09 16.81
CA TRP D 170 4.94 13.37 15.57
C TRP D 170 3.44 13.33 15.80
N ASN D 171 2.71 14.15 15.04
CA ASN D 171 1.26 14.11 15.13
C ASN D 171 0.73 12.81 14.52
N GLU D 172 -0.51 12.47 14.88
CA GLU D 172 -1.03 11.15 14.56
C GLU D 172 -1.12 10.91 13.06
N ARG D 173 -1.26 11.97 12.26
CA ARG D 173 -1.30 11.81 10.82
C ARG D 173 0.02 11.30 10.27
N LEU D 174 1.12 11.96 10.65
CA LEU D 174 2.44 11.54 10.20
C LEU D 174 2.78 10.13 10.70
N ALA D 175 2.44 9.84 11.95
CA ALA D 175 2.70 8.51 12.50
C ALA D 175 1.91 7.45 11.75
N HIS D 176 0.66 7.76 11.39
CA HIS D 176 -0.15 6.82 10.62
C HIS D 176 0.44 6.57 9.24
N LEU D 177 0.86 7.63 8.55
CA LEU D 177 1.44 7.44 7.23
C LEU D 177 2.75 6.65 7.28
N VAL D 178 3.63 7.01 8.22
CA VAL D 178 4.94 6.37 8.26
C VAL D 178 4.89 4.97 8.86
N GLY D 179 3.83 4.63 9.59
CA GLY D 179 3.73 3.33 10.22
C GLY D 179 4.54 3.24 11.50
N ALA D 180 4.26 2.20 12.27
CA ALA D 180 4.99 1.98 13.51
C ALA D 180 6.38 1.43 13.21
N PRO D 181 7.44 2.04 13.73
CA PRO D 181 8.78 1.55 13.45
C PRO D 181 9.03 0.18 14.05
N GLY D 182 9.90 -0.58 13.38
CA GLY D 182 10.25 -1.92 13.81
C GLY D 182 11.74 -2.12 13.92
N PRO D 183 12.17 -3.38 13.93
CA PRO D 183 13.62 -3.66 14.05
C PRO D 183 14.47 -3.07 12.95
N ALA D 184 13.96 -3.00 11.72
CA ALA D 184 14.73 -2.40 10.64
C ALA D 184 14.96 -0.92 10.87
N GLU D 185 14.06 -0.27 11.61
CA GLU D 185 14.23 1.13 11.99
C GLU D 185 14.93 1.29 13.34
N GLY D 186 15.17 0.20 14.05
CA GLY D 186 15.88 0.24 15.31
C GLY D 186 15.03 0.19 16.56
N VAL D 187 13.73 -0.09 16.44
CA VAL D 187 12.81 -0.11 17.57
C VAL D 187 12.44 -1.57 17.86
N VAL D 188 12.79 -2.05 19.04
CA VAL D 188 12.61 -3.46 19.40
C VAL D 188 11.81 -3.55 20.68
N ASN D 189 11.08 -4.67 20.82
CA ASN D 189 10.28 -4.90 22.02
C ASN D 189 10.36 -6.35 22.50
N SER D 190 11.29 -7.14 22.00
CA SER D 190 11.44 -8.53 22.42
C SER D 190 12.86 -8.99 22.13
N VAL D 191 13.16 -10.24 22.48
CA VAL D 191 14.49 -10.79 22.29
C VAL D 191 14.78 -11.01 20.81
N ASP D 192 13.83 -11.60 20.09
CA ASP D 192 14.02 -11.87 18.67
C ASP D 192 14.14 -10.57 17.87
N GLU D 193 13.34 -9.56 18.23
CA GLU D 193 13.45 -8.27 17.57
C GLU D 193 14.80 -7.62 17.83
N ALA D 194 15.34 -7.77 19.04
CA ALA D 194 16.67 -7.24 19.33
C ALA D 194 17.74 -7.94 18.51
N ARG D 195 17.65 -9.26 18.38
CA ARG D 195 18.58 -10.00 17.54
C ARG D 195 18.52 -9.52 16.09
N GLN D 196 17.30 -9.34 15.57
CA GLN D 196 17.15 -8.86 14.20
C GLN D 196 17.69 -7.45 14.04
N ALA D 197 17.52 -6.59 15.05
CA ALA D 197 18.05 -5.24 14.97
C ALA D 197 19.57 -5.21 14.94
N VAL D 198 20.21 -6.04 15.77
CA VAL D 198 21.67 -6.11 15.72
C VAL D 198 22.14 -6.61 14.36
N ARG D 199 21.46 -7.62 13.81
CA ARG D 199 21.82 -8.10 12.48
C ARG D 199 21.59 -7.04 11.40
N GLN D 200 20.55 -6.23 11.55
CA GLN D 200 20.29 -5.16 10.60
C GLN D 200 21.37 -4.08 10.65
N ARG D 201 21.84 -3.75 11.86
CA ARG D 201 22.95 -2.80 11.96
C ARG D 201 24.22 -3.37 11.36
N TYR D 202 24.47 -4.67 11.56
CA TYR D 202 25.63 -5.30 10.91
C TYR D 202 25.50 -5.23 9.39
N LYS D 203 24.29 -5.46 8.87
CA LYS D 203 24.07 -5.43 7.43
C LYS D 203 24.32 -4.05 6.85
N GLU D 204 24.02 -2.99 7.60
CA GLU D 204 24.17 -1.63 7.11
C GLU D 204 25.59 -1.10 7.24
N GLY D 205 26.52 -1.87 7.80
CA GLY D 205 27.92 -1.47 7.84
C GLY D 205 28.31 -0.72 9.09
N SER D 206 27.85 -1.19 10.25
CA SER D 206 28.19 -0.57 11.52
C SER D 206 29.43 -1.20 12.12
N ASP D 207 30.11 -0.45 12.99
CA ASP D 207 31.28 -0.92 13.69
C ASP D 207 31.00 -1.31 15.13
N LEU D 208 29.91 -0.83 15.71
CA LEU D 208 29.53 -1.16 17.08
C LEU D 208 28.02 -0.94 17.21
N ILE D 209 27.51 -1.15 18.42
CA ILE D 209 26.09 -1.01 18.70
C ILE D 209 25.85 0.03 19.79
N KCX D 210 24.84 0.87 19.60
CA KCX D 210 24.44 1.85 20.61
CB KCX D 210 24.67 3.27 20.09
CG KCX D 210 25.44 4.16 21.04
CD KCX D 210 24.57 4.76 22.14
CE KCX D 210 24.13 6.17 21.79
NZ KCX D 210 23.84 6.98 22.99
C KCX D 210 22.97 1.67 20.99
O KCX D 210 22.09 1.61 20.13
CX KCX D 210 24.02 8.30 22.98
OQ1 KCX D 210 24.44 8.87 21.96
OQ2 KCX D 210 23.78 8.96 24.00
N ILE D 211 22.71 1.58 22.29
CA ILE D 211 21.35 1.50 22.80
C ILE D 211 21.08 2.63 23.78
N THR D 212 19.81 3.00 23.93
CA THR D 212 19.37 4.00 24.90
C THR D 212 18.64 3.26 26.02
N ALA D 213 19.33 3.05 27.14
CA ALA D 213 18.76 2.25 28.22
C ALA D 213 17.70 3.01 29.01
N THR D 214 17.83 4.33 29.12
CA THR D 214 16.82 5.14 29.80
C THR D 214 16.33 6.25 28.86
N GLY D 215 15.50 7.14 29.38
CA GLY D 215 15.09 8.30 28.63
C GLY D 215 16.18 9.35 28.58
N GLY D 216 15.94 10.39 27.79
CA GLY D 216 16.95 11.41 27.61
C GLY D 216 16.50 12.79 28.07
N VAL D 217 17.29 13.81 27.73
CA VAL D 217 16.94 15.18 28.07
C VAL D 217 16.67 16.04 26.85
N LEU D 218 17.11 15.64 25.66
CA LEU D 218 16.94 16.45 24.46
C LEU D 218 15.91 15.89 23.49
N SER D 219 15.33 14.73 23.80
CA SER D 219 14.30 14.14 22.95
C SER D 219 12.93 14.74 23.28
N TYR D 220 12.00 14.55 22.35
CA TYR D 220 10.63 15.04 22.52
C TYR D 220 9.79 13.96 23.20
N ALA D 221 10.06 13.79 24.50
CA ALA D 221 9.39 12.78 25.30
C ALA D 221 9.24 13.31 26.73
N ARG D 222 8.58 12.53 27.58
CA ARG D 222 8.27 12.96 28.95
C ARG D 222 9.37 12.54 29.93
N SER D 223 9.66 11.25 30.01
CA SER D 223 10.59 10.74 31.00
C SER D 223 12.03 10.93 30.55
N GLY D 224 12.94 11.03 31.53
CA GLY D 224 14.35 11.19 31.26
C GLY D 224 15.21 10.22 32.03
N ASP D 225 14.64 9.56 33.03
CA ASP D 225 15.38 8.58 33.83
C ASP D 225 14.52 7.34 34.13
N ALA D 226 13.71 6.90 33.14
CA ALA D 226 12.95 5.69 33.45
C ALA D 226 13.55 4.48 32.74
N PRO D 227 13.45 3.29 33.32
CA PRO D 227 14.00 2.09 32.67
C PRO D 227 13.19 1.74 31.42
N GLN D 228 13.88 1.70 30.29
CA GLN D 228 13.22 1.48 29.01
C GLN D 228 13.59 0.16 28.35
N PHE D 229 14.57 -0.56 28.88
CA PHE D 229 14.93 -1.89 28.43
C PHE D 229 14.77 -2.86 29.59
N THR D 230 14.34 -4.07 29.28
CA THR D 230 14.40 -5.14 30.26
C THR D 230 15.77 -5.81 30.18
N VAL D 231 16.13 -6.52 31.25
CA VAL D 231 17.45 -7.16 31.30
C VAL D 231 17.58 -8.19 30.19
N ASP D 232 16.50 -8.91 29.88
CA ASP D 232 16.55 -9.92 28.84
C ASP D 232 16.83 -9.30 27.47
N GLU D 233 16.21 -8.15 27.18
CA GLU D 233 16.45 -7.50 25.89
C GLU D 233 17.90 -7.03 25.76
N ILE D 234 18.46 -6.45 26.81
CA ILE D 234 19.86 -6.01 26.74
C ILE D 234 20.78 -7.20 26.63
N LYS D 235 20.48 -8.30 27.34
CA LYS D 235 21.30 -9.50 27.23
C LYS D 235 21.25 -10.07 25.82
N ALA D 236 20.08 -10.06 25.19
CA ALA D 236 19.96 -10.51 23.81
C ALA D 236 20.78 -9.63 22.89
N VAL D 237 20.73 -8.31 23.08
CA VAL D 237 21.53 -7.40 22.26
C VAL D 237 23.01 -7.69 22.41
N VAL D 238 23.47 -7.85 23.65
CA VAL D 238 24.89 -8.08 23.91
C VAL D 238 25.33 -9.42 23.31
N ASP D 239 24.51 -10.46 23.49
CA ASP D 239 24.85 -11.79 22.97
C ASP D 239 24.91 -11.80 21.45
N THR D 240 23.97 -11.13 20.79
CA THR D 240 24.02 -11.06 19.33
C THR D 240 25.22 -10.24 18.86
N ALA D 241 25.52 -9.14 19.56
CA ALA D 241 26.64 -8.30 19.15
C ALA D 241 27.98 -8.99 19.33
N ARG D 242 28.09 -9.87 20.34
CA ARG D 242 29.34 -10.60 20.56
C ARG D 242 29.66 -11.54 19.40
N ASP D 243 28.64 -12.05 18.71
CA ASP D 243 28.88 -12.96 17.60
C ASP D 243 29.55 -12.24 16.43
N TYR D 244 29.17 -10.99 16.19
CA TYR D 244 29.68 -10.23 15.06
C TYR D 244 30.89 -9.38 15.43
N GLY D 245 31.42 -9.53 16.64
CA GLY D 245 32.59 -8.78 17.06
C GLY D 245 32.31 -7.36 17.48
N PHE D 246 31.08 -7.02 17.84
CA PHE D 246 30.71 -5.66 18.20
C PHE D 246 30.79 -5.44 19.70
N ARG D 247 30.95 -4.18 20.08
CA ARG D 247 30.84 -3.72 21.45
C ARG D 247 29.60 -2.85 21.57
N VAL D 248 29.05 -2.78 22.79
CA VAL D 248 27.79 -2.10 23.04
C VAL D 248 28.04 -0.92 23.97
N ALA D 249 27.53 0.25 23.58
CA ALA D 249 27.55 1.45 24.41
C ALA D 249 26.12 1.82 24.79
N ALA D 250 25.92 2.12 26.07
CA ALA D 250 24.58 2.34 26.61
C ALA D 250 24.42 3.77 27.11
N HIS D 251 23.43 4.46 26.57
CA HIS D 251 22.96 5.74 27.08
C HIS D 251 22.12 5.49 28.33
N ALA D 252 22.46 6.16 29.43
CA ALA D 252 21.76 5.92 30.69
C ALA D 252 21.91 7.13 31.60
N HIS D 253 20.79 7.72 32.02
CA HIS D 253 20.77 8.74 33.05
C HIS D 253 20.29 8.21 34.40
N GLY D 254 19.17 7.47 34.42
CA GLY D 254 18.64 6.96 35.66
C GLY D 254 19.39 5.76 36.18
N THR D 255 19.13 5.45 37.46
CA THR D 255 19.89 4.41 38.16
C THR D 255 19.46 3.00 37.75
N GLU D 256 18.17 2.76 37.57
CA GLU D 256 17.70 1.40 37.30
C GLU D 256 18.11 0.93 35.91
N GLY D 257 17.97 1.79 34.90
CA GLY D 257 18.42 1.44 33.57
C GLY D 257 19.93 1.26 33.50
N MET D 258 20.67 2.12 34.20
CA MET D 258 22.12 1.97 34.27
C MET D 258 22.50 0.64 34.91
N LYS D 259 21.82 0.26 35.99
CA LYS D 259 22.08 -1.02 36.63
C LYS D 259 21.78 -2.19 35.71
N ARG D 260 20.65 -2.13 35.00
CA ARG D 260 20.31 -3.21 34.08
C ARG D 260 21.34 -3.34 32.96
N ALA D 261 21.77 -2.21 32.39
CA ALA D 261 22.76 -2.25 31.32
C ALA D 261 24.10 -2.76 31.82
N VAL D 262 24.51 -2.36 33.02
CA VAL D 262 25.78 -2.84 33.57
C VAL D 262 25.72 -4.34 33.83
N GLN D 263 24.61 -4.83 34.39
CA GLN D 263 24.50 -6.25 34.69
C GLN D 263 24.39 -7.08 33.42
N ALA D 264 23.81 -6.54 32.35
CA ALA D 264 23.71 -7.30 31.12
C ALA D 264 25.05 -7.44 30.40
N GLY D 265 26.00 -6.55 30.66
CA GLY D 265 27.34 -6.71 30.14
C GLY D 265 27.74 -5.75 29.03
N VAL D 266 27.28 -4.50 29.08
CA VAL D 266 27.70 -3.53 28.08
C VAL D 266 29.15 -3.11 28.34
N THR D 267 29.76 -2.52 27.31
CA THR D 267 31.18 -2.16 27.39
C THR D 267 31.38 -0.82 28.07
N SER D 268 30.52 0.16 27.78
CA SER D 268 30.67 1.49 28.35
C SER D 268 29.29 2.07 28.69
N ILE D 269 29.29 3.02 29.62
CA ILE D 269 28.10 3.75 30.03
C ILE D 269 28.33 5.23 29.77
N GLU D 270 27.39 5.86 29.08
CA GLU D 270 27.50 7.28 28.74
C GLU D 270 26.65 8.11 29.69
N HIS D 271 27.15 9.29 30.03
CA HIS D 271 26.50 10.26 30.92
C HIS D 271 26.47 9.77 32.36
N GLY D 272 25.57 8.85 32.68
CA GLY D 272 25.50 8.27 34.01
C GLY D 272 25.23 9.28 35.11
N THR D 273 24.23 10.14 34.90
CA THR D 273 24.03 11.30 35.77
C THR D 273 23.67 10.88 37.20
N TYR D 274 22.85 9.85 37.36
CA TYR D 274 22.33 9.44 38.66
C TYR D 274 22.99 8.17 39.17
N MET D 275 24.30 8.04 38.97
CA MET D 275 25.03 6.91 39.49
C MET D 275 25.07 6.93 41.02
N ASP D 276 24.89 5.76 41.62
CA ASP D 276 24.95 5.63 43.07
C ASP D 276 26.03 4.61 43.45
N ASP D 277 26.09 4.27 44.74
CA ASP D 277 27.14 3.40 45.24
C ASP D 277 27.04 1.99 44.66
N GLU D 278 25.83 1.44 44.57
CA GLU D 278 25.67 0.08 44.05
C GLU D 278 26.07 -0.02 42.59
N VAL D 279 25.69 0.97 41.77
CA VAL D 279 26.10 0.96 40.38
C VAL D 279 27.61 1.08 40.26
N MET D 280 28.23 1.90 41.12
CA MET D 280 29.68 2.02 41.11
C MET D 280 30.35 0.70 41.45
N ARG D 281 29.84 -0.02 42.46
CA ARG D 281 30.40 -1.31 42.82
C ARG D 281 30.26 -2.30 41.68
N LEU D 282 29.08 -2.34 41.03
CA LEU D 282 28.88 -3.24 39.91
C LEU D 282 29.80 -2.92 38.75
N MET D 283 29.99 -1.63 38.45
CA MET D 283 30.88 -1.23 37.37
C MET D 283 32.32 -1.61 37.68
N LYS D 284 32.77 -1.41 38.91
CA LYS D 284 34.12 -1.79 39.28
C LYS D 284 34.31 -3.30 39.18
N GLN D 285 33.30 -4.07 39.58
CA GLN D 285 33.40 -5.52 39.50
C GLN D 285 33.37 -6.02 38.06
N HIS D 286 32.60 -5.37 37.19
CA HIS D 286 32.45 -5.81 35.81
C HIS D 286 33.46 -5.21 34.85
N GLY D 287 34.23 -4.21 35.28
CA GLY D 287 35.17 -3.57 34.39
C GLY D 287 34.56 -2.66 33.35
N THR D 288 33.40 -2.07 33.65
CA THR D 288 32.72 -1.17 32.73
C THR D 288 33.42 0.17 32.67
N TRP D 289 33.50 0.74 31.46
CA TRP D 289 34.05 2.07 31.26
C TRP D 289 32.96 3.12 31.40
N TYR D 290 33.35 4.31 31.86
CA TYR D 290 32.44 5.41 32.10
C TYR D 290 32.88 6.63 31.30
N VAL D 291 31.96 7.18 30.51
CA VAL D 291 32.19 8.35 29.69
C VAL D 291 31.23 9.45 30.13
N PRO D 292 31.72 10.46 30.87
CA PRO D 292 30.81 11.43 31.51
C PRO D 292 30.24 12.52 30.61
N THR D 293 31.01 12.99 29.63
CA THR D 293 30.61 14.09 28.74
C THR D 293 30.29 15.37 29.52
N PHE D 294 31.35 15.94 30.11
CA PHE D 294 31.23 17.22 30.80
C PHE D 294 30.68 18.32 29.90
N TYR D 295 31.16 18.35 28.65
CA TYR D 295 30.87 19.47 27.76
C TYR D 295 29.39 19.60 27.49
N ALA D 296 28.70 18.49 27.26
CA ALA D 296 27.27 18.54 26.94
C ALA D 296 26.48 19.12 28.10
N GLY D 297 26.78 18.68 29.33
CA GLY D 297 26.09 19.23 30.49
C GLY D 297 26.34 20.70 30.69
N ARG D 298 27.61 21.12 30.59
CA ARG D 298 27.92 22.53 30.75
C ARG D 298 27.23 23.37 29.68
N PHE D 299 27.26 22.92 28.42
CA PHE D 299 26.64 23.67 27.33
C PHE D 299 25.14 23.78 27.53
N VAL D 300 24.48 22.70 27.94
CA VAL D 300 22.99 22.75 28.04
C VAL D 300 22.60 23.58 29.25
N THR D 301 23.41 23.60 30.32
CA THR D 301 23.05 24.50 31.42
C THR D 301 23.31 25.96 31.06
N GLU D 302 24.39 26.25 30.32
CA GLU D 302 24.63 27.63 29.92
C GLU D 302 23.56 28.13 28.95
N LYS D 303 23.03 27.23 28.12
CA LYS D 303 21.92 27.60 27.25
C LYS D 303 20.60 27.44 28.00
N ALA D 304 20.50 28.03 29.18
CA ALA D 304 19.26 28.04 29.95
C ALA D 304 18.93 29.46 30.37
N ALA D 305 19.96 30.30 30.52
CA ALA D 305 19.75 31.72 30.76
C ALA D 305 19.11 32.39 29.55
N ILE D 306 19.38 31.88 28.35
CA ILE D 306 18.73 32.37 27.14
C ILE D 306 17.26 31.98 27.18
N ASP D 307 16.38 32.94 26.90
CA ASP D 307 14.96 32.73 27.13
C ASP D 307 14.38 31.67 26.19
N GLY D 308 14.40 31.93 24.88
CA GLY D 308 13.89 30.95 23.94
C GLY D 308 15.00 30.19 23.24
N TYR D 309 15.23 28.94 23.66
CA TYR D 309 16.20 28.08 23.00
C TYR D 309 15.69 26.65 22.87
N PHE D 310 14.83 26.23 23.79
CA PHE D 310 14.40 24.84 23.86
C PHE D 310 12.88 24.74 23.89
N PRO D 311 12.33 23.65 23.37
CA PRO D 311 10.89 23.43 23.49
C PRO D 311 10.48 23.23 24.94
N GLU D 312 9.22 23.52 25.23
CA GLU D 312 8.71 23.44 26.60
C GLU D 312 8.71 22.02 27.15
N VAL D 313 8.81 21.01 26.28
CA VAL D 313 8.90 19.64 26.75
C VAL D 313 10.32 19.25 27.15
N VAL D 314 11.32 19.95 26.61
CA VAL D 314 12.72 19.61 26.82
C VAL D 314 13.36 20.46 27.90
N ARG D 315 12.96 21.73 27.99
CA ARG D 315 13.67 22.67 28.87
C ARG D 315 13.73 22.24 30.34
N PRO D 316 12.65 21.75 30.97
CA PRO D 316 12.80 21.28 32.36
C PRO D 316 13.83 20.17 32.51
N LYS D 317 13.86 19.21 31.59
CA LYS D 317 14.84 18.13 31.67
C LYS D 317 16.26 18.65 31.50
N ALA D 318 16.45 19.60 30.57
CA ALA D 318 17.78 20.17 30.35
C ALA D 318 18.23 21.00 31.54
N ALA D 319 17.30 21.67 32.23
CA ALA D 319 17.67 22.42 33.42
C ALA D 319 17.96 21.50 34.60
N ARG D 320 17.29 20.35 34.67
CA ARG D 320 17.44 19.47 35.82
C ARG D 320 18.67 18.59 35.72
N ILE D 321 18.85 17.91 34.58
CA ILE D 321 19.86 16.84 34.53
C ILE D 321 21.26 17.41 34.26
N GLY D 322 21.37 18.57 33.62
CA GLY D 322 22.67 19.10 33.31
C GLY D 322 23.42 19.59 34.54
N ALA D 323 24.75 19.61 34.40
CA ALA D 323 25.69 20.13 35.40
C ALA D 323 25.66 19.34 36.72
N LEU D 324 24.84 18.29 36.79
CA LEU D 324 24.97 17.31 37.85
C LEU D 324 25.98 16.23 37.51
N ILE D 325 26.49 16.23 36.28
CA ILE D 325 27.45 15.23 35.84
C ILE D 325 28.81 15.46 36.46
N SER D 326 29.20 16.71 36.71
CA SER D 326 30.53 17.01 37.22
C SER D 326 30.78 16.35 38.57
N GLN D 327 29.83 16.48 39.50
CA GLN D 327 29.99 15.86 40.81
C GLN D 327 29.96 14.34 40.71
N THR D 328 29.09 13.80 39.87
CA THR D 328 29.04 12.35 39.69
C THR D 328 30.34 11.82 39.12
N ALA D 329 30.93 12.52 38.14
CA ALA D 329 32.19 12.08 37.57
C ALA D 329 33.33 12.19 38.58
N ALA D 330 33.35 13.26 39.38
CA ALA D 330 34.37 13.38 40.41
C ALA D 330 34.26 12.26 41.44
N LYS D 331 33.03 11.96 41.87
CA LYS D 331 32.82 10.88 42.82
C LYS D 331 33.22 9.53 42.23
N ALA D 332 32.91 9.31 40.95
CA ALA D 332 33.28 8.06 40.30
C ALA D 332 34.80 7.93 40.20
N TYR D 333 35.50 9.03 39.89
CA TYR D 333 36.96 8.97 39.85
C TYR D 333 37.54 8.69 41.22
N ARG D 334 36.98 9.30 42.26
CA ARG D 334 37.45 9.03 43.61
C ARG D 334 37.18 7.60 44.03
N ASN D 335 36.10 7.00 43.53
CA ASN D 335 35.71 5.64 43.91
C ASN D 335 36.45 4.56 43.13
N GLY D 336 37.15 4.91 42.06
CA GLY D 336 37.92 3.95 41.30
C GLY D 336 37.29 3.45 40.03
N VAL D 337 36.27 4.11 39.50
CA VAL D 337 35.65 3.71 38.25
C VAL D 337 36.53 4.18 37.08
N ARG D 338 36.77 3.29 36.12
CA ARG D 338 37.57 3.64 34.97
C ARG D 338 36.85 4.65 34.08
N ILE D 339 37.54 5.72 33.70
CA ILE D 339 36.95 6.84 32.99
C ILE D 339 37.70 7.06 31.69
N ALA D 340 36.95 7.30 30.61
CA ALA D 340 37.50 7.56 29.30
C ALA D 340 36.94 8.88 28.75
N PHE D 341 37.56 9.37 27.68
CA PHE D 341 37.31 10.71 27.17
C PHE D 341 36.15 10.71 26.18
N GLY D 342 35.17 11.58 26.42
CA GLY D 342 34.08 11.77 25.48
C GLY D 342 33.41 13.09 25.76
N THR D 343 32.84 13.68 24.71
CA THR D 343 32.32 15.05 24.79
C THR D 343 30.86 15.19 24.43
N ASN D 344 30.28 14.26 23.67
CA ASN D 344 28.94 14.41 23.09
C ASN D 344 28.87 15.62 22.17
N GLN D 345 29.90 15.79 21.34
CA GLN D 345 29.91 16.88 20.38
C GLN D 345 28.85 16.66 19.31
N GLY D 346 28.32 17.77 18.81
CA GLY D 346 27.05 17.81 18.11
C GLY D 346 25.97 18.46 18.95
N VAL D 347 26.09 18.38 20.27
CA VAL D 347 25.41 19.33 21.15
C VAL D 347 26.21 20.63 21.22
N GLY D 348 27.50 20.52 21.54
CA GLY D 348 28.41 21.64 21.43
C GLY D 348 28.97 21.75 20.02
N PRO D 349 29.68 22.86 19.77
CA PRO D 349 30.16 23.14 18.42
C PRO D 349 31.42 22.33 18.10
N HIS D 350 31.40 21.67 16.95
CA HIS D 350 32.52 20.82 16.53
C HIS D 350 33.80 21.63 16.41
N GLY D 351 34.91 20.98 16.74
CA GLY D 351 36.20 21.64 16.77
C GLY D 351 36.58 22.24 18.11
N ASP D 352 35.69 22.20 19.10
CA ASP D 352 35.93 22.74 20.43
C ASP D 352 36.03 21.61 21.47
N ASN D 353 36.42 20.42 21.04
CA ASN D 353 36.37 19.25 21.91
C ASN D 353 37.38 19.30 23.04
N ALA D 354 38.46 20.07 22.90
CA ALA D 354 39.55 20.04 23.87
C ALA D 354 39.22 20.76 25.18
N ARG D 355 38.14 21.54 25.23
CA ARG D 355 37.75 22.16 26.49
C ARG D 355 37.29 21.14 27.52
N GLU D 356 36.98 19.91 27.08
CA GLU D 356 36.66 18.84 28.00
C GLU D 356 37.84 18.51 28.90
N PHE D 357 39.08 18.68 28.40
CA PHE D 357 40.24 18.51 29.25
C PHE D 357 40.24 19.50 30.41
N VAL D 358 39.93 20.76 30.12
CA VAL D 358 39.88 21.79 31.15
C VAL D 358 38.75 21.50 32.14
N TYR D 359 37.61 21.03 31.63
CA TYR D 359 36.50 20.66 32.51
C TYR D 359 36.89 19.48 33.41
N MET D 360 37.60 18.50 32.85
CA MET D 360 38.04 17.34 33.63
C MET D 360 38.99 17.73 34.74
N VAL D 361 39.97 18.59 34.41
CA VAL D 361 40.96 19.00 35.41
C VAL D 361 40.30 19.85 36.49
N GLU D 362 39.32 20.67 36.11
CA GLU D 362 38.63 21.51 37.09
C GLU D 362 37.88 20.69 38.12
N ALA D 363 37.47 19.46 37.77
CA ALA D 363 36.70 18.61 38.67
C ALA D 363 37.57 17.79 39.61
N GLY D 364 38.88 17.84 39.47
CA GLY D 364 39.79 17.12 40.35
C GLY D 364 40.57 16.00 39.70
N ILE D 365 40.30 15.67 38.46
CA ILE D 365 41.04 14.62 37.77
C ILE D 365 42.41 15.16 37.36
N PRO D 366 43.50 14.44 37.61
CA PRO D 366 44.83 14.95 37.26
C PRO D 366 44.99 15.09 35.75
N ALA D 367 45.90 15.99 35.38
CA ALA D 367 46.11 16.27 33.95
C ALA D 367 46.65 15.05 33.22
N ALA D 368 47.57 14.31 33.84
CA ALA D 368 48.13 13.13 33.20
C ALA D 368 47.08 12.07 32.96
N TYR D 369 46.19 11.85 33.93
CA TYR D 369 45.10 10.89 33.73
C TYR D 369 44.13 11.39 32.67
N ALA D 370 43.88 12.70 32.62
CA ALA D 370 43.00 13.24 31.60
C ALA D 370 43.57 13.03 30.20
N LEU D 371 44.88 13.16 30.06
CA LEU D 371 45.51 12.89 28.77
C LEU D 371 45.55 11.39 28.46
N GLN D 372 45.70 10.55 29.48
CA GLN D 372 45.69 9.10 29.26
C GLN D 372 44.30 8.59 28.88
N ALA D 373 43.26 9.26 29.35
CA ALA D 373 41.90 8.84 29.04
C ALA D 373 41.55 9.02 27.57
N ALA D 374 42.33 9.81 26.83
CA ALA D 374 42.08 10.05 25.43
C ALA D 374 43.00 9.27 24.50
N THR D 375 44.04 8.62 25.03
CA THR D 375 45.01 7.93 24.18
C THR D 375 45.01 6.43 24.37
N VAL D 376 45.35 5.95 25.58
CA VAL D 376 45.51 4.49 25.84
C VAL D 376 44.19 3.86 26.33
N HIS D 377 43.42 4.52 27.19
CA HIS D 377 42.11 4.05 27.63
C HIS D 377 41.09 4.10 26.49
N ALA D 378 41.19 5.11 25.63
CA ALA D 378 40.31 5.17 24.47
C ALA D 378 40.54 3.99 23.53
N ALA D 379 41.81 3.60 23.34
CA ALA D 379 42.11 2.43 22.54
C ALA D 379 41.56 1.16 23.17
N GLN D 380 41.64 1.05 24.51
CA GLN D 380 41.04 -0.10 25.20
C GLN D 380 39.53 -0.12 25.02
N VAL D 381 38.89 1.04 25.10
CA VAL D 381 37.44 1.11 24.90
C VAL D 381 37.07 0.69 23.49
N LEU D 382 37.82 1.15 22.50
CA LEU D 382 37.51 0.81 21.11
C LEU D 382 37.78 -0.67 20.82
N GLY D 383 38.68 -1.30 21.56
CA GLY D 383 39.04 -2.67 21.29
C GLY D 383 40.11 -2.85 20.23
N VAL D 384 40.96 -1.85 20.03
CA VAL D 384 42.03 -1.94 19.05
C VAL D 384 43.37 -1.96 19.78
N ASP D 385 44.45 -2.16 19.02
CA ASP D 385 45.77 -2.24 19.61
C ASP D 385 46.86 -1.51 18.83
N ASP D 386 46.54 -0.93 17.67
CA ASP D 386 47.55 -0.30 16.83
C ASP D 386 47.64 1.21 17.03
N GLN D 387 46.92 1.77 17.99
CA GLN D 387 46.92 3.21 18.20
C GLN D 387 46.89 3.50 19.70
N GLY D 388 47.20 4.75 20.04
CA GLY D 388 47.17 5.25 21.40
C GLY D 388 48.54 5.52 21.99
N VAL D 389 49.58 4.88 21.45
CA VAL D 389 50.94 5.06 21.94
C VAL D 389 51.88 5.26 20.76
N LEU D 390 53.01 5.91 21.05
CA LEU D 390 54.05 6.11 20.04
C LEU D 390 55.12 5.04 20.19
N GLU D 391 54.73 3.82 19.85
CA GLU D 391 55.57 2.64 19.92
C GLU D 391 55.77 2.07 18.53
N PRO D 392 56.85 1.32 18.30
CA PRO D 392 57.06 0.70 16.99
C PRO D 392 55.91 -0.22 16.61
N GLY D 393 55.55 -0.19 15.34
CA GLY D 393 54.44 -0.98 14.83
C GLY D 393 53.07 -0.35 14.97
N LYS D 394 52.99 0.81 15.62
CA LYS D 394 51.72 1.50 15.80
C LYS D 394 51.50 2.52 14.69
N ARG D 395 50.25 2.97 14.55
CA ARG D 395 49.93 4.00 13.57
C ARG D 395 50.61 5.31 13.95
N ALA D 396 50.98 6.07 12.91
CA ALA D 396 51.69 7.34 13.11
C ALA D 396 50.68 8.48 13.19
N ASP D 397 50.04 8.59 14.35
CA ASP D 397 49.12 9.68 14.66
C ASP D 397 49.79 10.54 15.72
N VAL D 398 50.43 11.62 15.30
CA VAL D 398 51.22 12.48 16.17
C VAL D 398 50.68 13.89 16.10
N ILE D 399 50.60 14.56 17.26
CA ILE D 399 50.24 15.96 17.34
C ILE D 399 51.26 16.66 18.24
N ALA D 400 51.23 18.00 18.20
CA ALA D 400 52.16 18.80 18.99
C ALA D 400 51.45 20.03 19.51
N LEU D 401 51.89 20.50 20.67
CA LEU D 401 51.34 21.68 21.32
C LEU D 401 52.44 22.69 21.60
N ALA D 402 52.06 23.96 21.62
CA ALA D 402 53.03 25.02 21.91
C ALA D 402 53.48 24.95 23.36
N GLY D 403 52.54 24.80 24.30
CA GLY D 403 52.85 24.80 25.71
C GLY D 403 52.84 23.41 26.31
N ASN D 404 52.93 23.37 27.64
CA ASN D 404 52.94 22.12 28.39
C ASN D 404 51.63 21.96 29.14
N PRO D 405 50.82 20.95 28.84
CA PRO D 405 49.53 20.80 29.52
C PRO D 405 49.64 20.31 30.94
N LEU D 406 50.76 19.68 31.32
CA LEU D 406 50.89 19.14 32.66
C LEU D 406 50.92 20.23 33.73
N GLU D 407 51.35 21.44 33.37
CA GLU D 407 51.32 22.58 34.27
C GLU D 407 50.16 23.53 33.99
N ASP D 408 49.86 23.78 32.72
CA ASP D 408 48.73 24.63 32.33
C ASP D 408 47.90 23.85 31.31
N ILE D 409 46.76 23.31 31.74
CA ILE D 409 45.92 22.49 30.88
C ILE D 409 45.34 23.28 29.72
N ASN D 410 45.42 24.61 29.77
CA ASN D 410 44.92 25.43 28.66
C ASN D 410 45.75 25.30 27.40
N ALA D 411 46.92 24.65 27.48
CA ALA D 411 47.77 24.45 26.31
C ALA D 411 47.17 23.46 25.32
N VAL D 412 46.13 22.72 25.69
CA VAL D 412 45.48 21.81 24.76
C VAL D 412 44.66 22.54 23.70
N LEU D 413 44.41 23.83 23.89
CA LEU D 413 43.61 24.61 22.96
C LEU D 413 44.44 25.20 21.82
N ASP D 414 45.75 24.92 21.77
CA ASP D 414 46.64 25.44 20.73
C ASP D 414 47.44 24.28 20.17
N VAL D 415 46.92 23.65 19.11
CA VAL D 415 47.58 22.54 18.45
C VAL D 415 48.32 23.08 17.22
N ARG D 416 49.61 22.79 17.14
CA ARG D 416 50.45 23.29 16.06
C ARG D 416 50.72 22.27 14.97
N PHE D 417 50.80 20.99 15.32
CA PHE D 417 51.16 19.93 14.38
C PHE D 417 50.09 18.86 14.43
N VAL D 418 49.70 18.35 13.25
CA VAL D 418 48.74 17.27 13.14
C VAL D 418 49.22 16.30 12.07
N MET D 419 49.42 15.05 12.45
CA MET D 419 49.75 13.98 11.52
C MET D 419 48.78 12.82 11.73
N LYS D 420 48.45 12.14 10.64
CA LYS D 420 47.53 11.01 10.71
C LYS D 420 47.94 9.97 9.68
N ASP D 421 48.30 8.78 10.15
CA ASP D 421 48.75 7.68 9.29
C ASP D 421 49.95 8.08 8.43
N GLY D 422 50.83 8.89 9.00
CA GLY D 422 52.02 9.33 8.30
C GLY D 422 51.83 10.50 7.36
N VAL D 423 50.63 11.07 7.28
CA VAL D 423 50.34 12.21 6.41
C VAL D 423 50.15 13.42 7.28
N ILE D 424 50.86 14.51 6.95
CA ILE D 424 50.80 15.74 7.72
C ILE D 424 49.66 16.60 7.20
N TYR D 425 48.73 16.96 8.09
CA TYR D 425 47.60 17.79 7.74
C TYR D 425 47.70 19.21 8.27
N LYS D 426 48.56 19.45 9.25
CA LYS D 426 48.72 20.78 9.82
C LYS D 426 50.16 20.92 10.30
N GLN D 427 50.87 21.93 9.79
CA GLN D 427 52.27 22.11 10.11
C GLN D 427 52.59 23.57 10.40
N PRO E 22 38.54 46.06 -0.38
CA PRO E 22 38.86 46.39 -1.78
C PRO E 22 40.20 45.81 -2.22
N VAL E 23 40.45 45.81 -3.53
CA VAL E 23 41.67 45.26 -4.09
C VAL E 23 41.83 45.81 -5.50
N ALA E 24 43.07 46.06 -5.90
CA ALA E 24 43.40 46.54 -7.23
C ALA E 24 44.16 45.44 -7.97
N VAL E 25 43.55 44.92 -9.03
CA VAL E 25 44.14 43.84 -9.83
C VAL E 25 44.79 44.47 -11.06
N GLN E 26 46.05 44.11 -11.29
CA GLN E 26 46.84 44.67 -12.38
C GLN E 26 47.04 43.61 -13.45
N CYS E 27 46.18 43.62 -14.47
CA CYS E 27 46.35 42.73 -15.61
C CYS E 27 47.40 43.29 -16.58
N GLY E 28 48.22 42.40 -17.11
CA GLY E 28 49.18 42.78 -18.12
C GLY E 28 48.53 42.98 -19.48
N ARG E 29 47.65 42.06 -19.86
CA ARG E 29 46.84 42.17 -21.07
C ARG E 29 45.40 41.82 -20.72
N LEU E 30 44.46 42.57 -21.29
CA LEU E 30 43.05 42.45 -20.98
C LEU E 30 42.27 42.06 -22.23
N PHE E 31 41.47 41.01 -22.12
CA PHE E 31 40.67 40.51 -23.24
C PHE E 31 39.27 41.10 -23.16
N ASP E 32 38.88 41.83 -24.20
CA ASP E 32 37.56 42.45 -24.25
C ASP E 32 36.58 41.48 -24.88
N ALA E 33 35.73 40.88 -24.05
CA ALA E 33 34.77 39.89 -24.54
C ALA E 33 33.71 40.52 -25.43
N ARG E 34 33.30 41.76 -25.14
CA ARG E 34 32.25 42.40 -25.92
C ARG E 34 32.65 42.61 -27.36
N SER E 35 33.94 42.86 -27.62
CA SER E 35 34.44 43.04 -28.97
C SER E 35 35.22 41.85 -29.49
N GLY E 36 36.08 41.26 -28.66
CA GLY E 36 36.85 40.10 -29.07
C GLY E 36 38.30 40.42 -29.38
N GLN E 37 38.83 41.46 -28.77
CA GLN E 37 40.18 41.92 -29.02
C GLN E 37 40.99 41.94 -27.73
N LEU E 38 42.30 41.79 -27.87
CA LEU E 38 43.22 41.86 -26.74
C LEU E 38 43.74 43.28 -26.60
N LYS E 39 43.41 43.93 -25.49
CA LYS E 39 43.81 45.31 -25.25
C LYS E 39 45.17 45.33 -24.54
N GLY E 40 45.57 46.50 -24.05
CA GLY E 40 46.83 46.66 -23.37
C GLY E 40 46.70 46.53 -21.86
N PRO E 41 47.69 47.03 -21.13
CA PRO E 41 47.64 46.94 -19.66
C PRO E 41 46.45 47.68 -19.09
N HIS E 42 45.93 47.15 -17.98
CA HIS E 42 44.76 47.71 -17.33
C HIS E 42 44.83 47.40 -15.84
N THR E 43 44.06 48.15 -15.06
CA THR E 43 43.98 47.96 -13.62
C THR E 43 42.52 47.83 -13.22
N LEU E 44 42.17 46.72 -12.57
CA LEU E 44 40.80 46.46 -12.14
C LEU E 44 40.62 46.86 -10.69
N LEU E 45 39.51 47.52 -10.41
CA LEU E 45 39.16 47.95 -9.04
C LEU E 45 37.95 47.14 -8.59
N VAL E 46 38.15 46.33 -7.55
CA VAL E 46 37.13 45.39 -7.06
C VAL E 46 36.75 45.77 -5.65
N ALA E 47 35.45 45.90 -5.41
CA ALA E 47 34.94 46.19 -4.08
C ALA E 47 33.51 45.67 -3.97
N ASP E 48 33.21 45.05 -2.82
CA ASP E 48 31.89 44.48 -2.54
C ASP E 48 31.50 43.42 -3.57
N GLY E 49 32.50 42.73 -4.13
CA GLY E 49 32.24 41.65 -5.06
C GLY E 49 31.93 42.07 -6.48
N ARG E 50 32.03 43.36 -6.79
CA ARG E 50 31.70 43.87 -8.11
C ARG E 50 32.87 44.68 -8.66
N ILE E 51 32.94 44.76 -9.98
CA ILE E 51 33.92 45.61 -10.65
C ILE E 51 33.40 47.05 -10.65
N ARG E 52 34.23 47.98 -10.18
CA ARG E 52 33.83 49.38 -10.07
C ARG E 52 34.51 50.30 -11.06
N GLN E 53 35.75 49.99 -11.41
CA GLN E 53 36.52 50.90 -12.30
C GLN E 53 37.55 50.16 -13.14
N VAL E 54 37.60 50.46 -14.42
CA VAL E 54 38.62 49.94 -15.32
C VAL E 54 39.41 51.12 -15.85
N LEU E 55 40.69 51.20 -15.50
CA LEU E 55 41.55 52.31 -15.90
C LEU E 55 42.72 51.79 -16.71
N PRO E 56 42.91 52.26 -17.95
CA PRO E 56 44.05 51.81 -18.73
C PRO E 56 45.37 52.27 -18.13
N GLY E 57 46.36 51.39 -18.16
CA GLY E 57 47.66 51.68 -17.60
C GLY E 57 47.71 51.57 -16.09
N ALA E 65 44.00 49.87 -0.35
CA ALA E 65 43.88 49.17 -1.62
C ALA E 65 45.08 48.27 -1.86
N ARG E 66 44.87 46.97 -1.67
CA ARG E 66 45.93 46.01 -1.92
C ARG E 66 46.17 45.87 -3.43
N VAL E 67 47.34 45.35 -3.78
CA VAL E 67 47.76 45.21 -5.16
C VAL E 67 48.03 43.75 -5.47
N VAL E 68 47.39 43.23 -6.52
CA VAL E 68 47.66 41.90 -7.04
C VAL E 68 48.37 42.07 -8.37
N ASP E 69 49.61 41.59 -8.44
CA ASP E 69 50.47 41.82 -9.60
C ASP E 69 50.32 40.66 -10.58
N LEU E 70 49.68 40.91 -11.71
CA LEU E 70 49.53 39.94 -12.78
C LEU E 70 49.99 40.53 -14.10
N GLY E 71 51.09 41.28 -14.07
CA GLY E 71 51.60 41.91 -15.29
C GLY E 71 52.18 40.95 -16.30
N ASP E 72 52.45 39.71 -15.90
CA ASP E 72 52.99 38.69 -16.80
C ASP E 72 51.90 37.80 -17.40
N LYS E 73 50.64 37.99 -16.99
CA LYS E 73 49.55 37.10 -17.38
C LYS E 73 48.50 37.83 -18.20
N VAL E 74 47.83 37.08 -19.06
CA VAL E 74 46.66 37.58 -19.79
C VAL E 74 45.44 37.45 -18.89
N CYS E 75 44.71 38.55 -18.74
CA CYS E 75 43.68 38.68 -17.72
C CYS E 75 42.30 38.63 -18.38
N LEU E 76 41.53 37.61 -18.04
CA LEU E 76 40.31 37.22 -18.71
C LEU E 76 39.13 37.16 -17.74
N PRO E 77 37.91 37.25 -18.24
CA PRO E 77 36.73 36.96 -17.40
C PRO E 77 36.58 35.47 -17.16
N GLY E 78 35.86 35.14 -16.09
CA GLY E 78 35.65 33.74 -15.73
C GLY E 78 34.77 33.04 -16.75
N TRP E 79 35.07 31.77 -16.99
CA TRP E 79 34.38 30.98 -18.00
C TRP E 79 33.10 30.38 -17.44
N THR E 80 32.18 30.06 -18.37
CA THR E 80 30.92 29.40 -18.04
C THR E 80 30.78 28.16 -18.91
N ASP E 81 30.52 27.02 -18.26
CA ASP E 81 30.25 25.76 -18.94
C ASP E 81 28.75 25.50 -18.90
N LEU E 82 28.12 25.45 -20.06
CA LEU E 82 26.67 25.39 -20.14
C LEU E 82 26.11 23.98 -20.12
N HIS E 83 26.96 22.95 -20.01
CA HIS E 83 26.47 21.58 -19.99
C HIS E 83 27.42 20.75 -19.13
N VAL E 84 27.06 20.57 -17.85
CA VAL E 84 27.83 19.73 -16.93
C VAL E 84 26.86 18.86 -16.14
N HIS E 85 27.40 17.79 -15.55
CA HIS E 85 26.68 16.91 -14.63
C HIS E 85 27.59 16.68 -13.44
N LEU E 86 27.50 17.56 -12.44
CA LEU E 86 28.43 17.53 -11.32
C LEU E 86 28.17 16.37 -10.36
N GLY E 87 27.01 15.72 -10.46
CA GLY E 87 26.66 14.63 -9.57
C GLY E 87 27.07 13.25 -10.05
N SER E 88 27.85 13.15 -11.11
CA SER E 88 28.27 11.85 -11.62
C SER E 88 29.52 12.01 -12.47
N GLN E 89 30.21 10.89 -12.69
CA GLN E 89 31.35 10.83 -13.59
C GLN E 89 31.42 9.43 -14.16
N SER E 90 31.43 9.34 -15.49
CA SER E 90 31.36 8.03 -16.15
C SER E 90 32.59 7.19 -15.85
N SER E 91 32.38 5.88 -15.77
CA SER E 91 33.42 4.93 -15.40
C SER E 91 32.98 3.55 -15.89
N PRO E 92 33.88 2.56 -15.83
CA PRO E 92 33.47 1.20 -16.21
C PRO E 92 32.36 0.63 -15.34
N GLN E 93 32.17 1.14 -14.13
CA GLN E 93 31.15 0.63 -13.21
C GLN E 93 29.93 1.55 -13.11
N SER E 94 29.76 2.47 -14.06
CA SER E 94 28.74 3.49 -13.92
C SER E 94 27.33 2.88 -13.88
N TYR E 95 27.06 1.89 -14.74
CA TYR E 95 25.71 1.36 -14.82
C TYR E 95 25.36 0.51 -13.61
N SER E 96 26.35 -0.12 -12.99
CA SER E 96 26.07 -0.94 -11.81
C SER E 96 25.82 -0.08 -10.57
N GLU E 97 26.53 1.05 -10.45
CA GLU E 97 26.39 1.89 -9.26
C GLU E 97 25.18 2.81 -9.37
N ASP E 98 24.02 2.23 -9.68
CA ASP E 98 22.75 2.90 -9.59
C ASP E 98 21.79 2.18 -8.66
N PHE E 99 22.13 0.96 -8.25
CA PHE E 99 21.36 0.19 -7.30
C PHE E 99 22.11 -0.05 -5.99
N ARG E 100 23.37 0.35 -5.89
CA ARG E 100 24.17 0.18 -4.69
C ARG E 100 24.50 1.48 -3.98
N LEU E 101 24.72 2.57 -4.71
CA LEU E 101 25.14 3.83 -4.10
C LEU E 101 23.95 4.70 -3.74
N ASP E 102 24.08 5.43 -2.64
CA ASP E 102 23.11 6.38 -2.14
C ASP E 102 23.49 7.79 -2.55
N PRO E 103 22.55 8.74 -2.50
CA PRO E 103 22.88 10.13 -2.87
C PRO E 103 23.95 10.76 -2.01
N VAL E 104 24.18 10.28 -0.79
CA VAL E 104 25.20 10.88 0.07
C VAL E 104 26.59 10.62 -0.48
N ASP E 105 26.83 9.45 -1.04
CA ASP E 105 28.12 9.16 -1.66
C ASP E 105 28.35 10.04 -2.88
N HIS E 106 27.31 10.26 -3.69
CA HIS E 106 27.42 11.17 -4.81
C HIS E 106 27.70 12.59 -4.33
N ALA E 107 27.08 12.99 -3.22
CA ALA E 107 27.35 14.31 -2.66
C ALA E 107 28.79 14.44 -2.21
N PHE E 108 29.34 13.37 -1.63
CA PHE E 108 30.74 13.41 -1.19
C PHE E 108 31.70 13.47 -2.37
N ARG E 109 31.35 12.86 -3.49
CA ARG E 109 32.20 12.97 -4.69
C ARG E 109 32.06 14.34 -5.36
N ALA E 110 30.88 14.93 -5.32
CA ALA E 110 30.63 16.21 -5.96
C ALA E 110 31.47 17.33 -5.35
N VAL E 111 31.91 17.20 -4.11
CA VAL E 111 32.76 18.22 -3.50
C VAL E 111 34.07 18.35 -4.27
N GLY E 112 34.75 17.22 -4.49
CA GLY E 112 35.97 17.25 -5.26
C GLY E 112 35.73 17.61 -6.71
N TYR E 113 34.63 17.13 -7.29
CA TYR E 113 34.32 17.50 -8.66
C TYR E 113 34.17 19.02 -8.81
N ALA E 114 33.46 19.65 -7.88
CA ALA E 114 33.23 21.09 -7.95
C ALA E 114 34.50 21.88 -7.72
N GLU E 115 35.33 21.44 -6.77
CA GLU E 115 36.60 22.12 -6.56
C GLU E 115 37.49 22.04 -7.80
N LYS E 116 37.54 20.87 -8.43
CA LYS E 116 38.33 20.74 -9.66
C LYS E 116 37.79 21.64 -10.77
N THR E 117 36.46 21.70 -10.91
CA THR E 117 35.87 22.56 -11.93
C THR E 117 36.21 24.02 -11.69
N LEU E 118 36.10 24.49 -10.45
CA LEU E 118 36.42 25.89 -10.15
C LEU E 118 37.90 26.18 -10.38
N MET E 119 38.78 25.25 -9.99
CA MET E 119 40.21 25.47 -10.20
C MET E 119 40.61 25.42 -11.67
N ALA E 120 39.83 24.74 -12.51
CA ALA E 120 40.14 24.73 -13.94
C ALA E 120 39.87 26.07 -14.61
N GLY E 121 39.20 27.00 -13.95
CA GLY E 121 38.95 28.33 -14.49
C GLY E 121 37.50 28.64 -14.76
N PHE E 122 36.58 27.75 -14.43
CA PHE E 122 35.16 27.93 -14.71
C PHE E 122 34.45 28.38 -13.43
N THR E 123 34.04 29.65 -13.40
CA THR E 123 33.39 30.24 -12.25
C THR E 123 31.87 30.11 -12.29
N SER E 124 31.31 29.54 -13.35
CA SER E 124 29.87 29.39 -13.48
C SER E 124 29.59 28.17 -14.36
N VAL E 125 28.55 27.42 -14.01
CA VAL E 125 28.15 26.24 -14.78
C VAL E 125 26.63 26.14 -14.81
N ARG E 126 26.13 25.44 -15.83
CA ARG E 126 24.71 25.11 -15.94
C ARG E 126 24.57 23.59 -15.84
N ASP E 127 24.02 23.12 -14.72
CA ASP E 127 23.83 21.70 -14.51
C ASP E 127 22.52 21.25 -15.16
N LEU E 128 22.61 20.24 -16.02
CA LEU E 128 21.50 19.83 -16.87
C LEU E 128 20.95 18.45 -16.50
N GLY E 129 20.87 18.15 -15.21
CA GLY E 129 20.29 16.91 -14.76
C GLY E 129 20.92 16.32 -13.52
N GLY E 130 20.09 15.91 -12.56
CA GLY E 130 20.58 15.35 -11.31
C GLY E 130 19.92 15.97 -10.09
N GLU E 131 19.68 15.18 -9.05
CA GLU E 131 19.01 15.66 -7.84
C GLU E 131 19.96 16.16 -6.77
N VAL E 132 21.26 15.91 -6.90
CA VAL E 132 22.19 16.37 -5.87
C VAL E 132 22.62 17.81 -6.15
N SER E 133 22.54 18.24 -7.40
CA SER E 133 23.08 19.55 -7.78
C SER E 133 22.41 20.75 -7.10
N PRO E 134 21.07 20.81 -6.94
CA PRO E 134 20.51 21.94 -6.18
C PRO E 134 21.02 22.03 -4.75
N HIS E 135 21.20 20.89 -4.09
CA HIS E 135 21.77 20.90 -2.74
C HIS E 135 23.21 21.38 -2.75
N LEU E 136 23.98 20.96 -3.76
CA LEU E 136 25.36 21.44 -3.88
C LEU E 136 25.40 22.94 -4.12
N ARG E 137 24.47 23.46 -4.94
CA ARG E 137 24.40 24.89 -5.17
C ARG E 137 24.08 25.64 -3.89
N ASP E 138 23.13 25.14 -3.10
CA ASP E 138 22.81 25.77 -1.83
C ASP E 138 23.98 25.74 -0.86
N ALA E 139 24.70 24.61 -0.83
CA ALA E 139 25.86 24.51 0.05
C ALA E 139 26.99 25.46 -0.37
N ILE E 140 27.22 25.59 -1.68
CA ILE E 140 28.27 26.50 -2.15
C ILE E 140 27.89 27.94 -1.86
N ASN E 141 26.62 28.30 -2.06
CA ASN E 141 26.20 29.67 -1.81
C ASN E 141 26.32 30.05 -0.34
N GLN E 142 26.18 29.08 0.56
CA GLN E 142 26.31 29.34 1.99
C GLN E 142 27.75 29.34 2.48
N GLY E 143 28.71 29.02 1.61
CA GLY E 143 30.10 28.98 2.02
C GLY E 143 30.56 27.69 2.66
N LEU E 144 29.74 26.63 2.61
CA LEU E 144 30.13 25.37 3.23
C LEU E 144 31.21 24.68 2.42
N VAL E 145 31.09 24.66 1.10
CA VAL E 145 32.08 24.05 0.22
C VAL E 145 32.41 25.04 -0.88
N ARG E 146 33.53 24.79 -1.56
CA ARG E 146 34.01 25.64 -2.63
C ARG E 146 33.60 25.09 -3.98
N GLY E 147 33.25 25.99 -4.90
CA GLY E 147 32.83 25.60 -6.23
C GLY E 147 32.37 26.80 -7.04
N PRO E 148 31.94 26.54 -8.27
CA PRO E 148 31.45 27.61 -9.13
C PRO E 148 30.00 27.97 -8.80
N ARG E 149 29.50 28.99 -9.51
CA ARG E 149 28.09 29.37 -9.42
C ARG E 149 27.26 28.45 -10.30
N ILE E 150 26.30 27.75 -9.70
CA ILE E 150 25.57 26.68 -10.36
C ILE E 150 24.16 27.16 -10.70
N PHE E 151 23.75 26.93 -11.94
CA PHE E 151 22.37 27.07 -12.38
C PHE E 151 21.85 25.67 -12.67
N ALA E 152 20.92 25.18 -11.86
CA ALA E 152 20.55 23.77 -11.84
C ALA E 152 19.16 23.56 -12.43
N ALA E 153 19.03 22.52 -13.26
CA ALA E 153 17.74 22.14 -13.83
C ALA E 153 17.00 21.10 -13.01
N GLY E 154 17.70 20.30 -12.22
CA GLY E 154 17.03 19.31 -11.39
C GLY E 154 16.74 18.06 -12.18
N LYS E 155 15.52 17.56 -12.05
CA LYS E 155 15.09 16.37 -12.76
C LYS E 155 14.76 16.69 -14.21
N SER E 156 15.24 15.85 -15.12
CA SER E 156 14.87 15.98 -16.52
C SER E 156 13.43 15.54 -16.74
N ILE E 157 12.80 16.08 -17.78
CA ILE E 157 11.42 15.76 -18.12
C ILE E 157 11.43 14.92 -19.40
N ALA E 158 10.78 13.76 -19.35
CA ALA E 158 10.76 12.83 -20.47
C ALA E 158 9.37 12.22 -20.59
N THR E 159 9.21 11.33 -21.56
CA THR E 159 8.01 10.54 -21.75
C THR E 159 8.28 9.09 -21.32
N THR E 160 7.27 8.25 -21.46
CA THR E 160 7.42 6.84 -21.10
C THR E 160 8.41 6.17 -22.06
N GLY E 161 9.44 5.56 -21.50
CA GLY E 161 10.50 4.98 -22.29
C GLY E 161 11.48 5.97 -22.87
N GLY E 162 11.44 7.22 -22.43
CA GLY E 162 12.31 8.25 -22.97
C GLY E 162 13.73 8.13 -22.46
N HIS E 163 14.59 9.02 -22.98
CA HIS E 163 16.00 8.98 -22.65
C HIS E 163 16.26 9.24 -21.17
N ALA E 164 15.40 10.03 -20.53
CA ALA E 164 15.56 10.37 -19.12
C ALA E 164 14.62 9.59 -18.21
N ASP E 165 13.97 8.54 -18.71
CA ASP E 165 13.09 7.74 -17.89
C ASP E 165 13.88 7.07 -16.78
N PRO E 166 13.56 7.29 -15.51
CA PRO E 166 14.39 6.76 -14.42
C PRO E 166 14.37 5.25 -14.29
N THR E 167 13.36 4.56 -14.83
CA THR E 167 13.25 3.11 -14.69
C THR E 167 13.46 2.38 -16.01
N ASN E 168 14.27 2.95 -16.90
CA ASN E 168 14.58 2.27 -18.16
C ASN E 168 15.49 1.09 -17.91
N GLY E 169 15.09 -0.09 -18.39
CA GLY E 169 15.91 -1.27 -18.32
C GLY E 169 15.74 -2.13 -17.08
N TRP E 170 14.94 -1.71 -16.11
CA TRP E 170 14.74 -2.49 -14.90
C TRP E 170 13.92 -3.75 -15.21
N ASN E 171 14.18 -4.81 -14.46
CA ASN E 171 13.39 -6.01 -14.62
C ASN E 171 11.98 -5.79 -14.08
N GLU E 172 11.05 -6.64 -14.51
CA GLU E 172 9.64 -6.38 -14.25
C GLU E 172 9.31 -6.39 -12.76
N ARG E 173 10.09 -7.09 -11.95
CA ARG E 173 9.86 -7.08 -10.51
C ARG E 173 10.11 -5.69 -9.92
N LEU E 174 11.27 -5.11 -10.23
CA LEU E 174 11.58 -3.78 -9.72
C LEU E 174 10.60 -2.74 -10.24
N ALA E 175 10.24 -2.83 -11.51
CA ALA E 175 9.28 -1.89 -12.08
C ALA E 175 7.92 -2.02 -11.41
N HIS E 176 7.51 -3.25 -11.09
CA HIS E 176 6.24 -3.45 -10.40
C HIS E 176 6.27 -2.86 -9.00
N LEU E 177 7.36 -3.09 -8.26
CA LEU E 177 7.43 -2.54 -6.91
C LEU E 177 7.47 -1.01 -6.93
N VAL E 178 8.28 -0.42 -7.80
CA VAL E 178 8.44 1.03 -7.80
C VAL E 178 7.27 1.75 -8.45
N GLY E 179 6.45 1.05 -9.23
CA GLY E 179 5.32 1.67 -9.91
C GLY E 179 5.74 2.43 -11.14
N ALA E 180 4.75 2.78 -11.96
CA ALA E 180 5.01 3.54 -13.17
C ALA E 180 5.27 5.00 -12.81
N PRO E 181 6.38 5.59 -13.27
CA PRO E 181 6.66 6.99 -12.92
C PRO E 181 5.66 7.95 -13.55
N GLY E 182 5.45 9.06 -12.86
CA GLY E 182 4.52 10.07 -13.32
C GLY E 182 5.15 11.45 -13.35
N PRO E 183 4.31 12.50 -13.37
CA PRO E 183 4.84 13.86 -13.43
C PRO E 183 5.75 14.24 -12.27
N ALA E 184 5.47 13.74 -11.06
CA ALA E 184 6.33 14.04 -9.93
C ALA E 184 7.72 13.46 -10.11
N GLU E 185 7.83 12.37 -10.87
CA GLU E 185 9.12 11.78 -11.21
C GLU E 185 9.69 12.33 -12.50
N GLY E 186 8.93 13.13 -13.25
CA GLY E 186 9.41 13.74 -14.46
C GLY E 186 8.97 13.08 -15.76
N VAL E 187 8.04 12.13 -15.71
CA VAL E 187 7.59 11.40 -16.89
C VAL E 187 6.18 11.86 -17.22
N VAL E 188 6.02 12.45 -18.41
CA VAL E 188 4.75 13.05 -18.81
C VAL E 188 4.30 12.46 -20.13
N ASN E 189 2.99 12.45 -20.34
CA ASN E 189 2.43 11.93 -21.58
C ASN E 189 1.27 12.77 -22.10
N SER E 190 1.06 13.97 -21.57
CA SER E 190 -0.01 14.84 -22.03
C SER E 190 0.35 16.28 -21.68
N VAL E 191 -0.54 17.21 -22.05
CA VAL E 191 -0.31 18.63 -21.81
C VAL E 191 -0.42 18.95 -20.32
N ASP E 192 -1.46 18.44 -19.67
CA ASP E 192 -1.66 18.70 -18.25
C ASP E 192 -0.53 18.09 -17.41
N GLU E 193 -0.08 16.90 -17.78
CA GLU E 193 1.04 16.27 -17.08
C GLU E 193 2.32 17.08 -17.24
N ALA E 194 2.53 17.65 -18.43
CA ALA E 194 3.70 18.50 -18.64
C ALA E 194 3.64 19.76 -17.79
N ARG E 195 2.46 20.38 -17.70
CA ARG E 195 2.29 21.54 -16.83
C ARG E 195 2.59 21.19 -15.37
N GLN E 196 2.07 20.05 -14.92
CA GLN E 196 2.32 19.62 -13.54
C GLN E 196 3.80 19.32 -13.31
N ALA E 197 4.48 18.76 -14.31
CA ALA E 197 5.90 18.47 -14.17
C ALA E 197 6.73 19.75 -14.06
N VAL E 198 6.41 20.76 -14.87
CA VAL E 198 7.12 22.04 -14.76
C VAL E 198 6.89 22.65 -13.38
N ARG E 199 5.64 22.60 -12.90
CA ARG E 199 5.36 23.14 -11.57
C ARG E 199 6.08 22.35 -10.47
N GLN E 200 6.22 21.03 -10.65
CA GLN E 200 6.94 20.22 -9.68
C GLN E 200 8.42 20.56 -9.65
N ARG E 201 9.02 20.81 -10.82
CA ARG E 201 10.41 21.25 -10.85
C ARG E 201 10.57 22.61 -10.19
N TYR E 202 9.62 23.52 -10.42
CA TYR E 202 9.66 24.81 -9.73
C TYR E 202 9.58 24.63 -8.22
N LYS E 203 8.71 23.72 -7.77
CA LYS E 203 8.55 23.47 -6.34
C LYS E 203 9.83 22.93 -5.70
N GLU E 204 10.60 22.14 -6.44
CA GLU E 204 11.81 21.53 -5.90
C GLU E 204 13.02 22.45 -5.95
N GLY E 205 12.88 23.66 -6.47
CA GLY E 205 13.96 24.63 -6.44
C GLY E 205 14.87 24.60 -7.66
N SER E 206 14.29 24.50 -8.84
CA SER E 206 15.06 24.48 -10.07
C SER E 206 15.21 25.89 -10.63
N ASP E 207 16.25 26.08 -11.44
CA ASP E 207 16.51 27.35 -12.09
C ASP E 207 16.11 27.36 -13.56
N LEU E 208 15.96 26.20 -14.18
CA LEU E 208 15.55 26.09 -15.58
C LEU E 208 14.94 24.70 -15.78
N ILE E 209 14.57 24.42 -17.02
CA ILE E 209 13.93 23.15 -17.36
C ILE E 209 14.75 22.42 -18.43
N KCX E 210 14.92 21.10 -18.26
CA KCX E 210 15.58 20.27 -19.26
CB KCX E 210 16.87 19.70 -18.70
CG KCX E 210 18.09 19.91 -19.59
CD KCX E 210 18.19 18.88 -20.71
CE KCX E 210 19.12 17.76 -20.34
NZ KCX E 210 19.73 17.11 -21.53
C KCX E 210 14.67 19.15 -19.73
O KCX E 210 14.11 18.41 -18.92
CX KCX E 210 20.94 16.56 -21.49
OQ1 KCX E 210 21.42 16.04 -22.49
OQ2 KCX E 210 21.58 16.58 -20.43
N ILE E 211 14.52 19.01 -21.04
CA ILE E 211 13.75 17.91 -21.62
C ILE E 211 14.62 17.10 -22.58
N THR E 212 14.26 15.84 -22.79
CA THR E 212 14.93 14.96 -23.75
C THR E 212 13.97 14.77 -24.93
N ALA E 213 14.21 15.50 -26.01
CA ALA E 213 13.30 15.48 -27.16
C ALA E 213 13.42 14.19 -27.97
N THR E 214 14.61 13.60 -28.03
CA THR E 214 14.79 12.33 -28.73
C THR E 214 15.41 11.30 -27.80
N GLY E 215 15.76 10.13 -28.34
CA GLY E 215 16.49 9.16 -27.57
C GLY E 215 17.95 9.52 -27.45
N GLY E 216 18.66 8.75 -26.63
CA GLY E 216 20.05 9.04 -26.38
C GLY E 216 21.00 7.95 -26.81
N VAL E 217 22.26 8.07 -26.41
CA VAL E 217 23.26 7.06 -26.73
C VAL E 217 23.79 6.33 -25.49
N LEU E 218 23.62 6.87 -24.29
CA LEU E 218 24.16 6.28 -23.08
C LEU E 218 23.08 5.68 -22.19
N SER E 219 21.81 5.80 -22.56
CA SER E 219 20.74 5.22 -21.78
C SER E 219 20.52 3.76 -22.16
N TYR E 220 19.82 3.03 -21.28
CA TYR E 220 19.52 1.62 -21.50
C TYR E 220 18.19 1.50 -22.26
N ALA E 221 18.26 1.87 -23.54
CA ALA E 221 17.08 1.85 -24.41
C ALA E 221 17.54 1.49 -25.83
N ARG E 222 16.57 1.37 -26.73
CA ARG E 222 16.84 0.92 -28.10
C ARG E 222 17.11 2.09 -29.04
N SER E 223 16.17 3.03 -29.14
CA SER E 223 16.29 4.12 -30.10
C SER E 223 17.19 5.22 -29.56
N GLY E 224 17.80 5.96 -30.49
CA GLY E 224 18.66 7.07 -30.14
C GLY E 224 18.34 8.33 -30.90
N ASP E 225 17.53 8.23 -31.95
CA ASP E 225 17.14 9.40 -32.74
C ASP E 225 15.66 9.34 -33.11
N ALA E 226 14.80 8.87 -32.18
CA ALA E 226 13.39 8.87 -32.56
C ALA E 226 12.65 10.00 -31.86
N PRO E 227 11.61 10.56 -32.48
CA PRO E 227 10.86 11.65 -31.83
C PRO E 227 10.08 11.12 -30.64
N GLN E 228 10.34 11.69 -29.47
CA GLN E 228 9.74 11.21 -28.23
C GLN E 228 8.79 12.21 -27.59
N PHE E 229 8.74 13.43 -28.10
CA PHE E 229 7.77 14.44 -27.66
C PHE E 229 6.92 14.85 -28.85
N THR E 230 5.65 15.12 -28.60
CA THR E 230 4.83 15.77 -29.61
C THR E 230 4.99 17.28 -29.48
N VAL E 231 4.63 17.99 -30.55
CA VAL E 231 4.78 19.45 -30.55
C VAL E 231 3.93 20.08 -29.46
N ASP E 232 2.74 19.54 -29.23
CA ASP E 232 1.85 20.09 -28.21
C ASP E 232 2.45 19.95 -26.82
N GLU E 233 3.08 18.82 -26.52
CA GLU E 233 3.70 18.63 -25.21
C GLU E 233 4.86 19.61 -24.99
N ILE E 234 5.70 19.80 -25.99
CA ILE E 234 6.80 20.75 -25.85
C ILE E 234 6.27 22.17 -25.73
N LYS E 235 5.23 22.51 -26.47
CA LYS E 235 4.64 23.84 -26.36
C LYS E 235 4.06 24.07 -24.97
N ALA E 236 3.42 23.04 -24.40
CA ALA E 236 2.91 23.15 -23.04
C ALA E 236 4.04 23.35 -22.05
N VAL E 237 5.14 22.62 -22.22
CA VAL E 237 6.29 22.77 -21.32
C VAL E 237 6.83 24.20 -21.41
N VAL E 238 7.02 24.70 -22.63
CA VAL E 238 7.58 26.04 -22.82
C VAL E 238 6.65 27.10 -22.25
N ASP E 239 5.34 26.96 -22.49
CA ASP E 239 4.38 27.94 -21.99
C ASP E 239 4.32 27.96 -20.47
N THR E 240 4.34 26.78 -19.83
CA THR E 240 4.37 26.75 -18.38
C THR E 240 5.67 27.32 -17.84
N ALA E 241 6.80 27.01 -18.47
CA ALA E 241 8.09 27.50 -17.99
C ALA E 241 8.21 29.01 -18.13
N ARG E 242 7.58 29.60 -19.14
CA ARG E 242 7.64 31.04 -19.32
C ARG E 242 6.95 31.78 -18.18
N ASP E 243 5.94 31.17 -17.56
CA ASP E 243 5.24 31.82 -16.45
C ASP E 243 6.15 31.98 -15.23
N TYR E 244 7.00 30.99 -14.97
CA TYR E 244 7.86 30.98 -13.80
C TYR E 244 9.24 31.56 -14.09
N GLY E 245 9.44 32.13 -15.28
CA GLY E 245 10.72 32.73 -15.62
C GLY E 245 11.81 31.75 -16.00
N PHE E 246 11.45 30.54 -16.43
CA PHE E 246 12.42 29.52 -16.76
C PHE E 246 12.72 29.51 -18.25
N ARG E 247 13.90 28.99 -18.58
CA ARG E 247 14.30 28.68 -19.94
C ARG E 247 14.38 27.17 -20.10
N VAL E 248 14.22 26.70 -21.34
CA VAL E 248 14.14 25.28 -21.64
C VAL E 248 15.31 24.89 -22.52
N ALA E 249 16.02 23.83 -22.12
CA ALA E 249 17.08 23.23 -22.92
C ALA E 249 16.66 21.84 -23.36
N ALA E 250 16.86 21.54 -24.64
CA ALA E 250 16.37 20.30 -25.23
C ALA E 250 17.52 19.42 -25.71
N HIS E 251 17.55 18.19 -25.19
CA HIS E 251 18.42 17.14 -25.70
C HIS E 251 17.82 16.59 -26.99
N ALA E 252 18.63 16.55 -28.06
CA ALA E 252 18.12 16.12 -29.36
C ALA E 252 19.26 15.64 -30.23
N HIS E 253 19.18 14.39 -30.69
CA HIS E 253 20.10 13.85 -31.68
C HIS E 253 19.45 13.78 -33.07
N GLY E 254 18.25 13.22 -33.16
CA GLY E 254 17.59 13.07 -34.44
C GLY E 254 17.00 14.37 -34.97
N THR E 255 16.65 14.34 -36.25
CA THR E 255 16.23 15.55 -36.95
C THR E 255 14.79 15.93 -36.61
N GLU E 256 13.89 14.96 -36.49
CA GLU E 256 12.48 15.28 -36.29
C GLU E 256 12.22 15.83 -34.90
N GLY E 257 12.83 15.23 -33.87
CA GLY E 257 12.69 15.77 -32.53
C GLY E 257 13.34 17.14 -32.38
N MET E 258 14.50 17.33 -33.03
CA MET E 258 15.14 18.63 -33.03
C MET E 258 14.25 19.68 -33.67
N LYS E 259 13.62 19.33 -34.80
CA LYS E 259 12.71 20.25 -35.48
C LYS E 259 11.52 20.60 -34.60
N ARG E 260 10.93 19.59 -33.93
CA ARG E 260 9.79 19.84 -33.07
C ARG E 260 10.18 20.76 -31.91
N ALA E 261 11.32 20.50 -31.28
CA ALA E 261 11.77 21.33 -30.16
C ALA E 261 12.05 22.76 -30.61
N VAL E 262 12.68 22.93 -31.78
CA VAL E 262 12.97 24.27 -32.28
C VAL E 262 11.68 25.02 -32.58
N GLN E 263 10.71 24.35 -33.21
CA GLN E 263 9.46 25.02 -33.55
C GLN E 263 8.63 25.35 -32.32
N ALA E 264 8.73 24.54 -31.27
CA ALA E 264 7.97 24.82 -30.05
C ALA E 264 8.54 26.01 -29.28
N GLY E 265 9.81 26.34 -29.47
CA GLY E 265 10.36 27.54 -28.88
C GLY E 265 11.32 27.35 -27.73
N VAL E 266 12.14 26.30 -27.76
CA VAL E 266 13.14 26.12 -26.72
C VAL E 266 14.26 27.13 -26.88
N THR E 267 15.04 27.29 -25.82
CA THR E 267 16.10 28.30 -25.81
C THR E 267 17.39 27.77 -26.44
N SER E 268 17.74 26.52 -26.18
CA SER E 268 18.97 25.95 -26.70
C SER E 268 18.75 24.50 -27.08
N ILE E 269 19.60 24.01 -27.98
CA ILE E 269 19.60 22.63 -28.44
C ILE E 269 20.96 22.03 -28.13
N GLU E 270 20.98 20.88 -27.45
CA GLU E 270 22.20 20.21 -27.08
C GLU E 270 22.50 19.07 -28.06
N HIS E 271 23.80 18.87 -28.33
CA HIS E 271 24.31 17.83 -29.23
C HIS E 271 23.95 18.11 -30.68
N GLY E 272 22.71 17.86 -31.07
CA GLY E 272 22.26 18.14 -32.42
C GLY E 272 23.01 17.40 -33.50
N THR E 273 23.21 16.09 -33.32
CA THR E 273 24.13 15.34 -34.17
C THR E 273 23.65 15.28 -35.62
N TYR E 274 22.35 15.15 -35.85
CA TYR E 274 21.81 14.96 -37.18
C TYR E 274 21.10 16.21 -37.70
N MET E 275 21.68 17.37 -37.43
CA MET E 275 21.13 18.63 -37.94
C MET E 275 21.24 18.67 -39.47
N ASP E 276 20.19 19.16 -40.11
CA ASP E 276 20.19 19.33 -41.56
C ASP E 276 19.93 20.79 -41.91
N ASP E 277 19.73 21.06 -43.20
CA ASP E 277 19.57 22.43 -43.68
C ASP E 277 18.29 23.07 -43.14
N GLU E 278 17.18 22.34 -43.12
CA GLU E 278 15.92 22.91 -42.67
C GLU E 278 15.98 23.28 -41.19
N VAL E 279 16.56 22.40 -40.37
CA VAL E 279 16.70 22.71 -38.94
C VAL E 279 17.60 23.92 -38.75
N MET E 280 18.67 24.03 -39.56
CA MET E 280 19.54 25.20 -39.48
C MET E 280 18.79 26.48 -39.80
N ARG E 281 17.97 26.44 -40.86
CA ARG E 281 17.19 27.62 -41.22
C ARG E 281 16.22 28.00 -40.12
N LEU E 282 15.53 27.01 -39.54
CA LEU E 282 14.59 27.28 -38.46
C LEU E 282 15.31 27.85 -37.24
N MET E 283 16.48 27.32 -36.91
CA MET E 283 17.24 27.83 -35.77
C MET E 283 17.69 29.26 -36.00
N LYS E 284 18.17 29.57 -37.21
CA LYS E 284 18.58 30.94 -37.52
C LYS E 284 17.40 31.89 -37.46
N GLN E 285 16.23 31.45 -37.93
CA GLN E 285 15.04 32.31 -37.89
C GLN E 285 14.53 32.51 -36.46
N HIS E 286 14.63 31.49 -35.61
CA HIS E 286 14.11 31.55 -34.26
C HIS E 286 15.10 32.06 -33.23
N GLY E 287 16.38 32.19 -33.60
CA GLY E 287 17.38 32.63 -32.63
C GLY E 287 17.77 31.59 -31.61
N THR E 288 17.67 30.31 -31.96
CA THR E 288 18.02 29.24 -31.04
C THR E 288 19.53 29.11 -30.90
N TRP E 289 19.99 28.84 -29.68
CA TRP E 289 21.40 28.59 -29.41
C TRP E 289 21.72 27.11 -29.59
N TYR E 290 22.95 26.83 -29.98
CA TYR E 290 23.41 25.47 -30.24
C TYR E 290 24.63 25.18 -29.38
N VAL E 291 24.57 24.08 -28.62
CA VAL E 291 25.66 23.64 -27.76
C VAL E 291 26.10 22.25 -28.22
N PRO E 292 27.24 22.15 -28.91
CA PRO E 292 27.61 20.88 -29.56
C PRO E 292 28.18 19.79 -28.66
N THR E 293 28.95 20.16 -27.63
CA THR E 293 29.62 19.22 -26.73
C THR E 293 30.58 18.29 -27.50
N PHE E 294 31.65 18.90 -28.00
CA PHE E 294 32.71 18.14 -28.68
C PHE E 294 33.29 17.06 -27.77
N TYR E 295 33.52 17.41 -26.50
CA TYR E 295 34.27 16.55 -25.59
C TYR E 295 33.58 15.21 -25.38
N ALA E 296 32.25 15.22 -25.23
CA ALA E 296 31.54 13.98 -24.98
C ALA E 296 31.65 13.03 -26.16
N GLY E 297 31.51 13.55 -27.39
CA GLY E 297 31.66 12.71 -28.56
C GLY E 297 33.05 12.14 -28.71
N ARG E 298 34.07 12.99 -28.52
CA ARG E 298 35.45 12.51 -28.62
C ARG E 298 35.73 11.44 -27.58
N PHE E 299 35.31 11.68 -26.34
CA PHE E 299 35.55 10.74 -25.26
C PHE E 299 34.86 9.40 -25.53
N VAL E 300 33.61 9.44 -25.98
CA VAL E 300 32.84 8.17 -26.19
C VAL E 300 33.41 7.41 -27.39
N THR E 301 33.94 8.10 -28.40
CA THR E 301 34.56 7.36 -29.49
C THR E 301 35.92 6.78 -29.08
N GLU E 302 36.69 7.53 -28.28
CA GLU E 302 37.98 7.00 -27.83
C GLU E 302 37.77 5.80 -26.90
N LYS E 303 36.69 5.79 -26.13
CA LYS E 303 36.38 4.64 -25.31
C LYS E 303 35.57 3.62 -26.12
N ALA E 304 36.09 3.25 -27.30
CA ALA E 304 35.48 2.23 -28.12
C ALA E 304 36.53 1.21 -28.52
N ALA E 305 37.79 1.64 -28.60
CA ALA E 305 38.88 0.70 -28.80
C ALA E 305 39.06 -0.23 -27.60
N ILE E 306 38.70 0.24 -26.41
CA ILE E 306 38.71 -0.61 -25.23
C ILE E 306 37.60 -1.64 -25.34
N ASP E 307 37.94 -2.90 -25.08
CA ASP E 307 37.02 -4.00 -25.39
C ASP E 307 35.78 -3.94 -24.52
N GLY E 308 35.93 -4.10 -23.21
CA GLY E 308 34.79 -4.04 -22.31
C GLY E 308 34.69 -2.71 -21.58
N TYR E 309 33.78 -1.84 -22.03
CA TYR E 309 33.53 -0.58 -21.33
C TYR E 309 32.04 -0.26 -21.27
N PHE E 310 31.28 -0.74 -22.25
CA PHE E 310 29.88 -0.36 -22.38
C PHE E 310 29.00 -1.58 -22.49
N PRO E 311 27.75 -1.48 -22.02
CA PRO E 311 26.80 -2.59 -22.23
C PRO E 311 26.49 -2.78 -23.71
N GLU E 312 26.08 -4.01 -24.05
CA GLU E 312 25.82 -4.35 -25.44
C GLU E 312 24.65 -3.58 -26.02
N VAL E 313 23.80 -2.98 -25.18
CA VAL E 313 22.70 -2.16 -25.69
C VAL E 313 23.15 -0.74 -26.02
N VAL E 314 24.24 -0.29 -25.42
CA VAL E 314 24.70 1.08 -25.56
C VAL E 314 25.82 1.21 -26.58
N ARG E 315 26.70 0.20 -26.67
CA ARG E 315 27.90 0.33 -27.48
C ARG E 315 27.65 0.64 -28.95
N PRO E 316 26.70 0.00 -29.65
CA PRO E 316 26.46 0.42 -31.04
C PRO E 316 26.06 1.89 -31.17
N LYS E 317 25.22 2.40 -30.27
CA LYS E 317 24.83 3.80 -30.34
C LYS E 317 26.02 4.72 -30.09
N ALA E 318 26.87 4.36 -29.12
CA ALA E 318 28.04 5.16 -28.82
C ALA E 318 29.05 5.13 -29.96
N ALA E 319 29.16 4.02 -30.68
CA ALA E 319 30.05 3.96 -31.83
C ALA E 319 29.48 4.73 -33.02
N ARG E 320 28.16 4.78 -33.15
CA ARG E 320 27.55 5.40 -34.32
C ARG E 320 27.45 6.92 -34.18
N ILE E 321 26.91 7.40 -33.06
CA ILE E 321 26.55 8.81 -32.97
C ILE E 321 27.74 9.70 -32.62
N GLY E 322 28.75 9.15 -31.96
CA GLY E 322 29.89 9.95 -31.55
C GLY E 322 30.77 10.37 -32.72
N ALA E 323 31.48 11.48 -32.52
CA ALA E 323 32.46 12.03 -33.47
C ALA E 323 31.86 12.45 -34.80
N LEU E 324 30.53 12.33 -34.94
CA LEU E 324 29.82 12.98 -36.03
C LEU E 324 29.42 14.40 -35.67
N ILE E 325 29.63 14.80 -34.41
CA ILE E 325 29.27 16.13 -33.94
C ILE E 325 30.22 17.19 -34.50
N SER E 326 31.49 16.85 -34.68
CA SER E 326 32.48 17.83 -35.12
C SER E 326 32.12 18.44 -36.48
N GLN E 327 31.78 17.59 -37.45
CA GLN E 327 31.40 18.09 -38.77
C GLN E 327 30.10 18.87 -38.71
N THR E 328 29.13 18.39 -37.92
CA THR E 328 27.87 19.12 -37.79
C THR E 328 28.09 20.49 -37.17
N ALA E 329 28.93 20.58 -36.15
CA ALA E 329 29.21 21.88 -35.53
C ALA E 329 29.95 22.80 -36.47
N ALA E 330 30.91 22.28 -37.24
CA ALA E 330 31.61 23.10 -38.22
C ALA E 330 30.65 23.63 -39.28
N LYS E 331 29.77 22.77 -39.78
CA LYS E 331 28.78 23.19 -40.77
C LYS E 331 27.83 24.23 -40.19
N ALA E 332 27.40 24.05 -38.94
CA ALA E 332 26.53 25.02 -38.31
C ALA E 332 27.21 26.36 -38.14
N TYR E 333 28.49 26.35 -37.76
CA TYR E 333 29.21 27.62 -37.63
C TYR E 333 29.35 28.30 -38.99
N ARG E 334 29.63 27.53 -40.05
CA ARG E 334 29.73 28.12 -41.38
C ARG E 334 28.38 28.66 -41.85
N ASN E 335 27.28 28.04 -41.42
CA ASN E 335 25.94 28.45 -41.86
C ASN E 335 25.38 29.63 -41.07
N GLY E 336 26.00 30.01 -39.96
CA GLY E 336 25.56 31.15 -39.19
C GLY E 336 24.73 30.85 -37.96
N VAL E 337 24.72 29.62 -37.47
CA VAL E 337 23.99 29.28 -36.26
C VAL E 337 24.80 29.73 -35.05
N ARG E 338 24.12 30.38 -34.10
CA ARG E 338 24.79 30.84 -32.88
C ARG E 338 25.20 29.67 -32.01
N ILE E 339 26.46 29.68 -31.57
CA ILE E 339 27.07 28.56 -30.86
C ILE E 339 27.58 29.04 -29.51
N ALA E 340 27.33 28.25 -28.47
CA ALA E 340 27.77 28.54 -27.12
C ALA E 340 28.56 27.35 -26.58
N PHE E 341 29.25 27.59 -25.45
CA PHE E 341 30.23 26.64 -24.93
C PHE E 341 29.57 25.64 -23.99
N GLY E 342 29.80 24.36 -24.25
CA GLY E 342 29.33 23.30 -23.37
C GLY E 342 30.10 22.04 -23.64
N THR E 343 30.26 21.22 -22.60
CA THR E 343 31.14 20.05 -22.67
C THR E 343 30.47 18.71 -22.38
N ASN E 344 29.33 18.70 -21.69
CA ASN E 344 28.73 17.47 -21.18
C ASN E 344 29.67 16.75 -20.22
N GLN E 345 30.30 17.50 -19.34
CA GLN E 345 31.18 16.91 -18.34
C GLN E 345 30.38 16.10 -17.34
N GLY E 346 31.02 15.05 -16.82
CA GLY E 346 30.33 13.93 -16.20
C GLY E 346 30.36 12.69 -17.07
N VAL E 347 30.43 12.87 -18.38
CA VAL E 347 30.92 11.83 -19.27
C VAL E 347 32.44 11.81 -19.27
N GLY E 348 33.05 12.96 -19.53
CA GLY E 348 34.47 13.14 -19.33
C GLY E 348 34.80 13.51 -17.90
N PRO E 349 36.10 13.51 -17.59
CA PRO E 349 36.52 13.74 -16.19
C PRO E 349 36.49 15.22 -15.84
N HIS E 350 35.86 15.53 -14.70
CA HIS E 350 35.70 16.91 -14.27
C HIS E 350 37.07 17.57 -14.05
N GLY E 351 37.13 18.86 -14.34
CA GLY E 351 38.37 19.60 -14.29
C GLY E 351 39.15 19.64 -15.59
N ASP E 352 38.69 18.93 -16.62
CA ASP E 352 39.34 18.89 -17.92
C ASP E 352 38.50 19.59 -19.00
N ASN E 353 37.67 20.56 -18.58
CA ASN E 353 36.69 21.16 -19.48
C ASN E 353 37.34 22.02 -20.56
N ALA E 354 38.55 22.52 -20.34
CA ALA E 354 39.15 23.48 -21.25
C ALA E 354 39.66 22.86 -22.55
N ARG E 355 39.74 21.53 -22.65
CA ARG E 355 40.12 20.90 -23.90
C ARG E 355 39.07 21.09 -24.99
N GLU E 356 37.85 21.46 -24.59
CA GLU E 356 36.82 21.79 -25.57
C GLU E 356 37.20 23.00 -26.40
N PHE E 357 37.98 23.93 -25.83
CA PHE E 357 38.50 25.03 -26.63
C PHE E 357 39.39 24.53 -27.76
N VAL E 358 40.28 23.60 -27.45
CA VAL E 358 41.17 23.03 -28.45
C VAL E 358 40.38 22.26 -29.50
N TYR E 359 39.35 21.52 -29.07
CA TYR E 359 38.50 20.83 -30.02
C TYR E 359 37.75 21.80 -30.93
N MET E 360 37.27 22.91 -30.36
CA MET E 360 36.55 23.91 -31.15
C MET E 360 37.46 24.54 -32.19
N VAL E 361 38.68 24.91 -31.80
CA VAL E 361 39.60 25.55 -32.73
C VAL E 361 40.03 24.57 -33.82
N GLU E 362 40.17 23.30 -33.47
CA GLU E 362 40.57 22.29 -34.45
C GLU E 362 39.53 22.13 -35.55
N ALA E 363 38.27 22.42 -35.26
CA ALA E 363 37.18 22.24 -36.21
C ALA E 363 36.98 23.44 -37.13
N GLY E 364 37.72 24.53 -36.92
CA GLY E 364 37.64 25.70 -37.77
C GLY E 364 37.07 26.94 -37.12
N ILE E 365 36.58 26.84 -35.89
CA ILE E 365 36.05 28.01 -35.20
C ILE E 365 37.21 28.87 -34.71
N PRO E 366 37.19 30.19 -34.93
CA PRO E 366 38.31 31.04 -34.49
C PRO E 366 38.44 31.06 -32.98
N ALA E 367 39.67 31.33 -32.52
CA ALA E 367 39.96 31.33 -31.10
C ALA E 367 39.16 32.41 -30.37
N ALA E 368 39.06 33.59 -30.96
CA ALA E 368 38.33 34.69 -30.31
C ALA E 368 36.85 34.34 -30.16
N TYR E 369 36.25 33.74 -31.19
CA TYR E 369 34.85 33.32 -31.07
C TYR E 369 34.71 32.21 -30.05
N ALA E 370 35.67 31.30 -29.98
CA ALA E 370 35.61 30.23 -28.98
C ALA E 370 35.67 30.79 -27.56
N LEU E 371 36.47 31.83 -27.35
CA LEU E 371 36.51 32.47 -26.04
C LEU E 371 35.25 33.29 -25.77
N GLN E 372 34.66 33.89 -26.81
CA GLN E 372 33.43 34.65 -26.62
C GLN E 372 32.24 33.74 -26.33
N ALA E 373 32.26 32.51 -26.84
CA ALA E 373 31.17 31.57 -26.62
C ALA E 373 31.08 31.14 -25.15
N ALA E 374 32.12 31.36 -24.37
CA ALA E 374 32.12 30.98 -22.96
C ALA E 374 31.90 32.15 -22.00
N THR E 375 31.87 33.37 -22.53
CA THR E 375 31.76 34.57 -21.67
C THR E 375 30.50 35.36 -22.04
N VAL E 376 30.56 36.19 -23.09
CA VAL E 376 29.43 37.10 -23.46
C VAL E 376 28.21 36.30 -23.96
N HIS E 377 28.42 35.22 -24.73
CA HIS E 377 27.30 34.39 -25.26
C HIS E 377 26.67 33.53 -24.17
N ALA E 378 27.47 32.87 -23.34
CA ALA E 378 26.99 32.05 -22.23
C ALA E 378 26.07 32.85 -21.31
N ALA E 379 26.40 34.12 -21.08
CA ALA E 379 25.53 34.99 -20.28
C ALA E 379 24.20 35.21 -20.99
N GLN E 380 24.22 35.37 -22.32
CA GLN E 380 22.97 35.49 -23.06
C GLN E 380 22.14 34.22 -22.97
N VAL E 381 22.78 33.06 -23.05
CA VAL E 381 22.06 31.79 -22.93
C VAL E 381 21.43 31.67 -21.54
N LEU E 382 22.18 32.03 -20.50
CA LEU E 382 21.65 31.91 -19.14
C LEU E 382 20.53 32.91 -18.88
N GLY E 383 20.52 34.03 -19.59
CA GLY E 383 19.53 35.06 -19.34
C GLY E 383 19.89 36.03 -18.23
N VAL E 384 21.18 36.22 -17.97
CA VAL E 384 21.63 37.14 -16.93
C VAL E 384 22.36 38.30 -17.59
N ASP E 385 22.70 39.30 -16.78
CA ASP E 385 23.37 40.49 -17.31
C ASP E 385 24.53 40.99 -16.45
N ASP E 386 24.80 40.38 -15.30
CA ASP E 386 25.81 40.87 -14.38
C ASP E 386 27.15 40.15 -14.54
N GLN E 387 27.29 39.28 -15.53
CA GLN E 387 28.52 38.52 -15.70
C GLN E 387 28.83 38.38 -17.18
N GLY E 388 30.07 37.98 -17.47
CA GLY E 388 30.54 37.73 -18.81
C GLY E 388 31.53 38.76 -19.33
N VAL E 389 31.52 39.97 -18.76
CA VAL E 389 32.41 41.04 -19.17
C VAL E 389 33.02 41.69 -17.95
N LEU E 390 34.19 42.31 -18.15
CA LEU E 390 34.86 43.05 -17.09
C LEU E 390 34.52 44.54 -17.21
N GLU E 391 33.27 44.84 -16.92
CA GLU E 391 32.72 46.18 -16.99
C GLU E 391 32.26 46.63 -15.60
N PRO E 392 32.19 47.94 -15.34
CA PRO E 392 31.71 48.40 -14.04
C PRO E 392 30.31 47.91 -13.75
N GLY E 393 30.08 47.54 -12.49
CA GLY E 393 28.80 47.02 -12.07
C GLY E 393 28.61 45.52 -12.26
N LYS E 394 29.58 44.86 -12.88
CA LYS E 394 29.50 43.41 -13.10
C LYS E 394 30.20 42.66 -11.97
N ARG E 395 29.89 41.37 -11.88
CA ARG E 395 30.55 40.51 -10.90
C ARG E 395 32.04 40.40 -11.20
N ALA E 396 32.83 40.27 -10.13
CA ALA E 396 34.28 40.21 -10.25
C ALA E 396 34.72 38.76 -10.35
N ASP E 397 34.54 38.19 -11.53
CA ASP E 397 34.99 36.84 -11.87
C ASP E 397 36.12 36.97 -12.87
N VAL E 398 37.37 36.93 -12.37
CA VAL E 398 38.55 37.17 -13.19
C VAL E 398 39.46 35.96 -13.11
N ILE E 399 40.03 35.57 -14.24
CA ILE E 399 41.04 34.52 -14.32
C ILE E 399 42.22 35.04 -15.13
N ALA E 400 43.33 34.31 -15.06
CA ALA E 400 44.54 34.68 -15.78
C ALA E 400 45.23 33.44 -16.30
N LEU E 401 45.92 33.60 -17.42
CA LEU E 401 46.65 32.52 -18.06
C LEU E 401 48.11 32.92 -18.25
N ALA E 402 48.99 31.92 -18.27
CA ALA E 402 50.41 32.19 -18.48
C ALA E 402 50.68 32.65 -19.90
N GLY E 403 50.09 31.96 -20.89
CA GLY E 403 50.32 32.26 -22.28
C GLY E 403 49.17 33.01 -22.92
N ASN E 404 49.25 33.15 -24.25
CA ASN E 404 48.24 33.83 -25.03
C ASN E 404 47.45 32.83 -25.84
N PRO E 405 46.14 32.68 -25.62
CA PRO E 405 45.37 31.67 -26.36
C PRO E 405 45.08 32.08 -27.80
N LEU E 406 45.18 33.37 -28.14
CA LEU E 406 44.85 33.82 -29.48
C LEU E 406 45.84 33.27 -30.51
N GLU E 407 47.07 32.99 -30.09
CA GLU E 407 48.07 32.38 -30.97
C GLU E 407 48.24 30.89 -30.72
N ASP E 408 48.22 30.46 -29.46
CA ASP E 408 48.32 29.05 -29.11
C ASP E 408 47.18 28.73 -28.14
N ILE E 409 46.13 28.07 -28.65
CA ILE E 409 44.96 27.77 -27.86
C ILE E 409 45.26 26.81 -26.71
N ASN E 410 46.43 26.17 -26.71
CA ASN E 410 46.80 25.29 -25.62
C ASN E 410 47.07 26.04 -24.32
N ALA E 411 47.14 27.37 -24.36
CA ALA E 411 47.36 28.15 -23.14
C ALA E 411 46.16 28.16 -22.22
N VAL E 412 45.00 27.67 -22.66
CA VAL E 412 43.84 27.58 -21.79
C VAL E 412 43.96 26.47 -20.76
N LEU E 413 44.93 25.58 -20.92
CA LEU E 413 45.13 24.47 -20.00
C LEU E 413 46.01 24.82 -18.80
N ASP E 414 46.47 26.07 -18.70
CA ASP E 414 47.32 26.51 -17.61
C ASP E 414 46.73 27.81 -17.04
N VAL E 415 45.87 27.67 -16.03
CA VAL E 415 45.25 28.80 -15.36
C VAL E 415 46.03 29.10 -14.09
N ARG E 416 46.47 30.35 -13.95
CA ARG E 416 47.28 30.76 -12.81
C ARG E 416 46.51 31.49 -11.73
N PHE E 417 45.49 32.26 -12.12
CA PHE E 417 44.74 33.09 -11.19
C PHE E 417 43.25 32.77 -11.32
N VAL E 418 42.57 32.68 -10.19
CA VAL E 418 41.13 32.43 -10.16
C VAL E 418 40.51 33.32 -9.09
N MET E 419 39.57 34.18 -9.50
CA MET E 419 38.81 35.00 -8.58
C MET E 419 37.33 34.81 -8.87
N LYS E 420 36.51 34.86 -7.82
CA LYS E 420 35.07 34.67 -7.97
C LYS E 420 34.36 35.54 -6.94
N ASP E 421 33.57 36.50 -7.43
CA ASP E 421 32.83 37.43 -6.58
C ASP E 421 33.76 38.20 -5.64
N GLY E 422 34.94 38.55 -6.14
CA GLY E 422 35.90 39.30 -5.37
C GLY E 422 36.76 38.49 -4.42
N VAL E 423 36.59 37.17 -4.38
CA VAL E 423 37.35 36.30 -3.49
C VAL E 423 38.34 35.51 -4.34
N ILE E 424 39.60 35.52 -3.93
CA ILE E 424 40.67 34.84 -4.68
C ILE E 424 40.75 33.40 -4.19
N TYR E 425 40.62 32.46 -5.11
CA TYR E 425 40.70 31.04 -4.80
C TYR E 425 41.99 30.38 -5.29
N LYS E 426 42.70 31.01 -6.21
CA LYS E 426 43.93 30.46 -6.74
C LYS E 426 44.84 31.62 -7.14
N GLN E 427 46.03 31.66 -6.57
CA GLN E 427 46.95 32.76 -6.81
C GLN E 427 48.37 32.27 -7.04
N PRO F 22 -39.62 38.50 23.57
CA PRO F 22 -39.40 39.82 22.95
C PRO F 22 -38.60 40.76 23.84
N VAL F 23 -38.12 41.86 23.27
CA VAL F 23 -37.30 42.83 24.00
C VAL F 23 -37.31 44.13 23.21
N ALA F 24 -37.30 45.24 23.92
CA ALA F 24 -37.26 46.58 23.32
C ALA F 24 -35.92 47.21 23.65
N VAL F 25 -35.11 47.44 22.63
CA VAL F 25 -33.78 48.03 22.77
C VAL F 25 -33.87 49.52 22.48
N GLN F 26 -33.35 50.34 23.39
CA GLN F 26 -33.43 51.80 23.29
C GLN F 26 -32.05 52.35 22.97
N CYS F 27 -31.77 52.57 21.69
CA CYS F 27 -30.54 53.22 21.29
C CYS F 27 -30.63 54.72 21.47
N GLY F 28 -29.55 55.34 21.95
CA GLY F 28 -29.47 56.78 22.05
C GLY F 28 -29.24 57.43 20.70
N ARG F 29 -28.32 56.87 19.91
CA ARG F 29 -28.07 57.30 18.55
C ARG F 29 -28.00 56.07 17.66
N LEU F 30 -28.57 56.17 16.46
CA LEU F 30 -28.69 55.05 15.55
C LEU F 30 -27.95 55.36 14.25
N PHE F 31 -27.06 54.46 13.84
CA PHE F 31 -26.28 54.64 12.62
C PHE F 31 -26.98 53.92 11.47
N ASP F 32 -27.33 54.68 10.43
CA ASP F 32 -28.01 54.14 9.26
C ASP F 32 -26.96 53.68 8.25
N ALA F 33 -26.77 52.36 8.15
CA ALA F 33 -25.75 51.84 7.26
C ALA F 33 -26.13 52.05 5.79
N ARG F 34 -27.41 51.99 5.46
CA ARG F 34 -27.83 52.13 4.07
C ARG F 34 -27.49 53.51 3.51
N SER F 35 -27.53 54.55 4.34
CA SER F 35 -27.18 55.89 3.92
C SER F 35 -25.82 56.35 4.42
N GLY F 36 -25.49 56.07 5.67
CA GLY F 36 -24.20 56.46 6.20
C GLY F 36 -24.26 57.65 7.12
N GLN F 37 -25.41 57.87 7.75
CA GLN F 37 -25.64 59.02 8.62
C GLN F 37 -26.03 58.56 10.00
N LEU F 38 -25.74 59.41 10.99
CA LEU F 38 -26.11 59.16 12.38
C LEU F 38 -27.44 59.84 12.66
N LYS F 39 -28.46 59.04 12.96
CA LYS F 39 -29.80 59.56 13.22
C LYS F 39 -29.95 59.86 14.70
N GLY F 40 -31.17 60.13 15.14
CA GLY F 40 -31.46 60.44 16.52
C GLY F 40 -31.87 59.22 17.31
N PRO F 41 -32.52 59.45 18.47
CA PRO F 41 -32.94 58.33 19.31
C PRO F 41 -33.94 57.43 18.59
N HIS F 42 -33.87 56.13 18.90
CA HIS F 42 -34.72 55.13 18.28
C HIS F 42 -34.94 53.99 19.25
N THR F 43 -35.99 53.20 18.99
CA THR F 43 -36.31 52.04 19.81
C THR F 43 -36.45 50.82 18.90
N LEU F 44 -35.66 49.78 19.17
CA LEU F 44 -35.68 48.57 18.38
C LEU F 44 -36.59 47.53 19.04
N LEU F 45 -37.40 46.86 18.21
CA LEU F 45 -38.30 45.81 18.68
C LEU F 45 -37.82 44.48 18.11
N VAL F 46 -37.39 43.58 18.99
CA VAL F 46 -36.77 42.32 18.61
C VAL F 46 -37.65 41.17 19.08
N ALA F 47 -37.97 40.25 18.17
CA ALA F 47 -38.75 39.07 18.50
C ALA F 47 -38.42 37.96 17.52
N ASP F 48 -38.27 36.74 18.05
CA ASP F 48 -37.95 35.56 17.24
C ASP F 48 -36.62 35.72 16.49
N GLY F 49 -35.71 36.51 17.05
CA GLY F 49 -34.40 36.68 16.46
C GLY F 49 -34.33 37.67 15.32
N ARG F 50 -35.41 38.38 15.02
CA ARG F 50 -35.44 39.32 13.91
C ARG F 50 -35.92 40.68 14.39
N ILE F 51 -35.53 41.71 13.66
CA ILE F 51 -36.01 43.06 13.91
C ILE F 51 -37.39 43.22 13.29
N ARG F 52 -38.35 43.67 14.09
CA ARG F 52 -39.73 43.80 13.63
C ARG F 52 -40.19 45.24 13.45
N GLN F 53 -39.67 46.15 14.28
CA GLN F 53 -40.14 47.54 14.22
C GLN F 53 -39.07 48.54 14.65
N VAL F 54 -38.91 49.61 13.89
CA VAL F 54 -38.02 50.70 14.26
C VAL F 54 -38.87 51.96 14.39
N LEU F 55 -38.96 52.49 15.61
CA LEU F 55 -39.78 53.66 15.89
C LEU F 55 -38.91 54.78 16.41
N PRO F 56 -38.91 55.95 15.77
CA PRO F 56 -38.10 57.07 16.29
C PRO F 56 -38.64 57.58 17.62
N GLY F 57 -37.73 57.90 18.52
CA GLY F 57 -38.10 58.38 19.84
C GLY F 57 -38.50 57.26 20.78
N ALA F 65 -42.72 43.00 27.36
CA ALA F 65 -41.64 43.63 26.61
C ALA F 65 -40.59 44.23 27.56
N ARG F 66 -39.48 43.55 27.71
CA ARG F 66 -38.39 44.05 28.54
C ARG F 66 -37.72 45.25 27.86
N VAL F 67 -37.01 46.04 28.66
CA VAL F 67 -36.37 47.26 28.20
C VAL F 67 -34.88 47.15 28.45
N VAL F 68 -34.08 47.37 27.40
CA VAL F 68 -32.64 47.48 27.50
C VAL F 68 -32.27 48.93 27.26
N ASP F 69 -31.69 49.57 28.28
CA ASP F 69 -31.42 51.01 28.24
C ASP F 69 -30.02 51.26 27.73
N LEU F 70 -29.91 51.78 26.51
CA LEU F 70 -28.64 52.16 25.90
C LEU F 70 -28.70 53.59 25.39
N GLY F 71 -29.32 54.48 26.17
CA GLY F 71 -29.44 55.86 25.78
C GLY F 71 -28.13 56.65 25.77
N ASP F 72 -27.09 56.11 26.41
CA ASP F 72 -25.79 56.75 26.46
C ASP F 72 -24.85 56.25 25.36
N LYS F 73 -25.26 55.26 24.58
CA LYS F 73 -24.38 54.59 23.63
C LYS F 73 -24.88 54.79 22.20
N VAL F 74 -23.93 54.77 21.26
CA VAL F 74 -24.24 54.76 19.84
C VAL F 74 -24.54 53.33 19.42
N CYS F 75 -25.68 53.15 18.76
CA CYS F 75 -26.25 51.82 18.52
C CYS F 75 -26.09 51.46 17.05
N LEU F 76 -25.32 50.41 16.78
CA LEU F 76 -24.81 50.05 15.47
C LEU F 76 -25.20 48.61 15.13
N PRO F 77 -25.22 48.26 13.84
CA PRO F 77 -25.34 46.86 13.46
C PRO F 77 -24.04 46.09 13.70
N GLY F 78 -24.18 44.78 13.80
CA GLY F 78 -23.01 43.94 14.05
C GLY F 78 -22.07 43.91 12.85
N TRP F 79 -20.77 43.85 13.14
CA TRP F 79 -19.75 43.92 12.11
C TRP F 79 -19.48 42.54 11.51
N THR F 80 -18.94 42.56 10.29
CA THR F 80 -18.55 41.35 9.57
C THR F 80 -17.10 41.49 9.13
N ASP F 81 -16.29 40.50 9.48
CA ASP F 81 -14.90 40.43 9.06
C ASP F 81 -14.79 39.41 7.93
N LEU F 82 -14.39 39.86 6.75
CA LEU F 82 -14.44 39.01 5.55
C LEU F 82 -13.17 38.20 5.33
N HIS F 83 -12.18 38.30 6.22
CA HIS F 83 -10.94 37.54 6.05
C HIS F 83 -10.38 37.21 7.43
N VAL F 84 -10.69 36.01 7.93
CA VAL F 84 -10.17 35.53 9.20
C VAL F 84 -9.71 34.08 9.02
N HIS F 85 -8.87 33.64 9.96
CA HIS F 85 -8.42 32.25 10.06
C HIS F 85 -8.56 31.84 11.52
N LEU F 86 -9.73 31.34 11.91
CA LEU F 86 -10.01 31.08 13.31
C LEU F 86 -9.30 29.84 13.83
N GLY F 87 -8.74 29.01 12.96
CA GLY F 87 -8.06 27.80 13.36
C GLY F 87 -6.58 27.94 13.61
N SER F 88 -6.04 29.16 13.63
CA SER F 88 -4.63 29.35 13.85
C SER F 88 -4.38 30.77 14.32
N GLN F 89 -3.20 30.98 14.90
CA GLN F 89 -2.73 32.30 15.29
C GLN F 89 -1.21 32.31 15.20
N SER F 90 -0.65 33.25 14.45
CA SER F 90 0.78 33.26 14.19
C SER F 90 1.56 33.50 15.48
N SER F 91 2.74 32.89 15.54
CA SER F 91 3.58 32.94 16.73
C SER F 91 5.00 32.58 16.31
N PRO F 92 5.98 32.77 17.20
CA PRO F 92 7.36 32.34 16.86
C PRO F 92 7.50 30.86 16.57
N GLN F 93 6.58 30.02 17.05
CA GLN F 93 6.65 28.58 16.86
C GLN F 93 5.65 28.07 15.82
N SER F 94 5.11 28.97 14.98
CA SER F 94 4.02 28.57 14.09
C SER F 94 4.45 27.50 13.10
N TYR F 95 5.65 27.65 12.52
CA TYR F 95 6.06 26.71 11.47
C TYR F 95 6.41 25.34 12.04
N SER F 96 6.87 25.28 13.29
CA SER F 96 7.19 23.99 13.89
C SER F 96 5.93 23.22 14.28
N GLU F 97 4.91 23.92 14.74
CA GLU F 97 3.70 23.25 15.21
C GLU F 97 2.77 22.90 14.06
N ASP F 98 3.32 22.25 13.03
CA ASP F 98 2.55 21.63 11.98
C ASP F 98 2.83 20.13 11.86
N PHE F 99 3.85 19.64 12.57
CA PHE F 99 4.17 18.24 12.63
C PHE F 99 4.00 17.65 14.03
N ARG F 100 3.70 18.47 15.03
CA ARG F 100 3.51 18.02 16.40
C ARG F 100 2.08 18.11 16.89
N LEU F 101 1.33 19.14 16.47
CA LEU F 101 -0.02 19.37 16.97
C LEU F 101 -1.06 18.66 16.11
N ASP F 102 -2.10 18.19 16.77
CA ASP F 102 -3.25 17.55 16.14
C ASP F 102 -4.40 18.54 15.99
N PRO F 103 -5.38 18.24 15.14
CA PRO F 103 -6.51 19.16 14.97
C PRO F 103 -7.32 19.38 16.24
N VAL F 104 -7.28 18.47 17.21
CA VAL F 104 -8.06 18.66 18.44
C VAL F 104 -7.50 19.81 19.26
N ASP F 105 -6.18 19.98 19.29
CA ASP F 105 -5.59 21.12 19.99
C ASP F 105 -5.97 22.44 19.33
N HIS F 106 -5.98 22.47 17.99
CA HIS F 106 -6.44 23.65 17.28
C HIS F 106 -7.90 23.93 17.57
N ALA F 107 -8.72 22.88 17.67
CA ALA F 107 -10.12 23.05 18.03
C ALA F 107 -10.27 23.65 19.43
N PHE F 108 -9.43 23.20 20.37
CA PHE F 108 -9.51 23.73 21.72
C PHE F 108 -9.07 25.19 21.79
N ARG F 109 -8.13 25.60 20.93
CA ARG F 109 -7.75 27.02 20.89
C ARG F 109 -8.81 27.88 20.18
N ALA F 110 -9.47 27.32 19.17
CA ALA F 110 -10.47 28.07 18.41
C ALA F 110 -11.65 28.50 19.26
N VAL F 111 -11.93 27.81 20.38
CA VAL F 111 -13.03 28.21 21.25
C VAL F 111 -12.76 29.60 21.83
N GLY F 112 -11.58 29.79 22.39
CA GLY F 112 -11.22 31.10 22.91
C GLY F 112 -11.07 32.14 21.81
N TYR F 113 -10.51 31.74 20.66
CA TYR F 113 -10.42 32.68 19.56
C TYR F 113 -11.80 33.19 19.13
N ALA F 114 -12.78 32.29 19.02
CA ALA F 114 -14.11 32.67 18.58
C ALA F 114 -14.82 33.52 19.61
N GLU F 115 -14.66 33.19 20.89
CA GLU F 115 -15.27 34.02 21.93
C GLU F 115 -14.69 35.44 21.91
N LYS F 116 -13.36 35.55 21.75
CA LYS F 116 -12.75 36.87 21.67
C LYS F 116 -13.26 37.65 20.47
N THR F 117 -13.37 36.98 19.32
CA THR F 117 -13.88 37.65 18.12
C THR F 117 -15.29 38.15 18.31
N LEU F 118 -16.17 37.32 18.89
CA LEU F 118 -17.55 37.76 19.11
C LEU F 118 -17.62 38.91 20.11
N MET F 119 -16.81 38.86 21.17
CA MET F 119 -16.83 39.94 22.15
C MET F 119 -16.23 41.24 21.63
N ALA F 120 -15.37 41.16 20.60
CA ALA F 120 -14.84 42.38 20.00
C ALA F 120 -15.87 43.16 19.19
N GLY F 121 -17.04 42.57 18.93
CA GLY F 121 -18.10 43.25 18.20
C GLY F 121 -18.43 42.67 16.84
N PHE F 122 -17.78 41.58 16.44
CA PHE F 122 -17.98 40.99 15.11
C PHE F 122 -18.91 39.79 15.24
N THR F 123 -20.13 39.93 14.74
CA THR F 123 -21.14 38.89 14.82
C THR F 123 -21.14 37.96 13.61
N SER F 124 -20.29 38.22 12.63
CA SER F 124 -20.21 37.39 11.42
C SER F 124 -18.80 37.47 10.87
N VAL F 125 -18.30 36.34 10.35
CA VAL F 125 -16.97 36.28 9.76
C VAL F 125 -17.00 35.36 8.55
N ARG F 126 -16.03 35.56 7.66
CA ARG F 126 -15.80 34.68 6.51
C ARG F 126 -14.43 34.03 6.69
N ASP F 127 -14.43 32.73 6.97
CA ASP F 127 -13.19 31.99 7.16
C ASP F 127 -12.66 31.54 5.80
N LEU F 128 -11.40 31.88 5.51
CA LEU F 128 -10.82 31.71 4.19
C LEU F 128 -9.71 30.66 4.18
N GLY F 129 -9.88 29.57 4.92
CA GLY F 129 -8.93 28.49 4.90
C GLY F 129 -8.76 27.77 6.23
N GLY F 130 -8.78 26.44 6.21
CA GLY F 130 -8.65 25.63 7.40
C GLY F 130 -9.71 24.56 7.50
N GLU F 131 -9.35 23.39 8.05
CA GLU F 131 -10.28 22.27 8.15
C GLU F 131 -11.04 22.22 9.46
N VAL F 132 -10.65 23.01 10.46
CA VAL F 132 -11.35 22.98 11.73
C VAL F 132 -12.56 23.90 11.70
N SER F 133 -12.55 24.92 10.83
CA SER F 133 -13.59 25.93 10.85
C SER F 133 -15.00 25.42 10.54
N PRO F 134 -15.22 24.54 9.56
CA PRO F 134 -16.59 24.01 9.38
C PRO F 134 -17.13 23.31 10.63
N HIS F 135 -16.29 22.56 11.33
CA HIS F 135 -16.72 21.92 12.57
C HIS F 135 -17.04 22.94 13.64
N LEU F 136 -16.23 24.01 13.73
CA LEU F 136 -16.52 25.08 14.68
C LEU F 136 -17.84 25.78 14.35
N ARG F 137 -18.10 25.98 13.05
CA ARG F 137 -19.37 26.57 12.64
C ARG F 137 -20.55 25.69 13.03
N ASP F 138 -20.43 24.38 12.82
CA ASP F 138 -21.50 23.47 13.21
C ASP F 138 -21.69 23.47 14.72
N ALA F 139 -20.60 23.50 15.48
CA ALA F 139 -20.71 23.52 16.94
C ALA F 139 -21.36 24.81 17.44
N ILE F 140 -21.00 25.96 16.84
CA ILE F 140 -21.59 27.23 17.25
C ILE F 140 -23.07 27.26 16.92
N ASN F 141 -23.44 26.76 15.73
CA ASN F 141 -24.85 26.77 15.34
C ASN F 141 -25.70 25.89 16.25
N GLN F 142 -25.12 24.84 16.81
CA GLN F 142 -25.86 23.96 17.72
C GLN F 142 -25.91 24.47 19.15
N GLY F 143 -25.23 25.57 19.46
CA GLY F 143 -25.21 26.10 20.81
C GLY F 143 -24.19 25.48 21.73
N LEU F 144 -23.26 24.68 21.21
CA LEU F 144 -22.26 24.05 22.07
C LEU F 144 -21.23 25.07 22.57
N VAL F 145 -20.78 25.95 21.69
CA VAL F 145 -19.82 26.99 22.04
C VAL F 145 -20.32 28.32 21.50
N ARG F 146 -19.76 29.40 22.03
CA ARG F 146 -20.15 30.75 21.66
C ARG F 146 -19.19 31.31 20.62
N GLY F 147 -19.74 32.06 19.67
CA GLY F 147 -18.96 32.64 18.61
C GLY F 147 -19.82 33.35 17.59
N PRO F 148 -19.20 33.91 16.56
CA PRO F 148 -19.94 34.59 15.50
C PRO F 148 -20.51 33.59 14.50
N ARG F 149 -21.25 34.14 13.53
CA ARG F 149 -21.77 33.36 12.41
C ARG F 149 -20.66 33.20 11.37
N ILE F 150 -20.31 31.95 11.06
CA ILE F 150 -19.14 31.64 10.25
C ILE F 150 -19.58 31.20 8.86
N PHE F 151 -18.98 31.79 7.83
CA PHE F 151 -19.07 31.31 6.46
C PHE F 151 -17.70 30.76 6.09
N ALA F 152 -17.60 29.46 5.90
CA ALA F 152 -16.33 28.75 5.82
C ALA F 152 -16.05 28.28 4.40
N ALA F 153 -14.79 28.46 3.96
CA ALA F 153 -14.36 28.00 2.66
C ALA F 153 -13.74 26.60 2.70
N GLY F 154 -13.20 26.18 3.84
CA GLY F 154 -12.62 24.85 3.95
C GLY F 154 -11.20 24.85 3.44
N LYS F 155 -10.88 23.85 2.62
CA LYS F 155 -9.54 23.73 2.04
C LYS F 155 -9.39 24.69 0.87
N SER F 156 -8.24 25.37 0.84
CA SER F 156 -7.91 26.21 -0.30
C SER F 156 -7.54 25.35 -1.50
N ILE F 157 -7.73 25.90 -2.69
CA ILE F 157 -7.43 25.23 -3.95
C ILE F 157 -6.21 25.90 -4.56
N ALA F 158 -5.20 25.09 -4.88
CA ALA F 158 -3.94 25.59 -5.42
C ALA F 158 -3.45 24.64 -6.51
N THR F 159 -2.29 24.97 -7.07
CA THR F 159 -1.59 24.11 -8.02
C THR F 159 -0.37 23.49 -7.34
N THR F 160 0.39 22.71 -8.10
CA THR F 160 1.59 22.09 -7.56
C THR F 160 2.63 23.16 -7.24
N GLY F 161 3.10 23.17 -6.00
CA GLY F 161 4.00 24.19 -5.54
C GLY F 161 3.37 25.53 -5.25
N GLY F 162 2.04 25.60 -5.21
CA GLY F 162 1.33 26.84 -4.98
C GLY F 162 1.39 27.29 -3.54
N HIS F 163 0.82 28.47 -3.30
CA HIS F 163 0.86 29.07 -1.97
C HIS F 163 0.13 28.22 -0.95
N ALA F 164 -0.91 27.50 -1.36
CA ALA F 164 -1.70 26.69 -0.45
C ALA F 164 -1.37 25.21 -0.54
N ASP F 165 -0.28 24.84 -1.20
CA ASP F 165 0.11 23.44 -1.30
C ASP F 165 0.42 22.89 0.08
N PRO F 166 -0.26 21.85 0.54
CA PRO F 166 -0.07 21.39 1.92
C PRO F 166 1.29 20.78 2.21
N THR F 167 2.05 20.34 1.19
CA THR F 167 3.33 19.70 1.40
C THR F 167 4.49 20.55 0.89
N ASN F 168 4.34 21.87 0.92
CA ASN F 168 5.43 22.75 0.53
C ASN F 168 6.54 22.74 1.58
N GLY F 169 7.76 22.46 1.15
CA GLY F 169 8.91 22.51 2.03
C GLY F 169 9.27 21.23 2.74
N TRP F 170 8.47 20.18 2.61
CA TRP F 170 8.76 18.92 3.28
C TRP F 170 9.97 18.24 2.64
N ASN F 171 10.73 17.51 3.45
CA ASN F 171 11.85 16.76 2.89
C ASN F 171 11.32 15.59 2.06
N GLU F 172 12.19 15.06 1.20
CA GLU F 172 11.74 14.10 0.19
C GLU F 172 11.19 12.83 0.80
N ARG F 173 11.64 12.47 2.01
CA ARG F 173 11.10 11.29 2.67
C ARG F 173 9.64 11.46 3.01
N LEU F 174 9.29 12.57 3.67
CA LEU F 174 7.89 12.82 4.03
C LEU F 174 7.02 12.95 2.78
N ALA F 175 7.52 13.63 1.76
CA ALA F 175 6.76 13.77 0.52
C ALA F 175 6.53 12.43 -0.14
N HIS F 176 7.53 11.55 -0.11
CA HIS F 176 7.37 10.21 -0.68
C HIS F 176 6.34 9.40 0.09
N LEU F 177 6.38 9.45 1.42
CA LEU F 177 5.40 8.68 2.20
C LEU F 177 3.99 9.22 1.99
N VAL F 178 3.81 10.54 2.03
CA VAL F 178 2.47 11.11 1.95
C VAL F 178 1.93 11.10 0.52
N GLY F 179 2.78 10.96 -0.48
CA GLY F 179 2.34 10.97 -1.87
C GLY F 179 2.10 12.37 -2.38
N ALA F 180 1.98 12.49 -3.69
CA ALA F 180 1.71 13.77 -4.31
C ALA F 180 0.24 14.15 -4.12
N PRO F 181 -0.05 15.33 -3.58
CA PRO F 181 -1.46 15.71 -3.36
C PRO F 181 -2.22 15.88 -4.67
N GLY F 182 -3.52 15.61 -4.60
CA GLY F 182 -4.39 15.72 -5.75
C GLY F 182 -5.61 16.57 -5.48
N PRO F 183 -6.64 16.42 -6.31
CA PRO F 183 -7.86 17.23 -6.13
C PRO F 183 -8.53 17.05 -4.78
N ALA F 184 -8.51 15.84 -4.22
CA ALA F 184 -9.11 15.63 -2.91
C ALA F 184 -8.39 16.41 -1.83
N GLU F 185 -7.10 16.67 -2.03
CA GLU F 185 -6.32 17.50 -1.12
C GLU F 185 -6.33 18.97 -1.50
N GLY F 186 -6.89 19.32 -2.65
CA GLY F 186 -6.99 20.69 -3.09
C GLY F 186 -5.97 21.16 -4.09
N VAL F 187 -5.17 20.25 -4.67
CA VAL F 187 -4.11 20.60 -5.61
C VAL F 187 -4.55 20.15 -7.01
N VAL F 188 -4.71 21.11 -7.92
CA VAL F 188 -5.23 20.84 -9.25
C VAL F 188 -4.26 21.34 -10.30
N ASN F 189 -4.28 20.69 -11.46
CA ASN F 189 -3.41 21.09 -12.56
C ASN F 189 -4.12 21.05 -13.92
N SER F 190 -5.44 20.93 -13.94
CA SER F 190 -6.18 20.90 -15.20
C SER F 190 -7.62 21.33 -14.92
N VAL F 191 -8.42 21.37 -15.98
CA VAL F 191 -9.82 21.80 -15.87
C VAL F 191 -10.65 20.75 -15.12
N ASP F 192 -10.49 19.49 -15.48
CA ASP F 192 -11.24 18.42 -14.83
C ASP F 192 -10.88 18.28 -13.36
N GLU F 193 -9.59 18.43 -13.05
CA GLU F 193 -9.16 18.38 -11.66
C GLU F 193 -9.75 19.54 -10.86
N ALA F 194 -9.84 20.72 -11.47
CA ALA F 194 -10.47 21.86 -10.79
C ALA F 194 -11.94 21.61 -10.52
N ARG F 195 -12.65 21.04 -11.50
CA ARG F 195 -14.05 20.69 -11.30
C ARG F 195 -14.20 19.69 -10.15
N GLN F 196 -13.35 18.67 -10.12
CA GLN F 196 -13.40 17.68 -9.05
C GLN F 196 -13.08 18.30 -7.69
N ALA F 197 -12.15 19.25 -7.66
CA ALA F 197 -11.81 19.91 -6.40
C ALA F 197 -12.97 20.74 -5.87
N VAL F 198 -13.66 21.47 -6.75
CA VAL F 198 -14.82 22.24 -6.31
C VAL F 198 -15.90 21.30 -5.78
N ARG F 199 -16.13 20.18 -6.47
CA ARG F 199 -17.11 19.21 -5.99
C ARG F 199 -16.70 18.58 -4.66
N GLN F 200 -15.40 18.37 -4.45
CA GLN F 200 -14.91 17.83 -3.19
C GLN F 200 -15.12 18.82 -2.04
N ARG F 201 -14.90 20.11 -2.30
CA ARG F 201 -15.18 21.11 -1.27
C ARG F 201 -16.66 21.17 -0.96
N TYR F 202 -17.52 21.07 -1.98
CA TYR F 202 -18.96 21.01 -1.73
C TYR F 202 -19.32 19.79 -0.89
N LYS F 203 -18.70 18.65 -1.17
CA LYS F 203 -18.98 17.43 -0.42
C LYS F 203 -18.59 17.56 1.04
N GLU F 204 -17.53 18.29 1.34
CA GLU F 204 -17.03 18.44 2.71
C GLU F 204 -17.78 19.50 3.50
N GLY F 205 -18.74 20.20 2.92
CA GLY F 205 -19.57 21.14 3.64
C GLY F 205 -19.04 22.55 3.65
N SER F 206 -18.57 23.04 2.51
CA SER F 206 -18.07 24.40 2.39
C SER F 206 -19.19 25.36 1.99
N ASP F 207 -18.99 26.63 2.30
CA ASP F 207 -19.93 27.68 1.93
C ASP F 207 -19.46 28.51 0.75
N LEU F 208 -18.17 28.49 0.44
CA LEU F 208 -17.61 29.22 -0.69
C LEU F 208 -16.30 28.56 -1.08
N ILE F 209 -15.63 29.14 -2.08
CA ILE F 209 -14.39 28.59 -2.59
C ILE F 209 -13.26 29.63 -2.48
N KCX F 210 -12.08 29.18 -2.05
CA KCX F 210 -10.90 30.04 -1.99
CB KCX F 210 -10.44 30.23 -0.53
CG KCX F 210 -10.23 31.66 -0.13
CD KCX F 210 -8.88 32.21 -0.56
CE KCX F 210 -7.87 32.13 0.57
NZ KCX F 210 -6.80 33.15 0.44
C KCX F 210 -9.76 29.45 -2.82
O KCX F 210 -9.41 28.29 -2.67
CX KCX F 210 -6.21 33.67 1.52
OQ1 KCX F 210 -5.32 34.52 1.39
OQ2 KCX F 210 -6.54 33.30 2.65
N ILE F 211 -9.18 30.29 -3.69
CA ILE F 211 -8.02 29.88 -4.47
C ILE F 211 -6.86 30.84 -4.23
N THR F 212 -5.64 30.37 -4.45
CA THR F 212 -4.43 31.18 -4.37
C THR F 212 -3.93 31.40 -5.79
N ALA F 213 -4.20 32.58 -6.34
CA ALA F 213 -3.86 32.85 -7.73
C ALA F 213 -2.37 33.10 -7.93
N THR F 214 -1.70 33.67 -6.94
CA THR F 214 -0.26 33.87 -7.02
C THR F 214 0.44 33.23 -5.82
N GLY F 215 1.74 33.45 -5.69
CA GLY F 215 2.44 33.02 -4.51
C GLY F 215 2.19 33.92 -3.33
N GLY F 216 2.69 33.50 -2.17
CA GLY F 216 2.44 34.26 -0.95
C GLY F 216 3.69 34.78 -0.30
N VAL F 217 3.55 35.28 0.93
CA VAL F 217 4.69 35.78 1.68
C VAL F 217 4.98 34.97 2.93
N LEU F 218 4.04 34.17 3.42
CA LEU F 218 4.22 33.41 4.65
C LEU F 218 4.38 31.92 4.41
N SER F 219 4.28 31.46 3.16
CA SER F 219 4.47 30.06 2.86
C SER F 219 5.95 29.73 2.67
N TYR F 220 6.26 28.44 2.74
CA TYR F 220 7.63 27.95 2.58
C TYR F 220 7.89 27.67 1.10
N ALA F 221 8.01 28.76 0.34
CA ALA F 221 8.22 28.68 -1.10
C ALA F 221 9.09 29.87 -1.52
N ARG F 222 9.43 29.91 -2.81
CA ARG F 222 10.35 30.92 -3.33
C ARG F 222 9.61 32.15 -3.84
N SER F 223 8.69 31.97 -4.78
CA SER F 223 8.01 33.09 -5.41
C SER F 223 6.87 33.61 -4.55
N GLY F 224 6.56 34.89 -4.72
CA GLY F 224 5.48 35.51 -3.99
C GLY F 224 4.53 36.29 -4.88
N ASP F 225 4.92 36.53 -6.13
CA ASP F 225 4.08 37.24 -7.07
C ASP F 225 4.14 36.62 -8.46
N ALA F 226 4.18 35.26 -8.53
CA ALA F 226 4.20 34.70 -9.87
C ALA F 226 2.83 34.10 -10.21
N PRO F 227 2.43 34.12 -11.48
CA PRO F 227 1.13 33.54 -11.86
C PRO F 227 1.15 32.03 -11.71
N GLN F 228 0.22 31.52 -10.89
CA GLN F 228 0.19 30.11 -10.56
C GLN F 228 -1.04 29.39 -11.10
N PHE F 229 -2.02 30.12 -11.62
CA PHE F 229 -3.18 29.55 -12.28
C PHE F 229 -3.22 30.05 -13.72
N THR F 230 -3.68 29.19 -14.62
CA THR F 230 -4.00 29.64 -15.95
C THR F 230 -5.45 30.14 -15.97
N VAL F 231 -5.77 30.94 -16.99
CA VAL F 231 -7.11 31.51 -17.09
C VAL F 231 -8.15 30.40 -17.22
N ASP F 232 -7.82 29.34 -17.95
CA ASP F 232 -8.77 28.25 -18.13
C ASP F 232 -9.08 27.55 -16.81
N GLU F 233 -8.07 27.34 -15.97
CA GLU F 233 -8.30 26.69 -14.69
C GLU F 233 -9.19 27.54 -13.78
N ILE F 234 -8.95 28.85 -13.73
CA ILE F 234 -9.79 29.72 -12.90
C ILE F 234 -11.21 29.77 -13.46
N LYS F 235 -11.35 29.80 -14.79
CA LYS F 235 -12.68 29.80 -15.38
C LYS F 235 -13.43 28.50 -15.06
N ALA F 236 -12.72 27.37 -15.09
CA ALA F 236 -13.34 26.11 -14.70
C ALA F 236 -13.79 26.13 -13.25
N VAL F 237 -12.94 26.67 -12.36
CA VAL F 237 -13.30 26.76 -10.95
C VAL F 237 -14.55 27.62 -10.77
N VAL F 238 -14.58 28.78 -11.43
CA VAL F 238 -15.71 29.69 -11.29
C VAL F 238 -16.99 29.07 -11.85
N ASP F 239 -16.89 28.42 -13.01
CA ASP F 239 -18.05 27.79 -13.63
C ASP F 239 -18.61 26.65 -12.78
N THR F 240 -17.73 25.82 -12.21
CA THR F 240 -18.20 24.76 -11.33
C THR F 240 -18.81 25.33 -10.05
N ALA F 241 -18.21 26.38 -9.49
CA ALA F 241 -18.72 26.95 -8.26
C ALA F 241 -20.07 27.62 -8.46
N ARG F 242 -20.32 28.18 -9.65
CA ARG F 242 -21.60 28.82 -9.92
C ARG F 242 -22.75 27.81 -9.90
N ASP F 243 -22.48 26.55 -10.24
CA ASP F 243 -23.54 25.54 -10.24
C ASP F 243 -24.02 25.24 -8.84
N TYR F 244 -23.12 25.25 -7.86
CA TYR F 244 -23.45 24.90 -6.48
C TYR F 244 -23.78 26.14 -5.65
N GLY F 245 -23.87 27.31 -6.26
CA GLY F 245 -24.21 28.52 -5.53
C GLY F 245 -23.06 29.13 -4.76
N PHE F 246 -21.82 28.83 -5.11
CA PHE F 246 -20.67 29.33 -4.38
C PHE F 246 -20.11 30.60 -5.02
N ARG F 247 -19.41 31.37 -4.20
CA ARG F 247 -18.62 32.50 -4.65
C ARG F 247 -17.14 32.17 -4.45
N VAL F 248 -16.29 32.83 -5.24
CA VAL F 248 -14.87 32.54 -5.27
C VAL F 248 -14.10 33.76 -4.79
N ALA F 249 -13.19 33.55 -3.85
CA ALA F 249 -12.26 34.57 -3.38
C ALA F 249 -10.84 34.18 -3.78
N ALA F 250 -10.10 35.14 -4.32
CA ALA F 250 -8.78 34.88 -4.87
C ALA F 250 -7.69 35.62 -4.11
N HIS F 251 -6.72 34.87 -3.61
CA HIS F 251 -5.49 35.42 -3.05
C HIS F 251 -4.58 35.83 -4.21
N ALA F 252 -4.11 37.07 -4.19
CA ALA F 252 -3.30 37.56 -5.31
C ALA F 252 -2.44 38.73 -4.83
N HIS F 253 -1.12 38.61 -4.98
CA HIS F 253 -0.20 39.71 -4.76
C HIS F 253 0.31 40.31 -6.08
N GLY F 254 0.76 39.47 -7.01
CA GLY F 254 1.28 39.96 -8.27
C GLY F 254 0.21 40.40 -9.24
N THR F 255 0.65 41.14 -10.26
CA THR F 255 -0.27 41.78 -11.20
C THR F 255 -0.88 40.78 -12.19
N GLU F 256 -0.08 39.84 -12.70
CA GLU F 256 -0.57 38.95 -13.75
C GLU F 256 -1.60 37.96 -13.21
N GLY F 257 -1.33 37.38 -12.04
CA GLY F 257 -2.32 36.50 -11.42
C GLY F 257 -3.59 37.22 -11.03
N MET F 258 -3.44 38.46 -10.52
CA MET F 258 -4.61 39.27 -10.20
C MET F 258 -5.44 39.55 -11.45
N LYS F 259 -4.77 39.88 -12.56
CA LYS F 259 -5.48 40.12 -13.81
C LYS F 259 -6.21 38.87 -14.29
N ARG F 260 -5.55 37.72 -14.22
CA ARG F 260 -6.19 36.48 -14.65
C ARG F 260 -7.41 36.16 -13.80
N ALA F 261 -7.29 36.31 -12.48
CA ALA F 261 -8.42 36.04 -11.59
C ALA F 261 -9.57 37.01 -11.83
N VAL F 262 -9.26 38.28 -12.05
CA VAL F 262 -10.32 39.26 -12.32
C VAL F 262 -11.02 38.95 -13.62
N GLN F 263 -10.26 38.62 -14.67
CA GLN F 263 -10.87 38.33 -15.97
C GLN F 263 -11.68 37.04 -15.94
N ALA F 264 -11.28 36.06 -15.12
CA ALA F 264 -12.03 34.81 -15.05
C ALA F 264 -13.37 34.98 -14.33
N GLY F 265 -13.51 35.98 -13.47
CA GLY F 265 -14.78 36.29 -12.87
C GLY F 265 -14.92 35.96 -11.39
N VAL F 266 -13.85 36.13 -10.61
CA VAL F 266 -13.96 35.90 -9.18
C VAL F 266 -14.75 37.03 -8.53
N THR F 267 -15.22 36.78 -7.31
CA THR F 267 -16.07 37.75 -6.62
C THR F 267 -15.25 38.81 -5.89
N SER F 268 -14.14 38.42 -5.27
CA SER F 268 -13.32 39.35 -4.51
C SER F 268 -11.85 39.02 -4.70
N ILE F 269 -11.01 40.03 -4.49
CA ILE F 269 -9.56 39.91 -4.55
C ILE F 269 -8.99 40.32 -3.19
N GLU F 270 -8.16 39.46 -2.62
CA GLU F 270 -7.55 39.70 -1.31
C GLU F 270 -6.12 40.21 -1.48
N HIS F 271 -5.74 41.13 -0.59
CA HIS F 271 -4.41 41.76 -0.55
C HIS F 271 -4.20 42.70 -1.73
N GLY F 272 -3.93 42.14 -2.91
CA GLY F 272 -3.76 42.94 -4.11
C GLY F 272 -2.63 43.95 -4.04
N THR F 273 -1.45 43.51 -3.59
CA THR F 273 -0.37 44.43 -3.24
C THR F 273 0.14 45.19 -4.47
N TYR F 274 0.24 44.53 -5.62
CA TYR F 274 0.83 45.11 -6.81
C TYR F 274 -0.21 45.47 -7.86
N MET F 275 -1.35 46.00 -7.42
CA MET F 275 -2.38 46.45 -8.34
C MET F 275 -1.89 47.65 -9.16
N ASP F 276 -2.21 47.65 -10.44
CA ASP F 276 -1.86 48.76 -11.33
C ASP F 276 -3.13 49.33 -11.96
N ASP F 277 -2.94 50.24 -12.91
CA ASP F 277 -4.07 50.94 -13.52
C ASP F 277 -4.97 50.00 -14.31
N GLU F 278 -4.38 49.08 -15.08
CA GLU F 278 -5.19 48.17 -15.89
C GLU F 278 -6.03 47.24 -15.03
N VAL F 279 -5.46 46.70 -13.94
CA VAL F 279 -6.22 45.86 -13.05
C VAL F 279 -7.35 46.65 -12.39
N MET F 280 -7.08 47.91 -12.05
CA MET F 280 -8.12 48.76 -11.47
C MET F 280 -9.26 48.97 -12.46
N ARG F 281 -8.94 49.24 -13.72
CA ARG F 281 -9.97 49.42 -14.74
C ARG F 281 -10.80 48.15 -14.92
N LEU F 282 -10.12 46.99 -14.96
CA LEU F 282 -10.84 45.73 -15.11
C LEU F 282 -11.75 45.46 -13.91
N MET F 283 -11.25 45.74 -12.70
CA MET F 283 -12.06 45.54 -11.50
C MET F 283 -13.29 46.45 -11.50
N LYS F 284 -13.10 47.71 -11.88
CA LYS F 284 -14.24 48.63 -11.94
C LYS F 284 -15.25 48.18 -12.98
N GLN F 285 -14.78 47.69 -14.12
CA GLN F 285 -15.69 47.22 -15.16
C GLN F 285 -16.42 45.94 -14.76
N HIS F 286 -15.76 45.05 -14.03
CA HIS F 286 -16.33 43.76 -13.66
C HIS F 286 -17.08 43.79 -12.33
N GLY F 287 -16.96 44.85 -11.55
CA GLY F 287 -17.63 44.91 -10.26
C GLY F 287 -16.98 44.05 -9.19
N THR F 288 -15.67 43.82 -9.28
CA THR F 288 -14.95 43.01 -8.31
C THR F 288 -14.76 43.79 -7.01
N TRP F 289 -14.89 43.08 -5.89
CA TRP F 289 -14.64 43.65 -4.58
C TRP F 289 -13.17 43.48 -4.20
N TYR F 290 -12.66 44.43 -3.40
CA TYR F 290 -11.27 44.44 -3.00
C TYR F 290 -11.19 44.46 -1.48
N VAL F 291 -10.44 43.52 -0.92
CA VAL F 291 -10.23 43.39 0.52
C VAL F 291 -8.74 43.54 0.80
N PRO F 292 -8.30 44.69 1.32
CA PRO F 292 -6.86 44.98 1.41
C PRO F 292 -6.11 44.31 2.55
N THR F 293 -6.75 44.15 3.73
CA THR F 293 -6.13 43.58 4.93
C THR F 293 -4.91 44.41 5.37
N PHE F 294 -5.21 45.63 5.83
CA PHE F 294 -4.18 46.51 6.39
C PHE F 294 -3.44 45.85 7.55
N TYR F 295 -4.19 45.16 8.43
CA TYR F 295 -3.64 44.68 9.68
C TYR F 295 -2.52 43.67 9.45
N ALA F 296 -2.69 42.76 8.49
CA ALA F 296 -1.68 41.75 8.25
C ALA F 296 -0.36 42.37 7.79
N GLY F 297 -0.45 43.34 6.88
CA GLY F 297 0.76 44.02 6.43
C GLY F 297 1.46 44.77 7.53
N ARG F 298 0.69 45.54 8.32
CA ARG F 298 1.29 46.29 9.43
C ARG F 298 1.95 45.34 10.43
N PHE F 299 1.25 44.25 10.79
CA PHE F 299 1.79 43.31 11.77
C PHE F 299 3.06 42.65 11.25
N VAL F 300 3.08 42.24 9.98
CA VAL F 300 4.27 41.52 9.44
C VAL F 300 5.45 42.49 9.30
N THR F 301 5.20 43.77 9.01
CA THR F 301 6.32 44.70 8.98
C THR F 301 6.83 45.03 10.38
N GLU F 302 5.92 45.16 11.35
CA GLU F 302 6.38 45.41 12.72
C GLU F 302 7.16 44.24 13.28
N LYS F 303 6.79 43.01 12.88
CA LYS F 303 7.56 41.85 13.27
C LYS F 303 8.73 41.63 12.32
N ALA F 304 9.52 42.67 12.09
CA ALA F 304 10.72 42.57 11.26
C ALA F 304 11.91 43.16 12.02
N ALA F 305 11.62 44.12 12.91
CA ALA F 305 12.67 44.62 13.80
C ALA F 305 13.12 43.55 14.78
N ILE F 306 12.24 42.62 15.14
CA ILE F 306 12.63 41.48 15.97
C ILE F 306 13.54 40.56 15.16
N ASP F 307 14.65 40.17 15.78
CA ASP F 307 15.70 39.48 15.03
C ASP F 307 15.24 38.11 14.54
N GLY F 308 14.95 37.20 15.47
CA GLY F 308 14.48 35.88 15.08
C GLY F 308 12.98 35.72 15.23
N TYR F 309 12.25 35.78 14.12
CA TYR F 309 10.81 35.54 14.14
C TYR F 309 10.36 34.70 12.94
N PHE F 310 11.08 34.80 11.84
CA PHE F 310 10.65 34.18 10.59
C PHE F 310 11.77 33.32 10.00
N PRO F 311 11.41 32.26 9.27
CA PRO F 311 12.43 31.49 8.57
C PRO F 311 13.09 32.31 7.47
N GLU F 312 14.33 31.92 7.13
CA GLU F 312 15.11 32.66 6.15
C GLU F 312 14.49 32.63 4.76
N VAL F 313 13.57 31.70 4.49
CA VAL F 313 12.89 31.67 3.20
C VAL F 313 11.72 32.65 3.15
N VAL F 314 11.17 33.02 4.31
CA VAL F 314 9.98 33.85 4.39
C VAL F 314 10.32 35.31 4.66
N ARG F 315 11.36 35.56 5.45
CA ARG F 315 11.63 36.93 5.92
C ARG F 315 11.82 37.95 4.80
N PRO F 316 12.58 37.68 3.73
CA PRO F 316 12.66 38.68 2.65
C PRO F 316 11.30 39.02 2.05
N LYS F 317 10.44 38.03 1.82
CA LYS F 317 9.12 38.30 1.27
C LYS F 317 8.27 39.13 2.23
N ALA F 318 8.35 38.82 3.53
CA ALA F 318 7.59 39.57 4.52
C ALA F 318 8.10 41.00 4.65
N ALA F 319 9.40 41.22 4.48
CA ALA F 319 9.93 42.58 4.52
C ALA F 319 9.58 43.35 3.25
N ARG F 320 9.47 42.67 2.12
CA ARG F 320 9.24 43.36 0.85
C ARG F 320 7.77 43.69 0.63
N ILE F 321 6.88 42.71 0.80
CA ILE F 321 5.50 42.89 0.34
C ILE F 321 4.66 43.63 1.37
N GLY F 322 5.02 43.58 2.65
CA GLY F 322 4.23 44.24 3.67
C GLY F 322 4.32 45.75 3.61
N ALA F 323 3.28 46.40 4.14
CA ALA F 323 3.17 47.85 4.28
C ALA F 323 3.19 48.60 2.94
N LEU F 324 3.24 47.87 1.83
CA LEU F 324 2.96 48.44 0.53
C LEU F 324 1.47 48.40 0.22
N ILE F 325 0.67 47.74 1.06
CA ILE F 325 -0.76 47.62 0.85
C ILE F 325 -1.48 48.94 1.13
N SER F 326 -0.98 49.73 2.08
CA SER F 326 -1.67 50.96 2.46
C SER F 326 -1.79 51.94 1.29
N GLN F 327 -0.69 52.16 0.56
CA GLN F 327 -0.73 53.07 -0.59
C GLN F 327 -1.58 52.49 -1.70
N THR F 328 -1.50 51.18 -1.94
CA THR F 328 -2.33 50.55 -2.96
C THR F 328 -3.81 50.70 -2.63
N ALA F 329 -4.18 50.48 -1.37
CA ALA F 329 -5.58 50.61 -0.97
C ALA F 329 -6.05 52.06 -1.07
N ALA F 330 -5.21 53.01 -0.69
CA ALA F 330 -5.58 54.42 -0.83
C ALA F 330 -5.79 54.80 -2.30
N LYS F 331 -4.88 54.35 -3.17
CA LYS F 331 -5.02 54.61 -4.59
C LYS F 331 -6.27 53.96 -5.16
N ALA F 332 -6.57 52.73 -4.74
CA ALA F 332 -7.76 52.05 -5.21
C ALA F 332 -9.03 52.78 -4.76
N TYR F 333 -9.05 53.28 -3.53
CA TYR F 333 -10.21 54.03 -3.07
C TYR F 333 -10.36 55.33 -3.86
N ARG F 334 -9.25 56.01 -4.14
CA ARG F 334 -9.32 57.23 -4.94
C ARG F 334 -9.78 56.94 -6.37
N ASN F 335 -9.45 55.76 -6.90
CA ASN F 335 -9.79 55.42 -8.27
C ASN F 335 -11.21 54.88 -8.43
N GLY F 336 -11.90 54.57 -7.34
CA GLY F 336 -13.27 54.11 -7.42
C GLY F 336 -13.49 52.62 -7.30
N VAL F 337 -12.51 51.85 -6.83
CA VAL F 337 -12.67 50.42 -6.65
C VAL F 337 -13.45 50.17 -5.36
N ARG F 338 -14.44 49.28 -5.43
CA ARG F 338 -15.24 48.96 -4.26
C ARG F 338 -14.42 48.19 -3.24
N ILE F 339 -14.47 48.63 -1.99
CA ILE F 339 -13.63 48.11 -0.92
C ILE F 339 -14.51 47.59 0.21
N ALA F 340 -14.14 46.42 0.75
CA ALA F 340 -14.84 45.80 1.85
C ALA F 340 -13.86 45.49 2.97
N PHE F 341 -14.41 45.18 4.15
CA PHE F 341 -13.63 45.06 5.38
C PHE F 341 -13.08 43.65 5.55
N GLY F 342 -11.78 43.56 5.76
CA GLY F 342 -11.13 42.29 6.08
C GLY F 342 -9.79 42.55 6.72
N THR F 343 -9.37 41.61 7.57
CA THR F 343 -8.19 41.81 8.41
C THR F 343 -7.10 40.76 8.23
N ASN F 344 -7.43 39.57 7.75
CA ASN F 344 -6.50 38.43 7.74
C ASN F 344 -6.08 38.05 9.16
N GLN F 345 -7.04 38.04 10.08
CA GLN F 345 -6.76 37.65 11.45
C GLN F 345 -6.42 36.17 11.53
N GLY F 346 -5.56 35.84 12.49
CA GLY F 346 -4.79 34.61 12.48
C GLY F 346 -3.34 34.85 12.18
N VAL F 347 -3.04 35.91 11.42
CA VAL F 347 -1.71 36.50 11.45
C VAL F 347 -1.57 37.42 12.66
N GLY F 348 -2.50 38.35 12.82
CA GLY F 348 -2.62 39.12 14.04
C GLY F 348 -3.43 38.39 15.09
N PRO F 349 -3.44 38.95 16.31
CA PRO F 349 -4.09 38.26 17.43
C PRO F 349 -5.61 38.47 17.40
N HIS F 350 -6.34 37.36 17.52
CA HIS F 350 -7.80 37.40 17.44
C HIS F 350 -8.37 38.27 18.56
N GLY F 351 -9.47 38.95 18.24
CA GLY F 351 -10.07 39.90 19.15
C GLY F 351 -9.60 41.33 19.00
N ASP F 352 -8.60 41.57 18.13
CA ASP F 352 -8.08 42.90 17.88
C ASP F 352 -8.42 43.40 16.48
N ASN F 353 -9.52 42.91 15.92
CA ASN F 353 -9.87 43.18 14.53
C ASN F 353 -10.24 44.64 14.27
N ALA F 354 -10.68 45.37 15.30
CA ALA F 354 -11.20 46.71 15.09
C ALA F 354 -10.13 47.76 14.82
N ARG F 355 -8.86 47.45 15.03
CA ARG F 355 -7.79 48.39 14.69
C ARG F 355 -7.69 48.60 13.18
N GLU F 356 -8.27 47.70 12.39
CA GLU F 356 -8.32 47.90 10.95
C GLU F 356 -9.13 49.14 10.58
N PHE F 357 -10.13 49.50 11.40
CA PHE F 357 -10.84 50.75 11.17
C PHE F 357 -9.91 51.95 11.29
N VAL F 358 -9.06 51.95 12.32
CA VAL F 358 -8.11 53.04 12.52
C VAL F 358 -7.09 53.06 11.39
N TYR F 359 -6.64 51.89 10.94
CA TYR F 359 -5.72 51.85 9.80
C TYR F 359 -6.38 52.38 8.53
N MET F 360 -7.66 52.03 8.31
CA MET F 360 -8.39 52.50 7.14
C MET F 360 -8.53 54.01 7.14
N VAL F 361 -8.91 54.58 8.30
CA VAL F 361 -9.10 56.02 8.39
C VAL F 361 -7.78 56.76 8.23
N GLU F 362 -6.69 56.18 8.74
CA GLU F 362 -5.38 56.80 8.62
C GLU F 362 -4.93 56.92 7.17
N ALA F 363 -5.41 56.05 6.30
CA ALA F 363 -5.00 56.03 4.90
C ALA F 363 -5.83 56.97 4.03
N GLY F 364 -6.85 57.62 4.57
CA GLY F 364 -7.65 58.58 3.84
C GLY F 364 -9.07 58.16 3.58
N ILE F 365 -9.46 56.94 3.93
CA ILE F 365 -10.85 56.50 3.75
C ILE F 365 -11.72 57.13 4.83
N PRO F 366 -12.86 57.70 4.49
CA PRO F 366 -13.72 58.32 5.50
C PRO F 366 -14.25 57.31 6.50
N ALA F 367 -14.57 57.80 7.70
CA ALA F 367 -15.04 56.93 8.77
C ALA F 367 -16.36 56.27 8.42
N ALA F 368 -17.28 57.04 7.81
CA ALA F 368 -18.58 56.48 7.44
C ALA F 368 -18.44 55.37 6.41
N TYR F 369 -17.57 55.56 5.41
CA TYR F 369 -17.34 54.50 4.45
C TYR F 369 -16.67 53.29 5.09
N ALA F 370 -15.75 53.54 6.03
CA ALA F 370 -15.11 52.43 6.74
C ALA F 370 -16.12 51.61 7.52
N LEU F 371 -17.11 52.27 8.14
CA LEU F 371 -18.15 51.54 8.84
C LEU F 371 -19.12 50.87 7.88
N GLN F 372 -19.37 51.46 6.71
CA GLN F 372 -20.25 50.83 5.73
C GLN F 372 -19.60 49.60 5.09
N ALA F 373 -18.26 49.60 5.00
CA ALA F 373 -17.57 48.47 4.40
C ALA F 373 -17.68 47.20 5.25
N ALA F 374 -18.07 47.32 6.50
CA ALA F 374 -18.21 46.17 7.39
C ALA F 374 -19.65 45.74 7.60
N THR F 375 -20.60 46.50 7.09
CA THR F 375 -22.04 46.20 7.32
C THR F 375 -22.76 45.98 5.99
N VAL F 376 -23.15 47.04 5.29
CA VAL F 376 -23.96 46.91 4.04
C VAL F 376 -23.14 46.29 2.90
N HIS F 377 -21.85 46.62 2.77
CA HIS F 377 -20.98 46.07 1.70
C HIS F 377 -20.61 44.61 1.97
N ALA F 378 -20.24 44.27 3.20
CA ALA F 378 -19.89 42.90 3.59
C ALA F 378 -21.05 41.95 3.29
N ALA F 379 -22.28 42.39 3.50
CA ALA F 379 -23.44 41.57 3.14
C ALA F 379 -23.51 41.36 1.63
N GLN F 380 -23.20 42.39 0.85
CA GLN F 380 -23.16 42.22 -0.60
C GLN F 380 -22.08 41.24 -1.02
N VAL F 381 -20.91 41.30 -0.39
CA VAL F 381 -19.82 40.36 -0.70
C VAL F 381 -20.24 38.93 -0.36
N LEU F 382 -20.88 38.74 0.79
CA LEU F 382 -21.29 37.39 1.19
C LEU F 382 -22.41 36.86 0.30
N GLY F 383 -23.21 37.74 -0.29
CA GLY F 383 -24.34 37.30 -1.07
C GLY F 383 -25.60 37.02 -0.28
N VAL F 384 -25.76 37.66 0.87
CA VAL F 384 -26.95 37.47 1.70
C VAL F 384 -27.73 38.78 1.72
N ASP F 385 -28.93 38.73 2.33
CA ASP F 385 -29.79 39.90 2.37
C ASP F 385 -30.46 40.13 3.71
N ASP F 386 -30.27 39.26 4.70
CA ASP F 386 -30.96 39.36 5.97
C ASP F 386 -30.13 40.04 7.06
N GLN F 387 -28.95 40.56 6.72
CA GLN F 387 -28.08 41.18 7.70
C GLN F 387 -27.41 42.40 7.09
N GLY F 388 -26.83 43.23 7.97
CA GLY F 388 -26.09 44.41 7.59
C GLY F 388 -26.79 45.71 7.91
N VAL F 389 -28.11 45.68 8.06
CA VAL F 389 -28.90 46.88 8.37
C VAL F 389 -29.87 46.55 9.48
N LEU F 390 -30.29 47.61 10.19
CA LEU F 390 -31.29 47.48 11.24
C LEU F 390 -32.66 47.87 10.68
N GLU F 391 -33.15 46.99 9.81
CA GLU F 391 -34.43 47.14 9.15
C GLU F 391 -35.37 46.00 9.54
N PRO F 392 -36.68 46.20 9.43
CA PRO F 392 -37.61 45.13 9.75
C PRO F 392 -37.37 43.90 8.87
N GLY F 393 -37.48 42.72 9.49
CA GLY F 393 -37.25 41.47 8.80
C GLY F 393 -35.81 41.02 8.76
N LYS F 394 -34.88 41.82 9.26
CA LYS F 394 -33.47 41.48 9.28
C LYS F 394 -33.10 40.82 10.61
N ARG F 395 -31.95 40.16 10.62
CA ARG F 395 -31.45 39.56 11.84
C ARG F 395 -31.11 40.64 12.87
N ALA F 396 -31.30 40.29 14.14
CA ALA F 396 -31.07 41.23 15.24
C ALA F 396 -29.64 41.08 15.75
N ASP F 397 -28.71 41.65 14.98
CA ASP F 397 -27.29 41.72 15.35
C ASP F 397 -26.98 43.19 15.64
N VAL F 398 -27.00 43.56 16.92
CA VAL F 398 -26.84 44.94 17.35
C VAL F 398 -25.66 45.03 18.30
N ILE F 399 -24.86 46.09 18.13
CA ILE F 399 -23.77 46.39 19.04
C ILE F 399 -23.87 47.86 19.43
N ALA F 400 -23.12 48.24 20.46
CA ALA F 400 -23.12 49.61 20.94
C ALA F 400 -21.72 50.01 21.37
N LEU F 401 -21.42 51.29 21.24
CA LEU F 401 -20.12 51.85 21.59
C LEU F 401 -20.31 52.99 22.58
N ALA F 402 -19.29 53.21 23.42
CA ALA F 402 -19.34 54.31 24.38
C ALA F 402 -19.26 55.66 23.69
N GLY F 403 -18.33 55.80 22.75
CA GLY F 403 -18.10 57.05 22.06
C GLY F 403 -18.68 57.07 20.66
N ASN F 404 -18.34 58.13 19.92
CA ASN F 404 -18.79 58.31 18.55
C ASN F 404 -17.63 58.10 17.59
N PRO F 405 -17.68 57.09 16.72
CA PRO F 405 -16.55 56.86 15.82
C PRO F 405 -16.46 57.85 14.67
N LEU F 406 -17.54 58.58 14.36
CA LEU F 406 -17.50 59.52 13.24
C LEU F 406 -16.57 60.68 13.51
N GLU F 407 -16.34 61.02 14.77
CA GLU F 407 -15.38 62.06 15.13
C GLU F 407 -14.06 61.50 15.64
N ASP F 408 -14.10 60.44 16.43
CA ASP F 408 -12.90 59.78 16.93
C ASP F 408 -13.03 58.28 16.64
N ILE F 409 -12.33 57.81 15.61
CA ILE F 409 -12.42 56.42 15.18
C ILE F 409 -11.91 55.45 16.24
N ASN F 410 -11.21 55.95 17.26
CA ASN F 410 -10.73 55.09 18.33
C ASN F 410 -11.86 54.55 19.20
N ALA F 411 -13.08 55.06 19.04
CA ALA F 411 -14.22 54.56 19.81
C ALA F 411 -14.65 53.15 19.41
N VAL F 412 -14.14 52.63 18.29
CA VAL F 412 -14.45 51.26 17.89
C VAL F 412 -13.76 50.23 18.76
N LEU F 413 -12.80 50.63 19.57
CA LEU F 413 -12.05 49.72 20.44
C LEU F 413 -12.73 49.49 21.78
N ASP F 414 -13.89 50.10 22.02
CA ASP F 414 -14.62 49.96 23.28
C ASP F 414 -16.07 49.61 22.96
N VAL F 415 -16.37 48.32 22.89
CA VAL F 415 -17.71 47.82 22.62
C VAL F 415 -18.36 47.47 23.95
N ARG F 416 -19.55 48.03 24.20
CA ARG F 416 -20.26 47.83 25.45
C ARG F 416 -21.39 46.81 25.36
N PHE F 417 -22.05 46.73 24.22
CA PHE F 417 -23.21 45.88 24.04
C PHE F 417 -22.99 44.97 22.83
N VAL F 418 -23.36 43.70 22.97
CA VAL F 418 -23.26 42.74 21.87
C VAL F 418 -24.51 41.87 21.89
N MET F 419 -25.24 41.88 20.78
CA MET F 419 -26.40 41.03 20.58
C MET F 419 -26.25 40.28 19.26
N LYS F 420 -26.73 39.04 19.23
CA LYS F 420 -26.63 38.22 18.03
C LYS F 420 -27.86 37.33 17.93
N ASP F 421 -28.65 37.52 16.88
CA ASP F 421 -29.88 36.77 16.65
C ASP F 421 -30.85 36.90 17.83
N GLY F 422 -30.88 38.08 18.43
CA GLY F 422 -31.77 38.35 19.53
C GLY F 422 -31.29 37.90 20.89
N VAL F 423 -30.08 37.34 20.98
CA VAL F 423 -29.51 36.87 22.23
C VAL F 423 -28.40 37.82 22.64
N ILE F 424 -28.44 38.29 23.87
CA ILE F 424 -27.46 39.25 24.38
C ILE F 424 -26.27 38.47 24.95
N TYR F 425 -25.08 38.76 24.44
CA TYR F 425 -23.86 38.12 24.90
C TYR F 425 -22.97 39.03 25.73
N LYS F 426 -23.18 40.34 25.66
CA LYS F 426 -22.37 41.29 26.41
C LYS F 426 -23.24 42.50 26.72
N GLN F 427 -23.37 42.82 28.00
CA GLN F 427 -24.24 43.91 28.42
C GLN F 427 -23.58 44.77 29.50
N PRO G 22 -47.49 -28.45 -23.29
CA PRO G 22 -48.48 -27.45 -23.68
C PRO G 22 -49.60 -27.31 -22.66
N VAL G 23 -50.39 -26.24 -22.79
CA VAL G 23 -51.48 -25.96 -21.86
C VAL G 23 -52.41 -24.96 -22.52
N ALA G 24 -53.70 -25.12 -22.25
CA ALA G 24 -54.74 -24.23 -22.77
C ALA G 24 -55.33 -23.45 -21.61
N VAL G 25 -55.12 -22.14 -21.61
CA VAL G 25 -55.61 -21.26 -20.55
C VAL G 25 -56.91 -20.62 -21.01
N GLN G 26 -57.94 -20.70 -20.18
CA GLN G 26 -59.28 -20.20 -20.52
C GLN G 26 -59.57 -18.96 -19.69
N CYS G 27 -59.30 -17.78 -20.26
CA CYS G 27 -59.67 -16.53 -19.61
C CYS G 27 -61.14 -16.23 -19.81
N GLY G 28 -61.79 -15.73 -18.75
CA GLY G 28 -63.16 -15.28 -18.84
C GLY G 28 -63.29 -13.95 -19.55
N ARG G 29 -62.42 -13.00 -19.20
CA ARG G 29 -62.31 -11.73 -19.88
C ARG G 29 -60.85 -11.43 -20.16
N LEU G 30 -60.57 -10.87 -21.33
CA LEU G 30 -59.21 -10.63 -21.80
C LEU G 30 -59.00 -9.15 -22.02
N PHE G 31 -57.94 -8.60 -21.43
CA PHE G 31 -57.61 -7.19 -21.56
C PHE G 31 -56.61 -6.99 -22.68
N ASP G 32 -56.98 -6.20 -23.68
CA ASP G 32 -56.13 -5.94 -24.83
C ASP G 32 -55.26 -4.72 -24.52
N ALA G 33 -53.97 -4.96 -24.24
CA ALA G 33 -53.08 -3.87 -23.88
C ALA G 33 -52.81 -2.96 -25.06
N ARG G 34 -52.74 -3.52 -26.27
CA ARG G 34 -52.43 -2.71 -27.45
C ARG G 34 -53.48 -1.63 -27.70
N SER G 35 -54.75 -1.93 -27.41
CA SER G 35 -55.83 -0.97 -27.57
C SER G 35 -56.31 -0.37 -26.28
N GLY G 36 -56.46 -1.17 -25.23
CA GLY G 36 -56.90 -0.66 -23.94
C GLY G 36 -58.35 -0.98 -23.63
N GLN G 37 -58.86 -2.06 -24.20
CA GLN G 37 -60.25 -2.45 -24.04
C GLN G 37 -60.35 -3.86 -23.48
N LEU G 38 -61.45 -4.12 -22.78
CA LEU G 38 -61.74 -5.43 -22.22
C LEU G 38 -62.58 -6.22 -23.22
N LYS G 39 -62.02 -7.31 -23.74
CA LYS G 39 -62.71 -8.14 -24.72
C LYS G 39 -63.52 -9.21 -24.01
N GLY G 40 -64.03 -10.18 -24.77
CA GLY G 40 -64.83 -11.25 -24.22
C GLY G 40 -63.99 -12.48 -23.91
N PRO G 41 -64.67 -13.63 -23.76
CA PRO G 41 -63.95 -14.87 -23.45
C PRO G 41 -62.94 -15.24 -24.53
N HIS G 42 -61.83 -15.84 -24.10
CA HIS G 42 -60.76 -16.23 -25.00
C HIS G 42 -60.05 -17.44 -24.43
N THR G 43 -59.31 -18.13 -25.29
CA THR G 43 -58.53 -19.31 -24.89
C THR G 43 -57.10 -19.12 -25.36
N LEU G 44 -56.16 -19.19 -24.43
CA LEU G 44 -54.75 -19.03 -24.72
C LEU G 44 -54.08 -20.38 -24.90
N LEU G 45 -53.24 -20.50 -25.93
CA LEU G 45 -52.49 -21.71 -26.22
C LEU G 45 -51.01 -21.45 -25.97
N VAL G 46 -50.44 -22.13 -24.98
CA VAL G 46 -49.08 -21.89 -24.53
C VAL G 46 -48.25 -23.14 -24.78
N ALA G 47 -47.10 -22.96 -25.43
CA ALA G 47 -46.18 -24.05 -25.67
C ALA G 47 -44.78 -23.50 -25.83
N ASP G 48 -43.80 -24.19 -25.22
CA ASP G 48 -42.39 -23.80 -25.26
C ASP G 48 -42.17 -22.41 -24.67
N GLY G 49 -43.02 -22.01 -23.74
CA GLY G 49 -42.87 -20.73 -23.07
C GLY G 49 -43.39 -19.53 -23.83
N ARG G 50 -44.04 -19.73 -24.97
CA ARG G 50 -44.53 -18.64 -25.80
C ARG G 50 -46.00 -18.84 -26.09
N ILE G 51 -46.69 -17.72 -26.37
CA ILE G 51 -48.08 -17.76 -26.80
C ILE G 51 -48.12 -18.09 -28.28
N ARG G 52 -48.90 -19.10 -28.64
CA ARG G 52 -48.99 -19.54 -30.03
C ARG G 52 -50.30 -19.21 -30.71
N GLN G 53 -51.39 -19.22 -29.94
CA GLN G 53 -52.72 -19.00 -30.57
C GLN G 53 -53.70 -18.35 -29.60
N VAL G 54 -54.42 -17.36 -30.09
CA VAL G 54 -55.50 -16.73 -29.33
C VAL G 54 -56.78 -16.93 -30.11
N LEU G 55 -57.72 -17.69 -29.54
CA LEU G 55 -58.97 -18.02 -30.20
C LEU G 55 -60.14 -17.50 -29.38
N PRO G 56 -61.00 -16.66 -29.92
CA PRO G 56 -62.16 -16.18 -29.15
C PRO G 56 -63.13 -17.31 -28.87
N GLY G 57 -63.68 -17.31 -27.65
CA GLY G 57 -64.61 -18.34 -27.24
C GLY G 57 -63.94 -19.63 -26.84
N ALA G 65 -53.27 -31.62 -24.19
CA ALA G 65 -53.51 -30.22 -23.87
C ALA G 65 -54.31 -30.09 -22.58
N ARG G 66 -53.62 -29.74 -21.49
CA ARG G 66 -54.29 -29.53 -20.22
C ARG G 66 -55.12 -28.25 -20.27
N VAL G 67 -56.08 -28.15 -19.35
CA VAL G 67 -57.00 -27.02 -19.29
C VAL G 67 -56.86 -26.34 -17.94
N VAL G 68 -56.64 -25.03 -17.96
CA VAL G 68 -56.65 -24.21 -16.77
C VAL G 68 -57.89 -23.33 -16.83
N ASP G 69 -58.80 -23.50 -15.87
CA ASP G 69 -60.10 -22.85 -15.90
C ASP G 69 -60.04 -21.55 -15.11
N LEU G 70 -60.09 -20.43 -15.84
CA LEU G 70 -60.12 -19.10 -15.24
C LEU G 70 -61.29 -18.30 -15.79
N GLY G 71 -62.44 -18.95 -15.95
CA GLY G 71 -63.62 -18.27 -16.49
C GLY G 71 -64.22 -17.24 -15.57
N ASP G 72 -63.86 -17.25 -14.29
CA ASP G 72 -64.36 -16.29 -13.33
C ASP G 72 -63.44 -15.10 -13.14
N LYS G 73 -62.27 -15.09 -13.79
CA LYS G 73 -61.24 -14.09 -13.55
C LYS G 73 -60.98 -13.27 -14.81
N VAL G 74 -60.55 -12.04 -14.61
CA VAL G 74 -60.08 -11.18 -15.69
C VAL G 74 -58.62 -11.52 -15.98
N CYS G 75 -58.31 -11.80 -17.24
CA CYS G 75 -57.04 -12.40 -17.63
C CYS G 75 -56.18 -11.34 -18.31
N LEU G 76 -55.03 -11.03 -17.71
CA LEU G 76 -54.19 -9.89 -18.02
C LEU G 76 -52.77 -10.33 -18.32
N PRO G 77 -51.99 -9.52 -19.04
CA PRO G 77 -50.56 -9.77 -19.16
C PRO G 77 -49.82 -9.41 -17.87
N GLY G 78 -48.64 -10.00 -17.72
CA GLY G 78 -47.85 -9.75 -16.52
C GLY G 78 -47.32 -8.33 -16.48
N TRP G 79 -47.27 -7.77 -15.27
CA TRP G 79 -46.88 -6.38 -15.07
C TRP G 79 -45.36 -6.23 -15.01
N THR G 80 -44.91 -5.01 -15.30
CA THR G 80 -43.50 -4.65 -15.23
C THR G 80 -43.35 -3.41 -14.36
N ASP G 81 -42.48 -3.50 -13.36
CA ASP G 81 -42.14 -2.38 -12.50
C ASP G 81 -40.79 -1.83 -12.93
N LEU G 82 -40.76 -0.58 -13.38
CA LEU G 82 -39.57 -0.01 -13.99
C LEU G 82 -38.63 0.65 -12.99
N HIS G 83 -38.94 0.63 -11.69
CA HIS G 83 -38.07 1.25 -10.70
C HIS G 83 -38.21 0.47 -9.39
N VAL G 84 -37.27 -0.47 -9.17
CA VAL G 84 -37.22 -1.24 -7.93
C VAL G 84 -35.78 -1.31 -7.45
N HIS G 85 -35.61 -1.63 -6.17
CA HIS G 85 -34.31 -1.89 -5.55
C HIS G 85 -34.46 -3.17 -4.73
N LEU G 86 -34.22 -4.31 -5.37
CA LEU G 86 -34.48 -5.60 -4.73
C LEU G 86 -33.46 -5.95 -3.67
N GLY G 87 -32.33 -5.26 -3.62
CA GLY G 87 -31.29 -5.53 -2.66
C GLY G 87 -31.38 -4.78 -1.36
N SER G 88 -32.48 -4.07 -1.10
CA SER G 88 -32.61 -3.31 0.13
C SER G 88 -34.09 -3.04 0.39
N GLN G 89 -34.37 -2.68 1.64
CA GLN G 89 -35.72 -2.26 2.05
C GLN G 89 -35.56 -1.29 3.20
N SER G 90 -36.13 -0.08 3.06
CA SER G 90 -35.93 0.97 4.04
C SER G 90 -36.54 0.58 5.39
N SER G 91 -35.89 1.04 6.46
CA SER G 91 -36.27 0.70 7.82
C SER G 91 -35.68 1.74 8.75
N PRO G 92 -36.06 1.75 10.03
CA PRO G 92 -35.45 2.68 10.98
C PRO G 92 -33.94 2.50 11.14
N GLN G 93 -33.41 1.32 10.81
CA GLN G 93 -31.99 1.02 10.97
C GLN G 93 -31.24 1.02 9.64
N SER G 94 -31.83 1.60 8.59
CA SER G 94 -31.24 1.46 7.26
C SER G 94 -29.86 2.09 7.17
N TYR G 95 -29.69 3.28 7.77
CA TYR G 95 -28.42 3.98 7.62
C TYR G 95 -27.31 3.34 8.42
N SER G 96 -27.65 2.68 9.53
CA SER G 96 -26.62 2.02 10.33
C SER G 96 -26.14 0.73 9.68
N GLU G 97 -27.05 -0.01 9.04
CA GLU G 97 -26.69 -1.29 8.44
C GLU G 97 -26.03 -1.12 7.08
N ASP G 98 -25.03 -0.25 7.01
CA ASP G 98 -24.15 -0.15 5.87
C ASP G 98 -22.69 -0.39 6.26
N PHE G 99 -22.39 -0.45 7.55
CA PHE G 99 -21.07 -0.76 8.05
C PHE G 99 -21.03 -2.07 8.82
N ARG G 100 -22.17 -2.72 9.05
CA ARG G 100 -22.24 -3.98 9.78
C ARG G 100 -22.62 -5.16 8.91
N LEU G 101 -23.49 -4.97 7.92
CA LEU G 101 -24.00 -6.08 7.12
C LEU G 101 -23.13 -6.30 5.88
N ASP G 102 -23.00 -7.57 5.50
CA ASP G 102 -22.28 -8.00 4.32
C ASP G 102 -23.24 -8.27 3.18
N PRO G 103 -22.75 -8.33 1.94
CA PRO G 103 -23.65 -8.59 0.80
C PRO G 103 -24.36 -9.93 0.87
N VAL G 104 -23.85 -10.91 1.62
CA VAL G 104 -24.52 -12.20 1.70
C VAL G 104 -25.84 -12.10 2.44
N ASP G 105 -25.89 -11.27 3.49
CA ASP G 105 -27.15 -11.05 4.20
C ASP G 105 -28.18 -10.37 3.31
N HIS G 106 -27.75 -9.39 2.51
CA HIS G 106 -28.64 -8.75 1.55
C HIS G 106 -29.13 -9.76 0.52
N ALA G 107 -28.25 -10.66 0.09
CA ALA G 107 -28.66 -11.72 -0.84
C ALA G 107 -29.71 -12.63 -0.22
N PHE G 108 -29.55 -12.96 1.06
CA PHE G 108 -30.53 -13.82 1.72
C PHE G 108 -31.88 -13.13 1.89
N ARG G 109 -31.88 -11.80 2.07
CA ARG G 109 -33.15 -11.08 2.14
C ARG G 109 -33.80 -10.93 0.75
N ALA G 110 -32.98 -10.77 -0.29
CA ALA G 110 -33.49 -10.57 -1.63
C ALA G 110 -34.29 -11.76 -2.13
N VAL G 111 -34.06 -12.96 -1.60
CA VAL G 111 -34.83 -14.13 -2.01
C VAL G 111 -36.31 -13.94 -1.67
N GLY G 112 -36.59 -13.58 -0.42
CA GLY G 112 -37.96 -13.32 -0.04
C GLY G 112 -38.54 -12.09 -0.71
N TYR G 113 -37.71 -11.05 -0.89
CA TYR G 113 -38.19 -9.87 -1.61
C TYR G 113 -38.64 -10.23 -3.03
N ALA G 114 -37.84 -11.02 -3.74
CA ALA G 114 -38.16 -11.38 -5.11
C ALA G 114 -39.38 -12.29 -5.20
N GLU G 115 -39.50 -13.24 -4.27
CA GLU G 115 -40.69 -14.09 -4.27
C GLU G 115 -41.95 -13.26 -4.02
N LYS G 116 -41.89 -12.31 -3.08
CA LYS G 116 -43.04 -11.45 -2.83
C LYS G 116 -43.39 -10.62 -4.06
N THR G 117 -42.38 -10.07 -4.73
CA THR G 117 -42.62 -9.27 -5.94
C THR G 117 -43.29 -10.11 -7.02
N LEU G 118 -42.79 -11.33 -7.25
CA LEU G 118 -43.38 -12.17 -8.28
C LEU G 118 -44.81 -12.57 -7.92
N MET G 119 -45.07 -12.88 -6.65
CA MET G 119 -46.42 -13.25 -6.24
C MET G 119 -47.39 -12.08 -6.28
N ALA G 120 -46.89 -10.84 -6.19
CA ALA G 120 -47.78 -9.68 -6.29
C ALA G 120 -48.31 -9.47 -7.71
N GLY G 121 -47.76 -10.16 -8.70
CA GLY G 121 -48.23 -10.06 -10.07
C GLY G 121 -47.26 -9.45 -11.05
N PHE G 122 -46.04 -9.13 -10.61
CA PHE G 122 -45.05 -8.47 -11.46
C PHE G 122 -44.04 -9.51 -11.94
N THR G 123 -44.11 -9.84 -13.23
CA THR G 123 -43.24 -10.84 -13.83
C THR G 123 -41.96 -10.26 -14.41
N SER G 124 -41.78 -8.94 -14.34
CA SER G 124 -40.59 -8.30 -14.87
C SER G 124 -40.34 -7.01 -14.09
N VAL G 125 -39.07 -6.70 -13.83
CA VAL G 125 -38.69 -5.49 -13.11
C VAL G 125 -37.41 -4.93 -13.71
N ARG G 126 -37.21 -3.63 -13.50
CA ARG G 126 -35.98 -2.94 -13.85
C ARG G 126 -35.31 -2.45 -12.57
N ASP G 127 -34.20 -3.09 -12.21
CA ASP G 127 -33.46 -2.72 -11.01
C ASP G 127 -32.53 -1.56 -11.32
N LEU G 128 -32.65 -0.48 -10.54
CA LEU G 128 -31.96 0.77 -10.83
C LEU G 128 -30.89 1.11 -9.80
N GLY G 129 -30.15 0.10 -9.34
CA GLY G 129 -29.05 0.35 -8.43
C GLY G 129 -28.83 -0.75 -7.40
N GLY G 130 -27.58 -1.18 -7.24
CA GLY G 130 -27.23 -2.24 -6.31
C GLY G 130 -26.36 -3.31 -6.94
N GLU G 131 -25.43 -3.87 -6.16
CA GLU G 131 -24.50 -4.86 -6.66
C GLU G 131 -24.96 -6.30 -6.49
N VAL G 132 -26.02 -6.53 -5.72
CA VAL G 132 -26.49 -7.89 -5.52
C VAL G 132 -27.44 -8.30 -6.64
N SER G 133 -28.09 -7.32 -7.28
CA SER G 133 -29.14 -7.64 -8.25
C SER G 133 -28.67 -8.41 -9.48
N PRO G 134 -27.51 -8.13 -10.10
CA PRO G 134 -27.07 -9.00 -11.21
C PRO G 134 -26.90 -10.46 -10.81
N HIS G 135 -26.38 -10.71 -9.62
CA HIS G 135 -26.24 -12.07 -9.13
C HIS G 135 -27.60 -12.71 -8.90
N LEU G 136 -28.56 -11.95 -8.37
CA LEU G 136 -29.92 -12.46 -8.20
C LEU G 136 -30.56 -12.78 -9.54
N ARG G 137 -30.32 -11.93 -10.55
CA ARG G 137 -30.84 -12.21 -11.89
C ARG G 137 -30.25 -13.48 -12.46
N ASP G 138 -28.94 -13.69 -12.30
CA ASP G 138 -28.32 -14.91 -12.78
C ASP G 138 -28.86 -16.14 -12.04
N ALA G 139 -29.06 -16.02 -10.73
CA ALA G 139 -29.60 -17.14 -9.97
C ALA G 139 -31.04 -17.48 -10.38
N ILE G 140 -31.86 -16.45 -10.61
CA ILE G 140 -33.24 -16.69 -11.03
C ILE G 140 -33.28 -17.32 -12.41
N ASN G 141 -32.43 -16.85 -13.33
CA ASN G 141 -32.42 -17.41 -14.67
C ASN G 141 -31.99 -18.87 -14.69
N GLN G 142 -31.17 -19.28 -13.74
CA GLN G 142 -30.71 -20.66 -13.65
C GLN G 142 -31.69 -21.57 -12.93
N GLY G 143 -32.77 -21.02 -12.37
CA GLY G 143 -33.73 -21.83 -11.65
C GLY G 143 -33.40 -22.09 -10.20
N LEU G 144 -32.38 -21.41 -9.64
CA LEU G 144 -32.01 -21.65 -8.25
C LEU G 144 -33.05 -21.06 -7.31
N VAL G 145 -33.53 -19.85 -7.58
CA VAL G 145 -34.54 -19.19 -6.76
C VAL G 145 -35.64 -18.68 -7.68
N ARG G 146 -36.79 -18.37 -7.08
CA ARG G 146 -37.95 -17.89 -7.81
C ARG G 146 -38.02 -16.37 -7.75
N GLY G 147 -38.44 -15.76 -8.85
CA GLY G 147 -38.55 -14.33 -8.94
C GLY G 147 -38.93 -13.87 -10.33
N PRO G 148 -39.04 -12.57 -10.52
CA PRO G 148 -39.37 -12.02 -11.84
C PRO G 148 -38.14 -11.95 -12.74
N ARG G 149 -38.37 -11.51 -13.98
CA ARG G 149 -37.29 -11.26 -14.93
C ARG G 149 -36.69 -9.89 -14.64
N ILE G 150 -35.39 -9.86 -14.36
CA ILE G 150 -34.73 -8.67 -13.86
C ILE G 150 -33.87 -8.07 -14.96
N PHE G 151 -34.00 -6.76 -15.18
CA PHE G 151 -33.08 -5.97 -15.99
C PHE G 151 -32.33 -5.06 -15.04
N ALA G 152 -31.03 -5.28 -14.88
CA ALA G 152 -30.24 -4.69 -13.81
C ALA G 152 -29.28 -3.64 -14.35
N ALA G 153 -29.20 -2.51 -13.64
CA ALA G 153 -28.26 -1.45 -13.99
C ALA G 153 -26.93 -1.57 -13.26
N GLY G 154 -26.90 -2.21 -12.11
CA GLY G 154 -25.64 -2.37 -11.39
C GLY G 154 -25.33 -1.14 -10.57
N LYS G 155 -24.09 -0.68 -10.64
CA LYS G 155 -23.67 0.50 -9.90
C LYS G 155 -24.14 1.77 -10.60
N SER G 156 -24.67 2.70 -9.82
CA SER G 156 -25.03 4.00 -10.35
C SER G 156 -23.77 4.83 -10.63
N ILE G 157 -23.90 5.75 -11.58
CA ILE G 157 -22.80 6.63 -11.96
C ILE G 157 -23.10 8.03 -11.46
N ALA G 158 -22.16 8.62 -10.73
CA ALA G 158 -22.33 9.92 -10.12
C ALA G 158 -21.02 10.70 -10.23
N THR G 159 -21.03 11.91 -9.68
CA THR G 159 -19.86 12.76 -9.56
C THR G 159 -19.41 12.79 -8.10
N THR G 160 -18.35 13.55 -7.83
CA THR G 160 -17.85 13.68 -6.47
C THR G 160 -18.87 14.41 -5.62
N GLY G 161 -19.27 13.79 -4.51
CA GLY G 161 -20.32 14.33 -3.67
C GLY G 161 -21.72 14.17 -4.21
N GLY G 162 -21.90 13.37 -5.25
CA GLY G 162 -23.20 13.20 -5.86
C GLY G 162 -24.13 12.31 -5.03
N HIS G 163 -25.36 12.18 -5.52
CA HIS G 163 -26.38 11.44 -4.79
C HIS G 163 -26.01 9.97 -4.63
N ALA G 164 -25.28 9.41 -5.60
CA ALA G 164 -24.90 8.00 -5.58
C ALA G 164 -23.46 7.78 -5.15
N ASP G 165 -22.79 8.80 -4.62
CA ASP G 165 -21.42 8.66 -4.16
C ASP G 165 -21.37 7.66 -3.01
N PRO G 166 -20.59 6.57 -3.13
CA PRO G 166 -20.63 5.52 -2.10
C PRO G 166 -20.05 5.94 -0.75
N THR G 167 -19.23 6.98 -0.69
CA THR G 167 -18.60 7.40 0.56
C THR G 167 -19.12 8.76 1.04
N ASN G 168 -20.37 9.08 0.75
CA ASN G 168 -20.97 10.30 1.26
C ASN G 168 -21.23 10.19 2.75
N GLY G 169 -20.71 11.15 3.52
CA GLY G 169 -20.97 11.22 4.94
C GLY G 169 -19.99 10.49 5.83
N TRP G 170 -19.03 9.76 5.27
CA TRP G 170 -18.07 9.04 6.08
C TRP G 170 -17.11 10.01 6.77
N ASN G 171 -16.64 9.64 7.96
CA ASN G 171 -15.65 10.47 8.63
C ASN G 171 -14.32 10.38 7.90
N GLU G 172 -13.44 11.37 8.16
CA GLU G 172 -12.25 11.53 7.35
C GLU G 172 -11.31 10.33 7.47
N ARG G 173 -11.37 9.59 8.58
CA ARG G 173 -10.53 8.41 8.73
C ARG G 173 -10.93 7.32 7.73
N LEU G 174 -12.23 7.00 7.67
CA LEU G 174 -12.71 5.99 6.74
C LEU G 174 -12.47 6.41 5.30
N ALA G 175 -12.71 7.68 4.99
CA ALA G 175 -12.47 8.18 3.63
C ALA G 175 -11.00 8.08 3.27
N HIS G 176 -10.10 8.37 4.21
CA HIS G 176 -8.68 8.26 3.94
C HIS G 176 -8.27 6.81 3.69
N LEU G 177 -8.77 5.88 4.51
CA LEU G 177 -8.41 4.48 4.30
C LEU G 177 -8.96 3.95 2.97
N VAL G 178 -10.22 4.24 2.65
CA VAL G 178 -10.83 3.69 1.46
C VAL G 178 -10.38 4.39 0.18
N GLY G 179 -9.82 5.59 0.29
CA GLY G 179 -9.40 6.34 -0.86
C GLY G 179 -10.55 7.02 -1.58
N ALA G 180 -10.20 7.95 -2.47
CA ALA G 180 -11.21 8.65 -3.23
C ALA G 180 -11.75 7.75 -4.34
N PRO G 181 -13.06 7.57 -4.44
CA PRO G 181 -13.61 6.69 -5.47
C PRO G 181 -13.38 7.24 -6.86
N GLY G 182 -13.26 6.33 -7.83
CA GLY G 182 -13.03 6.67 -9.20
C GLY G 182 -14.02 6.02 -10.14
N PRO G 183 -13.68 5.96 -11.43
CA PRO G 183 -14.61 5.36 -12.41
C PRO G 183 -14.97 3.92 -12.13
N ALA G 184 -14.03 3.12 -11.61
CA ALA G 184 -14.34 1.73 -11.28
C ALA G 184 -15.38 1.64 -10.17
N GLU G 185 -15.45 2.64 -9.30
CA GLU G 185 -16.47 2.71 -8.27
C GLU G 185 -17.71 3.47 -8.72
N GLY G 186 -17.68 4.09 -9.90
CA GLY G 186 -18.83 4.79 -10.45
C GLY G 186 -18.82 6.29 -10.30
N VAL G 187 -17.72 6.89 -9.86
CA VAL G 187 -17.63 8.34 -9.63
C VAL G 187 -16.76 8.94 -10.72
N VAL G 188 -17.34 9.82 -11.53
CA VAL G 188 -16.67 10.38 -12.69
C VAL G 188 -16.69 11.90 -12.60
N ASN G 189 -15.68 12.53 -13.22
CA ASN G 189 -15.59 13.99 -13.24
C ASN G 189 -15.14 14.53 -14.59
N SER G 190 -15.14 13.72 -15.64
CA SER G 190 -14.74 14.17 -16.97
C SER G 190 -15.35 13.24 -18.00
N VAL G 191 -15.08 13.54 -19.28
CA VAL G 191 -15.64 12.77 -20.37
C VAL G 191 -15.00 11.38 -20.44
N ASP G 192 -13.67 11.33 -20.33
CA ASP G 192 -12.96 10.05 -20.41
C ASP G 192 -13.32 9.16 -19.22
N GLU G 193 -13.47 9.76 -18.04
CA GLU G 193 -13.87 8.99 -16.87
C GLU G 193 -15.28 8.43 -17.03
N ALA G 194 -16.17 9.20 -17.65
CA ALA G 194 -17.52 8.70 -17.91
C ALA G 194 -17.51 7.53 -18.89
N ARG G 195 -16.69 7.63 -19.94
CA ARG G 195 -16.56 6.53 -20.88
C ARG G 195 -16.04 5.28 -20.18
N GLN G 196 -15.02 5.43 -19.33
CA GLN G 196 -14.47 4.30 -18.60
C GLN G 196 -15.51 3.71 -17.64
N ALA G 197 -16.33 4.56 -17.01
CA ALA G 197 -17.34 4.05 -16.11
C ALA G 197 -18.41 3.23 -16.84
N VAL G 198 -18.84 3.70 -18.01
CA VAL G 198 -19.80 2.93 -18.80
C VAL G 198 -19.21 1.59 -19.20
N ARG G 199 -17.94 1.59 -19.62
CA ARG G 199 -17.28 0.34 -19.97
C ARG G 199 -17.13 -0.59 -18.77
N GLN G 200 -16.89 -0.02 -17.58
CA GLN G 200 -16.79 -0.83 -16.37
C GLN G 200 -18.13 -1.47 -16.01
N ARG G 201 -19.23 -0.73 -16.18
CA ARG G 201 -20.53 -1.32 -15.94
C ARG G 201 -20.84 -2.43 -16.95
N TYR G 202 -20.45 -2.23 -18.21
CA TYR G 202 -20.60 -3.30 -19.20
C TYR G 202 -19.79 -4.52 -18.81
N LYS G 203 -18.57 -4.32 -18.32
CA LYS G 203 -17.71 -5.43 -17.91
C LYS G 203 -18.31 -6.22 -16.75
N GLU G 204 -19.02 -5.56 -15.85
CA GLU G 204 -19.59 -6.21 -14.68
C GLU G 204 -20.92 -6.90 -14.96
N GLY G 205 -21.43 -6.81 -16.17
CA GLY G 205 -22.65 -7.53 -16.53
C GLY G 205 -23.92 -6.76 -16.32
N SER G 206 -23.94 -5.49 -16.70
CA SER G 206 -25.12 -4.66 -16.57
C SER G 206 -25.97 -4.72 -17.83
N ASP G 207 -27.26 -4.42 -17.68
CA ASP G 207 -28.18 -4.37 -18.81
C ASP G 207 -28.50 -2.95 -19.25
N LEU G 208 -28.27 -1.95 -18.39
CA LEU G 208 -28.52 -0.56 -18.74
C LEU G 208 -27.65 0.29 -17.83
N ILE G 209 -27.79 1.61 -17.97
CA ILE G 209 -27.00 2.56 -17.19
C ILE G 209 -27.91 3.49 -16.39
N KCX G 210 -27.54 3.74 -15.13
CA KCX G 210 -28.26 4.69 -14.29
CB KCX G 210 -28.91 3.96 -13.10
CG KCX G 210 -30.38 4.27 -12.90
CD KCX G 210 -30.62 5.57 -12.16
CE KCX G 210 -30.85 5.33 -10.68
NZ KCX G 210 -31.67 6.40 -10.07
C KCX G 210 -27.34 5.79 -13.78
O KCX G 210 -26.27 5.51 -13.24
CX KCX G 210 -32.47 6.14 -9.03
OQ1 KCX G 210 -33.15 7.05 -8.53
OQ2 KCX G 210 -32.55 4.99 -8.57
N ILE G 211 -27.75 7.04 -13.97
CA ILE G 211 -27.01 8.18 -13.44
C ILE G 211 -27.90 9.01 -12.51
N THR G 212 -27.26 9.76 -11.61
CA THR G 212 -27.95 10.68 -10.72
C THR G 212 -27.62 12.10 -11.18
N ALA G 213 -28.56 12.71 -11.90
CA ALA G 213 -28.29 14.03 -12.50
C ALA G 213 -28.33 15.15 -11.47
N THR G 214 -29.15 15.02 -10.42
CA THR G 214 -29.20 16.01 -9.35
C THR G 214 -28.96 15.34 -8.01
N GLY G 215 -29.09 16.10 -6.93
CA GLY G 215 -29.03 15.52 -5.61
C GLY G 215 -30.32 14.80 -5.25
N GLY G 216 -30.29 14.13 -4.11
CA GLY G 216 -31.43 13.34 -3.71
C GLY G 216 -32.05 13.78 -2.40
N VAL G 217 -32.96 12.97 -1.87
CA VAL G 217 -33.59 13.27 -0.59
C VAL G 217 -33.23 12.27 0.49
N LEU G 218 -32.75 11.08 0.15
CA LEU G 218 -32.45 10.05 1.13
C LEU G 218 -30.96 9.82 1.34
N SER G 219 -30.11 10.52 0.60
CA SER G 219 -28.67 10.40 0.77
C SER G 219 -28.18 11.31 1.89
N TYR G 220 -26.96 11.03 2.37
CA TYR G 220 -26.35 11.82 3.43
C TYR G 220 -25.54 12.97 2.80
N ALA G 221 -26.29 13.95 2.29
CA ALA G 221 -25.71 15.10 1.63
C ALA G 221 -26.59 16.31 1.90
N ARG G 222 -26.14 17.48 1.41
CA ARG G 222 -26.83 18.73 1.67
C ARG G 222 -27.87 19.06 0.60
N SER G 223 -27.44 19.14 -0.65
CA SER G 223 -28.33 19.56 -1.73
C SER G 223 -29.21 18.41 -2.20
N GLY G 224 -30.37 18.77 -2.74
CA GLY G 224 -31.30 17.79 -3.26
C GLY G 224 -31.79 18.12 -4.65
N ASP G 225 -31.55 19.35 -5.11
CA ASP G 225 -31.97 19.76 -6.45
C ASP G 225 -30.87 20.60 -7.12
N ALA G 226 -29.59 20.23 -6.92
CA ALA G 226 -28.59 21.03 -7.63
C ALA G 226 -28.04 20.26 -8.82
N PRO G 227 -27.64 20.96 -9.89
CA PRO G 227 -27.09 20.26 -11.06
C PRO G 227 -25.73 19.67 -10.74
N GLN G 228 -25.61 18.35 -10.90
CA GLN G 228 -24.40 17.63 -10.53
C GLN G 228 -23.65 17.04 -11.72
N PHE G 229 -24.24 17.08 -12.92
CA PHE G 229 -23.57 16.67 -14.14
C PHE G 229 -23.54 17.86 -15.09
N THR G 230 -22.46 17.96 -15.85
CA THR G 230 -22.45 18.89 -16.98
C THR G 230 -23.03 18.20 -18.21
N VAL G 231 -23.44 19.01 -19.18
CA VAL G 231 -24.06 18.46 -20.38
C VAL G 231 -23.07 17.57 -21.13
N ASP G 232 -21.79 17.95 -21.14
CA ASP G 232 -20.78 17.15 -21.84
C ASP G 232 -20.61 15.77 -21.20
N GLU G 233 -20.63 15.71 -19.86
CA GLU G 233 -20.49 14.42 -19.20
C GLU G 233 -21.67 13.50 -19.50
N ILE G 234 -22.90 14.04 -19.48
CA ILE G 234 -24.07 13.21 -19.78
C ILE G 234 -24.05 12.78 -21.24
N LYS G 235 -23.61 13.66 -22.15
CA LYS G 235 -23.53 13.30 -23.56
C LYS G 235 -22.49 12.20 -23.76
N ALA G 236 -21.36 12.27 -23.04
CA ALA G 236 -20.37 11.21 -23.13
C ALA G 236 -20.94 9.88 -22.62
N VAL G 237 -21.68 9.92 -21.52
CA VAL G 237 -22.28 8.71 -20.98
C VAL G 237 -23.25 8.10 -22.01
N VAL G 238 -24.11 8.94 -22.58
CA VAL G 238 -25.11 8.47 -23.54
C VAL G 238 -24.43 7.90 -24.79
N ASP G 239 -23.41 8.59 -25.30
CA ASP G 239 -22.71 8.14 -26.50
C ASP G 239 -21.99 6.82 -26.25
N THR G 240 -21.35 6.66 -25.10
CA THR G 240 -20.70 5.38 -24.81
C THR G 240 -21.73 4.27 -24.63
N ALA G 241 -22.85 4.57 -23.97
CA ALA G 241 -23.86 3.55 -23.73
C ALA G 241 -24.53 3.10 -25.02
N ARG G 242 -24.65 4.01 -26.00
CA ARG G 242 -25.26 3.63 -27.27
C ARG G 242 -24.43 2.60 -28.03
N ASP G 243 -23.10 2.60 -27.84
CA ASP G 243 -22.25 1.64 -28.53
C ASP G 243 -22.51 0.22 -28.04
N TYR G 244 -22.77 0.06 -26.75
CA TYR G 244 -22.97 -1.25 -26.13
C TYR G 244 -24.43 -1.67 -26.10
N GLY G 245 -25.32 -0.89 -26.70
CA GLY G 245 -26.73 -1.22 -26.72
C GLY G 245 -27.48 -0.91 -25.45
N PHE G 246 -26.97 0.00 -24.62
CA PHE G 246 -27.59 0.33 -23.35
C PHE G 246 -28.50 1.54 -23.47
N ARG G 247 -29.45 1.62 -22.54
CA ARG G 247 -30.29 2.79 -22.34
C ARG G 247 -29.92 3.42 -21.01
N VAL G 248 -30.19 4.73 -20.90
CA VAL G 248 -29.79 5.52 -19.74
C VAL G 248 -31.03 6.03 -19.03
N ALA G 249 -31.09 5.81 -17.72
CA ALA G 249 -32.12 6.36 -16.86
C ALA G 249 -31.50 7.38 -15.91
N ALA G 250 -32.14 8.54 -15.78
CA ALA G 250 -31.59 9.64 -15.02
C ALA G 250 -32.46 9.99 -13.82
N HIS G 251 -31.86 9.95 -12.63
CA HIS G 251 -32.46 10.47 -11.42
C HIS G 251 -32.36 11.99 -11.43
N ALA G 252 -33.49 12.68 -11.23
CA ALA G 252 -33.49 14.14 -11.31
C ALA G 252 -34.67 14.69 -10.53
N HIS G 253 -34.39 15.55 -9.55
CA HIS G 253 -35.42 16.30 -8.85
C HIS G 253 -35.49 17.76 -9.32
N GLY G 254 -34.34 18.44 -9.39
CA GLY G 254 -34.32 19.83 -9.77
C GLY G 254 -34.48 20.04 -11.27
N THR G 255 -34.76 21.29 -11.63
CA THR G 255 -35.12 21.63 -13.01
C THR G 255 -33.91 21.67 -13.92
N GLU G 256 -32.77 22.20 -13.45
CA GLU G 256 -31.62 22.38 -14.33
C GLU G 256 -30.97 21.05 -14.67
N GLY G 257 -30.81 20.17 -13.70
CA GLY G 257 -30.29 18.84 -13.98
C GLY G 257 -31.21 18.03 -14.86
N MET G 258 -32.52 18.14 -14.63
CA MET G 258 -33.49 17.47 -15.50
C MET G 258 -33.39 17.98 -16.93
N LYS G 259 -33.25 19.28 -17.10
CA LYS G 259 -33.10 19.86 -18.44
C LYS G 259 -31.83 19.37 -19.11
N ARG G 260 -30.72 19.34 -18.37
CA ARG G 260 -29.47 18.86 -18.95
C ARG G 260 -29.57 17.39 -19.37
N ALA G 261 -30.16 16.55 -18.52
CA ALA G 261 -30.31 15.14 -18.86
C ALA G 261 -31.23 14.95 -20.06
N VAL G 262 -32.32 15.71 -20.13
CA VAL G 262 -33.23 15.58 -21.26
C VAL G 262 -32.54 16.01 -22.56
N GLN G 263 -31.79 17.11 -22.52
CA GLN G 263 -31.13 17.60 -23.72
C GLN G 263 -30.00 16.67 -24.16
N ALA G 264 -29.34 16.01 -23.21
CA ALA G 264 -28.26 15.09 -23.59
C ALA G 264 -28.78 13.82 -24.24
N GLY G 265 -30.03 13.44 -24.00
CA GLY G 265 -30.63 12.33 -24.71
C GLY G 265 -30.85 11.06 -23.90
N VAL G 266 -31.19 11.20 -22.61
CA VAL G 266 -31.49 10.01 -21.82
C VAL G 266 -32.84 9.43 -22.24
N THR G 267 -33.07 8.17 -21.85
CA THR G 267 -34.28 7.47 -22.26
C THR G 267 -35.45 7.78 -21.33
N SER G 268 -35.21 7.86 -20.03
CA SER G 268 -36.28 8.11 -19.08
C SER G 268 -35.78 9.02 -17.97
N ILE G 269 -36.73 9.71 -17.33
CA ILE G 269 -36.47 10.58 -16.19
C ILE G 269 -37.27 10.06 -15.01
N GLU G 270 -36.60 9.87 -13.87
CA GLU G 270 -37.24 9.36 -12.66
C GLU G 270 -37.54 10.51 -11.71
N HIS G 271 -38.67 10.39 -11.00
CA HIS G 271 -39.16 11.37 -10.03
C HIS G 271 -39.60 12.67 -10.69
N GLY G 272 -38.65 13.51 -11.08
CA GLY G 272 -38.98 14.75 -11.78
C GLY G 272 -39.84 15.70 -10.99
N THR G 273 -39.48 15.93 -9.71
CA THR G 273 -40.37 16.64 -8.80
C THR G 273 -40.61 18.08 -9.22
N TYR G 274 -39.59 18.76 -9.73
CA TYR G 274 -39.67 20.18 -10.05
C TYR G 274 -39.73 20.43 -11.55
N MET G 275 -40.47 19.61 -12.27
CA MET G 275 -40.67 19.80 -13.69
C MET G 275 -41.45 21.07 -13.96
N ASP G 276 -41.02 21.82 -14.97
CA ASP G 276 -41.72 23.04 -15.38
C ASP G 276 -42.15 22.92 -16.84
N ASP G 277 -42.65 24.02 -17.39
CA ASP G 277 -43.19 24.03 -18.75
C ASP G 277 -42.10 23.75 -19.79
N GLU G 278 -40.92 24.36 -19.63
CA GLU G 278 -39.86 24.18 -20.62
C GLU G 278 -39.37 22.73 -20.65
N VAL G 279 -39.20 22.12 -19.47
CA VAL G 279 -38.78 20.72 -19.43
C VAL G 279 -39.85 19.84 -20.06
N MET G 280 -41.13 20.15 -19.82
CA MET G 280 -42.20 19.39 -20.44
C MET G 280 -42.16 19.48 -21.96
N ARG G 281 -41.93 20.69 -22.48
CA ARG G 281 -41.84 20.86 -23.93
C ARG G 281 -40.66 20.08 -24.49
N LEU G 282 -39.51 20.15 -23.83
CA LEU G 282 -38.33 19.41 -24.30
C LEU G 282 -38.58 17.91 -24.26
N MET G 283 -39.22 17.41 -23.21
CA MET G 283 -39.52 15.99 -23.12
C MET G 283 -40.47 15.54 -24.20
N LYS G 284 -41.51 16.34 -24.48
CA LYS G 284 -42.43 16.01 -25.56
C LYS G 284 -41.75 16.01 -26.91
N GLN G 285 -40.84 16.96 -27.13
CA GLN G 285 -40.12 17.02 -28.40
C GLN G 285 -39.12 15.87 -28.55
N HIS G 286 -38.49 15.44 -27.46
CA HIS G 286 -37.46 14.42 -27.51
C HIS G 286 -38.01 13.00 -27.33
N GLY G 287 -39.28 12.85 -26.94
CA GLY G 287 -39.82 11.52 -26.70
C GLY G 287 -39.35 10.86 -25.43
N THR G 288 -38.99 11.64 -24.42
CA THR G 288 -38.51 11.09 -23.15
C THR G 288 -39.67 10.51 -22.35
N TRP G 289 -39.41 9.39 -21.68
CA TRP G 289 -40.38 8.77 -20.80
C TRP G 289 -40.23 9.33 -19.39
N TYR G 290 -41.35 9.36 -18.66
CA TYR G 290 -41.40 9.90 -17.31
C TYR G 290 -41.93 8.86 -16.35
N VAL G 291 -41.17 8.59 -15.29
CA VAL G 291 -41.54 7.62 -14.26
C VAL G 291 -41.65 8.36 -12.92
N PRO G 292 -42.88 8.62 -12.45
CA PRO G 292 -43.06 9.51 -11.29
C PRO G 292 -42.77 8.91 -9.92
N THR G 293 -43.07 7.62 -9.72
CA THR G 293 -42.91 6.94 -8.43
C THR G 293 -43.74 7.61 -7.32
N PHE G 294 -45.07 7.50 -7.47
CA PHE G 294 -45.99 8.00 -6.46
C PHE G 294 -45.72 7.38 -5.08
N TYR G 295 -45.45 6.07 -5.06
CA TYR G 295 -45.38 5.32 -3.81
C TYR G 295 -44.28 5.84 -2.92
N ALA G 296 -43.10 6.13 -3.49
CA ALA G 296 -41.98 6.59 -2.66
C ALA G 296 -42.30 7.92 -1.99
N GLY G 297 -42.90 8.85 -2.73
CA GLY G 297 -43.27 10.13 -2.14
C GLY G 297 -44.30 9.99 -1.04
N ARG G 298 -45.36 9.20 -1.31
CA ARG G 298 -46.37 9.00 -0.29
C ARG G 298 -45.80 8.35 0.96
N PHE G 299 -44.88 7.41 0.80
CA PHE G 299 -44.24 6.72 1.96
C PHE G 299 -43.37 7.69 2.77
N VAL G 300 -42.47 8.43 2.13
CA VAL G 300 -41.51 9.31 2.88
C VAL G 300 -42.24 10.47 3.54
N THR G 301 -43.48 10.75 3.13
CA THR G 301 -44.28 11.83 3.76
C THR G 301 -45.08 11.23 4.90
N GLU G 302 -45.61 10.01 4.70
CA GLU G 302 -46.29 9.38 5.82
C GLU G 302 -45.32 9.04 6.95
N LYS G 303 -44.07 8.72 6.61
CA LYS G 303 -43.05 8.51 7.63
C LYS G 303 -42.41 9.84 8.02
N ALA G 304 -43.25 10.83 8.36
CA ALA G 304 -42.76 12.12 8.83
C ALA G 304 -43.48 12.47 10.14
N ALA G 305 -44.70 11.97 10.30
CA ALA G 305 -45.40 12.11 11.57
C ALA G 305 -44.70 11.32 12.67
N ILE G 306 -44.03 10.23 12.32
CA ILE G 306 -43.22 9.48 13.28
C ILE G 306 -42.02 10.31 13.67
N ASP G 307 -41.76 10.41 14.97
CA ASP G 307 -40.77 11.37 15.47
C ASP G 307 -39.36 11.00 15.02
N GLY G 308 -38.86 9.85 15.47
CA GLY G 308 -37.53 9.42 15.06
C GLY G 308 -37.56 8.35 13.98
N TYR G 309 -37.29 8.74 12.74
CA TYR G 309 -37.19 7.78 11.65
C TYR G 309 -36.03 8.10 10.71
N PHE G 310 -35.67 9.38 10.61
CA PHE G 310 -34.70 9.83 9.63
C PHE G 310 -33.60 10.65 10.30
N PRO G 311 -32.39 10.63 9.74
CA PRO G 311 -31.33 11.49 10.24
C PRO G 311 -31.66 12.96 10.01
N GLU G 312 -31.07 13.82 10.85
CA GLU G 312 -31.36 15.25 10.78
C GLU G 312 -30.90 15.89 9.47
N VAL G 313 -30.02 15.23 8.72
CA VAL G 313 -29.60 15.75 7.43
C VAL G 313 -30.59 15.40 6.33
N VAL G 314 -31.39 14.34 6.52
CA VAL G 314 -32.29 13.83 5.49
C VAL G 314 -33.72 14.32 5.70
N ARG G 315 -34.14 14.46 6.96
CA ARG G 315 -35.55 14.72 7.25
C ARG G 315 -36.11 15.99 6.60
N PRO G 316 -35.42 17.14 6.60
CA PRO G 316 -35.97 18.30 5.87
C PRO G 316 -36.19 18.04 4.40
N LYS G 317 -35.26 17.35 3.72
CA LYS G 317 -35.43 17.04 2.31
C LYS G 317 -36.61 16.11 2.09
N ALA G 318 -36.77 15.10 2.95
CA ALA G 318 -37.87 14.17 2.83
C ALA G 318 -39.21 14.85 3.10
N ALA G 319 -39.25 15.83 4.00
CA ALA G 319 -40.48 16.56 4.23
C ALA G 319 -40.79 17.52 3.10
N ARG G 320 -39.77 18.06 2.44
CA ARG G 320 -39.99 19.07 1.42
C ARG G 320 -40.35 18.46 0.07
N ILE G 321 -39.56 17.49 -0.40
CA ILE G 321 -39.68 17.05 -1.78
C ILE G 321 -40.82 16.03 -1.96
N GLY G 322 -41.18 15.30 -0.91
CA GLY G 322 -42.22 14.30 -1.05
C GLY G 322 -43.61 14.89 -1.23
N ALA G 323 -44.48 14.09 -1.84
CA ALA G 323 -45.90 14.40 -2.05
C ALA G 323 -46.12 15.62 -2.94
N LEU G 324 -45.04 16.23 -3.44
CA LEU G 324 -45.16 17.19 -4.53
C LEU G 324 -45.14 16.51 -5.89
N ILE G 325 -44.88 15.20 -5.92
CA ILE G 325 -44.82 14.45 -7.17
C ILE G 325 -46.21 14.25 -7.77
N SER G 326 -47.23 14.11 -6.93
CA SER G 326 -48.58 13.83 -7.43
C SER G 326 -49.08 14.93 -8.36
N GLN G 327 -48.96 16.20 -7.95
CA GLN G 327 -49.39 17.30 -8.79
C GLN G 327 -48.54 17.41 -10.04
N THR G 328 -47.22 17.20 -9.92
CA THR G 328 -46.35 17.26 -11.09
C THR G 328 -46.72 16.16 -12.09
N ALA G 329 -46.99 14.95 -11.61
CA ALA G 329 -47.37 13.87 -12.51
C ALA G 329 -48.73 14.13 -13.16
N ALA G 330 -49.69 14.66 -12.41
CA ALA G 330 -50.98 15.00 -13.00
C ALA G 330 -50.83 16.07 -14.08
N LYS G 331 -50.03 17.10 -13.80
CA LYS G 331 -49.80 18.15 -14.79
C LYS G 331 -49.10 17.60 -16.03
N ALA G 332 -48.12 16.71 -15.83
CA ALA G 332 -47.42 16.11 -16.96
C ALA G 332 -48.37 15.26 -17.81
N TYR G 333 -49.26 14.50 -17.16
CA TYR G 333 -50.24 13.73 -17.93
C TYR G 333 -51.17 14.62 -18.70
N ARG G 334 -51.62 15.73 -18.09
CA ARG G 334 -52.49 16.66 -18.80
C ARG G 334 -51.76 17.33 -19.96
N ASN G 335 -50.44 17.53 -19.84
CA ASN G 335 -49.67 18.22 -20.87
C ASN G 335 -49.25 17.31 -22.01
N GLY G 336 -49.38 16.00 -21.87
CA GLY G 336 -49.05 15.08 -22.93
C GLY G 336 -47.71 14.38 -22.82
N VAL G 337 -47.08 14.37 -21.65
CA VAL G 337 -45.82 13.67 -21.46
C VAL G 337 -46.09 12.18 -21.28
N ARG G 338 -45.34 11.35 -21.98
CA ARG G 338 -45.50 9.91 -21.88
C ARG G 338 -45.07 9.41 -20.51
N ILE G 339 -45.92 8.61 -19.88
CA ILE G 339 -45.74 8.16 -18.50
C ILE G 339 -45.71 6.64 -18.45
N ALA G 340 -44.79 6.09 -17.68
CA ALA G 340 -44.64 4.65 -17.50
C ALA G 340 -44.67 4.33 -16.01
N PHE G 341 -44.82 3.04 -15.71
CA PHE G 341 -45.08 2.57 -14.34
C PHE G 341 -43.78 2.32 -13.59
N GLY G 342 -43.65 2.92 -12.41
CA GLY G 342 -42.53 2.67 -11.54
C GLY G 342 -42.88 3.09 -10.13
N THR G 343 -42.26 2.42 -9.15
CA THR G 343 -42.64 2.59 -7.75
C THR G 343 -41.52 3.02 -6.84
N ASN G 344 -40.26 2.79 -7.21
CA ASN G 344 -39.12 2.97 -6.30
C ASN G 344 -39.23 2.07 -5.08
N GLN G 345 -39.62 0.82 -5.30
CA GLN G 345 -39.71 -0.14 -4.21
C GLN G 345 -38.33 -0.47 -3.68
N GLY G 346 -38.27 -0.76 -2.38
CA GLY G 346 -37.06 -0.70 -1.59
C GLY G 346 -37.05 0.48 -0.65
N VAL G 347 -37.77 1.55 -1.02
CA VAL G 347 -38.21 2.53 -0.03
C VAL G 347 -39.48 2.02 0.66
N GLY G 348 -40.48 1.65 -0.12
CA GLY G 348 -41.63 0.95 0.39
C GLY G 348 -41.39 -0.54 0.46
N PRO G 349 -42.32 -1.25 1.10
CA PRO G 349 -42.14 -2.70 1.33
C PRO G 349 -42.44 -3.51 0.09
N HIS G 350 -41.52 -4.40 -0.26
CA HIS G 350 -41.65 -5.21 -1.47
C HIS G 350 -42.90 -6.08 -1.40
N GLY G 351 -43.51 -6.30 -2.56
CA GLY G 351 -44.76 -7.01 -2.64
C GLY G 351 -46.00 -6.14 -2.56
N ASP G 352 -45.85 -4.84 -2.33
CA ASP G 352 -46.96 -3.90 -2.25
C ASP G 352 -46.96 -2.93 -3.42
N ASN G 353 -46.41 -3.35 -4.56
CA ASN G 353 -46.20 -2.45 -5.68
C ASN G 353 -47.50 -2.00 -6.35
N ALA G 354 -48.59 -2.78 -6.20
CA ALA G 354 -49.81 -2.51 -6.94
C ALA G 354 -50.60 -1.32 -6.40
N ARG G 355 -50.27 -0.81 -5.22
CA ARG G 355 -50.94 0.38 -4.72
C ARG G 355 -50.61 1.62 -5.55
N GLU G 356 -49.54 1.55 -6.34
CA GLU G 356 -49.23 2.64 -7.27
C GLU G 356 -50.33 2.82 -8.31
N PHE G 357 -51.03 1.74 -8.68
CA PHE G 357 -52.18 1.88 -9.56
C PHE G 357 -53.26 2.75 -8.92
N VAL G 358 -53.55 2.51 -7.64
CA VAL G 358 -54.56 3.29 -6.93
C VAL G 358 -54.11 4.74 -6.79
N TYR G 359 -52.82 4.96 -6.53
CA TYR G 359 -52.29 6.32 -6.47
C TYR G 359 -52.41 7.03 -7.82
N MET G 360 -52.12 6.30 -8.91
CA MET G 360 -52.20 6.88 -10.24
C MET G 360 -53.63 7.28 -10.58
N VAL G 361 -54.59 6.40 -10.28
CA VAL G 361 -55.98 6.69 -10.60
C VAL G 361 -56.50 7.84 -9.75
N GLU G 362 -56.05 7.93 -8.50
CA GLU G 362 -56.48 9.01 -7.61
C GLU G 362 -56.05 10.38 -8.14
N ALA G 363 -54.98 10.44 -8.90
CA ALA G 363 -54.43 11.70 -9.40
C ALA G 363 -55.07 12.15 -10.71
N GLY G 364 -55.96 11.34 -11.29
CA GLY G 364 -56.66 11.71 -12.51
C GLY G 364 -56.30 10.89 -13.73
N ILE G 365 -55.32 10.02 -13.65
CA ILE G 365 -54.96 9.18 -14.79
C ILE G 365 -55.99 8.06 -14.94
N PRO G 366 -56.51 7.80 -16.13
CA PRO G 366 -57.52 6.76 -16.31
C PRO G 366 -56.97 5.38 -15.99
N ALA G 367 -57.87 4.48 -15.60
CA ALA G 367 -57.46 3.13 -15.23
C ALA G 367 -56.84 2.37 -16.39
N ALA G 368 -57.42 2.52 -17.58
CA ALA G 368 -56.89 1.82 -18.75
C ALA G 368 -55.48 2.29 -19.09
N TYR G 369 -55.24 3.61 -19.01
CA TYR G 369 -53.88 4.11 -19.24
C TYR G 369 -52.92 3.65 -18.14
N ALA G 370 -53.41 3.58 -16.91
CA ALA G 370 -52.56 3.10 -15.82
C ALA G 370 -52.15 1.65 -16.04
N LEU G 371 -53.07 0.82 -16.55
CA LEU G 371 -52.73 -0.56 -16.86
C LEU G 371 -51.83 -0.66 -18.09
N GLN G 372 -52.01 0.23 -19.06
CA GLN G 372 -51.14 0.22 -20.25
C GLN G 372 -49.74 0.68 -19.92
N ALA G 373 -49.57 1.54 -18.93
CA ALA G 373 -48.25 2.03 -18.55
C ALA G 373 -47.37 0.94 -17.95
N ALA G 374 -47.96 -0.19 -17.55
CA ALA G 374 -47.21 -1.28 -16.96
C ALA G 374 -47.00 -2.45 -17.92
N THR G 375 -47.61 -2.39 -19.09
CA THR G 375 -47.54 -3.52 -20.05
C THR G 375 -46.92 -3.05 -21.37
N VAL G 376 -47.68 -2.42 -22.25
CA VAL G 376 -47.19 -2.06 -23.61
C VAL G 376 -46.15 -0.92 -23.54
N HIS G 377 -46.33 0.05 -22.62
CA HIS G 377 -45.36 1.19 -22.48
C HIS G 377 -44.07 0.73 -21.82
N ALA G 378 -44.14 -0.07 -20.75
CA ALA G 378 -42.98 -0.60 -20.06
C ALA G 378 -42.07 -1.38 -21.00
N ALA G 379 -42.67 -2.13 -21.92
CA ALA G 379 -41.87 -2.83 -22.93
C ALA G 379 -41.15 -1.84 -23.85
N GLN G 380 -41.81 -0.75 -24.21
CA GLN G 380 -41.15 0.28 -25.02
C GLN G 380 -40.00 0.91 -24.25
N VAL G 381 -40.17 1.17 -22.96
CA VAL G 381 -39.10 1.75 -22.14
C VAL G 381 -37.92 0.79 -22.07
N LEU G 382 -38.20 -0.50 -21.87
CA LEU G 382 -37.11 -1.48 -21.76
C LEU G 382 -36.40 -1.68 -23.09
N GLY G 383 -37.08 -1.44 -24.20
CA GLY G 383 -36.48 -1.69 -25.50
C GLY G 383 -36.61 -3.12 -26.00
N VAL G 384 -37.62 -3.85 -25.54
CA VAL G 384 -37.84 -5.23 -25.96
C VAL G 384 -39.13 -5.29 -26.77
N ASP G 385 -39.40 -6.47 -27.35
CA ASP G 385 -40.58 -6.63 -28.19
C ASP G 385 -41.32 -7.94 -27.96
N ASP G 386 -40.83 -8.83 -27.10
CA ASP G 386 -41.43 -10.14 -26.91
C ASP G 386 -42.38 -10.21 -25.72
N GLN G 387 -42.63 -9.08 -25.06
CA GLN G 387 -43.49 -9.07 -23.88
C GLN G 387 -44.36 -7.83 -23.89
N GLY G 388 -45.39 -7.85 -23.03
CA GLY G 388 -46.29 -6.74 -22.84
C GLY G 388 -47.68 -6.97 -23.40
N VAL G 389 -47.82 -7.88 -24.36
CA VAL G 389 -49.11 -8.19 -24.98
C VAL G 389 -49.28 -9.69 -25.05
N LEU G 390 -50.53 -10.12 -25.12
CA LEU G 390 -50.88 -11.53 -25.28
C LEU G 390 -51.15 -11.83 -26.76
N GLU G 391 -50.07 -11.77 -27.52
CA GLU G 391 -50.09 -12.00 -28.97
C GLU G 391 -49.24 -13.22 -29.30
N PRO G 392 -49.50 -13.87 -30.44
CA PRO G 392 -48.67 -15.01 -30.83
C PRO G 392 -47.21 -14.63 -30.97
N GLY G 393 -46.34 -15.54 -30.53
CA GLY G 393 -44.91 -15.30 -30.57
C GLY G 393 -44.36 -14.55 -29.37
N LYS G 394 -45.20 -14.10 -28.46
CA LYS G 394 -44.76 -13.37 -27.27
C LYS G 394 -44.59 -14.33 -26.10
N ARG G 395 -43.87 -13.87 -25.08
CA ARG G 395 -43.70 -14.65 -23.87
C ARG G 395 -45.03 -14.85 -23.16
N ALA G 396 -45.17 -16.00 -22.51
CA ALA G 396 -46.41 -16.36 -21.82
C ALA G 396 -46.33 -15.91 -20.36
N ASP G 397 -46.52 -14.61 -20.17
CA ASP G 397 -46.59 -14.00 -18.84
C ASP G 397 -48.04 -13.54 -18.63
N VAL G 398 -48.82 -14.37 -17.95
CA VAL G 398 -50.25 -14.14 -17.78
C VAL G 398 -50.57 -14.08 -16.29
N ILE G 399 -51.43 -13.15 -15.91
CA ILE G 399 -51.94 -13.05 -14.54
C ILE G 399 -53.45 -12.91 -14.61
N ALA G 400 -54.10 -13.09 -13.47
CA ALA G 400 -55.55 -13.00 -13.39
C ALA G 400 -55.95 -12.33 -12.07
N LEU G 401 -57.09 -11.63 -12.11
CA LEU G 401 -57.62 -10.93 -10.95
C LEU G 401 -59.04 -11.39 -10.69
N ALA G 402 -59.45 -11.33 -9.42
CA ALA G 402 -60.82 -11.70 -9.06
C ALA G 402 -61.83 -10.70 -9.60
N GLY G 403 -61.55 -9.41 -9.43
CA GLY G 403 -62.47 -8.36 -9.85
C GLY G 403 -62.04 -7.68 -11.14
N ASN G 404 -62.74 -6.59 -11.45
CA ASN G 404 -62.48 -5.82 -12.65
C ASN G 404 -61.86 -4.49 -12.26
N PRO G 405 -60.62 -4.20 -12.67
CA PRO G 405 -59.98 -2.94 -12.27
C PRO G 405 -60.51 -1.73 -13.01
N LEU G 406 -61.16 -1.91 -14.16
CA LEU G 406 -61.64 -0.77 -14.93
C LEU G 406 -62.74 -0.01 -14.20
N GLU G 407 -63.49 -0.69 -13.33
CA GLU G 407 -64.50 -0.03 -12.51
C GLU G 407 -64.05 0.20 -11.07
N ASP G 408 -63.33 -0.75 -10.48
CA ASP G 408 -62.78 -0.60 -9.13
C ASP G 408 -61.30 -0.96 -9.19
N ILE G 409 -60.44 0.07 -9.17
CA ILE G 409 -59.01 -0.14 -9.29
C ILE G 409 -58.43 -0.91 -8.11
N ASN G 410 -59.18 -1.07 -7.03
CA ASN G 410 -58.71 -1.84 -5.90
C ASN G 410 -58.61 -3.34 -6.20
N ALA G 411 -59.12 -3.79 -7.35
CA ALA G 411 -59.03 -5.20 -7.72
C ALA G 411 -57.62 -5.62 -8.09
N VAL G 412 -56.68 -4.68 -8.26
CA VAL G 412 -55.30 -5.02 -8.55
C VAL G 412 -54.58 -5.58 -7.33
N LEU G 413 -55.17 -5.46 -6.15
CA LEU G 413 -54.55 -5.94 -4.92
C LEU G 413 -54.86 -7.39 -4.62
N ASP G 414 -55.60 -8.07 -5.50
CA ASP G 414 -55.98 -9.48 -5.32
C ASP G 414 -55.67 -10.23 -6.59
N VAL G 415 -54.45 -10.77 -6.69
CA VAL G 415 -54.02 -11.55 -7.84
C VAL G 415 -54.20 -13.03 -7.53
N ARG G 416 -54.90 -13.74 -8.40
CA ARG G 416 -55.22 -15.14 -8.19
C ARG G 416 -54.34 -16.09 -8.99
N PHE G 417 -53.92 -15.67 -10.19
CA PHE G 417 -53.15 -16.53 -11.09
C PHE G 417 -51.88 -15.81 -11.49
N VAL G 418 -50.76 -16.55 -11.51
CA VAL G 418 -49.48 -16.00 -11.93
C VAL G 418 -48.78 -17.05 -12.80
N MET G 419 -48.46 -16.68 -14.03
CA MET G 419 -47.69 -17.51 -14.94
C MET G 419 -46.52 -16.70 -15.48
N LYS G 420 -45.39 -17.37 -15.69
CA LYS G 420 -44.21 -16.69 -16.21
C LYS G 420 -43.44 -17.66 -17.10
N ASP G 421 -43.32 -17.30 -18.38
CA ASP G 421 -42.64 -18.12 -19.38
C ASP G 421 -43.24 -19.52 -19.47
N GLY G 422 -44.57 -19.59 -19.34
CA GLY G 422 -45.28 -20.85 -19.43
C GLY G 422 -45.29 -21.68 -18.17
N VAL G 423 -44.70 -21.21 -17.08
CA VAL G 423 -44.65 -21.94 -15.82
C VAL G 423 -45.58 -21.25 -14.83
N ILE G 424 -46.45 -22.03 -14.21
CA ILE G 424 -47.44 -21.49 -13.28
C ILE G 424 -46.82 -21.46 -11.89
N TYR G 425 -46.80 -20.27 -11.28
CA TYR G 425 -46.26 -20.08 -9.94
C TYR G 425 -47.33 -19.85 -8.89
N LYS G 426 -48.54 -19.49 -9.28
CA LYS G 426 -49.63 -19.25 -8.34
C LYS G 426 -50.94 -19.60 -9.02
N GLN G 427 -51.70 -20.51 -8.43
CA GLN G 427 -52.93 -20.98 -9.03
C GLN G 427 -54.05 -21.09 -8.00
N PRO H 22 30.67 -20.89 -47.24
CA PRO H 22 29.79 -20.87 -48.40
C PRO H 22 29.20 -22.25 -48.71
N VAL H 23 28.18 -22.28 -49.57
CA VAL H 23 27.51 -23.52 -49.93
C VAL H 23 26.73 -23.28 -51.21
N ALA H 24 26.67 -24.31 -52.06
CA ALA H 24 25.93 -24.25 -53.31
C ALA H 24 24.75 -25.20 -53.21
N VAL H 25 23.53 -24.65 -53.24
CA VAL H 25 22.30 -25.43 -53.13
C VAL H 25 21.76 -25.66 -54.53
N GLN H 26 21.46 -26.92 -54.86
CA GLN H 26 21.00 -27.31 -56.19
C GLN H 26 19.53 -27.68 -56.11
N CYS H 27 18.66 -26.73 -56.41
CA CYS H 27 17.23 -27.01 -56.50
C CYS H 27 16.89 -27.65 -57.84
N GLY H 28 16.00 -28.64 -57.80
CA GLY H 28 15.50 -29.26 -59.01
C GLY H 28 14.49 -28.39 -59.73
N ARG H 29 13.56 -27.81 -58.97
CA ARG H 29 12.61 -26.84 -59.47
C ARG H 29 12.55 -25.65 -58.52
N LEU H 30 12.46 -24.46 -59.08
CA LEU H 30 12.53 -23.22 -58.31
C LEU H 30 11.23 -22.44 -58.49
N PHE H 31 10.61 -22.06 -57.37
CA PHE H 31 9.35 -21.31 -57.40
C PHE H 31 9.65 -19.81 -57.29
N ASP H 32 9.23 -19.06 -58.30
CA ASP H 32 9.46 -17.62 -58.33
C ASP H 32 8.29 -16.92 -57.65
N ALA H 33 8.52 -16.44 -56.43
CA ALA H 33 7.45 -15.80 -55.66
C ALA H 33 7.03 -14.47 -56.28
N ARG H 34 7.98 -13.73 -56.86
CA ARG H 34 7.66 -12.43 -57.42
C ARG H 34 6.67 -12.53 -58.57
N SER H 35 6.73 -13.60 -59.35
CA SER H 35 5.81 -13.82 -60.46
C SER H 35 4.74 -14.86 -60.17
N GLY H 36 5.12 -15.98 -59.55
CA GLY H 36 4.15 -17.01 -59.21
C GLY H 36 4.22 -18.21 -60.13
N GLN H 37 5.38 -18.45 -60.71
CA GLN H 37 5.57 -19.53 -61.66
C GLN H 37 6.68 -20.47 -61.20
N LEU H 38 6.59 -21.71 -61.63
CA LEU H 38 7.60 -22.73 -61.33
C LEU H 38 8.62 -22.76 -62.47
N LYS H 39 9.86 -22.42 -62.17
CA LYS H 39 10.91 -22.38 -63.17
C LYS H 39 11.60 -23.74 -63.25
N GLY H 40 12.73 -23.80 -63.95
CA GLY H 40 13.47 -25.04 -64.10
C GLY H 40 14.58 -25.16 -63.08
N PRO H 41 15.54 -26.04 -63.35
CA PRO H 41 16.65 -26.24 -62.41
C PRO H 41 17.45 -24.97 -62.19
N HIS H 42 17.97 -24.82 -60.98
CA HIS H 42 18.72 -23.64 -60.59
C HIS H 42 19.72 -24.03 -59.51
N THR H 43 20.73 -23.17 -59.32
CA THR H 43 21.76 -23.38 -58.30
C THR H 43 21.87 -22.12 -57.47
N LEU H 44 21.69 -22.26 -56.16
CA LEU H 44 21.76 -21.14 -55.24
C LEU H 44 23.14 -21.05 -54.61
N LEU H 45 23.68 -19.83 -54.54
CA LEU H 45 24.97 -19.57 -53.93
C LEU H 45 24.76 -18.78 -52.65
N VAL H 46 25.10 -19.37 -51.51
CA VAL H 46 24.84 -18.80 -50.20
C VAL H 46 26.16 -18.52 -49.50
N ALA H 47 26.31 -17.30 -49.00
CA ALA H 47 27.50 -16.93 -48.25
C ALA H 47 27.16 -15.79 -47.31
N ASP H 48 27.67 -15.88 -46.08
CA ASP H 48 27.45 -14.87 -45.04
C ASP H 48 25.95 -14.70 -44.73
N GLY H 49 25.18 -15.77 -44.90
CA GLY H 49 23.77 -15.75 -44.58
C GLY H 49 22.87 -15.12 -45.62
N ARG H 50 23.40 -14.75 -46.78
CA ARG H 50 22.63 -14.08 -47.81
C ARG H 50 22.79 -14.82 -49.13
N ILE H 51 21.79 -14.66 -50.00
CA ILE H 51 21.86 -15.20 -51.35
C ILE H 51 22.67 -14.25 -52.21
N ARG H 52 23.68 -14.79 -52.90
CA ARG H 52 24.57 -13.97 -53.71
C ARG H 52 24.39 -14.16 -55.21
N GLN H 53 24.04 -15.37 -55.63
CA GLN H 53 23.94 -15.65 -57.07
C GLN H 53 22.91 -16.73 -57.38
N VAL H 54 22.08 -16.49 -58.39
CA VAL H 54 21.15 -17.48 -58.89
C VAL H 54 21.51 -17.75 -60.35
N LEU H 55 21.93 -18.97 -60.64
CA LEU H 55 22.37 -19.36 -61.97
C LEU H 55 21.49 -20.50 -62.49
N PRO H 56 20.82 -20.35 -63.62
CA PRO H 56 20.02 -21.45 -64.15
C PRO H 56 20.89 -22.60 -64.60
N GLY H 57 20.42 -23.82 -64.31
CA GLY H 57 21.15 -25.02 -64.66
C GLY H 57 22.28 -25.33 -63.69
N ALA H 65 33.45 -24.75 -51.89
CA ALA H 65 32.01 -24.67 -52.09
C ALA H 65 31.37 -26.05 -51.99
N ARG H 66 30.73 -26.32 -50.86
CA ARG H 66 30.03 -27.57 -50.67
C ARG H 66 28.77 -27.62 -51.54
N VAL H 67 28.29 -28.83 -51.78
CA VAL H 67 27.14 -29.06 -52.64
C VAL H 67 26.04 -29.74 -51.84
N VAL H 68 24.85 -29.17 -51.87
CA VAL H 68 23.65 -29.78 -51.30
C VAL H 68 22.76 -30.19 -52.45
N ASP H 69 22.51 -31.50 -52.58
CA ASP H 69 21.80 -32.04 -53.72
C ASP H 69 20.32 -32.15 -53.40
N LEU H 70 19.52 -31.29 -54.03
CA LEU H 70 18.06 -31.31 -53.90
C LEU H 70 17.41 -31.34 -55.28
N GLY H 71 17.98 -32.13 -56.19
CA GLY H 71 17.44 -32.23 -57.54
C GLY H 71 16.10 -32.92 -57.64
N ASP H 72 15.70 -33.65 -56.59
CA ASP H 72 14.42 -34.33 -56.57
C ASP H 72 13.32 -33.52 -55.90
N LYS H 73 13.64 -32.35 -55.36
CA LYS H 73 12.71 -31.58 -54.55
C LYS H 73 12.41 -30.24 -55.20
N VAL H 74 11.21 -29.71 -54.92
CA VAL H 74 10.84 -28.36 -55.31
C VAL H 74 11.38 -27.40 -54.27
N CYS H 75 12.09 -26.38 -54.72
CA CYS H 75 12.90 -25.52 -53.86
C CYS H 75 12.22 -24.16 -53.74
N LEU H 76 11.81 -23.82 -52.52
CA LEU H 76 10.93 -22.70 -52.20
C LEU H 76 11.57 -21.77 -51.18
N PRO H 77 11.13 -20.52 -51.11
CA PRO H 77 11.53 -19.65 -50.00
C PRO H 77 10.80 -20.02 -48.71
N GLY H 78 11.40 -19.62 -47.60
CA GLY H 78 10.82 -19.93 -46.30
C GLY H 78 9.51 -19.19 -46.08
N TRP H 79 8.59 -19.85 -45.39
CA TRP H 79 7.25 -19.32 -45.18
C TRP H 79 7.21 -18.39 -43.96
N THR H 80 6.22 -17.51 -43.95
CA THR H 80 5.97 -16.60 -42.85
C THR H 80 4.52 -16.74 -42.39
N ASP H 81 4.33 -16.97 -41.10
CA ASP H 81 3.01 -17.02 -40.50
C ASP H 81 2.77 -15.72 -39.75
N LEU H 82 1.76 -14.97 -40.18
CA LEU H 82 1.54 -13.62 -39.68
C LEU H 82 0.66 -13.57 -38.44
N HIS H 83 0.19 -14.70 -37.92
CA HIS H 83 -0.66 -14.71 -36.73
C HIS H 83 -0.39 -15.99 -35.95
N VAL H 84 0.49 -15.91 -34.95
CA VAL H 84 0.77 -17.02 -34.06
C VAL H 84 0.80 -16.53 -32.62
N HIS H 85 0.66 -17.46 -31.69
CA HIS H 85 0.80 -17.21 -30.25
C HIS H 85 1.69 -18.32 -29.71
N LEU H 86 3.00 -18.09 -29.72
CA LEU H 86 3.96 -19.13 -29.36
C LEU H 86 4.00 -19.40 -27.86
N GLY H 87 3.44 -18.54 -27.04
CA GLY H 87 3.44 -18.69 -25.60
C GLY H 87 2.28 -19.46 -25.02
N SER H 88 1.44 -20.05 -25.85
CA SER H 88 0.29 -20.80 -25.34
C SER H 88 -0.18 -21.79 -26.40
N GLN H 89 -0.98 -22.76 -25.94
CA GLN H 89 -1.62 -23.72 -26.83
C GLN H 89 -2.92 -24.14 -26.17
N SER H 90 -4.04 -24.00 -26.88
CA SER H 90 -5.35 -24.25 -26.30
C SER H 90 -5.51 -25.72 -25.93
N SER H 91 -6.26 -25.97 -24.86
CA SER H 91 -6.44 -27.30 -24.31
C SER H 91 -7.69 -27.28 -23.45
N PRO H 92 -8.17 -28.44 -23.01
CA PRO H 92 -9.33 -28.45 -22.08
C PRO H 92 -9.07 -27.73 -20.77
N GLN H 93 -7.82 -27.56 -20.36
CA GLN H 93 -7.48 -26.91 -19.10
C GLN H 93 -6.95 -25.50 -19.29
N SER H 94 -7.16 -24.89 -20.46
CA SER H 94 -6.53 -23.62 -20.77
C SER H 94 -6.98 -22.51 -19.81
N TYR H 95 -8.28 -22.46 -19.51
CA TYR H 95 -8.78 -21.35 -18.69
C TYR H 95 -8.35 -21.49 -17.23
N SER H 96 -8.16 -22.71 -16.74
CA SER H 96 -7.74 -22.89 -15.36
C SER H 96 -6.27 -22.55 -15.18
N GLU H 97 -5.43 -22.87 -16.17
CA GLU H 97 -3.99 -22.64 -16.04
C GLU H 97 -3.62 -21.19 -16.35
N ASP H 98 -4.33 -20.26 -15.71
CA ASP H 98 -3.94 -18.85 -15.70
C ASP H 98 -3.73 -18.34 -14.29
N PHE H 99 -4.11 -19.12 -13.28
CA PHE H 99 -3.88 -18.79 -11.88
C PHE H 99 -2.92 -19.76 -11.20
N ARG H 100 -2.50 -20.82 -11.88
CA ARG H 100 -1.58 -21.80 -11.32
C ARG H 100 -0.20 -21.79 -11.97
N LEU H 101 -0.10 -21.54 -13.26
CA LEU H 101 1.17 -21.60 -13.97
C LEU H 101 1.88 -20.26 -13.98
N ASP H 102 3.20 -20.32 -13.91
CA ASP H 102 4.09 -19.16 -13.97
C ASP H 102 4.65 -19.00 -15.37
N PRO H 103 5.17 -17.82 -15.71
CA PRO H 103 5.74 -17.62 -17.05
C PRO H 103 6.90 -18.54 -17.38
N VAL H 104 7.60 -19.09 -16.39
CA VAL H 104 8.74 -19.98 -16.67
C VAL H 104 8.26 -21.28 -17.29
N ASP H 105 7.12 -21.80 -16.85
CA ASP H 105 6.56 -23.00 -17.46
C ASP H 105 6.15 -22.75 -18.90
N HIS H 106 5.55 -21.59 -19.17
CA HIS H 106 5.21 -21.22 -20.54
C HIS H 106 6.47 -21.10 -21.39
N ALA H 107 7.54 -20.55 -20.81
CA ALA H 107 8.81 -20.46 -21.53
C ALA H 107 9.36 -21.84 -21.86
N PHE H 108 9.23 -22.78 -20.93
CA PHE H 108 9.72 -24.13 -21.19
C PHE H 108 8.91 -24.85 -22.26
N ARG H 109 7.61 -24.55 -22.36
CA ARG H 109 6.80 -25.13 -23.43
C ARG H 109 7.08 -24.46 -24.79
N ALA H 110 7.37 -23.16 -24.77
CA ALA H 110 7.61 -22.42 -26.01
C ALA H 110 8.83 -22.92 -26.76
N VAL H 111 9.78 -23.56 -26.08
CA VAL H 111 10.95 -24.10 -26.77
C VAL H 111 10.52 -25.18 -27.77
N GLY H 112 9.73 -26.15 -27.31
CA GLY H 112 9.24 -27.17 -28.20
C GLY H 112 8.28 -26.62 -29.24
N TYR H 113 7.44 -25.65 -28.85
CA TYR H 113 6.55 -25.03 -29.83
C TYR H 113 7.34 -24.39 -30.97
N ALA H 114 8.39 -23.65 -30.63
CA ALA H 114 9.18 -22.95 -31.64
C ALA H 114 9.95 -23.92 -32.52
N GLU H 115 10.51 -24.98 -31.93
CA GLU H 115 11.20 -25.98 -32.75
C GLU H 115 10.24 -26.64 -33.73
N LYS H 116 9.03 -26.98 -33.27
CA LYS H 116 8.04 -27.57 -34.16
C LYS H 116 7.66 -26.62 -35.29
N THR H 117 7.47 -25.34 -34.96
CA THR H 117 7.13 -24.35 -35.98
C THR H 117 8.23 -24.23 -37.02
N LEU H 118 9.49 -24.16 -36.59
CA LEU H 118 10.59 -24.04 -37.54
C LEU H 118 10.71 -25.30 -38.40
N MET H 119 10.54 -26.48 -37.81
CA MET H 119 10.62 -27.71 -38.59
C MET H 119 9.46 -27.88 -39.56
N ALA H 120 8.31 -27.25 -39.29
CA ALA H 120 7.20 -27.33 -40.23
C ALA H 120 7.45 -26.55 -41.52
N GLY H 121 8.49 -25.72 -41.56
CA GLY H 121 8.82 -24.97 -42.76
C GLY H 121 8.68 -23.47 -42.65
N PHE H 122 8.33 -22.95 -41.47
CA PHE H 122 8.09 -21.52 -41.29
C PHE H 122 9.32 -20.91 -40.62
N THR H 123 10.07 -20.11 -41.38
CA THR H 123 11.29 -19.49 -40.90
C THR H 123 11.05 -18.10 -40.30
N SER H 124 9.82 -17.60 -40.32
CA SER H 124 9.50 -16.29 -39.78
C SER H 124 8.04 -16.29 -39.32
N VAL H 125 7.78 -15.62 -38.21
CA VAL H 125 6.43 -15.52 -37.65
C VAL H 125 6.21 -14.13 -37.07
N ARG H 126 4.94 -13.74 -36.98
CA ARG H 126 4.54 -12.51 -36.31
C ARG H 126 3.69 -12.89 -35.10
N ASP H 127 4.25 -12.69 -33.91
CA ASP H 127 3.55 -13.00 -32.68
C ASP H 127 2.65 -11.84 -32.28
N LEU H 128 1.36 -12.13 -32.07
CA LEU H 128 0.35 -11.09 -31.89
C LEU H 128 -0.24 -11.08 -30.48
N GLY H 129 0.61 -11.30 -29.48
CA GLY H 129 0.16 -11.22 -28.09
C GLY H 129 0.85 -12.19 -27.16
N GLY H 130 1.30 -11.70 -26.01
CA GLY H 130 1.99 -12.52 -25.03
C GLY H 130 3.28 -11.88 -24.54
N GLU H 131 3.61 -12.08 -23.27
CA GLU H 131 4.79 -11.47 -22.67
C GLU H 131 6.03 -12.35 -22.74
N VAL H 132 5.88 -13.62 -23.07
CA VAL H 132 7.05 -14.50 -23.13
C VAL H 132 7.74 -14.38 -24.49
N SER H 133 7.00 -13.99 -25.52
CA SER H 133 7.54 -14.01 -26.88
C SER H 133 8.74 -13.09 -27.11
N PRO H 134 8.78 -11.85 -26.61
CA PRO H 134 10.02 -11.06 -26.79
C PRO H 134 11.25 -11.72 -26.20
N HIS H 135 11.12 -12.36 -25.03
CA HIS H 135 12.24 -13.08 -24.44
C HIS H 135 12.63 -14.27 -25.30
N LEU H 136 11.65 -14.99 -25.85
CA LEU H 136 11.96 -16.10 -26.75
C LEU H 136 12.67 -15.61 -28.01
N ARG H 137 12.26 -14.46 -28.54
CA ARG H 137 12.93 -13.87 -29.70
C ARG H 137 14.37 -13.53 -29.38
N ASP H 138 14.61 -12.92 -28.22
CA ASP H 138 15.98 -12.60 -27.82
C ASP H 138 16.82 -13.86 -27.64
N ALA H 139 16.24 -14.90 -27.04
CA ALA H 139 16.97 -16.15 -26.86
C ALA H 139 17.30 -16.82 -28.19
N ILE H 140 16.36 -16.81 -29.13
CA ILE H 140 16.62 -17.41 -30.43
C ILE H 140 17.69 -16.64 -31.19
N ASN H 141 17.64 -15.30 -31.12
CA ASN H 141 18.62 -14.49 -31.83
C ASN H 141 20.03 -14.70 -31.28
N GLN H 142 20.16 -15.03 -30.00
CA GLN H 142 21.45 -15.28 -29.38
C GLN H 142 21.97 -16.69 -29.60
N GLY H 143 21.17 -17.57 -30.21
CA GLY H 143 21.59 -18.94 -30.43
C GLY H 143 21.35 -19.88 -29.27
N LEU H 144 20.61 -19.45 -28.24
CA LEU H 144 20.38 -20.31 -27.10
C LEU H 144 19.41 -21.44 -27.44
N VAL H 145 18.34 -21.13 -28.17
CA VAL H 145 17.35 -22.12 -28.59
C VAL H 145 17.10 -21.94 -30.08
N ARG H 146 16.51 -22.97 -30.68
CA ARG H 146 16.21 -22.99 -32.09
C ARG H 146 14.77 -22.57 -32.35
N GLY H 147 14.55 -21.82 -33.41
CA GLY H 147 13.23 -21.36 -33.77
C GLY H 147 13.26 -20.42 -34.96
N PRO H 148 12.10 -19.92 -35.35
CA PRO H 148 12.02 -18.98 -36.47
C PRO H 148 12.38 -17.57 -36.03
N ARG H 149 12.38 -16.66 -37.01
CA ARG H 149 12.57 -15.25 -36.76
C ARG H 149 11.24 -14.63 -36.31
N ILE H 150 11.21 -14.05 -35.12
CA ILE H 150 9.99 -13.62 -34.47
C ILE H 150 9.89 -12.10 -34.53
N PHE H 151 8.73 -11.60 -34.95
CA PHE H 151 8.35 -10.20 -34.82
C PHE H 151 7.23 -10.14 -33.80
N ALA H 152 7.49 -9.56 -32.63
CA ALA H 152 6.63 -9.66 -31.47
C ALA H 152 5.92 -8.35 -31.18
N ALA H 153 4.64 -8.44 -30.87
CA ALA H 153 3.84 -7.28 -30.49
C ALA H 153 3.81 -7.05 -28.98
N GLY H 154 4.01 -8.08 -28.18
CA GLY H 154 4.01 -7.91 -26.73
C GLY H 154 2.61 -7.92 -26.18
N LYS H 155 2.30 -6.96 -25.31
CA LYS H 155 0.99 -6.85 -24.72
C LYS H 155 0.00 -6.23 -25.69
N SER H 156 -1.19 -6.80 -25.78
CA SER H 156 -2.24 -6.21 -26.58
C SER H 156 -2.81 -4.98 -25.87
N ILE H 157 -3.36 -4.06 -26.67
CA ILE H 157 -3.94 -2.83 -26.16
C ILE H 157 -5.46 -2.93 -26.30
N ALA H 158 -6.17 -2.70 -25.20
CA ALA H 158 -7.63 -2.82 -25.17
C ALA H 158 -8.20 -1.71 -24.32
N THR H 159 -9.52 -1.71 -24.18
CA THR H 159 -10.26 -0.81 -23.31
C THR H 159 -10.76 -1.60 -22.09
N THR H 160 -11.48 -0.91 -21.21
CA THR H 160 -12.01 -1.56 -20.02
C THR H 160 -13.09 -2.56 -20.43
N GLY H 161 -12.93 -3.81 -20.02
CA GLY H 161 -13.82 -4.87 -20.43
C GLY H 161 -13.61 -5.38 -21.84
N GLY H 162 -12.51 -4.99 -22.49
CA GLY H 162 -12.24 -5.39 -23.84
C GLY H 162 -11.78 -6.84 -23.96
N HIS H 163 -11.59 -7.27 -25.21
CA HIS H 163 -11.24 -8.66 -25.48
C HIS H 163 -9.88 -9.02 -24.88
N ALA H 164 -8.97 -8.06 -24.78
CA ALA H 164 -7.63 -8.31 -24.26
C ALA H 164 -7.45 -7.83 -22.83
N ASP H 165 -8.54 -7.48 -22.13
CA ASP H 165 -8.44 -7.03 -20.75
C ASP H 165 -7.91 -8.17 -19.89
N PRO H 166 -6.79 -7.97 -19.18
CA PRO H 166 -6.17 -9.08 -18.45
C PRO H 166 -6.98 -9.57 -17.26
N THR H 167 -7.91 -8.79 -16.73
CA THR H 167 -8.67 -9.18 -15.55
C THR H 167 -10.15 -9.41 -15.87
N ASN H 168 -10.45 -9.84 -17.08
CA ASN H 168 -11.82 -10.17 -17.46
C ASN H 168 -12.27 -11.45 -16.76
N GLY H 169 -13.38 -11.38 -16.04
CA GLY H 169 -13.97 -12.55 -15.42
C GLY H 169 -13.52 -12.85 -14.01
N TRP H 170 -12.56 -12.10 -13.46
CA TRP H 170 -12.09 -12.35 -12.10
C TRP H 170 -13.16 -11.96 -11.09
N ASN H 171 -13.18 -12.66 -9.96
CA ASN H 171 -14.11 -12.29 -8.91
C ASN H 171 -13.66 -10.98 -8.26
N GLU H 172 -14.59 -10.32 -7.56
CA GLU H 172 -14.35 -8.96 -7.11
C GLU H 172 -13.20 -8.87 -6.12
N ARG H 173 -12.90 -9.96 -5.40
CA ARG H 173 -11.79 -9.95 -4.48
C ARG H 173 -10.46 -9.82 -5.22
N LEU H 174 -10.25 -10.66 -6.24
CA LEU H 174 -9.01 -10.60 -7.01
C LEU H 174 -8.88 -9.26 -7.74
N ALA H 175 -9.99 -8.77 -8.30
CA ALA H 175 -9.95 -7.48 -8.99
C ALA H 175 -9.61 -6.36 -8.02
N HIS H 176 -10.13 -6.41 -6.79
CA HIS H 176 -9.82 -5.40 -5.79
C HIS H 176 -8.34 -5.45 -5.41
N LEU H 177 -7.81 -6.65 -5.19
CA LEU H 177 -6.39 -6.73 -4.82
C LEU H 177 -5.49 -6.27 -5.96
N VAL H 178 -5.76 -6.70 -7.19
CA VAL H 178 -4.87 -6.38 -8.29
C VAL H 178 -5.05 -4.95 -8.80
N GLY H 179 -6.16 -4.30 -8.47
CA GLY H 179 -6.41 -2.95 -8.92
C GLY H 179 -6.90 -2.91 -10.36
N ALA H 180 -7.42 -1.75 -10.73
CA ALA H 180 -7.90 -1.57 -12.10
C ALA H 180 -6.72 -1.38 -13.04
N PRO H 181 -6.63 -2.16 -14.12
CA PRO H 181 -5.50 -2.02 -15.04
C PRO H 181 -5.50 -0.68 -15.76
N GLY H 182 -4.30 -0.21 -16.09
CA GLY H 182 -4.13 1.05 -16.78
C GLY H 182 -3.28 0.92 -18.02
N PRO H 183 -2.74 2.04 -18.50
CA PRO H 183 -1.92 2.00 -19.73
C PRO H 183 -0.69 1.11 -19.62
N ALA H 184 -0.06 1.03 -18.45
CA ALA H 184 1.10 0.15 -18.30
C ALA H 184 0.72 -1.30 -18.47
N GLU H 185 -0.53 -1.65 -18.16
CA GLU H 185 -1.04 -3.00 -18.37
C GLU H 185 -1.71 -3.17 -19.74
N GLY H 186 -1.87 -2.09 -20.50
CA GLY H 186 -2.42 -2.16 -21.83
C GLY H 186 -3.88 -1.77 -21.96
N VAL H 187 -4.49 -1.22 -20.91
CA VAL H 187 -5.91 -0.86 -20.92
C VAL H 187 -6.03 0.65 -20.96
N VAL H 188 -6.62 1.18 -22.03
CA VAL H 188 -6.69 2.61 -22.27
C VAL H 188 -8.13 3.04 -22.46
N ASN H 189 -8.41 4.29 -22.12
CA ASN H 189 -9.75 4.83 -22.27
C ASN H 189 -9.76 6.26 -22.79
N SER H 190 -8.64 6.78 -23.28
CA SER H 190 -8.57 8.13 -23.82
C SER H 190 -7.39 8.21 -24.78
N VAL H 191 -7.20 9.39 -25.36
CA VAL H 191 -6.13 9.60 -26.34
C VAL H 191 -4.78 9.59 -25.66
N ASP H 192 -4.65 10.30 -24.53
CA ASP H 192 -3.37 10.36 -23.82
C ASP H 192 -2.99 8.98 -23.27
N GLU H 193 -3.96 8.23 -22.77
CA GLU H 193 -3.69 6.88 -22.30
C GLU H 193 -3.23 5.97 -23.43
N ALA H 194 -3.80 6.13 -24.63
CA ALA H 194 -3.37 5.35 -25.77
C ALA H 194 -1.93 5.69 -26.16
N ARG H 195 -1.58 6.99 -26.15
CA ARG H 195 -0.21 7.39 -26.43
C ARG H 195 0.76 6.78 -25.41
N GLN H 196 0.39 6.83 -24.14
CA GLN H 196 1.25 6.25 -23.10
C GLN H 196 1.38 4.74 -23.26
N ALA H 197 0.30 4.07 -23.68
CA ALA H 197 0.37 2.62 -23.88
C ALA H 197 1.29 2.26 -25.04
N VAL H 198 1.22 3.00 -26.14
CA VAL H 198 2.14 2.74 -27.24
C VAL H 198 3.58 2.95 -26.81
N ARG H 199 3.83 4.02 -26.05
CA ARG H 199 5.19 4.27 -25.55
C ARG H 199 5.63 3.18 -24.59
N GLN H 200 4.72 2.64 -23.78
CA GLN H 200 5.06 1.56 -22.87
C GLN H 200 5.41 0.28 -23.63
N ARG H 201 4.69 -0.01 -24.71
CA ARG H 201 5.05 -1.17 -25.52
C ARG H 201 6.40 -0.98 -26.19
N TYR H 202 6.69 0.25 -26.65
CA TYR H 202 8.02 0.52 -27.20
C TYR H 202 9.11 0.32 -26.14
N LYS H 203 8.84 0.77 -24.91
CA LYS H 203 9.81 0.62 -23.83
C LYS H 203 10.10 -0.84 -23.51
N GLU H 204 9.10 -1.71 -23.64
CA GLU H 204 9.26 -3.12 -23.29
C GLU H 204 9.88 -3.94 -24.41
N GLY H 205 10.18 -3.34 -25.56
CA GLY H 205 10.89 -4.03 -26.62
C GLY H 205 9.98 -4.71 -27.64
N SER H 206 8.93 -4.02 -28.05
CA SER H 206 8.00 -4.57 -29.04
C SER H 206 8.42 -4.17 -30.45
N ASP H 207 7.98 -4.96 -31.42
CA ASP H 207 8.25 -4.68 -32.82
C ASP H 207 7.06 -4.09 -33.56
N LEU H 208 5.85 -4.24 -33.02
CA LEU H 208 4.64 -3.70 -33.62
C LEU H 208 3.60 -3.54 -32.52
N ILE H 209 2.40 -3.10 -32.91
CA ILE H 209 1.31 -2.88 -31.97
C ILE H 209 0.09 -3.71 -32.35
N KCX H 210 -0.54 -4.33 -31.36
CA KCX H 210 -1.79 -5.06 -31.56
CB KCX H 210 -1.57 -6.55 -31.27
CG KCX H 210 -2.05 -7.49 -32.37
CD KCX H 210 -3.55 -7.75 -32.32
CE KCX H 210 -3.86 -9.04 -31.59
NZ KCX H 210 -5.15 -9.63 -32.04
C KCX H 210 -2.92 -4.52 -30.71
O KCX H 210 -2.75 -4.35 -29.50
CX KCX H 210 -5.33 -10.96 -32.04
OQ1 KCX H 210 -6.41 -11.43 -32.41
OQ2 KCX H 210 -4.43 -11.71 -31.65
N ILE H 211 -4.05 -4.23 -31.32
CA ILE H 211 -5.23 -3.79 -30.60
C ILE H 211 -6.41 -4.72 -30.88
N THR H 212 -7.37 -4.76 -29.94
CA THR H 212 -8.60 -5.53 -30.11
C THR H 212 -9.73 -4.52 -30.33
N ALA H 213 -10.14 -4.35 -31.59
CA ALA H 213 -11.13 -3.33 -31.92
C ALA H 213 -12.54 -3.75 -31.51
N THR H 214 -12.85 -5.05 -31.53
CA THR H 214 -14.15 -5.52 -31.09
C THR H 214 -13.98 -6.58 -30.01
N GLY H 215 -15.08 -7.20 -29.59
CA GLY H 215 -14.99 -8.32 -28.68
C GLY H 215 -14.55 -9.58 -29.38
N GLY H 216 -14.31 -10.62 -28.58
CA GLY H 216 -13.82 -11.86 -29.14
C GLY H 216 -14.74 -13.04 -28.93
N VAL H 217 -14.24 -14.24 -29.20
CA VAL H 217 -15.02 -15.45 -29.00
C VAL H 217 -14.44 -16.36 -27.93
N LEU H 218 -13.16 -16.20 -27.57
CA LEU H 218 -12.52 -17.08 -26.60
C LEU H 218 -12.26 -16.40 -25.27
N SER H 219 -12.58 -15.12 -25.13
CA SER H 219 -12.41 -14.42 -23.87
C SER H 219 -13.60 -14.64 -22.95
N TYR H 220 -13.40 -14.36 -21.67
CA TYR H 220 -14.45 -14.50 -20.66
C TYR H 220 -15.24 -13.19 -20.56
N ALA H 221 -16.04 -12.94 -21.60
CA ALA H 221 -16.83 -11.73 -21.70
C ALA H 221 -18.14 -12.06 -22.43
N ARG H 222 -19.01 -11.05 -22.53
CA ARG H 222 -20.34 -11.25 -23.11
C ARG H 222 -20.36 -10.99 -24.61
N SER H 223 -19.96 -9.78 -25.02
CA SER H 223 -20.06 -9.40 -26.42
C SER H 223 -18.89 -9.96 -27.23
N GLY H 224 -19.13 -10.15 -28.53
CA GLY H 224 -18.12 -10.65 -29.43
C GLY H 224 -17.98 -9.82 -30.69
N ASP H 225 -18.94 -8.94 -30.95
CA ASP H 225 -18.90 -8.09 -32.12
C ASP H 225 -19.36 -6.66 -31.78
N ALA H 226 -18.98 -6.16 -30.59
CA ALA H 226 -19.39 -4.78 -30.33
C ALA H 226 -18.21 -3.82 -30.48
N PRO H 227 -18.46 -2.57 -30.89
CA PRO H 227 -17.36 -1.62 -31.04
C PRO H 227 -16.79 -1.23 -29.69
N GLN H 228 -15.50 -1.47 -29.50
CA GLN H 228 -14.85 -1.25 -28.21
C GLN H 228 -13.83 -0.13 -28.23
N PHE H 229 -13.49 0.39 -29.40
CA PHE H 229 -12.63 1.56 -29.54
C PHE H 229 -13.40 2.67 -30.25
N THR H 230 -13.14 3.90 -29.86
CA THR H 230 -13.62 5.03 -30.65
C THR H 230 -12.59 5.36 -31.72
N VAL H 231 -13.04 6.09 -32.75
CA VAL H 231 -12.16 6.41 -33.86
C VAL H 231 -10.98 7.25 -33.38
N ASP H 232 -11.22 8.16 -32.43
CA ASP H 232 -10.16 9.01 -31.92
C ASP H 232 -9.08 8.20 -31.21
N GLU H 233 -9.48 7.20 -30.43
CA GLU H 233 -8.51 6.36 -29.74
C GLU H 233 -7.64 5.58 -30.72
N ILE H 234 -8.26 5.00 -31.75
CA ILE H 234 -7.47 4.26 -32.74
C ILE H 234 -6.56 5.20 -33.52
N LYS H 235 -7.04 6.39 -33.85
CA LYS H 235 -6.20 7.35 -34.54
C LYS H 235 -5.01 7.77 -33.69
N ALA H 236 -5.23 7.95 -32.38
CA ALA H 236 -4.13 8.25 -31.47
C ALA H 236 -3.12 7.12 -31.44
N VAL H 237 -3.60 5.88 -31.38
CA VAL H 237 -2.69 4.73 -31.37
C VAL H 237 -1.86 4.69 -32.64
N VAL H 238 -2.52 4.87 -33.79
CA VAL H 238 -1.82 4.81 -35.08
C VAL H 238 -0.80 5.94 -35.18
N ASP H 239 -1.18 7.15 -34.78
CA ASP H 239 -0.29 8.30 -34.86
C ASP H 239 0.93 8.13 -33.96
N THR H 240 0.73 7.62 -32.74
CA THR H 240 1.87 7.39 -31.86
C THR H 240 2.75 6.28 -32.41
N ALA H 241 2.16 5.21 -32.96
CA ALA H 241 2.94 4.10 -33.48
C ALA H 241 3.75 4.50 -34.70
N ARG H 242 3.24 5.42 -35.51
CA ARG H 242 3.98 5.87 -36.68
C ARG H 242 5.27 6.58 -36.31
N ASP H 243 5.32 7.24 -35.15
CA ASP H 243 6.53 7.93 -34.73
C ASP H 243 7.67 6.96 -34.44
N TYR H 244 7.35 5.81 -33.86
CA TYR H 244 8.34 4.82 -33.47
C TYR H 244 8.58 3.77 -34.54
N GLY H 245 7.99 3.94 -35.72
CA GLY H 245 8.20 2.99 -36.80
C GLY H 245 7.39 1.72 -36.69
N PHE H 246 6.30 1.73 -35.94
CA PHE H 246 5.50 0.53 -35.72
C PHE H 246 4.34 0.46 -36.70
N ARG H 247 3.85 -0.76 -36.92
CA ARG H 247 2.63 -1.02 -37.64
C ARG H 247 1.60 -1.58 -36.67
N VAL H 248 0.32 -1.40 -37.01
CA VAL H 248 -0.78 -1.73 -36.11
C VAL H 248 -1.62 -2.83 -36.76
N ALA H 249 -1.88 -3.89 -36.00
CA ALA H 249 -2.78 -4.97 -36.40
C ALA H 249 -4.01 -4.96 -35.50
N ALA H 250 -5.19 -5.06 -36.11
CA ALA H 250 -6.44 -4.91 -35.38
C ALA H 250 -7.25 -6.21 -35.42
N HIS H 251 -7.58 -6.71 -34.24
CA HIS H 251 -8.55 -7.79 -34.07
C HIS H 251 -9.95 -7.22 -34.22
N ALA H 252 -10.75 -7.83 -35.10
CA ALA H 252 -12.09 -7.30 -35.37
C ALA H 252 -12.97 -8.40 -35.93
N HIS H 253 -14.10 -8.66 -35.26
CA HIS H 253 -15.13 -9.55 -35.78
C HIS H 253 -16.33 -8.77 -36.31
N GLY H 254 -16.84 -7.80 -35.54
CA GLY H 254 -18.00 -7.05 -35.96
C GLY H 254 -17.69 -5.99 -37.01
N THR H 255 -18.76 -5.49 -37.63
CA THR H 255 -18.62 -4.60 -38.77
C THR H 255 -18.24 -3.18 -38.36
N GLU H 256 -18.81 -2.67 -37.26
CA GLU H 256 -18.57 -1.28 -36.88
C GLU H 256 -17.15 -1.07 -36.38
N GLY H 257 -16.65 -1.98 -35.54
CA GLY H 257 -15.27 -1.89 -35.09
C GLY H 257 -14.29 -2.06 -36.23
N MET H 258 -14.58 -2.99 -37.15
CA MET H 258 -13.74 -3.15 -38.33
C MET H 258 -13.71 -1.89 -39.16
N LYS H 259 -14.86 -1.24 -39.36
CA LYS H 259 -14.92 0.01 -40.11
C LYS H 259 -14.11 1.10 -39.42
N ARG H 260 -14.24 1.22 -38.10
CA ARG H 260 -13.49 2.24 -37.37
C ARG H 260 -11.99 2.01 -37.49
N ALA H 261 -11.55 0.76 -37.33
CA ALA H 261 -10.13 0.45 -37.44
C ALA H 261 -9.60 0.72 -38.84
N VAL H 262 -10.37 0.36 -39.88
CA VAL H 262 -9.94 0.60 -41.24
C VAL H 262 -9.84 2.09 -41.51
N GLN H 263 -10.82 2.87 -41.07
CA GLN H 263 -10.80 4.31 -41.32
C GLN H 263 -9.69 5.01 -40.54
N ALA H 264 -9.33 4.50 -39.36
CA ALA H 264 -8.26 5.12 -38.59
C ALA H 264 -6.88 4.86 -39.20
N GLY H 265 -6.72 3.81 -39.99
CA GLY H 265 -5.49 3.60 -40.72
C GLY H 265 -4.60 2.47 -40.23
N VAL H 266 -5.20 1.37 -39.78
CA VAL H 266 -4.39 0.22 -39.36
C VAL H 266 -3.83 -0.48 -40.59
N THR H 267 -2.81 -1.31 -40.35
CA THR H 267 -2.11 -1.96 -41.46
C THR H 267 -2.82 -3.25 -41.90
N SER H 268 -3.34 -4.02 -40.95
CA SER H 268 -3.99 -5.28 -41.28
C SER H 268 -5.19 -5.49 -40.35
N ILE H 269 -6.12 -6.31 -40.83
CA ILE H 269 -7.32 -6.70 -40.09
C ILE H 269 -7.31 -8.21 -39.94
N GLU H 270 -7.47 -8.69 -38.72
CA GLU H 270 -7.48 -10.13 -38.43
C GLU H 270 -8.91 -10.63 -38.28
N HIS H 271 -9.14 -11.86 -38.75
CA HIS H 271 -10.43 -12.55 -38.70
C HIS H 271 -11.45 -11.91 -39.63
N GLY H 272 -12.02 -10.77 -39.25
CA GLY H 272 -12.96 -10.05 -40.09
C GLY H 272 -14.19 -10.84 -40.45
N THR H 273 -14.82 -11.48 -39.46
CA THR H 273 -15.88 -12.45 -39.72
C THR H 273 -17.10 -11.81 -40.38
N TYR H 274 -17.47 -10.61 -39.97
CA TYR H 274 -18.69 -9.96 -40.42
C TYR H 274 -18.41 -8.82 -41.39
N MET H 275 -17.45 -9.02 -42.29
CA MET H 275 -17.14 -8.02 -43.30
C MET H 275 -18.32 -7.89 -44.28
N ASP H 276 -18.62 -6.64 -44.65
CA ASP H 276 -19.68 -6.38 -45.63
C ASP H 276 -19.09 -5.60 -46.81
N ASP H 277 -19.97 -5.14 -47.69
CA ASP H 277 -19.54 -4.48 -48.92
C ASP H 277 -18.83 -3.16 -48.63
N GLU H 278 -19.36 -2.36 -47.70
CA GLU H 278 -18.76 -1.06 -47.40
C GLU H 278 -17.36 -1.21 -46.82
N VAL H 279 -17.18 -2.17 -45.90
CA VAL H 279 -15.85 -2.41 -45.34
C VAL H 279 -14.89 -2.89 -46.42
N MET H 280 -15.39 -3.72 -47.34
CA MET H 280 -14.54 -4.18 -48.45
C MET H 280 -14.09 -3.00 -49.32
N ARG H 281 -15.02 -2.09 -49.63
CA ARG H 281 -14.67 -0.92 -50.43
C ARG H 281 -13.65 -0.05 -49.71
N LEU H 282 -13.84 0.16 -48.41
CA LEU H 282 -12.89 0.97 -47.65
C LEU H 282 -11.52 0.32 -47.60
N MET H 283 -11.48 -1.00 -47.41
CA MET H 283 -10.21 -1.71 -47.38
C MET H 283 -9.49 -1.64 -48.73
N LYS H 284 -10.23 -1.80 -49.82
CA LYS H 284 -9.62 -1.68 -51.15
C LYS H 284 -9.09 -0.28 -51.39
N GLN H 285 -9.83 0.74 -50.94
CA GLN H 285 -9.38 2.11 -51.13
C GLN H 285 -8.17 2.45 -50.27
N HIS H 286 -8.10 1.89 -49.05
CA HIS H 286 -7.03 2.21 -48.11
C HIS H 286 -5.82 1.29 -48.22
N GLY H 287 -5.93 0.19 -48.98
CA GLY H 287 -4.82 -0.73 -49.08
C GLY H 287 -4.60 -1.60 -47.85
N THR H 288 -5.65 -1.87 -47.09
CA THR H 288 -5.53 -2.69 -45.89
C THR H 288 -5.38 -4.15 -46.24
N TRP H 289 -4.53 -4.85 -45.49
CA TRP H 289 -4.34 -6.28 -45.64
C TRP H 289 -5.35 -7.04 -44.77
N TYR H 290 -5.73 -8.23 -45.23
CA TYR H 290 -6.71 -9.06 -44.56
C TYR H 290 -6.11 -10.43 -44.25
N VAL H 291 -6.17 -10.84 -43.00
CA VAL H 291 -5.66 -12.11 -42.54
C VAL H 291 -6.83 -12.91 -41.95
N PRO H 292 -7.33 -13.92 -42.68
CA PRO H 292 -8.58 -14.57 -42.27
C PRO H 292 -8.48 -15.60 -41.15
N THR H 293 -7.37 -16.35 -41.07
CA THR H 293 -7.17 -17.42 -40.08
C THR H 293 -8.24 -18.50 -40.19
N PHE H 294 -8.20 -19.23 -41.31
CA PHE H 294 -9.10 -20.36 -41.53
C PHE H 294 -8.97 -21.39 -40.41
N TYR H 295 -7.74 -21.68 -39.99
CA TYR H 295 -7.47 -22.79 -39.09
C TYR H 295 -8.18 -22.61 -37.75
N ALA H 296 -8.14 -21.40 -37.20
CA ALA H 296 -8.77 -21.17 -35.90
C ALA H 296 -10.27 -21.43 -35.95
N GLY H 297 -10.93 -20.93 -37.00
CA GLY H 297 -12.36 -21.17 -37.13
C GLY H 297 -12.70 -22.64 -37.29
N ARG H 298 -11.97 -23.34 -38.16
CA ARG H 298 -12.22 -24.76 -38.34
C ARG H 298 -12.00 -25.54 -37.05
N PHE H 299 -10.90 -25.25 -36.34
CA PHE H 299 -10.60 -25.94 -35.09
C PHE H 299 -11.67 -25.69 -34.05
N VAL H 300 -12.12 -24.45 -33.89
CA VAL H 300 -13.09 -24.14 -32.78
C VAL H 300 -14.52 -24.56 -33.14
N THR H 301 -14.71 -25.27 -34.25
CA THR H 301 -16.06 -25.76 -34.64
C THR H 301 -16.09 -27.27 -34.43
N GLU H 302 -14.99 -27.95 -34.75
CA GLU H 302 -14.90 -29.40 -34.48
C GLU H 302 -14.94 -29.62 -32.97
N LYS H 303 -14.24 -28.77 -32.23
CA LYS H 303 -14.26 -28.86 -30.75
C LYS H 303 -15.62 -28.37 -30.25
N ALA H 304 -16.68 -28.58 -31.04
CA ALA H 304 -18.00 -28.22 -30.56
C ALA H 304 -18.85 -29.47 -30.41
N ALA H 305 -18.54 -30.49 -31.22
CA ALA H 305 -19.17 -31.80 -31.04
C ALA H 305 -18.76 -32.44 -29.72
N ILE H 306 -17.56 -32.14 -29.23
CA ILE H 306 -17.12 -32.60 -27.91
C ILE H 306 -17.94 -31.88 -26.84
N ASP H 307 -18.47 -32.64 -25.89
CA ASP H 307 -19.45 -32.10 -24.95
C ASP H 307 -18.83 -31.04 -24.04
N GLY H 308 -17.87 -31.44 -23.20
CA GLY H 308 -17.22 -30.49 -22.33
C GLY H 308 -15.84 -30.07 -22.83
N TYR H 309 -15.75 -28.87 -23.42
CA TYR H 309 -14.46 -28.33 -23.84
C TYR H 309 -14.35 -26.84 -23.52
N PHE H 310 -15.48 -26.14 -23.47
CA PHE H 310 -15.47 -24.69 -23.34
C PHE H 310 -16.37 -24.25 -22.21
N PRO H 311 -16.05 -23.12 -21.57
CA PRO H 311 -16.95 -22.57 -20.55
C PRO H 311 -18.27 -22.11 -21.18
N GLU H 312 -19.31 -22.09 -20.35
CA GLU H 312 -20.64 -21.75 -20.82
C GLU H 312 -20.74 -20.31 -21.32
N VAL H 313 -19.79 -19.45 -20.96
CA VAL H 313 -19.79 -18.08 -21.48
C VAL H 313 -19.16 -17.99 -22.86
N VAL H 314 -18.31 -18.96 -23.22
CA VAL H 314 -17.56 -18.91 -24.47
C VAL H 314 -18.21 -19.77 -25.55
N ARG H 315 -18.81 -20.90 -25.16
CA ARG H 315 -19.27 -21.88 -26.15
C ARG H 315 -20.28 -21.31 -27.16
N PRO H 316 -21.29 -20.53 -26.79
CA PRO H 316 -22.17 -19.95 -27.82
C PRO H 316 -21.42 -19.10 -28.83
N LYS H 317 -20.47 -18.27 -28.38
CA LYS H 317 -19.71 -17.44 -29.32
C LYS H 317 -18.86 -18.29 -30.25
N ALA H 318 -18.24 -19.34 -29.70
CA ALA H 318 -17.42 -20.22 -30.52
C ALA H 318 -18.25 -21.00 -31.53
N ALA H 319 -19.49 -21.35 -31.17
CA ALA H 319 -20.35 -22.04 -32.12
C ALA H 319 -20.88 -21.09 -33.18
N ARG H 320 -21.08 -19.81 -32.83
CA ARG H 320 -21.68 -18.87 -33.77
C ARG H 320 -20.67 -18.30 -34.76
N ILE H 321 -19.53 -17.81 -34.26
CA ILE H 321 -18.65 -17.01 -35.11
C ILE H 321 -17.73 -17.90 -35.96
N GLY H 322 -17.45 -19.13 -35.52
CA GLY H 322 -16.55 -19.98 -36.28
C GLY H 322 -17.15 -20.49 -37.57
N ALA H 323 -16.27 -20.83 -38.51
CA ALA H 323 -16.60 -21.42 -39.80
C ALA H 323 -17.46 -20.51 -40.69
N LEU H 324 -17.75 -19.30 -40.22
CA LEU H 324 -18.28 -18.26 -41.09
C LEU H 324 -17.18 -17.48 -41.77
N ILE H 325 -15.92 -17.73 -41.39
CA ILE H 325 -14.78 -17.03 -41.96
C ILE H 325 -14.50 -17.49 -43.40
N SER H 326 -14.75 -18.76 -43.70
CA SER H 326 -14.42 -19.30 -45.02
C SER H 326 -15.17 -18.56 -46.12
N GLN H 327 -16.48 -18.37 -45.97
CA GLN H 327 -17.26 -17.67 -46.99
C GLN H 327 -16.85 -16.20 -47.06
N THR H 328 -16.59 -15.57 -45.91
CA THR H 328 -16.15 -14.18 -45.92
C THR H 328 -14.83 -14.02 -46.64
N ALA H 329 -13.88 -14.94 -46.39
CA ALA H 329 -12.58 -14.87 -47.06
C ALA H 329 -12.72 -15.12 -48.55
N ALA H 330 -13.56 -16.07 -48.95
CA ALA H 330 -13.78 -16.31 -50.38
C ALA H 330 -14.39 -15.08 -51.06
N LYS H 331 -15.38 -14.47 -50.42
CA LYS H 331 -15.99 -13.26 -50.97
C LYS H 331 -14.99 -12.12 -51.05
N ALA H 332 -14.14 -11.97 -50.04
CA ALA H 332 -13.14 -10.92 -50.06
C ALA H 332 -12.12 -11.15 -51.18
N TYR H 333 -11.71 -12.40 -51.40
CA TYR H 333 -10.80 -12.68 -52.50
C TYR H 333 -11.46 -12.38 -53.84
N ARG H 334 -12.74 -12.74 -53.99
CA ARG H 334 -13.44 -12.44 -55.24
C ARG H 334 -13.60 -10.94 -55.45
N ASN H 335 -13.72 -10.17 -54.36
CA ASN H 335 -13.93 -8.74 -54.46
C ASN H 335 -12.64 -7.94 -54.65
N GLY H 336 -11.48 -8.56 -54.49
CA GLY H 336 -10.23 -7.88 -54.71
C GLY H 336 -9.49 -7.39 -53.48
N VAL H 337 -9.85 -7.86 -52.29
CA VAL H 337 -9.16 -7.47 -51.07
C VAL H 337 -7.85 -8.25 -50.97
N ARG H 338 -6.77 -7.56 -50.65
CA ARG H 338 -5.47 -8.20 -50.51
C ARG H 338 -5.44 -9.11 -49.28
N ILE H 339 -4.99 -10.34 -49.47
CA ILE H 339 -5.04 -11.37 -48.45
C ILE H 339 -3.63 -11.89 -48.18
N ALA H 340 -3.31 -12.08 -46.89
CA ALA H 340 -2.02 -12.59 -46.46
C ALA H 340 -2.24 -13.80 -45.56
N PHE H 341 -1.16 -14.53 -45.31
CA PHE H 341 -1.21 -15.83 -44.64
C PHE H 341 -1.13 -15.68 -43.13
N GLY H 342 -2.09 -16.26 -42.43
CA GLY H 342 -2.07 -16.31 -40.99
C GLY H 342 -2.98 -17.41 -40.49
N THR H 343 -2.63 -17.98 -39.33
CA THR H 343 -3.32 -19.16 -38.83
C THR H 343 -3.94 -19.01 -37.46
N ASN H 344 -3.49 -18.07 -36.64
CA ASN H 344 -3.88 -17.97 -35.24
C ASN H 344 -3.48 -19.23 -34.46
N GLN H 345 -2.27 -19.71 -34.72
CA GLN H 345 -1.76 -20.88 -34.00
C GLN H 345 -1.51 -20.54 -32.55
N GLY H 346 -1.69 -21.55 -31.69
CA GLY H 346 -1.92 -21.37 -30.28
C GLY H 346 -3.36 -21.67 -29.89
N VAL H 347 -4.29 -21.48 -30.83
CA VAL H 347 -5.58 -22.15 -30.75
C VAL H 347 -5.46 -23.57 -31.28
N GLY H 348 -4.92 -23.73 -32.48
CA GLY H 348 -4.53 -25.02 -32.98
C GLY H 348 -3.15 -25.42 -32.52
N PRO H 349 -2.79 -26.68 -32.79
CA PRO H 349 -1.51 -27.21 -32.30
C PRO H 349 -0.34 -26.75 -33.14
N HIS H 350 0.70 -26.22 -32.48
CA HIS H 350 1.86 -25.70 -33.18
C HIS H 350 2.54 -26.78 -34.00
N GLY H 351 3.10 -26.38 -35.14
CA GLY H 351 3.69 -27.30 -36.08
C GLY H 351 2.74 -27.82 -37.14
N ASP H 352 1.46 -27.48 -37.07
CA ASP H 352 0.45 -27.89 -38.05
C ASP H 352 -0.04 -26.72 -38.89
N ASN H 353 0.79 -25.70 -39.05
CA ASN H 353 0.36 -24.46 -39.69
C ASN H 353 0.07 -24.61 -41.18
N ALA H 354 0.65 -25.63 -41.84
CA ALA H 354 0.56 -25.74 -43.28
C ALA H 354 -0.81 -26.21 -43.77
N ARG H 355 -1.67 -26.71 -42.89
CA ARG H 355 -3.02 -27.09 -43.30
C ARG H 355 -3.86 -25.88 -43.71
N GLU H 356 -3.41 -24.68 -43.32
CA GLU H 356 -4.09 -23.47 -43.78
C GLU H 356 -3.99 -23.31 -45.29
N PHE H 357 -2.91 -23.81 -45.90
CA PHE H 357 -2.83 -23.81 -47.37
C PHE H 357 -3.96 -24.64 -47.97
N VAL H 358 -4.20 -25.84 -47.42
CA VAL H 358 -5.26 -26.70 -47.92
C VAL H 358 -6.63 -26.06 -47.68
N TYR H 359 -6.81 -25.41 -46.54
CA TYR H 359 -8.06 -24.69 -46.29
C TYR H 359 -8.26 -23.55 -47.28
N MET H 360 -7.18 -22.82 -47.58
CA MET H 360 -7.26 -21.70 -48.52
C MET H 360 -7.63 -22.19 -49.91
N VAL H 361 -7.00 -23.27 -50.38
CA VAL H 361 -7.27 -23.79 -51.71
C VAL H 361 -8.69 -24.34 -51.79
N GLU H 362 -9.17 -24.94 -50.71
CA GLU H 362 -10.53 -25.49 -50.69
C GLU H 362 -11.59 -24.41 -50.86
N ALA H 363 -11.28 -23.19 -50.46
CA ALA H 363 -12.24 -22.09 -50.51
C ALA H 363 -12.26 -21.38 -51.86
N GLY H 364 -11.38 -21.74 -52.79
CA GLY H 364 -11.36 -21.16 -54.11
C GLY H 364 -10.14 -20.32 -54.43
N ILE H 365 -9.27 -20.07 -53.47
CA ILE H 365 -8.05 -19.30 -53.73
C ILE H 365 -7.05 -20.18 -54.47
N PRO H 366 -6.44 -19.70 -55.55
CA PRO H 366 -5.49 -20.52 -56.30
C PRO H 366 -4.26 -20.87 -55.47
N ALA H 367 -3.63 -21.99 -55.83
CA ALA H 367 -2.46 -22.47 -55.09
C ALA H 367 -1.31 -21.48 -55.17
N ALA H 368 -1.08 -20.91 -56.34
CA ALA H 368 0.03 -19.97 -56.51
C ALA H 368 -0.17 -18.72 -55.66
N TYR H 369 -1.41 -18.20 -55.61
CA TYR H 369 -1.68 -17.06 -54.75
C TYR H 369 -1.55 -17.44 -53.28
N ALA H 370 -1.96 -18.64 -52.92
CA ALA H 370 -1.82 -19.09 -51.53
C ALA H 370 -0.35 -19.16 -51.13
N LEU H 371 0.51 -19.60 -52.04
CA LEU H 371 1.94 -19.63 -51.74
C LEU H 371 2.54 -18.22 -51.74
N GLN H 372 2.03 -17.33 -52.58
CA GLN H 372 2.53 -15.95 -52.60
C GLN H 372 2.11 -15.19 -51.35
N ALA H 373 0.97 -15.53 -50.76
CA ALA H 373 0.49 -14.86 -49.56
C ALA H 373 1.38 -15.12 -48.36
N ALA H 374 2.23 -16.14 -48.41
CA ALA H 374 3.12 -16.47 -47.31
C ALA H 374 4.56 -16.02 -47.53
N THR H 375 4.87 -15.51 -48.71
CA THR H 375 6.26 -15.13 -49.05
C THR H 375 6.33 -13.64 -49.41
N VAL H 376 5.98 -13.27 -50.64
CA VAL H 376 6.14 -11.86 -51.12
C VAL H 376 5.15 -10.92 -50.41
N HIS H 377 3.92 -11.35 -50.14
CA HIS H 377 2.90 -10.51 -49.47
C HIS H 377 3.20 -10.37 -47.97
N ALA H 378 3.56 -11.46 -47.29
CA ALA H 378 3.92 -11.44 -45.87
C ALA H 378 5.05 -10.46 -45.59
N ALA H 379 6.02 -10.39 -46.50
CA ALA H 379 7.10 -9.41 -46.37
C ALA H 379 6.55 -7.98 -46.47
N GLN H 380 5.61 -7.76 -47.38
CA GLN H 380 4.98 -6.44 -47.47
C GLN H 380 4.23 -6.09 -46.20
N VAL H 381 3.51 -7.06 -45.62
CA VAL H 381 2.79 -6.81 -44.38
C VAL H 381 3.76 -6.48 -43.25
N LEU H 382 4.87 -7.21 -43.16
CA LEU H 382 5.83 -6.96 -42.10
C LEU H 382 6.54 -5.62 -42.27
N GLY H 383 6.66 -5.14 -43.51
CA GLY H 383 7.39 -3.92 -43.77
C GLY H 383 8.87 -4.10 -43.95
N VAL H 384 9.31 -5.28 -44.37
CA VAL H 384 10.73 -5.55 -44.58
C VAL H 384 10.96 -5.75 -46.08
N ASP H 385 12.24 -5.87 -46.46
CA ASP H 385 12.59 -6.04 -47.86
C ASP H 385 13.67 -7.07 -48.13
N ASP H 386 14.24 -7.70 -47.09
CA ASP H 386 15.35 -8.63 -47.27
C ASP H 386 14.91 -10.09 -47.30
N GLN H 387 13.61 -10.36 -47.30
CA GLN H 387 13.12 -11.73 -47.27
C GLN H 387 11.89 -11.85 -48.16
N GLY H 388 11.52 -13.09 -48.46
CA GLY H 388 10.34 -13.41 -49.24
C GLY H 388 10.64 -13.92 -50.64
N VAL H 389 11.81 -13.60 -51.18
CA VAL H 389 12.20 -14.02 -52.51
C VAL H 389 13.62 -14.56 -52.48
N LEU H 390 13.94 -15.41 -53.45
CA LEU H 390 15.28 -15.96 -53.61
C LEU H 390 16.05 -15.14 -54.64
N GLU H 391 16.35 -13.92 -54.26
CA GLU H 391 17.07 -12.95 -55.08
C GLU H 391 18.39 -12.60 -54.42
N PRO H 392 19.38 -12.14 -55.21
CA PRO H 392 20.65 -11.72 -54.61
C PRO H 392 20.46 -10.61 -53.58
N GLY H 393 21.23 -10.70 -52.50
CA GLY H 393 21.15 -9.75 -51.43
C GLY H 393 20.07 -10.04 -50.39
N LYS H 394 19.26 -11.06 -50.60
CA LYS H 394 18.21 -11.43 -49.65
C LYS H 394 18.71 -12.49 -48.67
N ARG H 395 17.98 -12.64 -47.58
CA ARG H 395 18.30 -13.68 -46.61
C ARG H 395 18.13 -15.06 -47.22
N ALA H 396 18.96 -16.00 -46.77
CA ALA H 396 18.95 -17.36 -47.30
C ALA H 396 18.03 -18.23 -46.45
N ASP H 397 16.73 -18.07 -46.67
CA ASP H 397 15.70 -18.88 -46.04
C ASP H 397 15.08 -19.75 -47.13
N VAL H 398 15.55 -20.99 -47.23
CA VAL H 398 15.15 -21.90 -48.30
C VAL H 398 14.55 -23.15 -47.68
N ILE H 399 13.47 -23.65 -48.28
CA ILE H 399 12.87 -24.91 -47.90
C ILE H 399 12.63 -25.73 -49.16
N ALA H 400 12.34 -27.01 -48.98
CA ALA H 400 12.10 -27.92 -50.09
C ALA H 400 10.99 -28.89 -49.73
N LEU H 401 10.26 -29.32 -50.77
CA LEU H 401 9.16 -30.26 -50.60
C LEU H 401 9.37 -31.46 -51.52
N ALA H 402 8.84 -32.61 -51.10
CA ALA H 402 8.95 -33.81 -51.92
C ALA H 402 8.11 -33.70 -53.18
N GLY H 403 6.87 -33.24 -53.07
CA GLY H 403 5.97 -33.15 -54.18
C GLY H 403 5.81 -31.73 -54.71
N ASN H 404 4.85 -31.57 -55.62
CA ASN H 404 4.55 -30.28 -56.22
C ASN H 404 3.24 -29.75 -55.70
N PRO H 405 3.22 -28.62 -54.99
CA PRO H 405 1.96 -28.11 -54.44
C PRO H 405 1.04 -27.49 -55.48
N LEU H 406 1.56 -27.11 -56.65
CA LEU H 406 0.72 -26.46 -57.65
C LEU H 406 -0.34 -27.41 -58.20
N GLU H 407 -0.08 -28.71 -58.18
CA GLU H 407 -1.05 -29.72 -58.61
C GLU H 407 -1.74 -30.41 -57.43
N ASP H 408 -1.00 -30.71 -56.37
CA ASP H 408 -1.56 -31.32 -55.16
C ASP H 408 -1.08 -30.50 -53.97
N ILE H 409 -1.97 -29.66 -53.43
CA ILE H 409 -1.62 -28.78 -52.33
C ILE H 409 -1.26 -29.54 -51.05
N ASN H 410 -1.55 -30.85 -51.00
CA ASN H 410 -1.18 -31.64 -49.84
C ASN H 410 0.33 -31.84 -49.72
N ALA H 411 1.11 -31.46 -50.73
CA ALA H 411 2.56 -31.59 -50.66
C ALA H 411 3.20 -30.62 -49.70
N VAL H 412 2.46 -29.62 -49.21
CA VAL H 412 3.00 -28.69 -48.22
C VAL H 412 3.15 -29.32 -46.85
N LEU H 413 2.58 -30.50 -46.64
CA LEU H 413 2.65 -31.18 -45.35
C LEU H 413 3.88 -32.06 -45.20
N ASP H 414 4.76 -32.09 -46.21
CA ASP H 414 5.97 -32.91 -46.20
C ASP H 414 7.15 -32.03 -46.59
N VAL H 415 7.79 -31.42 -45.61
CA VAL H 415 8.95 -30.57 -45.82
C VAL H 415 10.21 -31.38 -45.56
N ARG H 416 11.11 -31.40 -46.54
CA ARG H 416 12.33 -32.21 -46.45
C ARG H 416 13.56 -31.40 -46.08
N PHE H 417 13.63 -30.14 -46.50
CA PHE H 417 14.81 -29.30 -46.31
C PHE H 417 14.38 -28.01 -45.64
N VAL H 418 15.16 -27.56 -44.65
CA VAL H 418 14.92 -26.31 -43.96
C VAL H 418 16.25 -25.59 -43.77
N MET H 419 16.37 -24.38 -44.30
CA MET H 419 17.52 -23.53 -44.09
C MET H 419 17.05 -22.16 -43.60
N LYS H 420 17.84 -21.54 -42.74
CA LYS H 420 17.49 -20.24 -42.19
C LYS H 420 18.77 -19.44 -41.97
N ASP H 421 18.90 -18.33 -42.68
CA ASP H 421 20.07 -17.45 -42.60
C ASP H 421 21.36 -18.21 -42.94
N GLY H 422 21.27 -19.13 -43.90
CA GLY H 422 22.41 -19.89 -44.33
C GLY H 422 22.75 -21.09 -43.48
N VAL H 423 21.98 -21.37 -42.43
CA VAL H 423 22.22 -22.50 -41.54
C VAL H 423 21.15 -23.55 -41.81
N ILE H 424 21.59 -24.79 -42.01
CA ILE H 424 20.69 -25.88 -42.33
C ILE H 424 20.22 -26.52 -41.02
N TYR H 425 18.90 -26.56 -40.83
CA TYR H 425 18.30 -27.15 -39.63
C TYR H 425 17.62 -28.49 -39.89
N LYS H 426 17.33 -28.81 -41.14
CA LYS H 426 16.69 -30.08 -41.49
C LYS H 426 17.14 -30.47 -42.88
N GLN H 427 17.72 -31.67 -43.00
CA GLN H 427 18.26 -32.12 -44.26
C GLN H 427 17.91 -33.58 -44.52
ZN ZN I . 26.41 -22.99 -3.66
ZN ZN J . 28.09 -22.06 -0.18
CD1 97U K . 32.46 -21.43 -2.52
CE1 97U K . 33.63 -22.07 -2.14
CZ 97U K . 34.85 -21.61 -2.59
CE2 97U K . 34.92 -20.51 -3.44
CD2 97U K . 33.75 -19.87 -3.83
CG 97U K . 32.52 -20.33 -3.37
CB 97U K . 31.36 -19.69 -3.76
CA 97U K . 30.34 -19.75 -2.63
C 97U K . 30.54 -18.57 -1.70
O 97U K . 30.40 -17.43 -2.18
OXT 97U K . 30.83 -18.82 -0.51
N 97U K . 28.99 -19.66 -3.19
CAN 97U K . 27.93 -20.24 -2.62
OAX 97U K . 27.99 -20.91 -1.59
CAA 97U K . 26.72 -20.04 -3.28
CAB 97U K . 25.53 -20.11 -2.58
CAC 97U K . 24.32 -19.91 -3.22
CLA 97U K . 22.84 -20.00 -2.33
CAD 97U K . 24.28 -19.62 -4.58
CAG 97U K . 23.06 -19.42 -5.21
CAH 97U K . 23.21 -19.50 -6.71
CAL 97U K . 21.93 -19.03 -7.40
OAI 97U K . 24.32 -18.68 -7.11
CAJ 97U K . 25.45 -19.26 -6.67
OAK 97U K . 26.40 -19.55 -7.39
CAE 97U K . 25.46 -19.54 -5.31
CAF 97U K . 26.67 -19.75 -4.64
OBB 97U K . 27.82 -19.68 -5.35
ZN ZN L . -14.52 -31.64 5.40
ZN ZN M . -10.96 -33.36 6.16
CD1 97U N . -12.23 -36.93 2.89
CE1 97U N . -12.21 -38.28 3.20
CZ 97U N . -12.12 -39.23 2.19
CE2 97U N . -12.04 -38.82 0.86
CD2 97U N . -12.07 -37.46 0.55
CG 97U N . -12.16 -36.52 1.56
CB 97U N . -12.18 -35.18 1.26
CA 97U N . -11.40 -34.39 2.30
C 97U N . -9.93 -34.33 1.90
O 97U N . -9.66 -33.76 0.83
OXT 97U N . -9.12 -34.84 2.68
N 97U N . -11.90 -33.02 2.36
CAN 97U N . -11.89 -32.30 3.50
OAX 97U N . -11.47 -32.73 4.57
CAA 97U N . -12.40 -31.01 3.38
CAB 97U N . -11.97 -30.02 4.24
CAC 97U N . -12.47 -28.72 4.14
CLA 97U N . -11.93 -27.51 5.24
CAD 97U N . -13.39 -28.40 3.15
CAG 97U N . -13.86 -27.09 3.06
CAH 97U N . -15.11 -27.05 2.20
CAL 97U N . -15.47 -25.59 1.90
OAI 97U N . -14.85 -27.75 0.97
CAJ 97U N . -14.75 -29.07 1.26
OAK 97U N . -15.41 -29.95 0.72
CAE 97U N . -13.83 -29.38 2.26
CAF 97U N . -13.32 -30.67 2.39
OBB 97U N . -13.75 -31.62 1.52
ZN ZN O . -15.97 2.43 31.31
ZN ZN P . -16.32 -1.25 31.63
CD1 97U Q . -20.97 -1.16 32.86
CE1 97U Q . -21.55 -1.69 34.02
CZ 97U Q . -22.93 -1.87 34.08
CE2 97U Q . -23.73 -1.52 33.00
CD2 97U Q . -23.15 -0.99 31.84
CG 97U Q . -21.78 -0.81 31.78
CB 97U Q . -21.20 -0.29 30.64
CA 97U Q . -19.83 -0.91 30.40
C 97U Q . -19.99 -2.20 29.63
O 97U Q . -20.47 -2.13 28.47
OXT 97U Q . -19.61 -3.24 30.18
N 97U Q . -19.01 0.00 29.60
CAN 97U Q . -17.67 0.07 29.73
OAX 97U Q . -17.03 -0.62 30.52
CAA 97U Q . -17.05 0.98 28.88
CAB 97U Q . -15.72 0.79 28.53
CAC 97U Q . -15.08 1.70 27.68
CLA 97U Q . -13.43 1.44 27.24
CAD 97U Q . -15.76 2.81 27.19
CAG 97U Q . -15.10 3.69 26.35
CAH 97U Q . -15.88 4.99 26.27
CAL 97U Q . -15.28 5.88 25.16
OAI 97U Q . -17.24 4.71 25.97
CAJ 97U Q . -17.79 4.13 27.07
OAK 97U Q . -18.81 4.53 27.63
CAE 97U Q . -17.09 3.02 27.55
CAF 97U Q . -17.71 2.10 28.39
OBB 97U Q . -19.00 2.31 28.73
ZN ZN R . 24.96 11.06 22.24
ZN ZN S . 22.95 9.69 25.61
CD1 97U T . 23.63 14.34 27.52
CE1 97U T . 24.18 14.54 28.78
CZ 97U T . 24.00 15.76 29.43
CE2 97U T . 23.27 16.77 28.81
CD2 97U T . 22.73 16.57 27.55
CG 97U T . 22.92 15.36 26.91
CB 97U T . 22.37 15.16 25.64
CA 97U T . 21.92 13.71 25.48
C 97U T . 20.52 13.55 26.03
O 97U T . 19.60 14.20 25.46
OXT 97U T . 20.36 12.78 26.98
N 97U T . 21.91 13.36 24.06
CAN 97U T . 22.16 12.12 23.62
OAX 97U T . 22.43 11.17 24.37
CAA 97U T . 22.09 11.96 22.24
CAB 97U T . 21.80 10.70 21.71
CAC 97U T . 21.73 10.53 20.33
CLA 97U T . 21.36 8.97 19.68
CAD 97U T . 21.95 11.61 19.46
CAG 97U T . 21.87 11.40 18.09
CAH 97U T . 22.52 12.56 17.37
CAL 97U T . 22.23 12.46 15.86
OAI 97U T . 22.00 13.78 17.88
CAJ 97U T . 22.47 13.94 19.14
OAK 97U T . 23.08 14.94 19.52
CAE 97U T . 22.25 12.86 19.99
CAF 97U T . 22.31 13.01 21.37
OBB 97U T . 22.60 14.24 21.87
ZN ZN U . 23.74 15.87 -20.62
ZN ZN V . 21.75 14.82 -24.31
CD1 97U W . 25.94 13.16 -25.98
CE1 97U W . 26.45 13.55 -27.20
CZ 97U W . 27.49 12.85 -27.78
CE2 97U W . 28.03 11.75 -27.14
CD2 97U W . 27.52 11.35 -25.91
CG 97U W . 26.48 12.06 -25.32
CB 97U W . 25.98 11.66 -24.10
CA 97U W . 24.50 12.01 -23.99
C 97U W . 23.66 10.90 -24.59
O 97U W . 23.71 9.78 -24.04
OXT 97U W . 22.97 11.19 -25.58
N 97U W . 24.13 12.14 -22.58
CAN 97U W . 23.17 12.97 -22.15
OAX 97U W . 22.51 13.71 -22.87
CAA 97U W . 22.96 12.93 -20.77
CAB 97U W . 21.72 13.28 -20.26
CAC 97U W . 21.50 13.24 -18.88
CLA 97U W . 19.96 13.69 -18.24
CAD 97U W . 22.51 12.84 -18.01
CAG 97U W . 22.27 12.81 -16.64
CAH 97U W . 23.58 12.76 -15.88
CAL 97U W . 23.31 12.49 -14.41
OAI 97U W . 24.38 11.70 -16.43
CAJ 97U W . 24.79 12.08 -17.68
OAK 97U W . 25.96 12.09 -18.04
CAE 97U W . 23.76 12.49 -18.53
CAF 97U W . 23.96 12.54 -19.89
OBB 97U W . 25.18 12.18 -20.38
ZN ZN X . -5.63 34.50 4.35
ZN ZN Y . -3.60 35.50 0.79
CD1 97U Z . -1.08 38.81 3.33
CE1 97U Z . -1.02 40.14 2.94
CZ 97U Z . -0.10 41.00 3.53
CE2 97U Z . 0.76 40.52 4.52
CD2 97U Z . 0.70 39.19 4.91
CG 97U Z . -0.21 38.34 4.32
CB 97U Z . -0.27 37.01 4.70
CA 97U Z . -0.76 36.15 3.53
C 97U Z . 0.41 35.72 2.68
O 97U Z . 1.26 34.98 3.22
OXT 97U Z . 0.41 36.11 1.49
N 97U Z . -1.40 34.94 4.06
CAN 97U Z . -2.43 34.32 3.45
OAX 97U Z . -2.93 34.71 2.40
CAA 97U Z . -2.88 33.19 4.10
CAB 97U Z . -3.48 32.16 3.38
CAC 97U Z . -3.94 31.02 4.03
CLA 97U Z . -4.68 29.76 3.14
CAD 97U Z . -3.78 30.89 5.41
CAG 97U Z . -4.24 29.73 6.04
CAH 97U Z . -4.34 29.96 7.53
CAL 97U Z . -4.60 28.62 8.23
OAI 97U Z . -3.11 30.51 8.00
CAJ 97U Z . -3.02 31.78 7.53
OAK 97U Z . -2.82 32.76 8.24
CAE 97U Z . -3.18 31.90 6.14
CAF 97U Z . -2.74 33.03 5.48
OBB 97U Z . -2.14 34.02 6.20
ZN ZN AA . -34.18 4.69 -7.02
ZN ZN BA . -33.57 8.69 -7.62
CD1 97U CA . -37.51 9.61 -4.61
CE1 97U CA . -38.61 10.38 -4.95
CZ 97U CA . -39.51 10.78 -3.97
CE2 97U CA . -39.30 10.42 -2.65
CD2 97U CA . -38.20 9.65 -2.31
CG 97U CA . -37.31 9.24 -3.29
CB 97U CA . -36.21 8.47 -2.94
CA 97U CA . -35.05 8.75 -3.90
C 97U CA . -34.25 9.93 -3.40
O 97U CA . -33.67 9.81 -2.30
OXT 97U CA . -34.22 10.94 -4.14
N 97U CA . -34.15 7.59 -3.92
CAN 97U CA . -33.45 7.24 -5.00
OAX 97U CA . -33.48 7.84 -6.07
CAA 97U CA . -32.64 6.12 -4.82
CAB 97U CA . -31.50 5.95 -5.59
CAC 97U CA . -30.69 4.84 -5.40
CLA 97U CA . -29.28 4.63 -6.36
CAD 97U CA . -31.02 3.88 -4.44
CAG 97U CA . -30.18 2.77 -4.28
CAH 97U CA . -30.92 1.69 -3.51
CAL 97U CA . -29.94 0.57 -3.14
OAI 97U CA . -31.48 2.26 -2.33
CAJ 97U CA . -32.49 3.09 -2.70
OAK 97U CA . -33.63 3.01 -2.25
CAE 97U CA . -32.16 4.03 -3.66
CAF 97U CA . -32.94 5.15 -3.86
OBB 97U CA . -34.06 5.31 -3.10
ZN ZN DA . -4.82 -13.92 -31.99
ZN ZN EA . -7.91 -11.63 -32.57
CD1 97U FA . -10.52 -16.07 -33.94
CE1 97U FA . -11.22 -16.23 -35.13
CZ 97U FA . -12.02 -17.35 -35.33
CE2 97U FA . -12.12 -18.30 -34.32
CD2 97U FA . -11.43 -18.14 -33.13
CG 97U FA . -10.63 -17.03 -32.94
CB 97U FA . -9.93 -16.87 -31.75
CA 97U FA . -9.77 -15.39 -31.43
C 97U FA . -10.99 -14.88 -30.68
O 97U FA . -11.21 -15.38 -29.55
OXT 97U FA . -11.65 -14.00 -31.24
N 97U FA . -8.60 -15.22 -30.56
CAN 97U FA . -7.84 -14.12 -30.58
OAX 97U FA . -8.02 -13.15 -31.33
CAA 97U FA . -6.79 -14.13 -29.67
CAB 97U FA . -6.26 -12.93 -29.19
CAC 97U FA . -5.22 -12.96 -28.27
CLA 97U FA . -4.57 -11.47 -27.68
CAD 97U FA . -4.69 -14.15 -27.83
CAG 97U FA . -3.64 -14.14 -26.91
CAH 97U FA . -2.96 -15.49 -26.88
CAL 97U FA . -1.97 -15.55 -25.72
OAI 97U FA . -3.96 -16.51 -26.71
CAJ 97U FA . -4.68 -16.58 -27.86
OAK 97U FA . -4.87 -17.61 -28.49
CAE 97U FA . -5.20 -15.36 -28.29
CAF 97U FA . -6.24 -15.33 -29.21
OBB 97U FA . -6.75 -16.49 -29.66
#